data_1TNY
#
_entry.id   1TNY
#
_cell.length_a   270.947
_cell.length_b   264.007
_cell.length_c   184.985
_cell.angle_alpha   90.00
_cell.angle_beta   131.72
_cell.angle_gamma   90.00
#
_symmetry.space_group_name_H-M   'C 1 2 1'
#
loop_
_entity.id
_entity.type
_entity.pdbx_description
1 polymer 'geranylgeranyltransferase type I alpha subunit'
2 polymer 'Geranylgeranyl transferase type I beta subunit'
3 polymer 'guanine nucleotide-binding protein G(I)/G(S)/G(O) gamma-2 subunit'
4 non-polymer 'ZINC ION'
5 non-polymer 'CHLORIDE ION'
6 non-polymer 2-[METHYL-(5-GERANYL-4-METHYL-PENT-3-ENYL)-AMINO]-ETHYL-DIPHOSPHATE
7 non-polymer '2-(N-MORPHOLINO)-ETHANESULFONIC ACID'
8 water water
#
loop_
_entity_poly.entity_id
_entity_poly.type
_entity_poly.pdbx_seq_one_letter_code
_entity_poly.pdbx_strand_id
1 'polypeptide(L)'
;MAATEGVGESAPGGEPGQPEQPPPPPPPPPAQQPQEEEMAAEAGEAAASPMDDGFLSLDSPTYVLYRDRAEWADIDPVPQ
NDGPSPVVQIIYSEKFRDVYDYFRAVLQRDERSERAFKLTRDAIELNAANYTVWHFRRVLLRSLQKDLQEEMNYIIAIIE
EQPKNYQVWHHRRVLVEWLKDPSQELEFIADILNQDAKNYHAWQHRQWVIQEFRLWDNELQYVDQLLKEDVRNNSVWNQR
HFVISNTTGYSDRAVLEREVQYTLEMIKLVPHNESAWNYLKGILQDRGLSRYPNLLNQLLDLQPSHSSPYLIAFLVDIYE
DMLENQCDNKEDILNKALELCEILAKEKDTIRKEYWRYIGRSLQSKHSRESDIPASV
;
A,C,E,G,I,K
2 'polypeptide(L)'
;MAATEDDRLAGSGEGERLDFLRDRHVRFFQRCLQVLPERYSSLETSRLTIAFFALSGLDMLDSLDVVNKDDIIEWIYSLQ
VLPTEDRSNLDRCGFRGSSYLGIPFNPSKNPGTAHPYDSGHIAMTYTGLSCLIILGDDLSRVDKEACLAGLRALQLEDGS
FCAVPEGSENDMRFVYCASCICYMLNNWSGMDMKKAISYIRRSMSYDNGLAQGAGLESHGGSTFCGIASLCLMGKLEEVF
SEKELNRIKRWCIMRQQNGYHGRPNKPVDTCYSFWVGATLKLLKIFQYTNFEKNRNYILSTQDRLVGGFAKWPDSHPDAL
HAYFGICGLSLMEESGICKVHPALNVSTRTSERLRDLHQSWKTKDSKQCSDNVHISS
;
B,D,F,H,J,L
3 'polypeptide(L)' FREKKFFCAIL M,N,O,P,Q,R
#
loop_
_chem_comp.id
_chem_comp.type
_chem_comp.name
_chem_comp.formula
CL non-polymer 'CHLORIDE ION' 'Cl -1'
MES non-polymer '2-(N-MORPHOLINO)-ETHANESULFONIC ACID' 'C6 H13 N O4 S'
MGM non-polymer 2-[METHYL-(5-GERANYL-4-METHYL-PENT-3-ENYL)-AMINO]-ETHYL-DIPHOSPHATE 'C19 H37 N O7 P2'
ZN non-polymer 'ZINC ION' 'Zn 2'
#
# COMPACT_ATOMS: atom_id res chain seq x y z
N PHE A 55 -3.46 -8.92 36.95
CA PHE A 55 -3.56 -10.40 36.72
C PHE A 55 -3.30 -10.79 35.25
N LEU A 56 -4.36 -10.85 34.45
CA LEU A 56 -4.27 -11.24 33.05
C LEU A 56 -3.74 -10.12 32.16
N SER A 57 -2.48 -10.22 31.78
CA SER A 57 -1.84 -9.21 30.94
C SER A 57 -2.45 -9.05 29.55
N LEU A 58 -2.39 -7.83 29.02
CA LEU A 58 -2.94 -7.53 27.71
C LEU A 58 -2.25 -8.24 26.55
N ASP A 59 -1.03 -8.70 26.78
CA ASP A 59 -0.32 -9.39 25.73
C ASP A 59 -0.15 -10.89 26.04
N SER A 60 -0.82 -11.37 27.08
CA SER A 60 -0.76 -12.77 27.45
C SER A 60 -1.43 -13.63 26.38
N PRO A 61 -0.84 -14.79 26.06
CA PRO A 61 -1.45 -15.65 25.04
C PRO A 61 -2.86 -16.03 25.46
N THR A 62 -3.12 -16.09 26.76
CA THR A 62 -4.44 -16.45 27.23
C THR A 62 -5.34 -15.27 27.58
N TYR A 63 -5.00 -14.09 27.05
CA TYR A 63 -5.81 -12.90 27.31
C TYR A 63 -7.18 -13.10 26.71
N VAL A 64 -8.21 -12.59 27.39
CA VAL A 64 -9.57 -12.74 26.91
C VAL A 64 -10.28 -11.40 26.94
N LEU A 65 -10.95 -11.05 25.85
CA LEU A 65 -11.68 -9.78 25.82
C LEU A 65 -12.68 -9.79 26.97
N TYR A 66 -12.96 -8.60 27.50
CA TYR A 66 -13.92 -8.47 28.58
C TYR A 66 -15.30 -8.93 28.15
N ARG A 67 -15.60 -8.74 26.87
CA ARG A 67 -16.90 -9.15 26.34
C ARG A 67 -17.06 -10.67 26.44
N ASP A 68 -15.93 -11.38 26.56
CA ASP A 68 -15.94 -12.83 26.66
C ASP A 68 -15.63 -13.32 28.08
N ARG A 69 -15.66 -12.42 29.07
CA ARG A 69 -15.38 -12.85 30.43
C ARG A 69 -16.65 -13.01 31.26
N ALA A 70 -16.76 -14.16 31.91
CA ALA A 70 -17.92 -14.48 32.73
C ALA A 70 -18.15 -13.44 33.83
N GLU A 71 -17.08 -13.06 34.53
CA GLU A 71 -17.17 -12.09 35.61
C GLU A 71 -17.77 -10.77 35.12
N TRP A 72 -17.79 -10.56 33.82
CA TRP A 72 -18.33 -9.31 33.28
C TRP A 72 -19.61 -9.44 32.49
N ALA A 73 -20.21 -10.62 32.56
CA ALA A 73 -21.45 -10.89 31.84
C ALA A 73 -22.59 -9.94 32.21
N ASP A 74 -22.67 -9.54 33.48
CA ASP A 74 -23.73 -8.66 33.96
C ASP A 74 -23.61 -7.21 33.55
N ILE A 75 -22.51 -6.83 32.92
CA ILE A 75 -22.31 -5.44 32.52
C ILE A 75 -22.43 -5.22 31.02
N ASP A 76 -23.20 -4.21 30.63
CA ASP A 76 -23.37 -3.89 29.22
C ASP A 76 -22.31 -2.86 28.87
N PRO A 77 -21.40 -3.19 27.95
CA PRO A 77 -20.37 -2.22 27.58
C PRO A 77 -20.98 -0.95 27.00
N VAL A 78 -20.40 0.20 27.32
CA VAL A 78 -20.88 1.47 26.81
C VAL A 78 -19.92 1.97 25.74
N PRO A 79 -20.39 2.07 24.50
CA PRO A 79 -19.54 2.54 23.40
C PRO A 79 -19.40 4.05 23.37
N GLN A 80 -18.38 4.51 22.66
CA GLN A 80 -18.13 5.93 22.50
C GLN A 80 -18.70 6.33 21.15
N ASN A 81 -19.38 7.46 21.09
CA ASN A 81 -19.93 7.90 19.81
C ASN A 81 -19.68 9.37 19.53
N ASP A 82 -19.01 9.64 18.42
CA ASP A 82 -18.68 11.01 18.03
C ASP A 82 -19.67 11.58 17.03
N GLY A 83 -20.92 11.11 17.09
CA GLY A 83 -21.92 11.61 16.18
C GLY A 83 -21.80 11.21 14.73
N PRO A 84 -22.56 11.87 13.85
CA PRO A 84 -22.63 11.66 12.40
C PRO A 84 -21.31 11.84 11.66
N SER A 85 -20.57 12.88 12.02
CA SER A 85 -19.31 13.18 11.35
C SER A 85 -18.16 13.31 12.35
N PRO A 86 -17.54 12.18 12.71
CA PRO A 86 -16.42 12.21 13.67
C PRO A 86 -15.27 13.11 13.24
N VAL A 87 -14.75 13.88 14.20
CA VAL A 87 -13.62 14.76 13.95
C VAL A 87 -12.40 14.27 14.72
N VAL A 88 -11.25 14.30 14.08
CA VAL A 88 -10.00 13.84 14.70
C VAL A 88 -10.25 12.53 15.45
N GLN A 89 -10.84 11.57 14.74
CA GLN A 89 -11.14 10.28 15.32
C GLN A 89 -9.94 9.36 15.31
N ILE A 90 -9.69 8.70 16.42
CA ILE A 90 -8.59 7.77 16.54
C ILE A 90 -9.12 6.36 16.32
N ILE A 91 -8.47 5.59 15.46
CA ILE A 91 -8.92 4.23 15.21
C ILE A 91 -8.39 3.30 16.29
N TYR A 92 -9.28 2.49 16.86
CA TYR A 92 -8.91 1.58 17.92
C TYR A 92 -9.02 0.10 17.58
N SER A 93 -8.10 -0.69 18.12
CA SER A 93 -8.08 -2.13 17.91
C SER A 93 -9.22 -2.76 18.69
N GLU A 94 -9.52 -4.02 18.38
CA GLU A 94 -10.58 -4.73 19.06
C GLU A 94 -10.35 -4.70 20.56
N LYS A 95 -9.13 -5.05 20.97
CA LYS A 95 -8.77 -5.09 22.38
C LYS A 95 -8.97 -3.75 23.05
N PHE A 96 -8.40 -2.71 22.44
CA PHE A 96 -8.48 -1.35 22.97
C PHE A 96 -9.92 -0.93 23.22
N ARG A 97 -10.73 -0.98 22.18
CA ARG A 97 -12.12 -0.59 22.32
C ARG A 97 -12.86 -1.44 23.35
N ASP A 98 -12.46 -2.71 23.46
CA ASP A 98 -13.08 -3.62 24.39
C ASP A 98 -12.85 -3.17 25.83
N VAL A 99 -11.59 -2.92 26.18
CA VAL A 99 -11.26 -2.48 27.52
C VAL A 99 -12.01 -1.20 27.87
N TYR A 100 -11.95 -0.22 26.97
CA TYR A 100 -12.61 1.05 27.24
C TYR A 100 -14.11 1.03 27.18
N ASP A 101 -14.69 0.09 26.43
CA ASP A 101 -16.15 0.03 26.37
C ASP A 101 -16.64 -0.42 27.75
N TYR A 102 -15.85 -1.27 28.39
CA TYR A 102 -16.21 -1.75 29.72
C TYR A 102 -15.85 -0.71 30.77
N PHE A 103 -14.79 0.05 30.51
CA PHE A 103 -14.40 1.09 31.45
C PHE A 103 -15.54 2.11 31.53
N ARG A 104 -16.05 2.51 30.36
CA ARG A 104 -17.15 3.46 30.32
C ARG A 104 -18.35 2.93 31.11
N ALA A 105 -18.62 1.64 30.97
CA ALA A 105 -19.73 1.03 31.68
C ALA A 105 -19.54 1.15 33.18
N VAL A 106 -18.41 0.66 33.67
CA VAL A 106 -18.11 0.70 35.09
C VAL A 106 -18.09 2.14 35.61
N LEU A 107 -17.45 3.02 34.85
CA LEU A 107 -17.33 4.43 35.20
C LEU A 107 -18.72 5.06 35.31
N GLN A 108 -19.56 4.81 34.31
CA GLN A 108 -20.90 5.34 34.25
C GLN A 108 -21.77 4.95 35.43
N ARG A 109 -21.50 3.79 36.01
CA ARG A 109 -22.29 3.32 37.13
C ARG A 109 -21.57 3.54 38.45
N ASP A 110 -20.44 4.23 38.38
CA ASP A 110 -19.64 4.49 39.56
C ASP A 110 -19.50 3.24 40.42
N GLU A 111 -19.24 2.11 39.77
CA GLU A 111 -19.08 0.84 40.45
C GLU A 111 -17.74 0.74 41.17
N ARG A 112 -17.76 0.79 42.50
CA ARG A 112 -16.53 0.70 43.28
C ARG A 112 -16.16 -0.76 43.55
N SER A 113 -15.99 -1.55 42.50
CA SER A 113 -15.67 -2.97 42.66
C SER A 113 -14.20 -3.28 42.50
N GLU A 114 -13.85 -4.52 42.84
CA GLU A 114 -12.48 -5.00 42.72
C GLU A 114 -12.18 -5.26 41.25
N ARG A 115 -13.20 -5.66 40.50
CA ARG A 115 -13.01 -5.94 39.09
C ARG A 115 -12.79 -4.64 38.34
N ALA A 116 -13.41 -3.57 38.82
CA ALA A 116 -13.25 -2.25 38.21
C ALA A 116 -11.81 -1.79 38.43
N PHE A 117 -11.33 -2.01 39.65
CA PHE A 117 -9.96 -1.64 39.99
C PHE A 117 -8.99 -2.35 39.05
N LYS A 118 -9.20 -3.64 38.81
CA LYS A 118 -8.32 -4.39 37.92
C LYS A 118 -8.46 -3.89 36.47
N LEU A 119 -9.67 -3.46 36.11
CA LEU A 119 -9.92 -2.95 34.76
C LEU A 119 -9.10 -1.67 34.52
N THR A 120 -8.96 -0.83 35.55
CA THR A 120 -8.20 0.41 35.37
C THR A 120 -6.74 0.12 35.01
N ARG A 121 -6.22 -0.98 35.51
CA ARG A 121 -4.83 -1.33 35.22
C ARG A 121 -4.67 -1.49 33.70
N ASP A 122 -5.66 -2.10 33.07
CA ASP A 122 -5.64 -2.34 31.63
C ASP A 122 -5.85 -1.04 30.88
N ALA A 123 -6.78 -0.23 31.36
CA ALA A 123 -7.08 1.05 30.72
C ALA A 123 -5.84 1.92 30.75
N ILE A 124 -5.12 1.87 31.87
CA ILE A 124 -3.91 2.64 32.02
C ILE A 124 -2.80 2.10 31.13
N GLU A 125 -2.77 0.79 30.92
CA GLU A 125 -1.72 0.26 30.07
C GLU A 125 -1.99 0.69 28.64
N LEU A 126 -3.27 0.82 28.29
CA LEU A 126 -3.63 1.24 26.95
C LEU A 126 -3.42 2.74 26.76
N ASN A 127 -3.65 3.52 27.81
CA ASN A 127 -3.48 4.97 27.71
C ASN A 127 -3.31 5.65 29.06
N ALA A 128 -2.06 5.77 29.51
CA ALA A 128 -1.77 6.39 30.81
C ALA A 128 -2.04 7.89 30.84
N ALA A 129 -2.46 8.46 29.72
CA ALA A 129 -2.73 9.88 29.66
C ALA A 129 -4.19 10.18 29.93
N ASN A 130 -5.00 9.14 30.10
CA ASN A 130 -6.42 9.34 30.38
C ASN A 130 -6.57 9.73 31.85
N TYR A 131 -6.65 11.03 32.12
CA TYR A 131 -6.75 11.52 33.48
C TYR A 131 -7.96 11.01 34.26
N THR A 132 -9.07 10.79 33.57
CA THR A 132 -10.26 10.27 34.23
C THR A 132 -9.99 8.87 34.80
N VAL A 133 -9.30 8.04 34.04
CA VAL A 133 -9.00 6.70 34.51
C VAL A 133 -8.22 6.77 35.82
N TRP A 134 -7.21 7.62 35.88
CA TRP A 134 -6.43 7.77 37.11
C TRP A 134 -7.26 8.27 38.28
N HIS A 135 -8.16 9.21 38.03
CA HIS A 135 -9.01 9.74 39.09
C HIS A 135 -9.88 8.60 39.65
N PHE A 136 -10.55 7.89 38.76
CA PHE A 136 -11.41 6.78 39.16
C PHE A 136 -10.59 5.75 39.94
N ARG A 137 -9.37 5.50 39.47
CA ARG A 137 -8.52 4.54 40.15
C ARG A 137 -8.24 5.00 41.58
N ARG A 138 -8.12 6.32 41.76
CA ARG A 138 -7.87 6.87 43.10
C ARG A 138 -9.13 6.72 43.95
N VAL A 139 -10.29 6.92 43.32
CA VAL A 139 -11.56 6.75 44.03
C VAL A 139 -11.60 5.31 44.55
N LEU A 140 -11.24 4.37 43.68
CA LEU A 140 -11.25 2.95 44.04
C LEU A 140 -10.21 2.64 45.11
N LEU A 141 -9.02 3.22 45.00
CA LEU A 141 -7.98 2.97 45.98
C LEU A 141 -8.52 3.25 47.37
N ARG A 142 -9.30 4.31 47.49
CA ARG A 142 -9.89 4.67 48.77
C ARG A 142 -11.05 3.74 49.11
N SER A 143 -12.06 3.66 48.24
CA SER A 143 -13.21 2.79 48.47
C SER A 143 -12.83 1.38 48.89
N LEU A 144 -11.90 0.79 48.18
CA LEU A 144 -11.49 -0.58 48.48
C LEU A 144 -10.35 -0.62 49.49
N GLN A 145 -9.99 0.53 50.04
CA GLN A 145 -8.90 0.61 51.02
C GLN A 145 -7.71 -0.24 50.59
N LYS A 146 -7.21 0.01 49.39
CA LYS A 146 -6.07 -0.74 48.86
C LYS A 146 -4.76 -0.36 49.53
N ASP A 147 -3.80 -1.28 49.50
CA ASP A 147 -2.50 -1.02 50.08
C ASP A 147 -1.77 0.05 49.27
N LEU A 148 -1.69 1.26 49.81
CA LEU A 148 -1.03 2.35 49.10
C LEU A 148 0.44 2.13 48.87
N GLN A 149 1.08 1.31 49.70
CA GLN A 149 2.49 1.06 49.51
C GLN A 149 2.68 0.24 48.24
N GLU A 150 1.66 -0.55 47.91
CA GLU A 150 1.70 -1.37 46.71
C GLU A 150 1.53 -0.45 45.50
N GLU A 151 0.60 0.50 45.63
CA GLU A 151 0.32 1.46 44.57
C GLU A 151 1.58 2.29 44.28
N MET A 152 2.39 2.53 45.30
CA MET A 152 3.62 3.29 45.10
C MET A 152 4.57 2.54 44.18
N ASN A 153 4.60 1.21 44.31
CA ASN A 153 5.47 0.41 43.46
C ASN A 153 4.93 0.48 42.04
N TYR A 154 3.62 0.39 41.93
CA TYR A 154 2.96 0.46 40.62
C TYR A 154 3.31 1.75 39.89
N ILE A 155 2.98 2.89 40.51
CA ILE A 155 3.25 4.17 39.89
C ILE A 155 4.73 4.37 39.65
N ILE A 156 5.57 3.78 40.49
CA ILE A 156 7.01 3.94 40.30
C ILE A 156 7.42 3.30 38.98
N ALA A 157 6.84 2.15 38.67
CA ALA A 157 7.16 1.48 37.43
C ALA A 157 6.60 2.26 36.24
N ILE A 158 5.34 2.68 36.36
CA ILE A 158 4.67 3.43 35.31
C ILE A 158 5.44 4.69 34.90
N ILE A 159 5.83 5.49 35.89
CA ILE A 159 6.56 6.71 35.63
C ILE A 159 7.89 6.45 34.92
N GLU A 160 8.56 5.35 35.25
CA GLU A 160 9.84 5.04 34.62
C GLU A 160 9.66 4.81 33.12
N GLU A 161 8.53 4.22 32.75
CA GLU A 161 8.23 3.94 31.35
C GLU A 161 7.70 5.21 30.65
N GLN A 162 7.03 6.08 31.40
CA GLN A 162 6.46 7.29 30.82
C GLN A 162 6.75 8.50 31.70
N PRO A 163 8.02 8.87 31.80
CA PRO A 163 8.47 9.99 32.62
C PRO A 163 8.03 11.40 32.20
N LYS A 164 7.36 11.53 31.06
CA LYS A 164 6.92 12.84 30.60
C LYS A 164 5.41 12.99 30.58
N ASN A 165 4.74 12.10 31.29
CA ASN A 165 3.28 12.09 31.38
C ASN A 165 2.84 12.90 32.61
N TYR A 166 1.94 13.86 32.41
CA TYR A 166 1.46 14.70 33.52
C TYR A 166 0.64 13.94 34.55
N GLN A 167 -0.26 13.09 34.08
CA GLN A 167 -1.13 12.32 34.97
C GLN A 167 -0.41 11.41 35.96
N VAL A 168 0.66 10.74 35.51
CA VAL A 168 1.39 9.83 36.38
C VAL A 168 2.13 10.56 37.50
N TRP A 169 2.67 11.75 37.21
CA TRP A 169 3.34 12.49 38.26
C TRP A 169 2.30 13.03 39.25
N HIS A 170 1.15 13.43 38.74
CA HIS A 170 0.12 13.93 39.62
C HIS A 170 -0.33 12.81 40.55
N HIS A 171 -0.51 11.61 39.99
CA HIS A 171 -0.96 10.47 40.77
C HIS A 171 0.03 10.19 41.91
N ARG A 172 1.32 10.18 41.60
CA ARG A 172 2.32 9.91 42.62
C ARG A 172 2.30 10.96 43.72
N ARG A 173 2.11 12.21 43.33
CA ARG A 173 2.07 13.27 44.33
C ARG A 173 0.89 13.09 45.28
N VAL A 174 -0.26 12.68 44.73
CA VAL A 174 -1.43 12.46 45.58
C VAL A 174 -1.15 11.32 46.56
N LEU A 175 -0.52 10.26 46.08
CA LEU A 175 -0.21 9.12 46.93
C LEU A 175 0.70 9.53 48.07
N VAL A 176 1.75 10.27 47.74
CA VAL A 176 2.69 10.73 48.75
C VAL A 176 1.99 11.62 49.79
N GLU A 177 1.02 12.42 49.35
CA GLU A 177 0.28 13.27 50.27
C GLU A 177 -0.54 12.37 51.20
N TRP A 178 -1.18 11.36 50.63
CA TRP A 178 -1.98 10.42 51.41
C TRP A 178 -1.14 9.72 52.47
N LEU A 179 -0.01 9.18 52.05
CA LEU A 179 0.87 8.46 52.96
C LEU A 179 1.66 9.37 53.90
N LYS A 180 1.81 10.62 53.52
CA LYS A 180 2.59 11.58 54.31
C LYS A 180 3.98 10.96 54.46
N ASP A 181 4.38 10.17 53.47
CA ASP A 181 5.67 9.50 53.49
C ASP A 181 6.54 9.88 52.28
N PRO A 182 7.55 10.74 52.50
CA PRO A 182 8.39 11.13 51.38
C PRO A 182 9.71 10.34 51.30
N SER A 183 9.85 9.35 52.17
CA SER A 183 11.07 8.55 52.24
C SER A 183 11.65 8.00 50.93
N GLN A 184 10.79 7.69 49.96
CA GLN A 184 11.27 7.14 48.68
C GLN A 184 11.54 8.20 47.61
N GLU A 185 10.85 9.33 47.71
CA GLU A 185 10.95 10.41 46.73
C GLU A 185 12.29 10.89 46.19
N LEU A 186 13.15 11.44 47.04
CA LEU A 186 14.43 11.95 46.55
C LEU A 186 15.24 10.94 45.75
N GLU A 187 15.23 9.68 46.17
CA GLU A 187 15.97 8.66 45.45
C GLU A 187 15.30 8.31 44.13
N PHE A 188 13.98 8.19 44.15
CA PHE A 188 13.22 7.89 42.96
C PHE A 188 13.46 8.96 41.90
N ILE A 189 13.31 10.22 42.30
CA ILE A 189 13.51 11.32 41.40
C ILE A 189 14.94 11.34 40.85
N ALA A 190 15.91 11.01 41.68
CA ALA A 190 17.30 10.99 41.24
C ALA A 190 17.47 9.97 40.12
N ASP A 191 16.74 8.86 40.21
CA ASP A 191 16.82 7.83 39.18
C ASP A 191 16.22 8.33 37.89
N ILE A 192 15.04 8.94 37.98
CA ILE A 192 14.39 9.48 36.80
C ILE A 192 15.31 10.53 36.18
N LEU A 193 15.88 11.40 37.01
CA LEU A 193 16.76 12.44 36.53
C LEU A 193 17.98 11.83 35.85
N ASN A 194 18.18 10.53 36.02
CA ASN A 194 19.31 9.88 35.37
C ASN A 194 19.02 9.59 33.90
N GLN A 195 17.76 9.42 33.57
CA GLN A 195 17.38 9.17 32.18
C GLN A 195 17.24 10.51 31.46
N ASP A 196 17.03 11.58 32.24
CA ASP A 196 16.88 12.92 31.69
C ASP A 196 17.06 13.94 32.81
N ALA A 197 18.27 14.45 32.95
CA ALA A 197 18.60 15.42 34.00
C ALA A 197 17.82 16.72 33.92
N LYS A 198 17.04 16.93 32.85
CA LYS A 198 16.30 18.18 32.72
C LYS A 198 14.79 18.00 32.70
N ASN A 199 14.35 16.79 32.99
CA ASN A 199 12.93 16.46 33.02
C ASN A 199 12.19 17.45 33.93
N TYR A 200 11.41 18.34 33.34
CA TYR A 200 10.69 19.34 34.12
C TYR A 200 9.77 18.72 35.17
N HIS A 201 9.11 17.61 34.84
CA HIS A 201 8.21 16.95 35.78
C HIS A 201 8.96 16.47 37.03
N ALA A 202 10.14 15.89 36.81
CA ALA A 202 10.96 15.37 37.89
C ALA A 202 11.40 16.49 38.84
N TRP A 203 11.87 17.60 38.29
CA TRP A 203 12.31 18.71 39.12
C TRP A 203 11.12 19.35 39.86
N GLN A 204 9.98 19.40 39.20
CA GLN A 204 8.81 19.98 39.81
C GLN A 204 8.40 19.13 41.00
N HIS A 205 8.39 17.81 40.80
CA HIS A 205 8.02 16.90 41.87
C HIS A 205 9.03 17.00 43.00
N ARG A 206 10.30 17.06 42.65
CA ARG A 206 11.37 17.15 43.64
C ARG A 206 11.23 18.40 44.51
N GLN A 207 10.90 19.53 43.90
CA GLN A 207 10.75 20.75 44.69
C GLN A 207 9.54 20.66 45.60
N TRP A 208 8.47 20.04 45.13
CA TRP A 208 7.28 19.90 45.95
C TRP A 208 7.59 19.07 47.19
N VAL A 209 8.21 17.91 46.99
CA VAL A 209 8.56 17.03 48.09
C VAL A 209 9.43 17.76 49.11
N ILE A 210 10.54 18.30 48.65
CA ILE A 210 11.45 19.01 49.53
C ILE A 210 10.75 20.11 50.33
N GLN A 211 9.89 20.87 49.67
CA GLN A 211 9.18 21.95 50.35
C GLN A 211 8.15 21.43 51.33
N GLU A 212 7.31 20.52 50.85
CA GLU A 212 6.25 19.94 51.66
C GLU A 212 6.69 19.18 52.91
N PHE A 213 7.84 18.51 52.84
CA PHE A 213 8.31 17.74 53.97
C PHE A 213 9.63 18.27 54.53
N ARG A 214 9.93 19.51 54.17
CA ARG A 214 11.16 20.20 54.59
C ARG A 214 12.39 19.28 54.58
N LEU A 215 12.75 18.82 53.38
CA LEU A 215 13.91 17.95 53.22
C LEU A 215 15.04 18.70 52.54
N TRP A 216 15.47 19.81 53.14
CA TRP A 216 16.54 20.62 52.57
C TRP A 216 17.95 20.15 52.88
N ASP A 217 18.11 19.50 54.02
CA ASP A 217 19.42 19.04 54.48
C ASP A 217 20.47 18.55 53.50
N ASN A 218 20.07 17.82 52.47
CA ASN A 218 21.06 17.29 51.54
C ASN A 218 20.96 17.76 50.10
N GLU A 219 19.99 18.62 49.81
CA GLU A 219 19.82 19.07 48.45
C GLU A 219 20.98 19.88 47.89
N LEU A 220 21.51 20.82 48.67
CA LEU A 220 22.62 21.63 48.18
C LEU A 220 23.81 20.75 47.76
N GLN A 221 23.96 19.62 48.44
CA GLN A 221 25.04 18.70 48.13
C GLN A 221 24.72 17.96 46.84
N TYR A 222 23.45 17.59 46.68
CA TYR A 222 22.98 16.89 45.49
C TYR A 222 23.22 17.81 44.29
N VAL A 223 22.93 19.09 44.47
CA VAL A 223 23.13 20.09 43.43
C VAL A 223 24.60 20.16 43.05
N ASP A 224 25.49 20.24 44.04
CA ASP A 224 26.92 20.30 43.78
C ASP A 224 27.37 19.11 42.95
N GLN A 225 26.83 17.95 43.26
CA GLN A 225 27.18 16.74 42.52
C GLN A 225 26.73 16.80 41.07
N LEU A 226 25.48 17.18 40.85
CA LEU A 226 24.97 17.25 39.49
C LEU A 226 25.66 18.33 38.67
N LEU A 227 26.01 19.46 39.29
CA LEU A 227 26.68 20.51 38.55
C LEU A 227 28.05 20.03 38.07
N LYS A 228 28.63 19.06 38.76
CA LYS A 228 29.91 18.52 38.36
C LYS A 228 29.70 17.60 37.16
N GLU A 229 28.57 16.90 37.15
CA GLU A 229 28.24 15.99 36.05
C GLU A 229 27.98 16.77 34.76
N ASP A 230 27.39 17.96 34.88
CA ASP A 230 27.08 18.80 33.74
C ASP A 230 26.79 20.21 34.21
N VAL A 231 27.82 21.05 34.24
CA VAL A 231 27.69 22.42 34.70
C VAL A 231 26.75 23.25 33.84
N ARG A 232 26.35 22.71 32.69
CA ARG A 232 25.45 23.44 31.79
C ARG A 232 23.98 23.16 32.04
N ASN A 233 23.66 22.25 32.95
CA ASN A 233 22.26 21.91 33.24
C ASN A 233 21.55 23.05 33.97
N ASN A 234 20.77 23.83 33.22
CA ASN A 234 20.06 24.97 33.77
C ASN A 234 19.11 24.60 34.91
N SER A 235 18.59 23.37 34.88
CA SER A 235 17.67 22.91 35.92
C SER A 235 18.36 22.83 37.27
N VAL A 236 19.62 22.37 37.28
CA VAL A 236 20.38 22.26 38.51
C VAL A 236 20.72 23.64 39.09
N TRP A 237 21.07 24.60 38.24
CA TRP A 237 21.35 25.93 38.74
C TRP A 237 20.10 26.49 39.39
N ASN A 238 18.95 26.19 38.82
CA ASN A 238 17.70 26.67 39.39
C ASN A 238 17.49 26.01 40.74
N GLN A 239 17.79 24.73 40.82
CA GLN A 239 17.62 23.98 42.05
C GLN A 239 18.51 24.58 43.13
N ARG A 240 19.72 24.95 42.75
CA ARG A 240 20.65 25.54 43.70
C ARG A 240 20.04 26.80 44.31
N HIS A 241 19.52 27.67 43.46
CA HIS A 241 18.90 28.90 43.96
C HIS A 241 17.68 28.61 44.83
N PHE A 242 16.99 27.53 44.48
CA PHE A 242 15.82 27.08 45.20
C PHE A 242 16.19 26.72 46.64
N VAL A 243 17.19 25.85 46.80
CA VAL A 243 17.67 25.42 48.11
C VAL A 243 18.11 26.60 48.96
N ILE A 244 19.11 27.33 48.45
CA ILE A 244 19.64 28.46 49.18
C ILE A 244 18.62 29.48 49.57
N SER A 245 17.82 29.97 48.62
CA SER A 245 16.84 31.00 48.96
C SER A 245 15.78 30.52 49.94
N ASN A 246 15.66 29.20 50.10
CA ASN A 246 14.67 28.64 51.01
C ASN A 246 15.26 28.20 52.33
N THR A 247 16.57 28.36 52.47
CA THR A 247 17.22 28.00 53.73
C THR A 247 17.89 29.25 54.31
N THR A 248 19.17 29.43 54.02
CA THR A 248 19.93 30.57 54.52
C THR A 248 19.52 31.91 53.91
N GLY A 249 19.12 31.89 52.64
CA GLY A 249 18.79 33.13 51.97
C GLY A 249 20.11 33.68 51.45
N TYR A 250 20.08 34.80 50.73
CA TYR A 250 21.33 35.36 50.20
C TYR A 250 21.76 36.64 50.92
N SER A 251 20.91 37.11 51.83
CA SER A 251 21.20 38.33 52.60
C SER A 251 22.44 38.15 53.50
N ASP A 252 22.79 36.91 53.81
CA ASP A 252 23.97 36.66 54.62
C ASP A 252 25.20 36.85 53.73
N ARG A 253 25.87 37.97 53.90
CA ARG A 253 27.06 38.28 53.10
C ARG A 253 28.04 37.13 52.98
N ALA A 254 28.10 36.28 53.99
CA ALA A 254 29.01 35.14 53.96
C ALA A 254 28.56 34.17 52.87
N VAL A 255 27.26 33.98 52.79
CA VAL A 255 26.66 33.08 51.80
C VAL A 255 26.77 33.69 50.39
N LEU A 256 26.40 34.96 50.28
CA LEU A 256 26.47 35.63 48.99
C LEU A 256 27.88 35.51 48.41
N GLU A 257 28.88 35.76 49.25
CA GLU A 257 30.27 35.68 48.81
C GLU A 257 30.61 34.25 48.40
N ARG A 258 30.16 33.27 49.17
CA ARG A 258 30.43 31.87 48.87
C ARG A 258 29.86 31.52 47.50
N GLU A 259 28.63 31.96 47.27
CA GLU A 259 27.94 31.70 46.02
C GLU A 259 28.56 32.42 44.83
N VAL A 260 28.82 33.72 44.97
CA VAL A 260 29.43 34.46 43.89
C VAL A 260 30.79 33.85 43.54
N GLN A 261 31.49 33.39 44.57
CA GLN A 261 32.80 32.80 44.37
C GLN A 261 32.67 31.47 43.66
N TYR A 262 31.68 30.69 44.10
CA TYR A 262 31.40 29.38 43.53
C TYR A 262 31.09 29.47 42.04
N THR A 263 30.25 30.42 41.71
CA THR A 263 29.84 30.64 40.33
C THR A 263 31.02 31.08 39.46
N LEU A 264 31.79 32.06 39.94
CA LEU A 264 32.95 32.52 39.18
C LEU A 264 33.86 31.33 38.89
N GLU A 265 33.94 30.39 39.82
CA GLU A 265 34.77 29.21 39.63
C GLU A 265 34.25 28.36 38.49
N MET A 266 32.93 28.17 38.46
CA MET A 266 32.29 27.38 37.42
C MET A 266 32.42 28.08 36.08
N ILE A 267 32.32 29.40 36.10
CA ILE A 267 32.44 30.19 34.89
C ILE A 267 33.85 30.02 34.33
N LYS A 268 34.85 30.03 35.22
CA LYS A 268 36.24 29.87 34.78
C LYS A 268 36.44 28.50 34.13
N LEU A 269 35.67 27.50 34.55
CA LEU A 269 35.81 26.16 33.98
C LEU A 269 35.11 26.05 32.63
N VAL A 270 34.00 26.75 32.46
CA VAL A 270 33.25 26.74 31.21
C VAL A 270 32.68 28.15 31.08
N PRO A 271 33.48 29.08 30.54
CA PRO A 271 33.11 30.49 30.36
C PRO A 271 31.84 30.72 29.58
N HIS A 272 31.57 29.84 28.61
CA HIS A 272 30.38 29.98 27.78
C HIS A 272 29.24 29.14 28.34
N ASN A 273 28.57 29.66 29.37
CA ASN A 273 27.47 28.95 30.00
C ASN A 273 26.47 29.96 30.53
N GLU A 274 25.40 30.19 29.77
CA GLU A 274 24.38 31.15 30.16
C GLU A 274 23.86 30.93 31.58
N SER A 275 23.65 29.66 31.93
CA SER A 275 23.14 29.29 33.25
C SER A 275 23.96 29.88 34.40
N ALA A 276 25.26 29.66 34.36
CA ALA A 276 26.13 30.18 35.40
C ALA A 276 26.02 31.71 35.47
N TRP A 277 26.08 32.36 34.32
CA TRP A 277 25.99 33.81 34.28
C TRP A 277 24.66 34.33 34.78
N ASN A 278 23.59 33.60 34.46
CA ASN A 278 22.26 34.00 34.90
C ASN A 278 22.14 33.90 36.42
N TYR A 279 22.76 32.87 36.99
CA TYR A 279 22.74 32.69 38.43
C TYR A 279 23.48 33.85 39.08
N LEU A 280 24.71 34.10 38.60
CA LEU A 280 25.53 35.19 39.11
C LEU A 280 24.77 36.52 39.08
N LYS A 281 24.20 36.86 37.94
CA LYS A 281 23.46 38.12 37.83
C LYS A 281 22.19 38.05 38.67
N GLY A 282 21.60 36.88 38.72
CA GLY A 282 20.37 36.71 39.48
C GLY A 282 20.49 37.03 40.95
N ILE A 283 21.52 36.52 41.60
CA ILE A 283 21.71 36.76 43.03
C ILE A 283 22.24 38.15 43.38
N LEU A 284 22.57 38.96 42.37
CA LEU A 284 23.10 40.29 42.63
C LEU A 284 22.29 41.43 42.04
N GLN A 285 21.56 41.18 40.95
CA GLN A 285 20.80 42.24 40.29
C GLN A 285 19.87 43.06 41.17
N ASP A 286 19.28 42.45 42.19
CA ASP A 286 18.38 43.20 43.04
C ASP A 286 19.06 43.98 44.14
N ARG A 287 20.27 43.57 44.50
CA ARG A 287 21.03 44.29 45.52
C ARG A 287 21.66 45.48 44.82
N GLY A 288 21.86 45.37 43.51
CA GLY A 288 22.47 46.43 42.72
C GLY A 288 23.85 46.03 42.22
N LEU A 289 23.95 45.71 40.94
CA LEU A 289 25.22 45.28 40.36
C LEU A 289 26.36 46.29 40.53
N SER A 290 26.04 47.57 40.51
CA SER A 290 27.05 48.61 40.66
C SER A 290 27.57 48.72 42.09
N ARG A 291 26.83 48.14 43.03
CA ARG A 291 27.23 48.18 44.43
C ARG A 291 28.35 47.19 44.73
N TYR A 292 28.92 46.59 43.68
CA TYR A 292 30.00 45.61 43.85
C TYR A 292 31.23 45.94 43.01
N PRO A 293 31.93 47.04 43.36
CA PRO A 293 33.13 47.51 42.66
C PRO A 293 34.17 46.47 42.27
N ASN A 294 34.42 45.49 43.14
CA ASN A 294 35.42 44.48 42.81
C ASN A 294 34.95 43.50 41.76
N LEU A 295 33.63 43.41 41.58
CA LEU A 295 33.06 42.50 40.60
C LEU A 295 33.36 43.03 39.21
N LEU A 296 33.07 44.31 39.01
CA LEU A 296 33.32 44.95 37.73
C LEU A 296 34.74 44.71 37.26
N ASN A 297 35.72 44.87 38.15
CA ASN A 297 37.11 44.67 37.78
C ASN A 297 37.48 43.21 37.59
N GLN A 298 36.98 42.33 38.44
CA GLN A 298 37.29 40.91 38.31
C GLN A 298 36.80 40.38 36.98
N LEU A 299 35.72 40.96 36.47
CA LEU A 299 35.16 40.55 35.19
C LEU A 299 36.01 41.11 34.04
N LEU A 300 36.36 42.39 34.14
CA LEU A 300 37.18 43.04 33.13
C LEU A 300 38.50 42.29 32.96
N ASP A 301 38.94 41.63 34.02
CA ASP A 301 40.19 40.87 34.00
C ASP A 301 40.00 39.53 33.31
N LEU A 302 38.76 39.04 33.28
CA LEU A 302 38.47 37.78 32.62
C LEU A 302 38.35 37.98 31.12
N GLN A 303 37.74 39.10 30.74
CA GLN A 303 37.50 39.48 29.36
C GLN A 303 38.60 39.02 28.40
N PRO A 304 39.89 39.23 28.77
CA PRO A 304 40.98 38.81 27.91
C PRO A 304 40.90 37.35 27.48
N SER A 305 40.93 36.45 28.45
CA SER A 305 40.87 35.01 28.17
C SER A 305 39.45 34.42 28.13
N HIS A 306 38.81 34.34 29.30
CA HIS A 306 37.46 33.78 29.43
C HIS A 306 36.30 34.64 28.91
N SER A 307 36.47 35.27 27.75
CA SER A 307 35.40 36.11 27.22
C SER A 307 34.27 35.30 26.59
N SER A 308 33.08 35.89 26.61
CA SER A 308 31.88 35.26 26.03
C SER A 308 30.85 36.37 25.99
N PRO A 309 29.81 36.20 25.17
CA PRO A 309 28.77 37.24 25.07
C PRO A 309 28.08 37.46 26.42
N TYR A 310 28.06 36.42 27.25
CA TYR A 310 27.44 36.49 28.57
C TYR A 310 28.18 37.48 29.49
N LEU A 311 29.50 37.43 29.41
CA LEU A 311 30.33 38.32 30.20
C LEU A 311 30.12 39.77 29.75
N ILE A 312 30.20 39.99 28.44
CA ILE A 312 30.02 41.34 27.86
C ILE A 312 28.67 41.91 28.26
N ALA A 313 27.65 41.07 28.19
CA ALA A 313 26.30 41.48 28.54
C ALA A 313 26.25 41.85 30.02
N PHE A 314 26.94 41.07 30.84
CA PHE A 314 26.98 41.34 32.27
C PHE A 314 27.56 42.74 32.48
N LEU A 315 28.69 43.00 31.84
CA LEU A 315 29.35 44.30 31.92
C LEU A 315 28.41 45.42 31.53
N VAL A 316 27.70 45.23 30.42
CA VAL A 316 26.77 46.24 29.95
C VAL A 316 25.73 46.51 31.02
N ASP A 317 25.29 45.44 31.67
CA ASP A 317 24.28 45.56 32.72
C ASP A 317 24.82 46.28 33.94
N ILE A 318 26.10 46.05 34.25
CA ILE A 318 26.75 46.73 35.37
C ILE A 318 26.74 48.22 35.05
N TYR A 319 27.30 48.58 33.89
CA TYR A 319 27.35 49.97 33.47
C TYR A 319 25.97 50.61 33.51
N GLU A 320 24.95 49.86 33.09
CA GLU A 320 23.62 50.45 33.10
C GLU A 320 23.15 50.71 34.51
N ASP A 321 23.53 49.83 35.44
CA ASP A 321 23.12 50.02 36.82
C ASP A 321 23.75 51.32 37.33
N MET A 322 25.01 51.54 36.95
CA MET A 322 25.75 52.73 37.35
C MET A 322 25.02 53.98 36.85
N LEU A 323 24.71 54.02 35.56
CA LEU A 323 24.01 55.16 34.98
C LEU A 323 22.67 55.37 35.71
N GLU A 324 22.04 54.27 36.12
CA GLU A 324 20.77 54.33 36.81
C GLU A 324 20.92 54.95 38.19
N ASN A 325 22.12 54.88 38.75
CA ASN A 325 22.38 55.45 40.07
C ASN A 325 23.28 56.67 39.99
N GLN A 326 22.94 57.61 39.11
CA GLN A 326 23.70 58.85 38.90
C GLN A 326 25.16 58.69 39.33
N CYS A 327 25.89 57.82 38.64
CA CYS A 327 27.28 57.57 38.98
C CYS A 327 28.21 58.69 38.51
N ASP A 328 29.48 58.54 38.85
CA ASP A 328 30.52 59.50 38.50
C ASP A 328 31.00 59.20 37.09
N ASN A 329 31.01 60.22 36.23
CA ASN A 329 31.44 60.09 34.83
C ASN A 329 30.30 59.54 34.00
N LYS A 330 29.08 60.01 34.27
CA LYS A 330 27.91 59.53 33.55
C LYS A 330 28.19 59.41 32.05
N GLU A 331 28.61 60.50 31.42
CA GLU A 331 28.89 60.51 29.98
C GLU A 331 29.99 59.52 29.56
N ASP A 332 30.94 59.25 30.44
CA ASP A 332 32.01 58.32 30.11
C ASP A 332 31.54 56.88 30.19
N ILE A 333 30.81 56.57 31.27
CA ILE A 333 30.28 55.22 31.47
C ILE A 333 29.41 54.81 30.27
N LEU A 334 28.43 55.65 29.96
CA LEU A 334 27.51 55.41 28.85
C LEU A 334 28.25 55.00 27.58
N ASN A 335 29.42 55.55 27.34
CA ASN A 335 30.21 55.23 26.16
C ASN A 335 30.82 53.84 26.31
N LYS A 336 31.21 53.50 27.54
CA LYS A 336 31.80 52.19 27.80
C LYS A 336 30.74 51.14 27.49
N ALA A 337 29.50 51.46 27.82
CA ALA A 337 28.38 50.56 27.58
C ALA A 337 28.18 50.42 26.07
N LEU A 338 27.83 51.53 25.44
CA LEU A 338 27.59 51.57 24.00
C LEU A 338 28.69 50.85 23.24
N GLU A 339 29.94 51.05 23.66
CA GLU A 339 31.06 50.40 22.99
C GLU A 339 30.88 48.89 23.04
N LEU A 340 30.38 48.39 24.17
CA LEU A 340 30.16 46.96 24.36
C LEU A 340 28.92 46.48 23.60
N CYS A 341 27.84 47.26 23.66
CA CYS A 341 26.63 46.89 22.94
C CYS A 341 27.00 46.63 21.49
N GLU A 342 27.79 47.54 20.91
CA GLU A 342 28.22 47.38 19.53
C GLU A 342 29.12 46.16 19.36
N ILE A 343 29.98 45.89 20.33
CA ILE A 343 30.85 44.73 20.24
C ILE A 343 30.01 43.47 20.18
N LEU A 344 28.91 43.48 20.93
CA LEU A 344 27.99 42.35 20.96
C LEU A 344 27.34 42.21 19.59
N ALA A 345 26.71 43.30 19.13
CA ALA A 345 26.03 43.33 17.84
C ALA A 345 26.94 42.96 16.65
N LYS A 346 28.09 43.62 16.55
CA LYS A 346 29.00 43.40 15.43
C LYS A 346 29.80 42.11 15.44
N GLU A 347 30.18 41.58 16.60
CA GLU A 347 30.98 40.36 16.60
C GLU A 347 30.77 39.32 17.69
N LYS A 348 30.24 39.72 18.84
CA LYS A 348 30.07 38.77 19.95
C LYS A 348 28.78 37.95 20.00
N ASP A 349 27.65 38.60 19.74
CA ASP A 349 26.35 37.94 19.77
C ASP A 349 25.59 38.46 18.56
N THR A 350 26.17 38.26 17.39
CA THR A 350 25.60 38.74 16.14
C THR A 350 24.14 38.42 15.91
N ILE A 351 23.73 37.20 16.25
CA ILE A 351 22.35 36.79 16.05
C ILE A 351 21.36 37.77 16.70
N ARG A 352 21.82 38.49 17.73
CA ARG A 352 20.98 39.47 18.41
C ARG A 352 21.40 40.90 18.07
N LYS A 353 22.14 41.02 16.95
CA LYS A 353 22.62 42.31 16.44
C LYS A 353 21.60 43.44 16.62
N GLU A 354 20.40 43.28 16.04
CA GLU A 354 19.38 44.30 16.16
C GLU A 354 18.95 44.59 17.59
N TYR A 355 18.94 43.54 18.42
CA TYR A 355 18.55 43.68 19.82
C TYR A 355 19.54 44.58 20.55
N TRP A 356 20.81 44.25 20.45
CA TRP A 356 21.85 45.02 21.09
C TRP A 356 21.88 46.48 20.64
N ARG A 357 21.70 46.71 19.34
CA ARG A 357 21.67 48.07 18.80
C ARG A 357 20.50 48.80 19.43
N TYR A 358 19.39 48.08 19.58
CA TYR A 358 18.18 48.64 20.19
C TYR A 358 18.47 48.96 21.65
N ILE A 359 19.27 48.11 22.30
CA ILE A 359 19.62 48.34 23.69
C ILE A 359 20.48 49.60 23.77
N GLY A 360 21.48 49.67 22.88
CA GLY A 360 22.34 50.83 22.84
C GLY A 360 21.55 52.13 22.67
N ARG A 361 20.71 52.19 21.64
CA ARG A 361 19.90 53.38 21.41
C ARG A 361 19.08 53.74 22.64
N SER A 362 18.71 52.74 23.43
CA SER A 362 17.91 52.95 24.63
C SER A 362 18.74 53.64 25.71
N LEU A 363 19.99 53.21 25.84
CA LEU A 363 20.88 53.80 26.82
C LEU A 363 21.16 55.25 26.40
N GLN A 364 21.33 55.46 25.10
CA GLN A 364 21.58 56.77 24.53
C GLN A 364 20.54 57.79 24.96
N SER A 365 19.30 57.56 24.55
CA SER A 365 18.20 58.45 24.87
C SER A 365 17.78 58.47 26.33
N LYS A 366 18.41 57.65 27.16
CA LYS A 366 18.06 57.60 28.58
C LYS A 366 19.08 58.34 29.45
N HIS A 367 20.31 58.46 28.95
CA HIS A 367 21.36 59.15 29.70
C HIS A 367 22.19 60.08 28.81
N SER A 368 21.65 61.26 28.48
CA SER A 368 22.37 62.23 27.64
C SER A 368 21.93 63.67 27.88
N LEU B 18 14.37 25.68 2.85
CA LEU B 18 14.05 25.97 1.43
C LEU B 18 12.82 26.87 1.31
N ASP B 19 11.71 26.30 0.86
CA ASP B 19 10.47 27.06 0.69
C ASP B 19 9.32 26.47 1.48
N PHE B 20 8.28 27.27 1.67
CA PHE B 20 7.12 26.87 2.43
C PHE B 20 6.09 26.11 1.59
N LEU B 21 6.00 24.80 1.80
CA LEU B 21 5.06 23.94 1.06
C LEU B 21 3.62 24.07 1.56
N ARG B 22 3.07 25.28 1.46
CA ARG B 22 1.71 25.56 1.90
C ARG B 22 0.61 24.53 1.62
N ASP B 23 0.48 24.08 0.37
CA ASP B 23 -0.57 23.13 0.03
C ASP B 23 -0.39 21.80 0.75
N ARG B 24 0.86 21.39 0.91
CA ARG B 24 1.17 20.15 1.60
C ARG B 24 0.65 20.22 3.04
N HIS B 25 0.85 21.37 3.67
CA HIS B 25 0.41 21.58 5.05
C HIS B 25 -1.10 21.64 5.15
N VAL B 26 -1.78 22.11 4.11
CA VAL B 26 -3.22 22.16 4.15
C VAL B 26 -3.77 20.74 4.15
N ARG B 27 -3.17 19.88 3.30
CA ARG B 27 -3.61 18.50 3.26
C ARG B 27 -3.33 17.82 4.58
N PHE B 28 -2.19 18.14 5.18
CA PHE B 28 -1.80 17.58 6.46
C PHE B 28 -2.89 17.84 7.51
N PHE B 29 -3.29 19.10 7.67
CA PHE B 29 -4.33 19.45 8.62
C PHE B 29 -5.65 18.81 8.25
N GLN B 30 -5.91 18.67 6.95
CA GLN B 30 -7.16 18.07 6.50
C GLN B 30 -7.26 16.64 7.00
N ARG B 31 -6.16 15.91 6.86
CA ARG B 31 -6.06 14.52 7.29
C ARG B 31 -6.28 14.42 8.80
N CYS B 32 -5.67 15.33 9.56
CA CYS B 32 -5.83 15.33 11.01
C CYS B 32 -7.29 15.39 11.38
N LEU B 33 -8.06 16.28 10.75
CA LEU B 33 -9.49 16.39 11.07
C LEU B 33 -10.26 15.13 10.72
N GLN B 34 -9.67 14.31 9.86
CA GLN B 34 -10.33 13.10 9.43
C GLN B 34 -10.11 11.90 10.35
N VAL B 35 -8.93 11.32 10.30
CA VAL B 35 -8.63 10.17 11.13
C VAL B 35 -7.19 10.23 11.64
N LEU B 36 -6.97 9.63 12.81
CA LEU B 36 -5.64 9.57 13.39
C LEU B 36 -5.32 8.11 13.68
N PRO B 37 -4.04 7.73 13.56
CA PRO B 37 -3.52 6.38 13.79
C PRO B 37 -3.67 5.96 15.24
N GLU B 38 -3.90 4.68 15.53
CA GLU B 38 -4.09 4.27 16.93
C GLU B 38 -2.94 4.74 17.81
N ARG B 39 -1.84 5.14 17.20
CA ARG B 39 -0.70 5.62 17.96
C ARG B 39 -0.90 7.01 18.55
N TYR B 40 -2.11 7.56 18.42
CA TYR B 40 -2.42 8.87 18.98
C TYR B 40 -3.44 8.68 20.08
N SER B 41 -3.61 7.43 20.49
CA SER B 41 -4.56 7.10 21.53
C SER B 41 -4.35 7.95 22.77
N SER B 42 -3.10 8.30 23.06
CA SER B 42 -2.79 9.09 24.26
C SER B 42 -3.29 10.53 24.17
N LEU B 43 -3.90 10.87 23.04
CA LEU B 43 -4.43 12.21 22.85
C LEU B 43 -5.94 12.17 22.87
N GLU B 44 -6.51 10.98 23.09
CA GLU B 44 -7.94 10.80 23.11
C GLU B 44 -8.68 11.90 23.90
N THR B 45 -8.28 12.10 25.16
CA THR B 45 -8.93 13.09 26.01
C THR B 45 -8.57 14.54 25.69
N SER B 46 -7.72 14.73 24.68
CA SER B 46 -7.30 16.05 24.24
C SER B 46 -7.57 16.24 22.75
N ARG B 47 -8.50 15.44 22.21
CA ARG B 47 -8.81 15.52 20.79
C ARG B 47 -9.24 16.91 20.36
N LEU B 48 -9.96 17.59 21.24
CA LEU B 48 -10.42 18.93 20.92
C LEU B 48 -9.25 19.88 20.66
N THR B 49 -8.12 19.67 21.34
CA THR B 49 -6.97 20.53 21.12
C THR B 49 -6.30 20.18 19.79
N ILE B 50 -6.42 18.92 19.39
CA ILE B 50 -5.85 18.50 18.11
C ILE B 50 -6.69 19.12 17.00
N ALA B 51 -8.00 19.17 17.23
CA ALA B 51 -8.94 19.77 16.29
C ALA B 51 -8.56 21.25 16.14
N PHE B 52 -8.25 21.89 17.28
CA PHE B 52 -7.85 23.30 17.31
C PHE B 52 -6.60 23.53 16.46
N PHE B 53 -5.59 22.70 16.66
CA PHE B 53 -4.34 22.83 15.91
C PHE B 53 -4.61 22.77 14.43
N ALA B 54 -5.48 21.85 14.04
CA ALA B 54 -5.82 21.66 12.64
C ALA B 54 -6.69 22.78 12.10
N LEU B 55 -7.75 23.11 12.83
CA LEU B 55 -8.65 24.17 12.40
C LEU B 55 -7.97 25.54 12.39
N SER B 56 -7.34 25.89 13.50
CA SER B 56 -6.66 27.17 13.57
C SER B 56 -5.53 27.16 12.55
N GLY B 57 -4.97 25.97 12.31
CA GLY B 57 -3.90 25.86 11.34
C GLY B 57 -4.38 26.16 9.95
N LEU B 58 -5.55 25.64 9.60
CA LEU B 58 -6.14 25.88 8.29
C LEU B 58 -6.51 27.35 8.19
N ASP B 59 -7.05 27.89 9.27
CA ASP B 59 -7.43 29.29 9.34
C ASP B 59 -6.19 30.14 9.03
N MET B 60 -5.08 29.80 9.64
CA MET B 60 -3.82 30.53 9.44
C MET B 60 -3.33 30.46 8.00
N LEU B 61 -3.73 29.42 7.28
CA LEU B 61 -3.33 29.23 5.89
C LEU B 61 -4.47 29.66 4.98
N ASP B 62 -5.51 30.21 5.59
CA ASP B 62 -6.68 30.68 4.87
C ASP B 62 -7.21 29.55 3.97
N SER B 63 -7.57 28.43 4.59
CA SER B 63 -8.10 27.26 3.89
C SER B 63 -9.23 26.59 4.67
N LEU B 64 -9.95 27.35 5.48
CA LEU B 64 -11.04 26.78 6.25
C LEU B 64 -12.14 26.27 5.35
N ASP B 65 -12.10 26.70 4.09
CA ASP B 65 -13.10 26.30 3.13
C ASP B 65 -13.06 24.79 2.84
N VAL B 66 -11.91 24.15 3.08
CA VAL B 66 -11.79 22.73 2.80
C VAL B 66 -12.44 21.82 3.84
N VAL B 67 -13.20 22.40 4.76
CA VAL B 67 -13.88 21.61 5.78
C VAL B 67 -15.32 22.07 5.92
N ASN B 68 -16.16 21.19 6.45
CA ASN B 68 -17.56 21.51 6.64
C ASN B 68 -17.74 22.15 8.02
N LYS B 69 -17.68 23.47 8.08
CA LYS B 69 -17.81 24.17 9.34
C LYS B 69 -19.02 23.76 10.18
N ASP B 70 -20.16 23.50 9.56
CA ASP B 70 -21.35 23.14 10.30
C ASP B 70 -21.27 21.79 11.00
N ASP B 71 -20.67 20.80 10.35
CA ASP B 71 -20.53 19.48 10.95
C ASP B 71 -19.63 19.57 12.17
N ILE B 72 -18.47 20.20 11.98
CA ILE B 72 -17.52 20.36 13.06
C ILE B 72 -18.07 21.16 14.24
N ILE B 73 -18.86 22.18 13.95
CA ILE B 73 -19.45 22.99 15.03
C ILE B 73 -20.38 22.13 15.88
N GLU B 74 -21.10 21.22 15.25
CA GLU B 74 -22.02 20.37 15.99
C GLU B 74 -21.23 19.42 16.87
N TRP B 75 -20.13 18.91 16.32
CA TRP B 75 -19.27 18.01 17.06
C TRP B 75 -18.73 18.72 18.30
N ILE B 76 -18.25 19.95 18.12
CA ILE B 76 -17.72 20.71 19.22
C ILE B 76 -18.79 20.91 20.29
N TYR B 77 -19.98 21.33 19.89
CA TYR B 77 -21.04 21.53 20.86
C TYR B 77 -21.46 20.25 21.58
N SER B 78 -21.18 19.10 20.98
CA SER B 78 -21.51 17.82 21.60
C SER B 78 -20.54 17.55 22.73
N LEU B 79 -19.50 18.38 22.83
CA LEU B 79 -18.49 18.25 23.87
C LEU B 79 -18.74 19.18 25.05
N GLN B 80 -19.75 20.03 24.96
CA GLN B 80 -20.03 20.94 26.07
C GLN B 80 -20.77 20.26 27.21
N VAL B 81 -20.23 20.42 28.42
CA VAL B 81 -20.86 19.87 29.60
C VAL B 81 -21.82 20.94 30.07
N LEU B 82 -23.11 20.75 29.77
CA LEU B 82 -24.15 21.69 30.14
C LEU B 82 -24.69 21.40 31.52
N PRO B 83 -25.22 22.43 32.19
CA PRO B 83 -25.76 22.19 33.53
C PRO B 83 -27.03 21.35 33.43
N THR B 84 -27.21 20.47 34.40
CA THR B 84 -28.37 19.59 34.44
C THR B 84 -29.63 20.35 34.86
N GLU B 85 -30.77 19.67 34.79
CA GLU B 85 -32.05 20.28 35.16
C GLU B 85 -31.92 21.02 36.49
N ASP B 86 -31.47 20.29 37.52
CA ASP B 86 -31.31 20.86 38.86
C ASP B 86 -30.13 21.83 39.01
N ARG B 87 -29.35 21.97 37.94
CA ARG B 87 -28.19 22.87 37.94
C ARG B 87 -27.28 22.61 39.14
N SER B 88 -27.13 21.34 39.51
CA SER B 88 -26.29 20.97 40.64
C SER B 88 -24.86 20.66 40.21
N ASN B 89 -24.58 20.78 38.92
CA ASN B 89 -23.25 20.50 38.39
C ASN B 89 -22.60 21.72 37.75
N LEU B 90 -23.00 22.91 38.17
CA LEU B 90 -22.43 24.12 37.61
C LEU B 90 -20.91 24.17 37.70
N ASP B 91 -20.37 23.78 38.86
CA ASP B 91 -18.94 23.78 39.07
C ASP B 91 -18.17 22.86 38.13
N ARG B 92 -18.90 22.06 37.36
CA ARG B 92 -18.24 21.13 36.46
C ARG B 92 -18.49 21.40 34.99
N CYS B 93 -19.11 22.52 34.68
CA CYS B 93 -19.40 22.85 33.28
C CYS B 93 -18.21 23.39 32.52
N GLY B 94 -18.28 23.26 31.19
CA GLY B 94 -17.22 23.68 30.31
C GLY B 94 -17.24 22.72 29.15
N PHE B 95 -16.07 22.34 28.63
CA PHE B 95 -16.02 21.39 27.52
C PHE B 95 -15.17 20.15 27.79
N ARG B 96 -15.53 19.04 27.14
CA ARG B 96 -14.80 17.78 27.26
C ARG B 96 -13.81 17.75 26.11
N GLY B 97 -12.74 16.98 26.27
CA GLY B 97 -11.75 16.89 25.21
C GLY B 97 -12.22 16.01 24.07
N SER B 98 -13.14 15.10 24.40
CA SER B 98 -13.71 14.18 23.43
C SER B 98 -14.90 13.48 24.05
N SER B 99 -15.44 12.50 23.34
CA SER B 99 -16.59 11.74 23.81
C SER B 99 -16.20 10.46 24.53
N TYR B 100 -14.95 10.39 24.98
CA TYR B 100 -14.46 9.19 25.67
C TYR B 100 -15.30 8.65 26.82
N LEU B 101 -16.15 9.47 27.44
CA LEU B 101 -16.96 8.97 28.55
C LEU B 101 -18.17 8.16 28.10
N GLY B 102 -18.51 8.26 26.82
CA GLY B 102 -19.64 7.51 26.32
C GLY B 102 -20.98 8.19 26.50
N ILE B 103 -20.97 9.50 26.67
CA ILE B 103 -22.23 10.22 26.82
C ILE B 103 -22.85 10.36 25.44
N PRO B 104 -24.14 10.04 25.31
CA PRO B 104 -24.85 10.13 24.04
C PRO B 104 -24.71 11.48 23.33
N PHE B 105 -24.35 11.43 22.05
CA PHE B 105 -24.16 12.61 21.23
C PHE B 105 -25.29 13.60 21.39
N ASN B 106 -24.96 14.81 21.84
CA ASN B 106 -25.95 15.85 22.05
C ASN B 106 -25.31 17.22 21.82
N PRO B 107 -25.43 17.75 20.59
CA PRO B 107 -24.87 19.06 20.21
C PRO B 107 -25.48 20.24 20.96
N SER B 108 -25.33 20.24 22.28
CA SER B 108 -25.87 21.30 23.13
C SER B 108 -27.32 21.62 22.79
N LYS B 109 -28.11 20.57 22.59
CA LYS B 109 -29.53 20.73 22.27
C LYS B 109 -30.33 20.52 23.56
N ASN B 110 -30.44 19.27 24.00
CA ASN B 110 -31.17 18.94 25.22
C ASN B 110 -30.34 19.37 26.44
N PRO B 111 -30.93 19.31 27.65
CA PRO B 111 -30.18 19.70 28.85
C PRO B 111 -29.16 18.63 29.23
N GLY B 112 -28.34 18.94 30.23
CA GLY B 112 -27.32 18.01 30.65
C GLY B 112 -27.80 16.68 31.23
N THR B 113 -27.18 15.60 30.77
CA THR B 113 -27.50 14.25 31.26
C THR B 113 -26.50 13.90 32.37
N ALA B 114 -26.97 13.88 33.61
CA ALA B 114 -26.12 13.60 34.77
C ALA B 114 -25.19 12.41 34.57
N HIS B 115 -23.97 12.54 35.07
CA HIS B 115 -22.96 11.49 34.98
C HIS B 115 -21.96 11.76 36.09
N PRO B 116 -21.67 10.75 36.92
CA PRO B 116 -20.74 10.85 38.06
C PRO B 116 -19.38 11.47 37.78
N TYR B 117 -18.85 11.25 36.59
CA TYR B 117 -17.53 11.75 36.27
C TYR B 117 -17.40 12.65 35.05
N ASP B 118 -18.52 13.16 34.55
CA ASP B 118 -18.46 14.04 33.39
C ASP B 118 -18.27 15.50 33.81
N SER B 119 -17.13 16.06 33.46
CA SER B 119 -16.80 17.44 33.78
C SER B 119 -15.98 18.03 32.66
N GLY B 120 -15.84 19.34 32.65
CA GLY B 120 -15.08 19.99 31.61
C GLY B 120 -13.61 19.98 31.97
N HIS B 121 -12.78 20.36 31.00
CA HIS B 121 -11.35 20.42 31.20
C HIS B 121 -10.96 21.80 30.68
N ILE B 122 -10.35 22.59 31.56
CA ILE B 122 -9.98 23.96 31.22
C ILE B 122 -9.31 24.16 29.85
N ALA B 123 -8.43 23.25 29.45
CA ALA B 123 -7.76 23.38 28.16
C ALA B 123 -8.72 23.06 27.01
N MET B 124 -9.77 22.31 27.32
CA MET B 124 -10.75 21.95 26.30
C MET B 124 -11.79 23.06 26.17
N THR B 125 -12.13 23.70 27.29
CA THR B 125 -13.08 24.80 27.26
C THR B 125 -12.41 25.90 26.45
N TYR B 126 -11.11 26.07 26.66
CA TYR B 126 -10.35 27.07 25.93
C TYR B 126 -10.32 26.76 24.44
N THR B 127 -9.72 25.63 24.06
CA THR B 127 -9.66 25.27 22.64
C THR B 127 -11.04 25.10 22.01
N GLY B 128 -12.02 24.68 22.80
CA GLY B 128 -13.36 24.51 22.30
C GLY B 128 -13.94 25.84 21.83
N LEU B 129 -13.98 26.81 22.75
CA LEU B 129 -14.50 28.15 22.42
C LEU B 129 -13.69 28.72 21.27
N SER B 130 -12.38 28.55 21.35
CA SER B 130 -11.49 29.04 20.32
C SER B 130 -11.89 28.47 18.95
N CYS B 131 -12.13 27.16 18.90
CA CYS B 131 -12.53 26.51 17.64
C CYS B 131 -13.85 27.06 17.12
N LEU B 132 -14.83 27.20 18.01
CA LEU B 132 -16.13 27.72 17.64
C LEU B 132 -16.00 29.07 16.96
N ILE B 133 -15.21 29.96 17.55
CA ILE B 133 -15.00 31.28 16.98
C ILE B 133 -14.35 31.20 15.60
N ILE B 134 -13.33 30.36 15.49
CA ILE B 134 -12.63 30.17 14.23
C ILE B 134 -13.58 29.68 13.13
N LEU B 135 -14.52 28.82 13.51
CA LEU B 135 -15.48 28.27 12.55
C LEU B 135 -16.64 29.21 12.25
N GLY B 136 -16.63 30.39 12.86
CA GLY B 136 -17.67 31.36 12.61
C GLY B 136 -18.89 31.32 13.51
N ASP B 137 -18.96 30.33 14.41
CA ASP B 137 -20.09 30.24 15.31
C ASP B 137 -20.13 31.50 16.18
N ASP B 138 -21.31 31.83 16.70
CA ASP B 138 -21.46 33.03 17.52
C ASP B 138 -21.53 32.75 19.02
N LEU B 139 -21.28 31.51 19.41
CA LEU B 139 -21.29 31.13 20.82
C LEU B 139 -22.64 31.25 21.52
N SER B 140 -23.71 31.39 20.75
CA SER B 140 -25.03 31.52 21.36
C SER B 140 -25.42 30.25 22.12
N ARG B 141 -24.91 29.10 21.68
CA ARG B 141 -25.24 27.83 22.33
C ARG B 141 -24.31 27.50 23.49
N VAL B 142 -23.42 28.44 23.81
CA VAL B 142 -22.50 28.24 24.91
C VAL B 142 -23.15 28.80 26.18
N ASP B 143 -23.22 28.00 27.23
CA ASP B 143 -23.80 28.48 28.48
C ASP B 143 -22.69 29.25 29.17
N LYS B 144 -22.48 30.49 28.70
CA LYS B 144 -21.44 31.35 29.24
C LYS B 144 -21.35 31.34 30.76
N GLU B 145 -22.48 31.51 31.44
CA GLU B 145 -22.46 31.53 32.90
C GLU B 145 -21.99 30.23 33.54
N ALA B 146 -22.39 29.11 32.96
CA ALA B 146 -22.01 27.81 33.47
C ALA B 146 -20.49 27.67 33.29
N CYS B 147 -20.00 28.00 32.11
CA CYS B 147 -18.57 27.90 31.87
C CYS B 147 -17.79 28.74 32.86
N LEU B 148 -18.21 29.98 33.07
CA LEU B 148 -17.55 30.88 34.00
C LEU B 148 -17.61 30.33 35.42
N ALA B 149 -18.72 29.70 35.76
CA ALA B 149 -18.88 29.12 37.09
C ALA B 149 -17.88 27.98 37.25
N GLY B 150 -17.75 27.17 36.19
CA GLY B 150 -16.81 26.06 36.22
C GLY B 150 -15.39 26.57 36.33
N LEU B 151 -15.10 27.65 35.61
CA LEU B 151 -13.77 28.24 35.63
C LEU B 151 -13.41 28.67 37.06
N ARG B 152 -14.28 29.47 37.66
CA ARG B 152 -14.05 29.95 39.03
C ARG B 152 -13.69 28.81 39.95
N ALA B 153 -14.42 27.72 39.83
CA ALA B 153 -14.21 26.55 40.67
C ALA B 153 -12.81 25.97 40.54
N LEU B 154 -12.17 26.18 39.40
CA LEU B 154 -10.84 25.63 39.18
C LEU B 154 -9.69 26.41 39.81
N GLN B 155 -9.92 27.68 40.14
CA GLN B 155 -8.85 28.48 40.70
C GLN B 155 -8.50 28.14 42.15
N LEU B 156 -7.21 28.12 42.44
CA LEU B 156 -6.73 27.80 43.77
C LEU B 156 -6.44 29.06 44.60
N GLU B 157 -6.14 28.86 45.89
CA GLU B 157 -5.86 29.98 46.77
C GLU B 157 -4.67 30.81 46.26
N ASP B 158 -3.68 30.16 45.67
CA ASP B 158 -2.51 30.88 45.17
C ASP B 158 -2.71 31.60 43.83
N GLY B 159 -3.94 31.55 43.30
CA GLY B 159 -4.21 32.22 42.05
C GLY B 159 -4.13 31.37 40.79
N SER B 160 -3.44 30.24 40.85
CA SER B 160 -3.32 29.37 39.67
C SER B 160 -4.58 28.55 39.50
N PHE B 161 -4.60 27.71 38.47
CA PHE B 161 -5.76 26.88 38.17
C PHE B 161 -5.46 25.40 37.99
N CYS B 162 -6.51 24.59 38.09
CA CYS B 162 -6.45 23.16 37.88
C CYS B 162 -7.17 22.99 36.55
N ALA B 163 -7.03 21.83 35.92
CA ALA B 163 -7.68 21.59 34.65
C ALA B 163 -9.09 21.06 34.82
N VAL B 164 -9.31 20.26 35.86
CA VAL B 164 -10.63 19.67 36.10
C VAL B 164 -11.06 19.75 37.56
N PRO B 165 -12.37 19.85 37.81
CA PRO B 165 -12.89 19.92 39.17
C PRO B 165 -12.52 18.75 40.08
N GLU B 166 -12.31 17.57 39.49
CA GLU B 166 -11.95 16.39 40.27
C GLU B 166 -10.55 16.50 40.82
N GLY B 167 -9.77 17.44 40.28
CA GLY B 167 -8.42 17.63 40.74
C GLY B 167 -7.37 17.29 39.71
N SER B 168 -6.26 18.02 39.72
CA SER B 168 -5.17 17.81 38.79
C SER B 168 -4.02 18.67 39.26
N GLU B 169 -2.94 18.66 38.50
CA GLU B 169 -1.80 19.49 38.84
C GLU B 169 -2.23 20.92 38.51
N ASN B 170 -1.53 21.91 39.04
CA ASN B 170 -1.87 23.29 38.76
C ASN B 170 -0.62 24.06 38.40
N ASP B 171 -0.72 24.91 37.38
CA ASP B 171 0.40 25.71 36.96
C ASP B 171 0.01 26.78 35.95
N MET B 172 1.03 27.49 35.44
CA MET B 172 0.83 28.56 34.49
C MET B 172 0.03 28.19 33.23
N ARG B 173 0.16 26.95 32.77
CA ARG B 173 -0.56 26.50 31.58
C ARG B 173 -2.05 26.78 31.73
N PHE B 174 -2.60 26.43 32.88
CA PHE B 174 -4.02 26.61 33.11
C PHE B 174 -4.41 28.05 33.40
N VAL B 175 -3.45 28.84 33.88
CA VAL B 175 -3.71 30.25 34.15
C VAL B 175 -3.98 30.89 32.79
N TYR B 176 -3.19 30.48 31.80
CA TYR B 176 -3.34 30.98 30.44
C TYR B 176 -4.69 30.57 29.86
N CYS B 177 -5.08 29.31 30.10
CA CYS B 177 -6.35 28.82 29.59
C CYS B 177 -7.49 29.64 30.18
N ALA B 178 -7.42 29.87 31.49
CA ALA B 178 -8.45 30.65 32.18
C ALA B 178 -8.52 32.04 31.57
N SER B 179 -7.36 32.65 31.36
CA SER B 179 -7.31 33.98 30.77
C SER B 179 -7.95 34.00 29.39
N CYS B 180 -7.63 33.02 28.55
CA CYS B 180 -8.21 32.96 27.21
C CYS B 180 -9.72 32.80 27.26
N ILE B 181 -10.20 32.01 28.21
CA ILE B 181 -11.63 31.78 28.34
C ILE B 181 -12.35 33.06 28.72
N CYS B 182 -11.84 33.74 29.75
CA CYS B 182 -12.43 34.99 30.21
C CYS B 182 -12.41 36.02 29.10
N TYR B 183 -11.31 36.06 28.35
CA TYR B 183 -11.18 37.00 27.26
C TYR B 183 -12.20 36.74 26.16
N MET B 184 -12.31 35.49 25.73
CA MET B 184 -13.24 35.16 24.66
C MET B 184 -14.70 35.35 25.06
N LEU B 185 -15.02 35.03 26.31
CA LEU B 185 -16.39 35.21 26.79
C LEU B 185 -16.55 36.66 27.21
N ASN B 186 -15.47 37.41 27.04
CA ASN B 186 -15.44 38.82 27.39
C ASN B 186 -16.08 39.09 28.74
N ASN B 187 -15.70 38.28 29.73
CA ASN B 187 -16.22 38.39 31.07
C ASN B 187 -15.18 37.81 32.03
N TRP B 188 -14.57 38.65 32.85
CA TRP B 188 -13.54 38.17 33.77
C TRP B 188 -14.04 37.74 35.13
N SER B 189 -15.33 37.47 35.24
CA SER B 189 -15.88 37.02 36.50
C SER B 189 -15.46 35.57 36.68
N GLY B 190 -14.87 35.02 35.62
CA GLY B 190 -14.42 33.63 35.65
C GLY B 190 -13.19 33.40 36.51
N MET B 191 -12.57 34.47 36.98
CA MET B 191 -11.38 34.34 37.81
C MET B 191 -11.18 35.53 38.74
N ASP B 192 -10.35 35.31 39.76
CA ASP B 192 -10.00 36.36 40.70
C ASP B 192 -8.69 36.86 40.11
N MET B 193 -8.81 37.83 39.22
CA MET B 193 -7.68 38.40 38.53
C MET B 193 -6.52 38.85 39.41
N LYS B 194 -6.84 39.39 40.59
CA LYS B 194 -5.80 39.85 41.49
C LYS B 194 -4.91 38.67 41.92
N LYS B 195 -5.53 37.55 42.28
CA LYS B 195 -4.78 36.37 42.70
C LYS B 195 -3.99 35.75 41.55
N ALA B 196 -4.59 35.76 40.36
CA ALA B 196 -3.93 35.21 39.18
C ALA B 196 -2.65 36.00 38.90
N ILE B 197 -2.77 37.32 38.93
CA ILE B 197 -1.64 38.20 38.68
C ILE B 197 -0.55 37.95 39.71
N SER B 198 -0.98 37.71 40.94
CA SER B 198 -0.03 37.44 42.01
C SER B 198 0.75 36.16 41.66
N TYR B 199 0.03 35.15 41.20
CA TYR B 199 0.66 33.88 40.83
C TYR B 199 1.69 34.11 39.72
N ILE B 200 1.28 34.87 38.70
CA ILE B 200 2.17 35.16 37.58
C ILE B 200 3.42 35.88 38.03
N ARG B 201 3.28 36.87 38.92
CA ARG B 201 4.45 37.57 39.41
C ARG B 201 5.37 36.63 40.15
N ARG B 202 4.82 35.87 41.09
CA ARG B 202 5.60 34.94 41.90
C ARG B 202 6.34 33.87 41.10
N SER B 203 5.96 33.68 39.85
CA SER B 203 6.61 32.67 39.04
C SER B 203 7.89 33.18 38.38
N MET B 204 8.13 34.49 38.46
CA MET B 204 9.34 35.02 37.86
C MET B 204 10.57 34.50 38.59
N SER B 205 11.54 34.00 37.83
CA SER B 205 12.76 33.44 38.36
C SER B 205 13.86 34.46 38.56
N TYR B 206 14.94 34.05 39.21
CA TYR B 206 16.07 34.92 39.44
C TYR B 206 16.69 35.27 38.11
N ASP B 207 16.50 34.41 37.10
CA ASP B 207 17.07 34.68 35.78
C ASP B 207 16.10 35.51 34.93
N ASN B 208 15.00 35.92 35.57
CA ASN B 208 13.98 36.76 34.97
C ASN B 208 12.97 36.18 33.99
N GLY B 209 13.02 34.87 33.77
CA GLY B 209 12.04 34.27 32.90
C GLY B 209 10.88 33.89 33.82
N LEU B 210 9.80 33.37 33.26
CA LEU B 210 8.67 32.96 34.08
C LEU B 210 8.64 31.43 34.11
N ALA B 211 8.44 30.85 35.30
CA ALA B 211 8.40 29.40 35.44
C ALA B 211 6.96 28.95 35.58
N GLN B 212 6.75 27.64 35.66
CA GLN B 212 5.39 27.11 35.77
C GLN B 212 4.78 27.54 37.09
N GLY B 213 5.64 27.77 38.06
CA GLY B 213 5.23 28.19 39.39
C GLY B 213 6.43 28.72 40.14
N ALA B 214 6.19 29.40 41.25
CA ALA B 214 7.26 29.96 42.06
C ALA B 214 8.37 28.96 42.37
N GLY B 215 9.61 29.42 42.21
CA GLY B 215 10.75 28.58 42.50
C GLY B 215 11.20 27.63 41.42
N LEU B 216 10.28 27.29 40.51
CA LEU B 216 10.61 26.39 39.42
C LEU B 216 11.49 27.08 38.36
N GLU B 217 12.08 26.28 37.49
CA GLU B 217 12.95 26.79 36.42
C GLU B 217 12.13 27.57 35.40
N SER B 218 12.54 28.81 35.11
CA SER B 218 11.83 29.63 34.14
C SER B 218 11.84 28.84 32.83
N HIS B 219 10.76 28.98 32.07
CA HIS B 219 10.58 28.22 30.84
C HIS B 219 9.84 29.01 29.77
N GLY B 220 10.21 28.79 28.51
CA GLY B 220 9.58 29.50 27.42
C GLY B 220 8.08 29.31 27.36
N GLY B 221 7.63 28.11 27.68
CA GLY B 221 6.21 27.81 27.67
C GLY B 221 5.45 28.60 28.72
N SER B 222 5.94 28.56 29.95
CA SER B 222 5.28 29.29 31.03
C SER B 222 5.44 30.80 30.88
N THR B 223 6.56 31.24 30.31
CA THR B 223 6.76 32.67 30.12
C THR B 223 5.72 33.18 29.15
N PHE B 224 5.46 32.40 28.11
CA PHE B 224 4.43 32.79 27.15
C PHE B 224 3.09 32.85 27.87
N CYS B 225 2.74 31.77 28.57
CA CYS B 225 1.48 31.73 29.27
C CYS B 225 1.29 32.90 30.22
N GLY B 226 2.34 33.25 30.95
CA GLY B 226 2.26 34.35 31.88
C GLY B 226 2.09 35.70 31.21
N ILE B 227 3.01 36.03 30.32
CA ILE B 227 2.97 37.30 29.61
C ILE B 227 1.69 37.43 28.79
N ALA B 228 1.32 36.38 28.06
CA ALA B 228 0.10 36.41 27.25
C ALA B 228 -1.13 36.62 28.12
N SER B 229 -1.15 35.98 29.29
CA SER B 229 -2.28 36.12 30.20
C SER B 229 -2.42 37.58 30.64
N LEU B 230 -1.29 38.19 30.99
CA LEU B 230 -1.31 39.58 31.43
C LEU B 230 -1.78 40.49 30.28
N CYS B 231 -1.29 40.24 29.07
CA CYS B 231 -1.70 41.04 27.92
C CYS B 231 -3.20 40.89 27.69
N LEU B 232 -3.70 39.67 27.85
CA LEU B 232 -5.12 39.44 27.65
C LEU B 232 -5.93 40.22 28.69
N MET B 233 -5.38 40.38 29.90
CA MET B 233 -6.05 41.12 30.97
C MET B 233 -5.76 42.60 30.80
N GLY B 234 -4.83 42.89 29.89
CA GLY B 234 -4.44 44.26 29.64
C GLY B 234 -3.79 44.87 30.86
N LYS B 235 -2.87 44.13 31.46
CA LYS B 235 -2.18 44.61 32.65
C LYS B 235 -0.69 44.35 32.65
N LEU B 236 -0.12 44.12 31.48
CA LEU B 236 1.30 43.85 31.39
C LEU B 236 2.09 44.98 32.06
N GLU B 237 1.85 46.19 31.56
CA GLU B 237 2.52 47.41 32.03
C GLU B 237 2.30 47.65 33.53
N GLU B 238 1.10 47.36 33.97
CA GLU B 238 0.70 47.55 35.36
C GLU B 238 1.33 46.55 36.33
N VAL B 239 1.55 45.33 35.87
CA VAL B 239 2.12 44.28 36.72
C VAL B 239 3.64 44.28 36.81
N PHE B 240 4.30 44.50 35.68
CA PHE B 240 5.75 44.51 35.68
C PHE B 240 6.30 45.92 35.39
N SER B 241 7.33 46.30 36.13
CA SER B 241 7.96 47.59 35.96
C SER B 241 8.76 47.57 34.67
N GLU B 242 9.19 48.73 34.21
CA GLU B 242 9.97 48.81 33.00
C GLU B 242 11.25 48.01 33.17
N LYS B 243 11.87 48.12 34.35
CA LYS B 243 13.11 47.41 34.62
C LYS B 243 12.85 45.91 34.54
N GLU B 244 11.69 45.49 35.07
CA GLU B 244 11.31 44.09 35.06
C GLU B 244 11.06 43.60 33.64
N LEU B 245 10.30 44.36 32.87
CA LEU B 245 10.02 44.00 31.49
C LEU B 245 11.31 43.91 30.69
N ASN B 246 12.27 44.77 30.97
CA ASN B 246 13.54 44.73 30.25
C ASN B 246 14.27 43.42 30.54
N ARG B 247 14.20 42.99 31.80
CA ARG B 247 14.86 41.76 32.20
C ARG B 247 14.20 40.56 31.56
N ILE B 248 12.86 40.60 31.49
CA ILE B 248 12.10 39.52 30.88
C ILE B 248 12.42 39.46 29.40
N LYS B 249 12.45 40.63 28.75
CA LYS B 249 12.78 40.70 27.33
C LYS B 249 14.15 40.09 27.08
N ARG B 250 15.11 40.43 27.93
CA ARG B 250 16.45 39.89 27.80
C ARG B 250 16.43 38.37 27.83
N TRP B 251 15.72 37.82 28.81
CA TRP B 251 15.63 36.37 28.98
C TRP B 251 15.04 35.72 27.74
N CYS B 252 13.95 36.32 27.25
CA CYS B 252 13.28 35.81 26.07
C CYS B 252 14.14 35.84 24.82
N ILE B 253 14.69 37.01 24.50
CA ILE B 253 15.50 37.10 23.30
C ILE B 253 16.76 36.24 23.35
N MET B 254 17.19 35.86 24.54
CA MET B 254 18.38 35.01 24.65
C MET B 254 18.05 33.57 24.27
N ARG B 255 16.77 33.30 24.08
CA ARG B 255 16.32 31.95 23.71
C ARG B 255 16.62 31.59 22.26
N GLN B 256 16.86 32.59 21.41
CA GLN B 256 17.14 32.28 20.01
C GLN B 256 18.57 31.80 19.80
N GLN B 257 18.70 30.61 19.22
CA GLN B 257 19.99 30.02 18.92
C GLN B 257 20.15 30.10 17.40
N ASN B 258 19.03 29.82 16.73
CA ASN B 258 18.85 29.87 15.26
C ASN B 258 17.33 29.81 15.28
N GLY B 259 16.83 28.69 15.80
CA GLY B 259 15.41 28.53 16.02
C GLY B 259 15.35 28.90 17.51
N TYR B 260 14.32 28.47 18.23
CA TYR B 260 14.27 28.81 19.65
C TYR B 260 14.19 27.59 20.55
N HIS B 261 14.80 27.68 21.73
CA HIS B 261 14.71 26.58 22.69
C HIS B 261 13.83 27.10 23.84
N GLY B 262 13.33 26.20 24.69
CA GLY B 262 12.47 26.63 25.78
C GLY B 262 13.18 27.00 27.08
N ARG B 263 14.45 26.61 27.21
CA ARG B 263 15.24 26.88 28.40
C ARG B 263 16.72 26.99 28.05
N PRO B 264 17.47 27.78 28.84
CA PRO B 264 18.90 27.93 28.56
C PRO B 264 19.55 26.55 28.47
N ASN B 265 20.50 26.41 27.54
CA ASN B 265 21.22 25.16 27.34
C ASN B 265 20.41 23.95 26.92
N LYS B 266 19.24 24.18 26.32
CA LYS B 266 18.40 23.10 25.82
C LYS B 266 18.35 23.24 24.30
N PRO B 267 18.21 22.12 23.58
CA PRO B 267 18.14 22.17 22.12
C PRO B 267 16.89 22.90 21.61
N VAL B 268 17.02 23.57 20.46
CA VAL B 268 15.89 24.29 19.90
C VAL B 268 14.79 23.32 19.52
N ASP B 269 13.57 23.85 19.50
CA ASP B 269 12.38 23.08 19.18
C ASP B 269 11.43 24.02 18.43
N THR B 270 10.99 23.60 17.24
CA THR B 270 10.11 24.40 16.43
C THR B 270 8.99 25.13 17.16
N CYS B 271 8.27 24.43 18.05
CA CYS B 271 7.15 25.09 18.74
C CYS B 271 7.55 26.33 19.52
N TYR B 272 8.81 26.43 19.90
CA TYR B 272 9.24 27.62 20.64
C TYR B 272 9.34 28.86 19.78
N SER B 273 9.33 28.65 18.46
CA SER B 273 9.35 29.78 17.55
C SER B 273 8.06 30.53 17.81
N PHE B 274 7.06 29.84 18.35
CA PHE B 274 5.82 30.53 18.67
C PHE B 274 5.79 30.92 20.14
N TRP B 275 5.99 29.95 21.03
CA TRP B 275 5.96 30.22 22.48
C TRP B 275 6.80 31.44 22.83
N VAL B 276 8.09 31.41 22.46
CA VAL B 276 8.98 32.51 22.76
C VAL B 276 8.76 33.67 21.79
N GLY B 277 8.66 33.34 20.50
CA GLY B 277 8.46 34.36 19.48
C GLY B 277 7.25 35.23 19.75
N ALA B 278 6.15 34.60 20.15
CA ALA B 278 4.94 35.34 20.44
C ALA B 278 5.14 36.23 21.66
N THR B 279 5.90 35.74 22.64
CA THR B 279 6.15 36.52 23.84
C THR B 279 6.93 37.76 23.42
N LEU B 280 7.98 37.54 22.61
CA LEU B 280 8.78 38.65 22.13
C LEU B 280 7.92 39.66 21.38
N LYS B 281 6.96 39.16 20.61
CA LYS B 281 6.07 40.03 19.85
C LYS B 281 5.22 40.84 20.83
N LEU B 282 4.70 40.19 21.86
CA LEU B 282 3.90 40.89 22.85
C LEU B 282 4.74 41.95 23.57
N LEU B 283 6.03 41.66 23.74
CA LEU B 283 6.93 42.59 24.40
C LEU B 283 7.50 43.61 23.40
N LYS B 284 6.96 43.57 22.18
CA LYS B 284 7.36 44.48 21.12
C LYS B 284 8.82 44.52 20.74
N ILE B 285 9.51 43.39 20.82
CA ILE B 285 10.91 43.37 20.43
C ILE B 285 11.23 42.18 19.55
N PHE B 286 10.20 41.49 19.05
CA PHE B 286 10.43 40.34 18.17
C PHE B 286 11.12 40.85 16.91
N GLN B 287 10.82 42.10 16.59
CA GLN B 287 11.38 42.78 15.43
C GLN B 287 12.89 42.84 15.47
N TYR B 288 13.47 42.69 16.66
CA TYR B 288 14.92 42.76 16.79
C TYR B 288 15.60 41.41 16.77
N THR B 289 14.81 40.36 16.50
CA THR B 289 15.38 39.02 16.44
C THR B 289 15.87 38.76 15.02
N ASN B 290 16.58 37.68 14.81
CA ASN B 290 17.08 37.34 13.48
C ASN B 290 16.02 36.47 12.79
N PHE B 291 15.33 37.03 11.80
CA PHE B 291 14.29 36.29 11.11
C PHE B 291 14.77 35.11 10.27
N GLU B 292 15.80 35.34 9.46
CA GLU B 292 16.31 34.31 8.59
C GLU B 292 16.69 33.01 9.26
N LYS B 293 17.50 33.07 10.30
CA LYS B 293 17.92 31.86 10.99
C LYS B 293 16.71 31.12 11.60
N ASN B 294 15.75 31.89 12.09
CA ASN B 294 14.56 31.31 12.69
C ASN B 294 13.76 30.61 11.58
N ARG B 295 13.47 31.34 10.51
CA ARG B 295 12.71 30.81 9.38
C ARG B 295 13.40 29.57 8.83
N ASN B 296 14.72 29.65 8.68
CA ASN B 296 15.46 28.51 8.16
C ASN B 296 15.30 27.30 9.03
N TYR B 297 15.42 27.49 10.35
CA TYR B 297 15.27 26.36 11.25
C TYR B 297 13.88 25.75 11.14
N ILE B 298 12.85 26.59 11.24
CA ILE B 298 11.48 26.10 11.16
C ILE B 298 11.30 25.25 9.91
N LEU B 299 11.71 25.78 8.76
CA LEU B 299 11.57 25.05 7.51
C LEU B 299 12.37 23.76 7.50
N SER B 300 13.50 23.72 8.19
CA SER B 300 14.30 22.51 8.23
C SER B 300 13.57 21.37 8.92
N THR B 301 12.47 21.68 9.60
CA THR B 301 11.70 20.66 10.31
C THR B 301 10.42 20.34 9.55
N GLN B 302 10.30 20.92 8.36
CA GLN B 302 9.13 20.74 7.52
C GLN B 302 9.19 19.37 6.86
N ASP B 303 8.10 18.61 6.90
CA ASP B 303 8.09 17.30 6.26
C ASP B 303 7.56 17.52 4.84
N ARG B 304 8.48 17.55 3.88
CA ARG B 304 8.13 17.79 2.48
C ARG B 304 7.27 16.71 1.84
N LEU B 305 7.24 15.55 2.47
CA LEU B 305 6.46 14.43 1.95
C LEU B 305 5.01 14.44 2.46
N VAL B 306 4.84 14.32 3.77
CA VAL B 306 3.50 14.27 4.36
C VAL B 306 2.96 15.64 4.79
N GLY B 307 3.84 16.62 4.91
CA GLY B 307 3.42 17.94 5.32
C GLY B 307 3.57 18.09 6.83
N GLY B 308 3.24 19.28 7.34
CA GLY B 308 3.37 19.53 8.77
C GLY B 308 4.82 19.78 9.16
N PHE B 309 5.05 20.03 10.44
CA PHE B 309 6.42 20.26 10.94
C PHE B 309 6.67 19.39 12.16
N ALA B 310 7.95 19.18 12.46
CA ALA B 310 8.35 18.38 13.60
C ALA B 310 9.10 19.29 14.56
N LYS B 311 9.43 18.80 15.75
CA LYS B 311 10.14 19.65 16.69
C LYS B 311 11.57 19.84 16.21
N TRP B 312 12.13 18.78 15.62
CA TRP B 312 13.49 18.82 15.10
C TRP B 312 13.53 18.36 13.65
N PRO B 313 14.60 18.71 12.94
CA PRO B 313 14.71 18.28 11.54
C PRO B 313 14.87 16.77 11.44
N ASP B 314 14.37 16.20 10.35
CA ASP B 314 14.45 14.75 10.14
C ASP B 314 13.78 14.02 11.29
N SER B 315 12.64 14.56 11.73
CA SER B 315 11.88 13.98 12.81
C SER B 315 10.43 13.90 12.32
N HIS B 316 9.60 13.06 12.91
CA HIS B 316 8.22 12.96 12.43
C HIS B 316 7.37 14.14 12.87
N PRO B 317 6.55 14.66 11.95
CA PRO B 317 5.67 15.79 12.24
C PRO B 317 4.43 15.40 13.02
N ASP B 318 3.79 16.40 13.62
CA ASP B 318 2.56 16.18 14.37
C ASP B 318 1.75 17.47 14.30
N ALA B 319 0.48 17.39 14.69
CA ALA B 319 -0.40 18.54 14.65
C ALA B 319 0.12 19.74 15.41
N LEU B 320 0.62 19.50 16.63
CA LEU B 320 1.13 20.58 17.46
C LEU B 320 2.27 21.34 16.81
N HIS B 321 3.30 20.65 16.35
CA HIS B 321 4.41 21.36 15.74
C HIS B 321 4.08 21.92 14.36
N ALA B 322 3.14 21.28 13.67
CA ALA B 322 2.71 21.77 12.38
C ALA B 322 2.07 23.13 12.62
N TYR B 323 1.16 23.19 13.61
CA TYR B 323 0.48 24.43 13.92
C TYR B 323 1.42 25.52 14.45
N PHE B 324 2.23 25.18 15.45
CA PHE B 324 3.12 26.18 16.02
C PHE B 324 4.23 26.59 15.07
N GLY B 325 4.63 25.70 14.19
CA GLY B 325 5.68 26.06 13.24
C GLY B 325 5.11 27.10 12.30
N ILE B 326 3.85 26.90 11.91
CA ILE B 326 3.18 27.82 11.02
C ILE B 326 2.98 29.16 11.73
N CYS B 327 2.52 29.12 12.98
CA CYS B 327 2.34 30.37 13.71
C CYS B 327 3.69 31.06 13.88
N GLY B 328 4.75 30.27 14.02
CA GLY B 328 6.09 30.83 14.16
C GLY B 328 6.41 31.60 12.89
N LEU B 329 6.13 31.00 11.74
CA LEU B 329 6.37 31.64 10.45
C LEU B 329 5.49 32.89 10.34
N SER B 330 4.26 32.78 10.82
CA SER B 330 3.32 33.88 10.81
C SER B 330 3.86 35.11 11.52
N LEU B 331 4.47 34.90 12.68
CA LEU B 331 5.05 35.99 13.44
C LEU B 331 5.95 36.86 12.56
N MET B 332 6.56 36.25 11.54
CA MET B 332 7.45 36.96 10.62
C MET B 332 6.77 37.29 9.29
N GLU B 333 5.44 37.22 9.28
CA GLU B 333 4.63 37.51 8.08
C GLU B 333 5.02 36.76 6.83
N GLU B 334 5.11 35.43 6.98
CA GLU B 334 5.44 34.50 5.91
C GLU B 334 4.48 34.75 4.74
N SER B 335 5.01 34.69 3.52
CA SER B 335 4.15 34.90 2.36
C SER B 335 3.15 33.76 2.27
N GLY B 336 1.88 34.08 2.47
CA GLY B 336 0.86 33.05 2.41
C GLY B 336 0.27 32.64 3.73
N ILE B 337 0.68 33.28 4.83
CA ILE B 337 0.18 32.94 6.16
C ILE B 337 -0.40 34.14 6.89
N CYS B 338 -1.62 34.02 7.38
CA CYS B 338 -2.26 35.10 8.11
C CYS B 338 -1.46 35.53 9.33
N LYS B 339 -1.69 36.76 9.78
CA LYS B 339 -1.02 37.28 10.98
C LYS B 339 -1.71 36.61 12.17
N VAL B 340 -0.92 36.05 13.06
CA VAL B 340 -1.48 35.41 14.24
C VAL B 340 -1.52 36.40 15.41
N HIS B 341 -2.60 36.34 16.18
CA HIS B 341 -2.74 37.17 17.37
C HIS B 341 -1.82 36.46 18.38
N PRO B 342 -0.69 37.07 18.73
CA PRO B 342 0.28 36.50 19.68
C PRO B 342 -0.17 36.19 21.11
N ALA B 343 -1.30 36.72 21.54
CA ALA B 343 -1.73 36.45 22.90
C ALA B 343 -2.90 35.49 22.95
N LEU B 344 -3.76 35.55 21.94
CA LEU B 344 -4.95 34.70 21.90
C LEU B 344 -4.73 33.38 21.17
N ASN B 345 -3.69 33.32 20.36
CA ASN B 345 -3.34 32.13 19.62
C ASN B 345 -4.36 31.72 18.56
N VAL B 346 -4.92 32.72 17.89
CA VAL B 346 -5.87 32.52 16.78
C VAL B 346 -5.40 33.53 15.74
N SER B 347 -5.93 33.47 14.53
CA SER B 347 -5.52 34.44 13.52
C SER B 347 -6.07 35.82 13.90
N THR B 348 -5.39 36.88 13.48
CA THR B 348 -5.86 38.24 13.78
C THR B 348 -7.25 38.39 13.18
N ARG B 349 -7.45 37.78 12.02
CA ARG B 349 -8.74 37.80 11.36
C ARG B 349 -9.82 37.29 12.31
N THR B 350 -9.51 36.19 13.00
CA THR B 350 -10.45 35.61 13.94
C THR B 350 -10.57 36.48 15.19
N SER B 351 -9.46 37.07 15.60
CA SER B 351 -9.49 37.92 16.78
C SER B 351 -10.39 39.11 16.48
N GLU B 352 -10.34 39.58 15.23
CA GLU B 352 -11.17 40.70 14.79
C GLU B 352 -12.65 40.29 14.83
N ARG B 353 -12.95 39.12 14.28
CA ARG B 353 -14.32 38.65 14.27
C ARG B 353 -14.82 38.57 15.70
N LEU B 354 -13.92 38.27 16.62
CA LEU B 354 -14.27 38.18 18.03
C LEU B 354 -14.63 39.57 18.58
N ARG B 355 -13.87 40.59 18.17
CA ARG B 355 -14.14 41.95 18.62
C ARG B 355 -15.55 42.34 18.23
N ASP B 356 -15.94 41.97 17.00
CA ASP B 356 -17.26 42.27 16.48
C ASP B 356 -18.31 41.55 17.32
N LEU B 357 -18.03 40.29 17.63
CA LEU B 357 -18.94 39.48 18.42
C LEU B 357 -19.20 40.15 19.76
N HIS B 358 -18.14 40.62 20.41
CA HIS B 358 -18.27 41.27 21.71
C HIS B 358 -19.10 42.54 21.60
N GLN B 359 -18.86 43.32 20.54
CA GLN B 359 -19.59 44.56 20.33
C GLN B 359 -21.07 44.23 20.16
N SER B 360 -21.38 43.28 19.27
CA SER B 360 -22.77 42.90 19.02
C SER B 360 -23.49 42.51 20.31
N TRP B 361 -22.79 41.84 21.21
CA TRP B 361 -23.40 41.43 22.47
C TRP B 361 -23.82 42.66 23.26
N LYS B 362 -22.95 43.66 23.30
CA LYS B 362 -23.21 44.91 24.03
C LYS B 362 -24.30 45.75 23.38
N THR B 363 -25.53 45.26 23.45
CA THR B 363 -26.69 45.94 22.88
C THR B 363 -27.96 45.39 23.56
N PHE C 55 -30.16 -35.45 -56.16
CA PHE C 55 -31.48 -35.94 -56.65
C PHE C 55 -32.37 -36.51 -55.52
N LEU C 56 -32.33 -37.83 -55.35
CA LEU C 56 -33.14 -38.51 -54.34
C LEU C 56 -32.57 -38.35 -52.92
N SER C 57 -33.20 -37.48 -52.13
CA SER C 57 -32.77 -37.23 -50.75
C SER C 57 -32.90 -38.45 -49.82
N LEU C 58 -32.12 -38.45 -48.73
CA LEU C 58 -32.12 -39.56 -47.77
C LEU C 58 -33.37 -39.76 -46.92
N ASP C 59 -34.28 -38.80 -46.98
CA ASP C 59 -35.52 -38.88 -46.21
C ASP C 59 -36.73 -38.85 -47.15
N SER C 60 -36.48 -38.78 -48.45
CA SER C 60 -37.58 -38.78 -49.42
C SER C 60 -38.38 -40.06 -49.25
N PRO C 61 -39.70 -39.94 -49.30
CA PRO C 61 -40.53 -41.13 -49.16
C PRO C 61 -40.08 -42.16 -50.18
N THR C 62 -39.66 -41.66 -51.36
CA THR C 62 -39.22 -42.49 -52.48
C THR C 62 -37.74 -42.86 -52.49
N TYR C 63 -37.05 -42.69 -51.36
CA TYR C 63 -35.64 -43.03 -51.28
C TYR C 63 -35.47 -44.54 -51.37
N VAL C 64 -34.53 -44.99 -52.20
CA VAL C 64 -34.28 -46.40 -52.38
C VAL C 64 -32.85 -46.71 -51.99
N LEU C 65 -32.65 -47.84 -51.32
CA LEU C 65 -31.30 -48.23 -50.93
C LEU C 65 -30.53 -48.48 -52.22
N TYR C 66 -29.21 -48.27 -52.17
CA TYR C 66 -28.36 -48.47 -53.34
C TYR C 66 -28.34 -49.93 -53.77
N ARG C 67 -28.58 -50.83 -52.82
CA ARG C 67 -28.61 -52.26 -53.09
C ARG C 67 -29.79 -52.60 -54.02
N ASP C 68 -30.80 -51.72 -54.02
CA ASP C 68 -31.99 -51.91 -54.84
C ASP C 68 -32.05 -50.97 -56.04
N ARG C 69 -30.91 -50.39 -56.41
CA ARG C 69 -30.90 -49.47 -57.55
C ARG C 69 -30.29 -50.12 -58.78
N ALA C 70 -31.04 -50.08 -59.87
CA ALA C 70 -30.61 -50.66 -61.13
C ALA C 70 -29.25 -50.13 -61.58
N GLU C 71 -29.06 -48.81 -61.45
CA GLU C 71 -27.81 -48.15 -61.85
C GLU C 71 -26.60 -48.67 -61.09
N TRP C 72 -26.83 -49.33 -59.96
CA TRP C 72 -25.76 -49.84 -59.13
C TRP C 72 -25.67 -51.36 -59.06
N ALA C 73 -26.37 -52.04 -59.95
CA ALA C 73 -26.37 -53.49 -59.95
C ALA C 73 -25.01 -54.11 -60.30
N ASP C 74 -24.22 -53.42 -61.11
CA ASP C 74 -22.90 -53.92 -61.52
C ASP C 74 -21.84 -53.85 -60.44
N ILE C 75 -22.10 -53.05 -59.41
CA ILE C 75 -21.15 -52.88 -58.32
C ILE C 75 -21.43 -53.77 -57.11
N ASP C 76 -20.38 -54.41 -56.61
CA ASP C 76 -20.49 -55.25 -55.43
C ASP C 76 -20.13 -54.41 -54.21
N PRO C 77 -21.09 -54.18 -53.31
CA PRO C 77 -20.82 -53.39 -52.11
C PRO C 77 -19.69 -53.97 -51.27
N VAL C 78 -18.86 -53.08 -50.73
CA VAL C 78 -17.74 -53.48 -49.89
C VAL C 78 -18.05 -53.15 -48.44
N PRO C 79 -18.12 -54.19 -47.59
CA PRO C 79 -18.43 -54.02 -46.17
C PRO C 79 -17.22 -53.65 -45.33
N GLN C 80 -17.48 -52.98 -44.23
CA GLN C 80 -16.44 -52.58 -43.31
C GLN C 80 -16.32 -53.73 -42.31
N ASN C 81 -15.09 -54.10 -41.94
CA ASN C 81 -14.93 -55.19 -40.97
C ASN C 81 -13.82 -54.93 -39.95
N ASP C 82 -14.22 -54.83 -38.68
CA ASP C 82 -13.29 -54.58 -37.60
C ASP C 82 -12.77 -55.87 -36.98
N GLY C 83 -12.69 -56.92 -37.77
CA GLY C 83 -12.19 -58.19 -37.25
C GLY C 83 -13.06 -58.87 -36.22
N PRO C 84 -12.51 -59.90 -35.55
CA PRO C 84 -13.20 -60.69 -34.52
C PRO C 84 -13.72 -59.94 -33.30
N SER C 85 -12.95 -58.97 -32.81
CA SER C 85 -13.35 -58.21 -31.64
C SER C 85 -13.33 -56.71 -31.89
N PRO C 86 -14.42 -56.17 -32.46
CA PRO C 86 -14.51 -54.75 -32.75
C PRO C 86 -14.39 -53.85 -31.51
N VAL C 87 -13.64 -52.76 -31.66
CA VAL C 87 -13.45 -51.78 -30.59
C VAL C 87 -14.11 -50.46 -30.98
N VAL C 88 -14.76 -49.81 -30.02
CA VAL C 88 -15.42 -48.54 -30.27
C VAL C 88 -16.20 -48.60 -31.58
N GLN C 89 -16.95 -49.69 -31.74
CA GLN C 89 -17.75 -49.90 -32.93
C GLN C 89 -19.09 -49.17 -32.88
N ILE C 90 -19.33 -48.33 -33.89
CA ILE C 90 -20.56 -47.56 -33.98
C ILE C 90 -21.64 -48.38 -34.69
N ILE C 91 -22.84 -48.42 -34.14
CA ILE C 91 -23.91 -49.18 -34.78
C ILE C 91 -24.54 -48.33 -35.88
N TYR C 92 -24.73 -48.94 -37.05
CA TYR C 92 -25.29 -48.24 -38.18
C TYR C 92 -26.62 -48.77 -38.69
N SER C 93 -27.49 -47.86 -39.13
CA SER C 93 -28.79 -48.24 -39.66
C SER C 93 -28.61 -48.92 -41.02
N GLU C 94 -29.67 -49.54 -41.50
CA GLU C 94 -29.63 -50.21 -42.79
C GLU C 94 -29.20 -49.21 -43.87
N LYS C 95 -29.86 -48.04 -43.87
CA LYS C 95 -29.56 -46.99 -44.84
C LYS C 95 -28.10 -46.57 -44.81
N PHE C 96 -27.65 -46.19 -43.62
CA PHE C 96 -26.28 -45.74 -43.41
C PHE C 96 -25.26 -46.73 -43.96
N ARG C 97 -25.33 -47.96 -43.47
CA ARG C 97 -24.41 -48.99 -43.92
C ARG C 97 -24.51 -49.21 -45.42
N ASP C 98 -25.70 -49.06 -45.95
CA ASP C 98 -25.92 -49.24 -47.38
C ASP C 98 -25.14 -48.20 -48.19
N VAL C 99 -25.33 -46.93 -47.87
CA VAL C 99 -24.63 -45.87 -48.56
C VAL C 99 -23.12 -46.07 -48.50
N TYR C 100 -22.61 -46.32 -47.31
CA TYR C 100 -21.17 -46.47 -47.17
C TYR C 100 -20.59 -47.75 -47.72
N ASP C 101 -21.40 -48.81 -47.81
CA ASP C 101 -20.89 -50.07 -48.37
C ASP C 101 -20.63 -49.82 -49.85
N TYR C 102 -21.47 -48.98 -50.47
CA TYR C 102 -21.28 -48.68 -51.88
C TYR C 102 -20.21 -47.62 -52.05
N PHE C 103 -20.07 -46.74 -51.07
CA PHE C 103 -19.03 -45.74 -51.15
C PHE C 103 -17.68 -46.46 -51.15
N ARG C 104 -17.53 -47.44 -50.27
CA ARG C 104 -16.28 -48.21 -50.18
C ARG C 104 -15.97 -48.87 -51.52
N ALA C 105 -17.01 -49.40 -52.15
CA ALA C 105 -16.86 -50.07 -53.44
C ALA C 105 -16.34 -49.09 -54.49
N VAL C 106 -17.06 -47.98 -54.66
CA VAL C 106 -16.67 -46.97 -55.63
C VAL C 106 -15.28 -46.42 -55.34
N LEU C 107 -15.03 -46.13 -54.06
CA LEU C 107 -13.76 -45.58 -53.60
C LEU C 107 -12.62 -46.56 -53.92
N GLN C 108 -12.85 -47.82 -53.59
CA GLN C 108 -11.86 -48.86 -53.81
C GLN C 108 -11.46 -49.03 -55.27
N ARG C 109 -12.37 -48.72 -56.18
CA ARG C 109 -12.08 -48.86 -57.60
C ARG C 109 -11.76 -47.52 -58.23
N ASP C 110 -11.64 -46.49 -57.41
CA ASP C 110 -11.33 -45.16 -57.90
C ASP C 110 -12.18 -44.81 -59.12
N GLU C 111 -13.47 -45.18 -59.07
CA GLU C 111 -14.38 -44.91 -60.16
C GLU C 111 -14.77 -43.43 -60.25
N ARG C 112 -14.26 -42.75 -61.27
CA ARG C 112 -14.56 -41.32 -61.45
C ARG C 112 -15.88 -41.14 -62.21
N SER C 113 -16.96 -41.72 -61.73
CA SER C 113 -18.25 -41.62 -62.39
C SER C 113 -19.17 -40.53 -61.86
N GLU C 114 -20.27 -40.31 -62.57
CA GLU C 114 -21.24 -39.31 -62.16
C GLU C 114 -22.09 -39.89 -61.04
N ARG C 115 -22.24 -41.21 -61.04
CA ARG C 115 -23.04 -41.84 -60.01
C ARG C 115 -22.28 -41.82 -58.69
N ALA C 116 -20.95 -41.88 -58.79
CA ALA C 116 -20.10 -41.83 -57.60
C ALA C 116 -20.23 -40.44 -57.01
N PHE C 117 -20.18 -39.43 -57.87
CA PHE C 117 -20.30 -38.06 -57.42
C PHE C 117 -21.61 -37.86 -56.66
N LYS C 118 -22.69 -38.42 -57.17
CA LYS C 118 -23.99 -38.30 -56.51
C LYS C 118 -23.98 -39.07 -55.20
N LEU C 119 -23.25 -40.18 -55.17
CA LEU C 119 -23.15 -41.00 -53.97
C LEU C 119 -22.48 -40.23 -52.84
N THR C 120 -21.48 -39.41 -53.17
CA THR C 120 -20.79 -38.65 -52.14
C THR C 120 -21.73 -37.70 -51.44
N ARG C 121 -22.72 -37.18 -52.16
CA ARG C 121 -23.66 -36.26 -51.54
C ARG C 121 -24.39 -36.94 -50.38
N ASP C 122 -24.73 -38.21 -50.56
CA ASP C 122 -25.42 -38.97 -49.52
C ASP C 122 -24.48 -39.33 -48.39
N ALA C 123 -23.25 -39.70 -48.74
CA ALA C 123 -22.25 -40.05 -47.74
C ALA C 123 -22.01 -38.84 -46.86
N ILE C 124 -21.95 -37.67 -47.48
CA ILE C 124 -21.73 -36.45 -46.73
C ILE C 124 -22.92 -36.10 -45.86
N GLU C 125 -24.12 -36.40 -46.32
CA GLU C 125 -25.28 -36.09 -45.51
C GLU C 125 -25.27 -36.99 -44.28
N LEU C 126 -24.76 -38.20 -44.45
CA LEU C 126 -24.68 -39.15 -43.34
C LEU C 126 -23.56 -38.82 -42.37
N ASN C 127 -22.46 -38.27 -42.90
CA ASN C 127 -21.33 -37.92 -42.07
C ASN C 127 -20.37 -36.95 -42.75
N ALA C 128 -20.61 -35.66 -42.55
CA ALA C 128 -19.78 -34.62 -43.15
C ALA C 128 -18.38 -34.54 -42.56
N ALA C 129 -18.10 -35.39 -41.58
CA ALA C 129 -16.79 -35.39 -40.94
C ALA C 129 -15.84 -36.40 -41.57
N ASN C 130 -16.35 -37.18 -42.52
CA ASN C 130 -15.51 -38.16 -43.19
C ASN C 130 -14.66 -37.42 -44.21
N TYR C 131 -13.43 -37.10 -43.82
CA TYR C 131 -12.51 -36.37 -44.70
C TYR C 131 -12.20 -37.07 -46.02
N THR C 132 -12.19 -38.41 -46.01
CA THR C 132 -11.92 -39.15 -47.23
C THR C 132 -13.02 -38.88 -48.27
N VAL C 133 -14.27 -38.87 -47.81
CA VAL C 133 -15.38 -38.62 -48.71
C VAL C 133 -15.20 -37.28 -49.39
N TRP C 134 -14.86 -36.24 -48.63
CA TRP C 134 -14.65 -34.91 -49.22
C TRP C 134 -13.49 -34.89 -50.22
N HIS C 135 -12.42 -35.63 -49.92
CA HIS C 135 -11.29 -35.64 -50.83
C HIS C 135 -11.72 -36.28 -52.15
N PHE C 136 -12.37 -37.42 -52.06
CA PHE C 136 -12.82 -38.12 -53.25
C PHE C 136 -13.77 -37.23 -54.03
N ARG C 137 -14.64 -36.52 -53.32
CA ARG C 137 -15.57 -35.64 -54.00
C ARG C 137 -14.78 -34.58 -54.77
N ARG C 138 -13.67 -34.13 -54.21
CA ARG C 138 -12.86 -33.12 -54.89
C ARG C 138 -12.19 -33.73 -56.11
N VAL C 139 -11.79 -34.98 -56.00
CA VAL C 139 -11.18 -35.68 -57.12
C VAL C 139 -12.21 -35.70 -58.24
N LEU C 140 -13.45 -36.07 -57.91
CA LEU C 140 -14.53 -36.13 -58.87
C LEU C 140 -14.85 -34.76 -59.46
N LEU C 141 -14.88 -33.73 -58.61
CA LEU C 141 -15.17 -32.38 -59.10
C LEU C 141 -14.24 -32.04 -60.25
N ARG C 142 -12.97 -32.44 -60.14
CA ARG C 142 -11.98 -32.18 -61.18
C ARG C 142 -12.20 -33.13 -62.36
N SER C 143 -12.17 -34.44 -62.11
CA SER C 143 -12.39 -35.44 -63.15
C SER C 143 -13.59 -35.16 -64.02
N LEU C 144 -14.73 -34.88 -63.39
CA LEU C 144 -15.96 -34.62 -64.13
C LEU C 144 -16.13 -33.15 -64.50
N GLN C 145 -15.11 -32.35 -64.24
CA GLN C 145 -15.16 -30.93 -64.54
C GLN C 145 -16.51 -30.31 -64.18
N LYS C 146 -16.90 -30.46 -62.92
CA LYS C 146 -18.18 -29.96 -62.43
C LYS C 146 -18.13 -28.46 -62.25
N ASP C 147 -19.30 -27.82 -62.27
CA ASP C 147 -19.40 -26.39 -62.09
C ASP C 147 -19.05 -26.04 -60.65
N LEU C 148 -17.88 -25.44 -60.45
CA LEU C 148 -17.44 -25.08 -59.12
C LEU C 148 -18.31 -24.04 -58.45
N GLN C 149 -18.97 -23.21 -59.24
CA GLN C 149 -19.82 -22.18 -58.67
C GLN C 149 -21.02 -22.85 -58.02
N GLU C 150 -21.40 -24.01 -58.55
CA GLU C 150 -22.51 -24.77 -58.01
C GLU C 150 -22.05 -25.37 -56.68
N GLU C 151 -20.83 -25.91 -56.66
CA GLU C 151 -20.26 -26.52 -55.46
C GLU C 151 -20.16 -25.48 -54.34
N MET C 152 -19.91 -24.23 -54.70
CA MET C 152 -19.83 -23.17 -53.69
C MET C 152 -21.17 -23.03 -52.98
N ASN C 153 -22.27 -23.16 -53.71
CA ASN C 153 -23.57 -23.05 -53.08
C ASN C 153 -23.76 -24.23 -52.17
N TYR C 154 -23.34 -25.39 -52.63
CA TYR C 154 -23.45 -26.61 -51.85
C TYR C 154 -22.73 -26.48 -50.52
N ILE C 155 -21.44 -26.19 -50.58
CA ILE C 155 -20.65 -26.06 -49.36
C ILE C 155 -21.18 -24.92 -48.50
N ILE C 156 -21.71 -23.88 -49.11
CA ILE C 156 -22.24 -22.77 -48.32
C ILE C 156 -23.39 -23.24 -47.43
N ALA C 157 -24.25 -24.10 -47.98
CA ALA C 157 -25.37 -24.63 -47.22
C ALA C 157 -24.85 -25.57 -46.13
N ILE C 158 -23.95 -26.48 -46.52
CA ILE C 158 -23.39 -27.44 -45.59
C ILE C 158 -22.75 -26.79 -44.36
N ILE C 159 -21.91 -25.80 -44.59
CA ILE C 159 -21.25 -25.10 -43.49
C ILE C 159 -22.23 -24.42 -42.55
N GLU C 160 -23.33 -23.91 -43.08
CA GLU C 160 -24.32 -23.24 -42.23
C GLU C 160 -24.93 -24.23 -41.25
N GLU C 161 -25.11 -25.47 -41.70
CA GLU C 161 -25.68 -26.52 -40.85
C GLU C 161 -24.63 -27.09 -39.89
N GLN C 162 -23.37 -27.10 -40.30
CA GLN C 162 -22.31 -27.64 -39.46
C GLN C 162 -21.10 -26.72 -39.46
N PRO C 163 -21.25 -25.52 -38.89
CA PRO C 163 -20.19 -24.52 -38.81
C PRO C 163 -18.96 -24.86 -37.98
N LYS C 164 -18.98 -25.98 -37.29
CA LYS C 164 -17.84 -26.37 -36.45
C LYS C 164 -17.12 -27.60 -36.97
N ASN C 165 -17.37 -27.94 -38.22
CA ASN C 165 -16.77 -29.11 -38.86
C ASN C 165 -15.50 -28.68 -39.61
N TYR C 166 -14.38 -29.35 -39.34
CA TYR C 166 -13.10 -29.01 -39.98
C TYR C 166 -13.09 -29.29 -41.48
N GLN C 167 -13.60 -30.44 -41.88
CA GLN C 167 -13.61 -30.83 -43.28
C GLN C 167 -14.35 -29.87 -44.20
N VAL C 168 -15.47 -29.34 -43.74
CA VAL C 168 -16.25 -28.42 -44.58
C VAL C 168 -15.55 -27.09 -44.81
N TRP C 169 -14.85 -26.57 -43.81
CA TRP C 169 -14.15 -25.31 -44.01
C TRP C 169 -12.95 -25.55 -44.92
N HIS C 170 -12.33 -26.71 -44.79
CA HIS C 170 -11.18 -27.03 -45.62
C HIS C 170 -11.64 -27.10 -47.07
N HIS C 171 -12.77 -27.78 -47.29
CA HIS C 171 -13.31 -27.92 -48.63
C HIS C 171 -13.56 -26.56 -49.25
N ARG C 172 -14.23 -25.68 -48.51
CA ARG C 172 -14.52 -24.35 -49.04
C ARG C 172 -13.25 -23.62 -49.40
N ARG C 173 -12.23 -23.75 -48.57
CA ARG C 173 -10.98 -23.06 -48.86
C ARG C 173 -10.35 -23.56 -50.15
N VAL C 174 -10.40 -24.87 -50.37
CA VAL C 174 -9.84 -25.41 -51.59
C VAL C 174 -10.59 -24.87 -52.80
N LEU C 175 -11.92 -24.81 -52.70
CA LEU C 175 -12.73 -24.30 -53.80
C LEU C 175 -12.36 -22.87 -54.13
N VAL C 176 -12.26 -22.02 -53.11
CA VAL C 176 -11.91 -20.64 -53.33
C VAL C 176 -10.54 -20.52 -53.97
N GLU C 177 -9.61 -21.41 -53.62
CA GLU C 177 -8.28 -21.38 -54.22
C GLU C 177 -8.41 -21.73 -55.70
N TRP C 178 -9.18 -22.77 -56.00
CA TRP C 178 -9.40 -23.18 -57.38
C TRP C 178 -10.01 -22.06 -58.21
N LEU C 179 -11.06 -21.42 -57.70
CA LEU C 179 -11.73 -20.35 -58.42
C LEU C 179 -10.97 -19.03 -58.40
N LYS C 180 -10.07 -18.87 -57.45
CA LYS C 180 -9.33 -17.61 -57.31
C LYS C 180 -10.36 -16.50 -57.19
N ASP C 181 -11.52 -16.85 -56.64
CA ASP C 181 -12.62 -15.92 -56.46
C ASP C 181 -13.03 -15.76 -54.99
N PRO C 182 -12.66 -14.65 -54.35
CA PRO C 182 -13.01 -14.46 -52.94
C PRO C 182 -14.23 -13.56 -52.76
N SER C 183 -14.84 -13.15 -53.87
CA SER C 183 -15.99 -12.25 -53.83
C SER C 183 -17.12 -12.56 -52.85
N GLN C 184 -17.37 -13.83 -52.58
CA GLN C 184 -18.44 -14.21 -51.67
C GLN C 184 -18.00 -14.33 -50.20
N GLU C 185 -16.74 -14.65 -50.00
CA GLU C 185 -16.18 -14.89 -48.68
C GLU C 185 -16.47 -13.98 -47.49
N LEU C 186 -16.08 -12.72 -47.57
CA LEU C 186 -16.32 -11.82 -46.44
C LEU C 186 -17.77 -11.77 -45.95
N GLU C 187 -18.71 -11.77 -46.89
CA GLU C 187 -20.12 -11.72 -46.52
C GLU C 187 -20.57 -13.04 -45.92
N PHE C 188 -20.14 -14.15 -46.52
CA PHE C 188 -20.49 -15.49 -46.04
C PHE C 188 -20.03 -15.66 -44.61
N ILE C 189 -18.76 -15.32 -44.37
CA ILE C 189 -18.18 -15.43 -43.05
C ILE C 189 -18.95 -14.55 -42.06
N ALA C 190 -19.29 -13.34 -42.48
CA ALA C 190 -20.04 -12.45 -41.60
C ALA C 190 -21.36 -13.09 -41.16
N ASP C 191 -21.98 -13.87 -42.05
CA ASP C 191 -23.24 -14.53 -41.71
C ASP C 191 -22.99 -15.62 -40.70
N ILE C 192 -21.97 -16.43 -40.93
CA ILE C 192 -21.64 -17.50 -40.00
C ILE C 192 -21.30 -16.87 -38.65
N LEU C 193 -20.51 -15.80 -38.67
CA LEU C 193 -20.14 -15.13 -37.43
C LEU C 193 -21.38 -14.58 -36.72
N ASN C 194 -22.51 -14.58 -37.40
CA ASN C 194 -23.72 -14.08 -36.78
C ASN C 194 -24.35 -15.15 -35.89
N GLN C 195 -24.09 -16.41 -36.18
CA GLN C 195 -24.64 -17.49 -35.37
C GLN C 195 -23.68 -17.76 -34.20
N ASP C 196 -22.43 -17.30 -34.36
CA ASP C 196 -21.39 -17.48 -33.35
C ASP C 196 -20.22 -16.55 -33.66
N ALA C 197 -20.22 -15.39 -33.04
CA ALA C 197 -19.18 -14.39 -33.28
C ALA C 197 -17.79 -14.83 -32.88
N LYS C 198 -17.66 -16.01 -32.27
CA LYS C 198 -16.34 -16.46 -31.83
C LYS C 198 -15.89 -17.77 -32.49
N ASN C 199 -16.65 -18.22 -33.49
CA ASN C 199 -16.35 -19.43 -34.22
C ASN C 199 -14.92 -19.38 -34.75
N TYR C 200 -14.03 -20.18 -34.17
CA TYR C 200 -12.62 -20.15 -34.58
C TYR C 200 -12.44 -20.45 -36.06
N HIS C 201 -13.20 -21.40 -36.59
CA HIS C 201 -13.10 -21.76 -38.01
C HIS C 201 -13.41 -20.57 -38.91
N ALA C 202 -14.45 -19.81 -38.56
CA ALA C 202 -14.85 -18.65 -39.35
C ALA C 202 -13.76 -17.60 -39.38
N TRP C 203 -13.21 -17.27 -38.22
CA TRP C 203 -12.14 -16.28 -38.15
C TRP C 203 -10.89 -16.76 -38.88
N GLN C 204 -10.61 -18.06 -38.80
CA GLN C 204 -9.44 -18.59 -39.47
C GLN C 204 -9.61 -18.44 -40.97
N HIS C 205 -10.78 -18.81 -41.46
CA HIS C 205 -11.06 -18.71 -42.88
C HIS C 205 -11.01 -17.25 -43.30
N ARG C 206 -11.57 -16.38 -42.47
CA ARG C 206 -11.60 -14.96 -42.80
C ARG C 206 -10.19 -14.39 -42.92
N GLN C 207 -9.29 -14.79 -42.03
CA GLN C 207 -7.93 -14.27 -42.11
C GLN C 207 -7.22 -14.80 -43.35
N TRP C 208 -7.49 -16.05 -43.70
CA TRP C 208 -6.87 -16.63 -44.88
C TRP C 208 -7.29 -15.86 -46.13
N VAL C 209 -8.60 -15.68 -46.28
CA VAL C 209 -9.11 -14.95 -47.44
C VAL C 209 -8.51 -13.57 -47.55
N ILE C 210 -8.63 -12.79 -46.47
CA ILE C 210 -8.09 -11.44 -46.47
C ILE C 210 -6.60 -11.39 -46.82
N GLN C 211 -5.83 -12.33 -46.30
CA GLN C 211 -4.40 -12.34 -46.57
C GLN C 211 -4.10 -12.78 -48.00
N GLU C 212 -4.71 -13.88 -48.40
CA GLU C 212 -4.52 -14.46 -49.73
C GLU C 212 -4.94 -13.58 -50.88
N PHE C 213 -6.00 -12.78 -50.70
CA PHE C 213 -6.48 -11.92 -51.77
C PHE C 213 -6.37 -10.45 -51.44
N ARG C 214 -5.53 -10.14 -50.46
CA ARG C 214 -5.29 -8.76 -50.03
C ARG C 214 -6.59 -7.93 -49.95
N LEU C 215 -7.51 -8.35 -49.09
CA LEU C 215 -8.78 -7.65 -48.92
C LEU C 215 -8.81 -6.94 -47.59
N TRP C 216 -7.84 -6.07 -47.34
CA TRP C 216 -7.77 -5.34 -46.09
C TRP C 216 -8.63 -4.08 -46.01
N ASP C 217 -8.87 -3.45 -47.15
CA ASP C 217 -9.64 -2.21 -47.24
C ASP C 217 -10.79 -1.95 -46.28
N ASN C 218 -11.60 -2.97 -46.00
CA ASN C 218 -12.74 -2.73 -45.12
C ASN C 218 -12.78 -3.48 -43.82
N GLU C 219 -11.76 -4.28 -43.53
CA GLU C 219 -11.79 -5.06 -42.31
C GLU C 219 -11.73 -4.24 -41.03
N LEU C 220 -10.90 -3.21 -40.98
CA LEU C 220 -10.81 -2.40 -39.78
C LEU C 220 -12.16 -1.80 -39.42
N GLN C 221 -12.97 -1.53 -40.43
CA GLN C 221 -14.29 -0.98 -40.20
C GLN C 221 -15.21 -2.08 -39.67
N TYR C 222 -15.08 -3.27 -40.25
CA TYR C 222 -15.88 -4.42 -39.84
C TYR C 222 -15.60 -4.67 -38.37
N VAL C 223 -14.33 -4.57 -38.01
CA VAL C 223 -13.89 -4.77 -36.64
C VAL C 223 -14.56 -3.75 -35.73
N ASP C 224 -14.50 -2.47 -36.11
CA ASP C 224 -15.12 -1.41 -35.31
C ASP C 224 -16.59 -1.69 -35.06
N GLN C 225 -17.26 -2.20 -36.08
CA GLN C 225 -18.68 -2.52 -35.96
C GLN C 225 -18.95 -3.65 -34.98
N LEU C 226 -18.17 -4.73 -35.08
CA LEU C 226 -18.35 -5.86 -34.19
C LEU C 226 -17.98 -5.55 -32.76
N LEU C 227 -16.97 -4.71 -32.57
CA LEU C 227 -16.58 -4.35 -31.22
C LEU C 227 -17.70 -3.59 -30.53
N LYS C 228 -18.53 -2.89 -31.31
CA LYS C 228 -19.65 -2.16 -30.74
C LYS C 228 -20.75 -3.14 -30.37
N GLU C 229 -20.88 -4.21 -31.14
CA GLU C 229 -21.90 -5.21 -30.85
C GLU C 229 -21.55 -5.95 -29.56
N ASP C 230 -20.26 -6.14 -29.32
CA ASP C 230 -19.78 -6.84 -28.12
C ASP C 230 -18.30 -6.59 -27.92
N VAL C 231 -17.99 -5.56 -27.14
CA VAL C 231 -16.61 -5.18 -26.87
C VAL C 231 -15.80 -6.26 -26.13
N ARG C 232 -16.48 -7.32 -25.70
CA ARG C 232 -15.80 -8.40 -25.00
C ARG C 232 -15.37 -9.55 -25.90
N ASN C 233 -15.72 -9.49 -27.18
CA ASN C 233 -15.36 -10.55 -28.13
C ASN C 233 -13.86 -10.54 -28.41
N ASN C 234 -13.14 -11.44 -27.75
CA ASN C 234 -11.69 -11.54 -27.89
C ASN C 234 -11.25 -11.77 -29.34
N SER C 235 -12.08 -12.47 -30.11
CA SER C 235 -11.78 -12.77 -31.51
C SER C 235 -11.67 -11.48 -32.34
N VAL C 236 -12.56 -10.53 -32.07
CA VAL C 236 -12.57 -9.26 -32.79
C VAL C 236 -11.35 -8.42 -32.43
N TRP C 237 -10.94 -8.41 -31.17
CA TRP C 237 -9.75 -7.66 -30.80
C TRP C 237 -8.55 -8.25 -31.52
N ASN C 238 -8.55 -9.55 -31.69
CA ASN C 238 -7.44 -10.20 -32.37
C ASN C 238 -7.47 -9.79 -33.85
N GLN C 239 -8.67 -9.75 -34.41
CA GLN C 239 -8.81 -9.37 -35.82
C GLN C 239 -8.32 -7.95 -36.02
N ARG C 240 -8.58 -7.07 -35.05
CA ARG C 240 -8.14 -5.69 -35.15
C ARG C 240 -6.63 -5.64 -35.27
N HIS C 241 -5.95 -6.35 -34.38
CA HIS C 241 -4.48 -6.37 -34.40
C HIS C 241 -3.97 -6.99 -35.71
N PHE C 242 -4.73 -7.94 -36.23
CA PHE C 242 -4.42 -8.62 -37.47
C PHE C 242 -4.40 -7.61 -38.61
N VAL C 243 -5.50 -6.88 -38.78
CA VAL C 243 -5.62 -5.87 -39.81
C VAL C 243 -4.51 -4.82 -39.73
N ILE C 244 -4.44 -4.14 -38.59
CA ILE C 244 -3.44 -3.10 -38.41
C ILE C 244 -2.01 -3.55 -38.62
N SER C 245 -1.61 -4.62 -37.96
CA SER C 245 -0.22 -5.06 -38.10
C SER C 245 0.11 -5.53 -39.52
N ASN C 246 -0.91 -5.82 -40.32
CA ASN C 246 -0.69 -6.26 -41.69
C ASN C 246 -0.87 -5.12 -42.70
N THR C 247 -1.21 -3.94 -42.22
CA THR C 247 -1.36 -2.79 -43.11
C THR C 247 -0.38 -1.69 -42.71
N THR C 248 -0.82 -0.76 -41.88
CA THR C 248 0.02 0.34 -41.45
C THR C 248 1.11 -0.06 -40.45
N GLY C 249 0.85 -1.08 -39.65
CA GLY C 249 1.83 -1.47 -38.65
C GLY C 249 1.58 -0.55 -37.47
N TYR C 250 2.31 -0.74 -36.37
CA TYR C 250 2.11 0.13 -35.21
C TYR C 250 3.26 1.09 -34.99
N SER C 251 4.29 0.97 -35.81
CA SER C 251 5.47 1.84 -35.69
C SER C 251 5.13 3.30 -36.00
N ASP C 252 4.03 3.53 -36.72
CA ASP C 252 3.61 4.89 -37.03
C ASP C 252 2.98 5.48 -35.77
N ARG C 253 3.73 6.34 -35.09
CA ARG C 253 3.25 6.95 -33.85
C ARG C 253 1.84 7.51 -33.91
N ALA C 254 1.41 7.90 -35.11
CA ALA C 254 0.06 8.43 -35.29
C ALA C 254 -0.93 7.31 -35.07
N VAL C 255 -0.60 6.14 -35.62
CA VAL C 255 -1.45 4.96 -35.49
C VAL C 255 -1.44 4.40 -34.06
N LEU C 256 -0.26 4.29 -33.48
CA LEU C 256 -0.13 3.78 -32.12
C LEU C 256 -0.98 4.63 -31.19
N GLU C 257 -0.90 5.94 -31.34
CA GLU C 257 -1.67 6.85 -30.50
C GLU C 257 -3.16 6.66 -30.72
N ARG C 258 -3.57 6.54 -31.97
CA ARG C 258 -4.97 6.34 -32.28
C ARG C 258 -5.48 5.05 -31.62
N GLU C 259 -4.67 4.00 -31.70
CA GLU C 259 -5.03 2.72 -31.13
C GLU C 259 -5.05 2.70 -29.61
N VAL C 260 -4.02 3.28 -29.00
CA VAL C 260 -3.98 3.34 -27.54
C VAL C 260 -5.17 4.15 -27.03
N GLN C 261 -5.50 5.20 -27.77
CA GLN C 261 -6.60 6.08 -27.40
C GLN C 261 -7.93 5.35 -27.56
N TYR C 262 -8.06 4.62 -28.66
CA TYR C 262 -9.26 3.85 -28.97
C TYR C 262 -9.54 2.83 -27.89
N THR C 263 -8.49 2.13 -27.47
CA THR C 263 -8.60 1.10 -26.46
C THR C 263 -8.99 1.70 -25.12
N LEU C 264 -8.31 2.78 -24.72
CA LEU C 264 -8.63 3.43 -23.45
C LEU C 264 -10.10 3.81 -23.44
N GLU C 265 -10.62 4.19 -24.59
CA GLU C 265 -12.04 4.56 -24.68
C GLU C 265 -12.92 3.36 -24.41
N MET C 266 -12.56 2.22 -25.00
CA MET C 266 -13.31 0.99 -24.82
C MET C 266 -13.21 0.53 -23.36
N ILE C 267 -12.03 0.69 -22.78
CA ILE C 267 -11.82 0.30 -21.40
C ILE C 267 -12.71 1.14 -20.50
N LYS C 268 -12.83 2.44 -20.79
CA LYS C 268 -13.67 3.33 -20.00
C LYS C 268 -15.13 2.90 -20.07
N LEU C 269 -15.54 2.31 -21.19
CA LEU C 269 -16.92 1.87 -21.33
C LEU C 269 -17.18 0.57 -20.58
N VAL C 270 -16.19 -0.32 -20.59
CA VAL C 270 -16.30 -1.60 -19.90
C VAL C 270 -14.93 -1.89 -19.32
N PRO C 271 -14.63 -1.32 -18.16
CA PRO C 271 -13.34 -1.49 -17.46
C PRO C 271 -12.89 -2.92 -17.20
N HIS C 272 -13.85 -3.83 -17.00
CA HIS C 272 -13.51 -5.22 -16.74
C HIS C 272 -13.61 -6.03 -18.03
N ASN C 273 -12.56 -5.93 -18.84
CA ASN C 273 -12.50 -6.63 -20.12
C ASN C 273 -11.06 -6.98 -20.45
N GLU C 274 -10.70 -8.23 -20.17
CA GLU C 274 -9.34 -8.71 -20.40
C GLU C 274 -8.86 -8.44 -21.83
N SER C 275 -9.74 -8.66 -22.79
CA SER C 275 -9.42 -8.45 -24.19
C SER C 275 -8.86 -7.06 -24.49
N ALA C 276 -9.58 -6.04 -24.04
CA ALA C 276 -9.13 -4.66 -24.27
C ALA C 276 -7.78 -4.44 -23.61
N TRP C 277 -7.63 -4.89 -22.37
CA TRP C 277 -6.36 -4.71 -21.68
C TRP C 277 -5.21 -5.45 -22.34
N ASN C 278 -5.50 -6.64 -22.87
CA ASN C 278 -4.48 -7.44 -23.53
C ASN C 278 -4.01 -6.76 -24.80
N TYR C 279 -4.94 -6.14 -25.53
CA TYR C 279 -4.62 -5.42 -26.75
C TYR C 279 -3.73 -4.23 -26.40
N LEU C 280 -4.18 -3.43 -25.42
CA LEU C 280 -3.41 -2.29 -24.96
C LEU C 280 -1.97 -2.67 -24.61
N LYS C 281 -1.81 -3.70 -23.77
CA LYS C 281 -0.49 -4.15 -23.37
C LYS C 281 0.24 -4.76 -24.56
N GLY C 282 -0.51 -5.47 -25.40
CA GLY C 282 0.08 -6.11 -26.55
C GLY C 282 0.81 -5.16 -27.49
N ILE C 283 0.17 -4.05 -27.83
CA ILE C 283 0.77 -3.10 -28.74
C ILE C 283 1.86 -2.22 -28.14
N LEU C 284 2.07 -2.33 -26.83
CA LEU C 284 3.09 -1.51 -26.18
C LEU C 284 4.21 -2.28 -25.48
N GLN C 285 3.93 -3.51 -25.05
CA GLN C 285 4.93 -4.29 -24.32
C GLN C 285 6.30 -4.45 -24.96
N ASP C 286 6.35 -4.52 -26.29
CA ASP C 286 7.63 -4.68 -26.94
C ASP C 286 8.37 -3.38 -27.18
N ARG C 287 7.65 -2.26 -27.16
CA ARG C 287 8.30 -0.97 -27.33
C ARG C 287 8.81 -0.55 -25.95
N GLY C 288 8.21 -1.12 -24.90
CA GLY C 288 8.60 -0.81 -23.53
C GLY C 288 7.54 -0.02 -22.81
N LEU C 289 6.80 -0.67 -21.92
CA LEU C 289 5.74 0.00 -21.17
C LEU C 289 6.21 1.24 -20.40
N SER C 290 7.41 1.19 -19.85
CA SER C 290 7.93 2.30 -19.07
C SER C 290 8.28 3.53 -19.92
N ARG C 291 8.35 3.38 -21.23
CA ARG C 291 8.69 4.49 -22.11
C ARG C 291 7.51 5.42 -22.39
N TYR C 292 6.39 5.20 -21.71
CA TYR C 292 5.20 6.01 -21.94
C TYR C 292 4.67 6.69 -20.66
N PRO C 293 5.45 7.63 -20.12
CA PRO C 293 5.11 8.38 -18.89
C PRO C 293 3.65 8.82 -18.74
N ASN C 294 3.05 9.32 -19.83
CA ASN C 294 1.67 9.77 -19.76
C ASN C 294 0.68 8.63 -19.55
N LEU C 295 1.02 7.44 -20.05
CA LEU C 295 0.13 6.32 -19.90
C LEU C 295 0.05 5.97 -18.42
N LEU C 296 1.20 5.83 -17.77
CA LEU C 296 1.23 5.50 -16.35
C LEU C 296 0.32 6.44 -15.58
N ASN C 297 0.39 7.74 -15.89
CA ASN C 297 -0.42 8.71 -15.19
C ASN C 297 -1.91 8.56 -15.47
N GLN C 298 -2.26 8.42 -16.75
CA GLN C 298 -3.65 8.26 -17.12
C GLN C 298 -4.28 7.05 -16.44
N LEU C 299 -3.50 6.00 -16.26
CA LEU C 299 -4.02 4.79 -15.63
C LEU C 299 -4.18 5.01 -14.13
N LEU C 300 -3.15 5.55 -13.49
CA LEU C 300 -3.23 5.81 -12.07
C LEU C 300 -4.47 6.63 -11.74
N ASP C 301 -4.88 7.47 -12.69
CA ASP C 301 -6.06 8.31 -12.52
C ASP C 301 -7.37 7.57 -12.73
N LEU C 302 -7.29 6.41 -13.38
CA LEU C 302 -8.48 5.61 -13.61
C LEU C 302 -8.71 4.71 -12.40
N GLN C 303 -7.62 4.35 -11.73
CA GLN C 303 -7.68 3.48 -10.56
C GLN C 303 -8.85 3.75 -9.63
N PRO C 304 -9.01 5.02 -9.18
CA PRO C 304 -10.13 5.33 -8.28
C PRO C 304 -11.48 4.80 -8.75
N SER C 305 -11.90 5.19 -9.96
CA SER C 305 -13.18 4.75 -10.49
C SER C 305 -13.16 3.45 -11.29
N HIS C 306 -12.54 3.50 -12.47
CA HIS C 306 -12.45 2.35 -13.38
C HIS C 306 -11.41 1.27 -13.01
N SER C 307 -11.36 0.86 -11.75
CA SER C 307 -10.39 -0.16 -11.36
C SER C 307 -10.85 -1.57 -11.70
N SER C 308 -9.87 -2.45 -11.92
CA SER C 308 -10.09 -3.84 -12.25
C SER C 308 -8.75 -4.55 -12.06
N PRO C 309 -8.79 -5.88 -11.95
CA PRO C 309 -7.50 -6.57 -11.77
C PRO C 309 -6.60 -6.35 -12.98
N TYR C 310 -7.23 -6.17 -14.15
CA TYR C 310 -6.49 -5.96 -15.39
C TYR C 310 -5.66 -4.69 -15.33
N LEU C 311 -6.24 -3.64 -14.77
CA LEU C 311 -5.57 -2.36 -14.64
C LEU C 311 -4.40 -2.51 -13.66
N ILE C 312 -4.66 -3.07 -12.49
CA ILE C 312 -3.62 -3.26 -11.49
C ILE C 312 -2.43 -4.03 -12.05
N ALA C 313 -2.72 -5.09 -12.79
CA ALA C 313 -1.69 -5.92 -13.40
C ALA C 313 -0.86 -5.09 -14.37
N PHE C 314 -1.55 -4.30 -15.19
CA PHE C 314 -0.89 -3.45 -16.16
C PHE C 314 0.12 -2.58 -15.44
N LEU C 315 -0.34 -1.96 -14.34
CA LEU C 315 0.53 -1.10 -13.54
C LEU C 315 1.75 -1.92 -13.06
N VAL C 316 1.48 -3.12 -12.54
CA VAL C 316 2.57 -3.97 -12.08
C VAL C 316 3.55 -4.17 -13.23
N ASP C 317 3.02 -4.47 -14.41
CA ASP C 317 3.87 -4.69 -15.57
C ASP C 317 4.68 -3.47 -15.93
N ILE C 318 4.05 -2.29 -15.84
CA ILE C 318 4.75 -1.03 -16.14
C ILE C 318 5.93 -0.91 -15.16
N TYR C 319 5.64 -1.07 -13.88
CA TYR C 319 6.67 -0.98 -12.87
C TYR C 319 7.78 -1.98 -13.14
N GLU C 320 7.42 -3.19 -13.55
CA GLU C 320 8.45 -4.18 -13.82
C GLU C 320 9.33 -3.77 -14.98
N ASP C 321 8.73 -3.12 -15.97
CA ASP C 321 9.53 -2.68 -17.11
C ASP C 321 10.51 -1.62 -16.63
N MET C 322 10.08 -0.78 -15.69
CA MET C 322 10.95 0.24 -15.16
C MET C 322 12.14 -0.44 -14.49
N LEU C 323 11.85 -1.32 -13.53
CA LEU C 323 12.90 -2.03 -12.82
C LEU C 323 13.86 -2.69 -13.80
N GLU C 324 13.32 -3.12 -14.94
CA GLU C 324 14.10 -3.77 -15.99
C GLU C 324 15.08 -2.81 -16.65
N ASN C 325 14.70 -1.54 -16.71
CA ASN C 325 15.56 -0.54 -17.33
C ASN C 325 16.22 0.40 -16.31
N GLN C 326 16.87 -0.21 -15.32
CA GLN C 326 17.55 0.53 -14.26
C GLN C 326 17.02 1.95 -14.08
N CYS C 327 15.79 2.06 -13.57
CA CYS C 327 15.15 3.35 -13.38
C CYS C 327 15.62 4.05 -12.09
N ASP C 328 15.17 5.29 -11.92
CA ASP C 328 15.51 6.07 -10.73
C ASP C 328 14.56 5.66 -9.60
N ASN C 329 15.13 5.42 -8.41
CA ASN C 329 14.35 4.99 -7.24
C ASN C 329 13.96 3.53 -7.37
N LYS C 330 14.89 2.72 -7.85
CA LYS C 330 14.61 1.31 -8.04
C LYS C 330 13.89 0.70 -6.85
N GLU C 331 14.43 0.91 -5.65
CA GLU C 331 13.81 0.36 -4.45
C GLU C 331 12.40 0.88 -4.21
N ASP C 332 12.16 2.13 -4.55
CA ASP C 332 10.85 2.74 -4.35
C ASP C 332 9.83 2.13 -5.31
N ILE C 333 10.23 1.94 -6.56
CA ILE C 333 9.36 1.37 -7.59
C ILE C 333 8.98 -0.07 -7.22
N LEU C 334 9.98 -0.88 -6.88
CA LEU C 334 9.75 -2.27 -6.51
C LEU C 334 8.64 -2.38 -5.46
N ASN C 335 8.64 -1.49 -4.48
CA ASN C 335 7.62 -1.54 -3.45
C ASN C 335 6.24 -1.20 -4.00
N LYS C 336 6.20 -0.32 -4.98
CA LYS C 336 4.93 0.06 -5.60
C LYS C 336 4.36 -1.17 -6.29
N ALA C 337 5.24 -1.95 -6.90
CA ALA C 337 4.84 -3.17 -7.59
C ALA C 337 4.37 -4.22 -6.60
N LEU C 338 5.20 -4.50 -5.59
CA LEU C 338 4.86 -5.49 -4.57
C LEU C 338 3.54 -5.12 -3.90
N GLU C 339 3.36 -3.84 -3.60
CA GLU C 339 2.13 -3.37 -2.96
C GLU C 339 0.92 -3.78 -3.82
N LEU C 340 1.09 -3.65 -5.14
CA LEU C 340 0.02 -4.00 -6.06
C LEU C 340 -0.16 -5.51 -6.16
N CYS C 341 0.95 -6.25 -6.26
CA CYS C 341 0.88 -7.69 -6.34
C CYS C 341 0.05 -8.22 -5.17
N GLU C 342 0.30 -7.68 -3.98
CA GLU C 342 -0.43 -8.10 -2.78
C GLU C 342 -1.89 -7.67 -2.85
N ILE C 343 -2.17 -6.49 -3.41
CA ILE C 343 -3.55 -6.05 -3.53
C ILE C 343 -4.32 -7.01 -4.43
N LEU C 344 -3.64 -7.51 -5.45
CA LEU C 344 -4.23 -8.47 -6.40
C LEU C 344 -4.49 -9.78 -5.67
N ALA C 345 -3.46 -10.31 -5.01
CA ALA C 345 -3.55 -11.55 -4.25
C ALA C 345 -4.60 -11.49 -3.16
N LYS C 346 -4.53 -10.45 -2.33
CA LYS C 346 -5.44 -10.29 -1.20
C LYS C 346 -6.89 -9.90 -1.50
N GLU C 347 -7.16 -9.15 -2.57
CA GLU C 347 -8.55 -8.77 -2.83
C GLU C 347 -9.03 -8.52 -4.26
N LYS C 348 -8.15 -8.12 -5.17
CA LYS C 348 -8.58 -7.84 -6.54
C LYS C 348 -8.66 -9.03 -7.50
N ASP C 349 -7.78 -9.99 -7.33
CA ASP C 349 -7.76 -11.18 -8.20
C ASP C 349 -7.35 -12.36 -7.32
N THR C 350 -8.14 -12.58 -6.27
CA THR C 350 -7.88 -13.63 -5.28
C THR C 350 -7.69 -15.07 -5.78
N ILE C 351 -8.38 -15.44 -6.86
CA ILE C 351 -8.26 -16.79 -7.39
C ILE C 351 -6.81 -17.08 -7.80
N ARG C 352 -6.06 -16.04 -8.12
CA ARG C 352 -4.68 -16.20 -8.53
C ARG C 352 -3.73 -15.73 -7.42
N LYS C 353 -4.25 -15.71 -6.19
CA LYS C 353 -3.46 -15.26 -5.04
C LYS C 353 -2.06 -15.85 -4.97
N GLU C 354 -1.94 -17.17 -5.08
CA GLU C 354 -0.62 -17.80 -5.01
C GLU C 354 0.25 -17.39 -6.20
N TYR C 355 -0.39 -17.11 -7.34
CA TYR C 355 0.35 -16.70 -8.53
C TYR C 355 0.97 -15.32 -8.31
N TRP C 356 0.12 -14.38 -7.90
CA TRP C 356 0.55 -13.01 -7.64
C TRP C 356 1.64 -12.95 -6.59
N ARG C 357 1.48 -13.74 -5.52
CA ARG C 357 2.48 -13.79 -4.47
C ARG C 357 3.79 -14.33 -5.01
N TYR C 358 3.67 -15.26 -5.96
CA TYR C 358 4.82 -15.85 -6.62
C TYR C 358 5.48 -14.77 -7.50
N ILE C 359 4.66 -13.94 -8.12
CA ILE C 359 5.17 -12.86 -8.96
C ILE C 359 5.91 -11.87 -8.07
N GLY C 360 5.28 -11.52 -6.96
CA GLY C 360 5.88 -10.60 -6.01
C GLY C 360 7.25 -11.10 -5.59
N ARG C 361 7.31 -12.35 -5.13
CA ARG C 361 8.58 -12.92 -4.69
C ARG C 361 9.61 -12.85 -5.80
N SER C 362 9.17 -13.05 -7.04
CA SER C 362 10.07 -13.02 -8.18
C SER C 362 10.70 -11.64 -8.35
N LEU C 363 9.87 -10.60 -8.22
CA LEU C 363 10.32 -9.22 -8.35
C LEU C 363 11.30 -8.93 -7.21
N GLN C 364 10.97 -9.41 -6.02
CA GLN C 364 11.80 -9.26 -4.84
C GLN C 364 13.23 -9.73 -5.09
N SER C 365 13.35 -11.02 -5.40
CA SER C 365 14.66 -11.62 -5.62
C SER C 365 15.35 -11.21 -6.92
N LYS C 366 14.73 -10.31 -7.69
CA LYS C 366 15.41 -9.90 -8.92
C LYS C 366 15.83 -8.44 -8.84
N HIS C 367 15.26 -7.69 -7.90
CA HIS C 367 15.61 -6.27 -7.75
C HIS C 367 15.75 -5.85 -6.28
N SER C 368 16.91 -6.08 -5.68
CA SER C 368 17.13 -5.70 -4.28
C SER C 368 18.60 -5.55 -3.89
N LEU D 18 -18.62 -32.36 -4.64
CA LEU D 18 -19.09 -33.80 -4.67
C LEU D 18 -17.92 -34.78 -4.72
N ASP D 19 -18.23 -36.06 -4.83
CA ASP D 19 -17.20 -37.12 -4.86
C ASP D 19 -16.99 -37.76 -6.21
N PHE D 20 -15.78 -38.25 -6.42
CA PHE D 20 -15.38 -38.89 -7.65
C PHE D 20 -15.85 -40.34 -7.77
N LEU D 21 -16.85 -40.58 -8.61
CA LEU D 21 -17.40 -41.93 -8.82
C LEU D 21 -16.51 -42.79 -9.72
N ARG D 22 -15.31 -43.12 -9.26
CA ARG D 22 -14.37 -43.92 -10.05
C ARG D 22 -14.94 -45.13 -10.77
N ASP D 23 -15.65 -46.00 -10.06
CA ASP D 23 -16.21 -47.19 -10.68
C ASP D 23 -17.16 -46.87 -11.83
N ARG D 24 -17.99 -45.85 -11.66
CA ARG D 24 -18.92 -45.49 -12.70
C ARG D 24 -18.19 -45.02 -13.96
N HIS D 25 -17.00 -44.46 -13.79
CA HIS D 25 -16.24 -44.01 -14.93
C HIS D 25 -15.55 -45.18 -15.60
N VAL D 26 -15.17 -46.18 -14.81
CA VAL D 26 -14.54 -47.34 -15.40
C VAL D 26 -15.59 -48.00 -16.30
N ARG D 27 -16.82 -48.11 -15.81
CA ARG D 27 -17.89 -48.71 -16.60
C ARG D 27 -18.12 -47.89 -17.86
N PHE D 28 -18.10 -46.57 -17.71
CA PHE D 28 -18.30 -45.67 -18.84
C PHE D 28 -17.29 -45.97 -19.94
N PHE D 29 -16.02 -46.05 -19.56
CA PHE D 29 -14.98 -46.31 -20.53
C PHE D 29 -15.11 -47.69 -21.13
N GLN D 30 -15.53 -48.68 -20.34
CA GLN D 30 -15.69 -50.03 -20.88
C GLN D 30 -16.76 -50.05 -21.95
N ARG D 31 -17.87 -49.39 -21.68
CA ARG D 31 -18.95 -49.32 -22.65
C ARG D 31 -18.45 -48.71 -23.95
N CYS D 32 -17.67 -47.64 -23.85
CA CYS D 32 -17.11 -46.97 -25.03
C CYS D 32 -16.35 -47.94 -25.93
N LEU D 33 -15.53 -48.80 -25.33
CA LEU D 33 -14.74 -49.76 -26.09
C LEU D 33 -15.60 -50.81 -26.77
N GLN D 34 -16.85 -50.93 -26.34
CA GLN D 34 -17.72 -51.93 -26.91
C GLN D 34 -18.54 -51.44 -28.08
N VAL D 35 -19.55 -50.62 -27.81
CA VAL D 35 -20.39 -50.10 -28.86
C VAL D 35 -20.76 -48.64 -28.62
N LEU D 36 -20.90 -47.88 -29.71
CA LEU D 36 -21.28 -46.48 -29.62
C LEU D 36 -22.56 -46.34 -30.45
N PRO D 37 -23.47 -45.45 -30.01
CA PRO D 37 -24.72 -45.26 -30.75
C PRO D 37 -24.48 -44.53 -32.07
N GLU D 38 -25.27 -44.87 -33.09
CA GLU D 38 -25.13 -44.28 -34.42
C GLU D 38 -24.95 -42.76 -34.40
N ARG D 39 -25.25 -42.14 -33.26
CA ARG D 39 -25.09 -40.70 -33.17
C ARG D 39 -23.63 -40.29 -33.04
N TYR D 40 -22.74 -41.27 -33.11
CA TYR D 40 -21.31 -41.00 -33.02
C TYR D 40 -20.67 -41.24 -34.38
N SER D 41 -21.53 -41.43 -35.39
CA SER D 41 -21.11 -41.69 -36.76
C SER D 41 -20.06 -40.69 -37.23
N SER D 42 -20.14 -39.46 -36.73
CA SER D 42 -19.20 -38.43 -37.13
C SER D 42 -17.81 -38.66 -36.58
N LEU D 43 -17.65 -39.68 -35.76
CA LEU D 43 -16.35 -40.00 -35.18
C LEU D 43 -15.77 -41.28 -35.78
N GLU D 44 -16.42 -41.78 -36.83
CA GLU D 44 -15.97 -43.00 -37.50
C GLU D 44 -14.51 -42.96 -37.91
N THR D 45 -14.12 -41.92 -38.64
CA THR D 45 -12.74 -41.83 -39.09
C THR D 45 -11.79 -41.43 -37.98
N SER D 46 -12.30 -41.36 -36.76
CA SER D 46 -11.49 -41.00 -35.61
C SER D 46 -11.67 -41.99 -34.45
N ARG D 47 -12.29 -43.14 -34.75
CA ARG D 47 -12.54 -44.14 -33.72
C ARG D 47 -11.31 -44.50 -32.90
N LEU D 48 -10.14 -44.47 -33.52
CA LEU D 48 -8.93 -44.81 -32.79
C LEU D 48 -8.68 -43.80 -31.67
N THR D 49 -9.06 -42.54 -31.87
CA THR D 49 -8.86 -41.54 -30.82
C THR D 49 -9.87 -41.77 -29.69
N ILE D 50 -11.05 -42.28 -30.03
CA ILE D 50 -12.06 -42.57 -29.00
C ILE D 50 -11.54 -43.75 -28.20
N ALA D 51 -10.90 -44.69 -28.87
CA ALA D 51 -10.33 -45.85 -28.22
C ALA D 51 -9.27 -45.38 -27.23
N PHE D 52 -8.47 -44.40 -27.66
CA PHE D 52 -7.42 -43.81 -26.84
C PHE D 52 -7.98 -43.16 -25.56
N PHE D 53 -9.06 -42.40 -25.71
CA PHE D 53 -9.68 -41.76 -24.55
C PHE D 53 -10.10 -42.83 -23.55
N ALA D 54 -10.69 -43.91 -24.06
CA ALA D 54 -11.17 -45.00 -23.20
C ALA D 54 -10.03 -45.83 -22.61
N LEU D 55 -9.06 -46.19 -23.44
CA LEU D 55 -7.93 -46.98 -22.97
C LEU D 55 -7.04 -46.21 -22.02
N SER D 56 -6.66 -44.99 -22.41
CA SER D 56 -5.80 -44.17 -21.56
C SER D 56 -6.57 -43.75 -20.31
N GLY D 57 -7.89 -43.67 -20.44
CA GLY D 57 -8.72 -43.30 -19.32
C GLY D 57 -8.71 -44.43 -18.30
N LEU D 58 -8.92 -45.65 -18.79
CA LEU D 58 -8.92 -46.83 -17.92
C LEU D 58 -7.54 -46.97 -17.31
N ASP D 59 -6.52 -46.67 -18.09
CA ASP D 59 -5.15 -46.74 -17.60
C ASP D 59 -5.03 -45.76 -16.43
N MET D 60 -5.51 -44.53 -16.63
CA MET D 60 -5.45 -43.50 -15.62
C MET D 60 -6.21 -43.89 -14.34
N LEU D 61 -7.20 -44.76 -14.47
CA LEU D 61 -7.97 -45.20 -13.30
C LEU D 61 -7.49 -46.57 -12.87
N ASP D 62 -6.37 -47.00 -13.45
CA ASP D 62 -5.78 -48.30 -13.16
C ASP D 62 -6.81 -49.43 -13.26
N SER D 63 -7.44 -49.56 -14.43
CA SER D 63 -8.45 -50.58 -14.69
C SER D 63 -8.29 -51.22 -16.06
N LEU D 64 -7.07 -51.24 -16.59
CA LEU D 64 -6.85 -51.86 -17.89
C LEU D 64 -7.14 -53.36 -17.89
N ASP D 65 -7.16 -53.96 -16.71
CA ASP D 65 -7.43 -55.39 -16.63
C ASP D 65 -8.86 -55.76 -17.04
N VAL D 66 -9.76 -54.78 -17.10
CA VAL D 66 -11.14 -55.07 -17.47
C VAL D 66 -11.33 -55.24 -18.98
N VAL D 67 -10.22 -55.21 -19.73
CA VAL D 67 -10.27 -55.37 -21.18
C VAL D 67 -9.21 -56.38 -21.64
N ASN D 68 -9.47 -57.03 -22.78
CA ASN D 68 -8.53 -57.99 -23.33
C ASN D 68 -7.51 -57.23 -24.15
N LYS D 69 -6.40 -56.90 -23.51
CA LYS D 69 -5.36 -56.15 -24.19
C LYS D 69 -4.95 -56.79 -25.51
N ASP D 70 -4.90 -58.11 -25.55
CA ASP D 70 -4.49 -58.80 -26.77
C ASP D 70 -5.43 -58.55 -27.93
N ASP D 71 -6.74 -58.61 -27.67
CA ASP D 71 -7.72 -58.38 -28.73
C ASP D 71 -7.60 -56.97 -29.27
N ILE D 72 -7.58 -55.99 -28.36
CA ILE D 72 -7.48 -54.59 -28.77
C ILE D 72 -6.18 -54.30 -29.51
N ILE D 73 -5.09 -54.93 -29.10
CA ILE D 73 -3.81 -54.71 -29.77
C ILE D 73 -3.86 -55.17 -31.22
N GLU D 74 -4.57 -56.27 -31.48
CA GLU D 74 -4.69 -56.78 -32.83
C GLU D 74 -5.53 -55.83 -33.67
N TRP D 75 -6.59 -55.30 -33.05
CA TRP D 75 -7.46 -54.36 -33.72
C TRP D 75 -6.66 -53.13 -34.12
N ILE D 76 -5.87 -52.61 -33.20
CA ILE D 76 -5.06 -51.43 -33.50
C ILE D 76 -4.10 -51.72 -34.65
N TYR D 77 -3.40 -52.84 -34.58
CA TYR D 77 -2.48 -53.18 -35.66
C TYR D 77 -3.18 -53.37 -37.00
N SER D 78 -4.47 -53.66 -36.98
CA SER D 78 -5.22 -53.83 -38.23
C SER D 78 -5.46 -52.47 -38.86
N LEU D 79 -5.13 -51.42 -38.12
CA LEU D 79 -5.33 -50.06 -38.61
C LEU D 79 -4.04 -49.46 -39.17
N GLN D 80 -2.95 -50.21 -39.09
CA GLN D 80 -1.69 -49.69 -39.62
C GLN D 80 -1.59 -49.82 -41.14
N VAL D 81 -1.26 -48.70 -41.78
CA VAL D 81 -1.10 -48.68 -43.22
C VAL D 81 0.35 -49.04 -43.45
N LEU D 82 0.59 -50.30 -43.79
CA LEU D 82 1.94 -50.80 -44.03
C LEU D 82 2.38 -50.57 -45.47
N PRO D 83 3.70 -50.46 -45.69
CA PRO D 83 4.16 -50.24 -47.06
C PRO D 83 3.90 -51.51 -47.89
N THR D 84 3.52 -51.30 -49.15
CA THR D 84 3.26 -52.40 -50.06
C THR D 84 4.56 -53.07 -50.54
N GLU D 85 4.42 -54.17 -51.27
CA GLU D 85 5.59 -54.91 -51.77
C GLU D 85 6.60 -53.96 -52.40
N ASP D 86 6.14 -53.17 -53.36
CA ASP D 86 7.01 -52.23 -54.07
C ASP D 86 7.41 -51.01 -53.24
N ARG D 87 6.84 -50.89 -52.05
CA ARG D 87 7.14 -49.77 -51.15
C ARG D 87 6.98 -48.42 -51.84
N SER D 88 5.95 -48.33 -52.68
CA SER D 88 5.66 -47.10 -53.43
C SER D 88 4.68 -46.20 -52.68
N ASN D 89 4.26 -46.63 -51.50
CA ASN D 89 3.30 -45.87 -50.71
C ASN D 89 3.87 -45.44 -49.37
N LEU D 90 5.19 -45.34 -49.27
CA LEU D 90 5.81 -44.95 -48.00
C LEU D 90 5.27 -43.65 -47.45
N ASP D 91 5.13 -42.66 -48.32
CA ASP D 91 4.63 -41.35 -47.91
C ASP D 91 3.22 -41.38 -47.36
N ARG D 92 2.57 -42.54 -47.42
CA ARG D 92 1.20 -42.64 -46.94
C ARG D 92 1.04 -43.59 -45.75
N CYS D 93 2.15 -44.06 -45.21
CA CYS D 93 2.08 -44.97 -44.08
C CYS D 93 1.80 -44.29 -42.75
N GLY D 94 1.30 -45.10 -41.81
CA GLY D 94 0.94 -44.62 -40.49
C GLY D 94 -0.27 -45.42 -40.06
N PHE D 95 -1.23 -44.79 -39.38
CA PHE D 95 -2.43 -45.51 -38.96
C PHE D 95 -3.73 -44.88 -39.44
N ARG D 96 -4.75 -45.71 -39.61
CA ARG D 96 -6.07 -45.26 -40.05
C ARG D 96 -6.87 -45.07 -38.78
N GLY D 97 -7.91 -44.23 -38.85
CA GLY D 97 -8.73 -44.00 -37.69
C GLY D 97 -9.66 -45.16 -37.42
N SER D 98 -9.96 -45.92 -38.46
CA SER D 98 -10.83 -47.08 -38.35
C SER D 98 -10.74 -47.87 -39.63
N SER D 99 -11.63 -48.84 -39.78
CA SER D 99 -11.66 -49.69 -40.95
C SER D 99 -12.66 -49.20 -41.99
N TYR D 100 -13.07 -47.94 -41.91
CA TYR D 100 -14.06 -47.40 -42.82
C TYR D 100 -13.81 -47.59 -44.33
N LEU D 101 -12.57 -47.82 -44.74
CA LEU D 101 -12.31 -47.99 -46.16
C LEU D 101 -12.65 -49.37 -46.68
N GLY D 102 -12.88 -50.30 -45.76
CA GLY D 102 -13.23 -51.64 -46.18
C GLY D 102 -12.04 -52.54 -46.50
N ILE D 103 -10.86 -52.19 -46.01
CA ILE D 103 -9.70 -53.03 -46.26
C ILE D 103 -9.82 -54.27 -45.37
N PRO D 104 -9.58 -55.45 -45.94
CA PRO D 104 -9.67 -56.70 -45.18
C PRO D 104 -8.81 -56.71 -43.91
N PHE D 105 -9.41 -57.13 -42.81
CA PHE D 105 -8.75 -57.20 -41.51
C PHE D 105 -7.38 -57.87 -41.59
N ASN D 106 -6.34 -57.12 -41.25
CA ASN D 106 -4.98 -57.64 -41.29
C ASN D 106 -4.14 -56.99 -40.19
N PRO D 107 -4.05 -57.64 -39.01
CA PRO D 107 -3.29 -57.15 -37.87
C PRO D 107 -1.79 -57.05 -38.11
N SER D 108 -1.42 -56.21 -39.08
CA SER D 108 -0.03 -55.99 -39.44
C SER D 108 0.72 -57.31 -39.60
N LYS D 109 0.07 -58.28 -40.25
CA LYS D 109 0.68 -59.58 -40.48
C LYS D 109 1.25 -59.62 -41.90
N ASN D 110 0.37 -59.66 -42.90
CA ASN D 110 0.79 -59.69 -44.30
C ASN D 110 1.22 -58.28 -44.71
N PRO D 111 1.80 -58.14 -45.92
CA PRO D 111 2.24 -56.82 -46.38
C PRO D 111 1.06 -55.95 -46.80
N GLY D 112 1.33 -54.70 -47.12
CA GLY D 112 0.26 -53.79 -47.50
C GLY D 112 -0.50 -54.11 -48.77
N THR D 113 -1.82 -54.06 -48.70
CA THR D 113 -2.68 -54.32 -49.86
C THR D 113 -3.01 -52.95 -50.48
N ALA D 114 -2.44 -52.68 -51.65
CA ALA D 114 -2.65 -51.42 -52.34
C ALA D 114 -4.11 -50.97 -52.41
N HIS D 115 -4.30 -49.66 -52.26
CA HIS D 115 -5.63 -49.07 -52.32
C HIS D 115 -5.41 -47.61 -52.66
N PRO D 116 -6.12 -47.09 -53.68
CA PRO D 116 -6.02 -45.72 -54.15
C PRO D 116 -6.14 -44.63 -53.09
N TYR D 117 -6.93 -44.87 -52.06
CA TYR D 117 -7.14 -43.85 -51.04
C TYR D 117 -6.83 -44.22 -49.60
N ASP D 118 -6.12 -45.32 -49.40
CA ASP D 118 -5.76 -45.75 -48.06
C ASP D 118 -4.46 -45.11 -47.60
N SER D 119 -4.56 -44.25 -46.60
CA SER D 119 -3.39 -43.56 -46.06
C SER D 119 -3.58 -43.35 -44.58
N GLY D 120 -2.51 -43.01 -43.88
CA GLY D 120 -2.61 -42.79 -42.45
C GLY D 120 -3.09 -41.38 -42.15
N HIS D 121 -3.43 -41.15 -40.89
CA HIS D 121 -3.88 -39.85 -40.44
C HIS D 121 -3.03 -39.54 -39.22
N ILE D 122 -2.30 -38.43 -39.28
CA ILE D 122 -1.41 -38.06 -38.20
C ILE D 122 -1.95 -38.20 -36.78
N ALA D 123 -3.21 -37.85 -36.57
CA ALA D 123 -3.79 -37.95 -35.22
C ALA D 123 -4.06 -39.41 -34.86
N MET D 124 -4.17 -40.26 -35.88
CA MET D 124 -4.43 -41.67 -35.65
C MET D 124 -3.11 -42.41 -35.42
N THR D 125 -2.07 -41.98 -36.12
CA THR D 125 -0.77 -42.57 -35.94
C THR D 125 -0.37 -42.26 -34.50
N TYR D 126 -0.64 -41.02 -34.07
CA TYR D 126 -0.34 -40.60 -32.72
C TYR D 126 -1.11 -41.45 -31.70
N THR D 127 -2.44 -41.36 -31.72
CA THR D 127 -3.25 -42.12 -30.76
C THR D 127 -3.06 -43.64 -30.89
N GLY D 128 -2.75 -44.10 -32.10
CA GLY D 128 -2.54 -45.51 -32.32
C GLY D 128 -1.33 -46.00 -31.53
N LEU D 129 -0.17 -45.37 -31.79
CA LEU D 129 1.06 -45.72 -31.10
C LEU D 129 0.85 -45.55 -29.60
N SER D 130 0.21 -44.46 -29.23
CA SER D 130 -0.07 -44.17 -27.83
C SER D 130 -0.85 -45.34 -27.21
N CYS D 131 -1.89 -45.81 -27.89
CA CYS D 131 -2.70 -46.92 -27.39
C CYS D 131 -1.88 -48.19 -27.24
N LEU D 132 -1.06 -48.49 -28.25
CA LEU D 132 -0.23 -49.69 -28.22
C LEU D 132 0.65 -49.71 -26.97
N ILE D 133 1.31 -48.59 -26.69
CA ILE D 133 2.18 -48.49 -25.51
C ILE D 133 1.37 -48.68 -24.23
N ILE D 134 0.19 -48.06 -24.17
CA ILE D 134 -0.67 -48.16 -23.00
C ILE D 134 -1.07 -49.62 -22.75
N LEU D 135 -1.31 -50.36 -23.83
CA LEU D 135 -1.71 -51.75 -23.74
C LEU D 135 -0.55 -52.71 -23.50
N GLY D 136 0.65 -52.17 -23.40
CA GLY D 136 1.81 -53.00 -23.13
C GLY D 136 2.57 -53.54 -24.33
N ASP D 137 2.06 -53.29 -25.52
CA ASP D 137 2.74 -53.77 -26.72
C ASP D 137 4.13 -53.12 -26.79
N ASP D 138 5.04 -53.74 -27.52
CA ASP D 138 6.40 -53.23 -27.65
C ASP D 138 6.70 -52.55 -28.99
N LEU D 139 5.65 -52.33 -29.78
CA LEU D 139 5.78 -51.66 -31.06
C LEU D 139 6.66 -52.38 -32.08
N SER D 140 6.96 -53.64 -31.84
CA SER D 140 7.81 -54.39 -32.77
C SER D 140 7.14 -54.56 -34.15
N ARG D 141 5.81 -54.59 -34.17
CA ARG D 141 5.06 -54.74 -35.41
C ARG D 141 4.78 -53.41 -36.10
N VAL D 142 5.35 -52.34 -35.56
CA VAL D 142 5.17 -51.02 -36.15
C VAL D 142 6.32 -50.77 -37.12
N ASP D 143 6.01 -50.44 -38.36
CA ASP D 143 7.06 -50.16 -39.33
C ASP D 143 7.51 -48.73 -39.03
N LYS D 144 8.32 -48.59 -38.00
CA LYS D 144 8.79 -47.27 -37.60
C LYS D 144 9.28 -46.39 -38.74
N GLU D 145 10.10 -46.95 -39.62
CA GLU D 145 10.61 -46.15 -40.73
C GLU D 145 9.52 -45.66 -41.68
N ALA D 146 8.54 -46.51 -41.94
CA ALA D 146 7.43 -46.15 -42.81
C ALA D 146 6.64 -45.01 -42.16
N CYS D 147 6.34 -45.15 -40.87
CA CYS D 147 5.60 -44.12 -40.17
C CYS D 147 6.34 -42.79 -40.23
N LEU D 148 7.64 -42.82 -39.96
CA LEU D 148 8.45 -41.61 -39.99
C LEU D 148 8.46 -41.00 -41.39
N ALA D 149 8.47 -41.87 -42.40
CA ALA D 149 8.48 -41.41 -43.79
C ALA D 149 7.15 -40.69 -44.06
N GLY D 150 6.07 -41.29 -43.58
CA GLY D 150 4.75 -40.70 -43.76
C GLY D 150 4.66 -39.37 -43.04
N LEU D 151 5.24 -39.30 -41.84
CA LEU D 151 5.22 -38.07 -41.06
C LEU D 151 5.92 -36.95 -41.83
N ARG D 152 7.16 -37.21 -42.24
CA ARG D 152 7.92 -36.21 -42.98
C ARG D 152 7.11 -35.63 -44.13
N ALA D 153 6.41 -36.51 -44.84
CA ALA D 153 5.61 -36.10 -45.98
C ALA D 153 4.50 -35.10 -45.64
N LEU D 154 4.04 -35.12 -44.39
CA LEU D 154 2.98 -34.23 -43.97
C LEU D 154 3.40 -32.81 -43.61
N GLN D 155 4.68 -32.60 -43.33
CA GLN D 155 5.12 -31.27 -42.95
C GLN D 155 5.16 -30.29 -44.11
N LEU D 156 4.76 -29.04 -43.85
CA LEU D 156 4.74 -28.00 -44.86
C LEU D 156 5.96 -27.10 -44.77
N GLU D 157 6.11 -26.21 -45.74
CA GLU D 157 7.24 -25.31 -45.77
C GLU D 157 7.32 -24.47 -44.51
N ASP D 158 6.17 -24.06 -43.97
CA ASP D 158 6.15 -23.23 -42.77
C ASP D 158 6.39 -23.96 -41.46
N GLY D 159 6.62 -25.27 -41.54
CA GLY D 159 6.89 -26.03 -40.33
C GLY D 159 5.73 -26.78 -39.74
N SER D 160 4.50 -26.39 -40.06
CA SER D 160 3.33 -27.09 -39.51
C SER D 160 3.07 -28.38 -40.27
N PHE D 161 2.02 -29.10 -39.89
CA PHE D 161 1.69 -30.37 -40.54
C PHE D 161 0.24 -30.48 -40.99
N CYS D 162 0.01 -31.42 -41.91
CA CYS D 162 -1.32 -31.73 -42.40
C CYS D 162 -1.61 -33.06 -41.73
N ALA D 163 -2.86 -33.51 -41.75
CA ALA D 163 -3.20 -34.77 -41.12
C ALA D 163 -3.06 -35.96 -42.06
N VAL D 164 -3.26 -35.73 -43.35
CA VAL D 164 -3.18 -36.79 -44.34
C VAL D 164 -2.46 -36.34 -45.60
N PRO D 165 -1.79 -37.28 -46.28
CA PRO D 165 -1.05 -36.96 -47.50
C PRO D 165 -1.91 -36.40 -48.62
N GLU D 166 -3.19 -36.78 -48.67
CA GLU D 166 -4.08 -36.28 -49.72
C GLU D 166 -4.36 -34.79 -49.54
N GLY D 167 -4.05 -34.27 -48.36
CA GLY D 167 -4.29 -32.86 -48.09
C GLY D 167 -5.34 -32.60 -47.03
N SER D 168 -5.16 -31.54 -46.27
CA SER D 168 -6.09 -31.16 -45.21
C SER D 168 -5.65 -29.81 -44.71
N GLU D 169 -6.33 -29.32 -43.68
CA GLU D 169 -5.98 -28.04 -43.09
C GLU D 169 -4.70 -28.31 -42.31
N ASN D 170 -3.94 -27.26 -41.99
CA ASN D 170 -2.72 -27.45 -41.23
C ASN D 170 -2.68 -26.46 -40.08
N ASP D 171 -2.25 -26.93 -38.91
CA ASP D 171 -2.14 -26.08 -37.73
C ASP D 171 -1.42 -26.76 -36.59
N MET D 172 -1.39 -26.07 -35.45
CA MET D 172 -0.71 -26.55 -34.25
C MET D 172 -1.13 -27.93 -33.77
N ARG D 173 -2.40 -28.30 -33.98
CA ARG D 173 -2.88 -29.61 -33.55
C ARG D 173 -2.00 -30.72 -34.11
N PHE D 174 -1.69 -30.62 -35.40
CA PHE D 174 -0.90 -31.64 -36.05
C PHE D 174 0.59 -31.54 -35.74
N VAL D 175 1.04 -30.34 -35.35
CA VAL D 175 2.44 -30.17 -34.97
C VAL D 175 2.63 -30.99 -33.70
N TYR D 176 1.64 -30.94 -32.82
CA TYR D 176 1.69 -31.70 -31.58
C TYR D 176 1.68 -33.20 -31.86
N CYS D 177 0.84 -33.62 -32.80
CA CYS D 177 0.76 -35.03 -33.16
C CYS D 177 2.11 -35.51 -33.68
N ALA D 178 2.72 -34.71 -34.54
CA ALA D 178 4.02 -35.05 -35.10
C ALA D 178 5.02 -35.21 -33.96
N SER D 179 5.02 -34.24 -33.04
CA SER D 179 5.94 -34.27 -31.92
C SER D 179 5.75 -35.54 -31.09
N CYS D 180 4.51 -35.89 -30.79
CA CYS D 180 4.25 -37.10 -30.01
C CYS D 180 4.73 -38.35 -30.71
N ILE D 181 4.55 -38.39 -32.03
CA ILE D 181 4.96 -39.54 -32.80
C ILE D 181 6.48 -39.68 -32.74
N CYS D 182 7.20 -38.60 -33.05
CA CYS D 182 8.65 -38.63 -33.02
C CYS D 182 9.15 -39.01 -31.64
N TYR D 183 8.50 -38.50 -30.61
CA TYR D 183 8.89 -38.80 -29.25
C TYR D 183 8.72 -40.27 -28.91
N MET D 184 7.56 -40.84 -29.24
CA MET D 184 7.29 -42.23 -28.94
C MET D 184 8.18 -43.18 -29.74
N LEU D 185 8.45 -42.83 -30.99
CA LEU D 185 9.31 -43.69 -31.81
C LEU D 185 10.74 -43.33 -31.49
N ASN D 186 10.90 -42.39 -30.55
CA ASN D 186 12.21 -41.94 -30.12
C ASN D 186 13.13 -41.69 -31.32
N ASN D 187 12.61 -41.00 -32.32
CA ASN D 187 13.36 -40.68 -33.53
C ASN D 187 12.77 -39.41 -34.12
N TRP D 188 13.52 -38.32 -34.14
CA TRP D 188 12.99 -37.08 -34.68
C TRP D 188 13.27 -36.86 -36.16
N SER D 189 13.61 -37.91 -36.87
CA SER D 189 13.86 -37.78 -38.30
C SER D 189 12.51 -37.59 -38.98
N GLY D 190 11.44 -37.79 -38.22
CA GLY D 190 10.10 -37.64 -38.73
C GLY D 190 9.70 -36.21 -39.03
N MET D 191 10.52 -35.25 -38.63
CA MET D 191 10.18 -33.85 -38.87
C MET D 191 11.42 -32.98 -38.94
N ASP D 192 11.25 -31.79 -39.52
CA ASP D 192 12.32 -30.81 -39.59
C ASP D 192 12.03 -29.94 -38.37
N MET D 193 12.62 -30.33 -37.24
CA MET D 193 12.41 -29.65 -35.98
C MET D 193 12.64 -28.13 -36.01
N LYS D 194 13.62 -27.68 -36.80
CA LYS D 194 13.90 -26.26 -36.89
C LYS D 194 12.69 -25.50 -37.42
N LYS D 195 12.08 -26.03 -38.47
CA LYS D 195 10.92 -25.40 -39.07
C LYS D 195 9.69 -25.48 -38.16
N ALA D 196 9.54 -26.60 -37.47
CA ALA D 196 8.41 -26.79 -36.56
C ALA D 196 8.47 -25.73 -35.45
N ILE D 197 9.66 -25.57 -34.88
CA ILE D 197 9.90 -24.61 -33.82
C ILE D 197 9.58 -23.20 -34.33
N SER D 198 9.97 -22.94 -35.58
CA SER D 198 9.70 -21.65 -36.16
C SER D 198 8.19 -21.42 -36.20
N TYR D 199 7.45 -22.43 -36.62
CA TYR D 199 6.00 -22.34 -36.68
C TYR D 199 5.42 -22.05 -35.30
N ILE D 200 5.89 -22.78 -34.29
CA ILE D 200 5.40 -22.58 -32.94
C ILE D 200 5.67 -21.14 -32.48
N ARG D 201 6.86 -20.62 -32.76
CA ARG D 201 7.15 -19.25 -32.32
C ARG D 201 6.22 -18.26 -32.99
N ARG D 202 6.09 -18.37 -34.31
CA ARG D 202 5.26 -17.43 -35.05
C ARG D 202 3.81 -17.46 -34.67
N SER D 203 3.39 -18.49 -33.92
CA SER D 203 2.00 -18.58 -33.54
C SER D 203 1.69 -17.79 -32.28
N MET D 204 2.74 -17.28 -31.63
CA MET D 204 2.53 -16.49 -30.41
C MET D 204 1.83 -15.19 -30.76
N SER D 205 0.75 -14.91 -30.04
CA SER D 205 -0.05 -13.71 -30.25
C SER D 205 0.46 -12.51 -29.46
N TYR D 206 -0.11 -11.34 -29.75
CA TYR D 206 0.26 -10.12 -29.05
C TYR D 206 -0.14 -10.25 -27.59
N ASP D 207 -1.13 -11.10 -27.29
CA ASP D 207 -1.56 -11.29 -25.91
C ASP D 207 -0.74 -12.40 -25.24
N ASN D 208 0.28 -12.87 -25.96
CA ASN D 208 1.22 -13.89 -25.48
C ASN D 208 0.79 -15.35 -25.41
N GLY D 209 -0.41 -15.66 -25.85
CA GLY D 209 -0.84 -17.05 -25.87
C GLY D 209 -0.40 -17.60 -27.22
N LEU D 210 -0.60 -18.88 -27.45
CA LEU D 210 -0.22 -19.47 -28.74
C LEU D 210 -1.50 -19.75 -29.52
N ALA D 211 -1.52 -19.36 -30.80
CA ALA D 211 -2.69 -19.59 -31.64
C ALA D 211 -2.47 -20.80 -32.52
N GLN D 212 -3.49 -21.20 -33.27
CA GLN D 212 -3.37 -22.35 -34.17
C GLN D 212 -2.32 -22.08 -35.25
N GLY D 213 -2.12 -20.80 -35.54
CA GLY D 213 -1.15 -20.37 -36.52
C GLY D 213 -0.96 -18.88 -36.39
N ALA D 214 0.09 -18.35 -37.04
CA ALA D 214 0.39 -16.93 -36.98
C ALA D 214 -0.81 -16.02 -37.25
N GLY D 215 -0.94 -14.97 -36.45
CA GLY D 215 -2.03 -14.02 -36.64
C GLY D 215 -3.38 -14.43 -36.06
N LEU D 216 -3.62 -15.73 -35.91
CA LEU D 216 -4.87 -16.20 -35.35
C LEU D 216 -4.96 -15.90 -33.84
N GLU D 217 -6.16 -16.05 -33.29
CA GLU D 217 -6.42 -15.80 -31.87
C GLU D 217 -5.78 -16.87 -31.00
N SER D 218 -4.99 -16.45 -30.01
CA SER D 218 -4.33 -17.41 -29.12
C SER D 218 -5.43 -18.25 -28.48
N HIS D 219 -5.12 -19.52 -28.25
CA HIS D 219 -6.11 -20.46 -27.74
C HIS D 219 -5.49 -21.50 -26.80
N GLY D 220 -6.23 -21.90 -25.78
CA GLY D 220 -5.73 -22.87 -24.83
C GLY D 220 -5.31 -24.18 -25.48
N GLY D 221 -6.06 -24.60 -26.50
CA GLY D 221 -5.75 -25.84 -27.18
C GLY D 221 -4.43 -25.75 -27.93
N SER D 222 -4.25 -24.68 -28.70
CA SER D 222 -3.02 -24.54 -29.45
C SER D 222 -1.83 -24.20 -28.55
N THR D 223 -2.09 -23.52 -27.44
CA THR D 223 -1.02 -23.20 -26.52
C THR D 223 -0.49 -24.51 -25.94
N PHE D 224 -1.40 -25.42 -25.59
CA PHE D 224 -0.97 -26.69 -25.06
C PHE D 224 -0.14 -27.41 -26.12
N CYS D 225 -0.69 -27.50 -27.33
CA CYS D 225 0.00 -28.18 -28.42
C CYS D 225 1.40 -27.63 -28.66
N GLY D 226 1.53 -26.31 -28.65
CA GLY D 226 2.82 -25.70 -28.87
C GLY D 226 3.80 -25.93 -27.73
N ILE D 227 3.40 -25.59 -26.51
CA ILE D 227 4.26 -25.77 -25.37
C ILE D 227 4.62 -27.25 -25.18
N ALA D 228 3.63 -28.13 -25.25
CA ALA D 228 3.89 -29.56 -25.08
C ALA D 228 4.85 -30.07 -26.14
N SER D 229 4.69 -29.61 -27.38
CA SER D 229 5.57 -30.02 -28.47
C SER D 229 7.00 -29.65 -28.14
N LEU D 230 7.21 -28.41 -27.71
CA LEU D 230 8.54 -27.94 -27.36
C LEU D 230 9.12 -28.77 -26.21
N CYS D 231 8.30 -29.06 -25.21
CA CYS D 231 8.77 -29.87 -24.07
C CYS D 231 9.17 -31.26 -24.54
N LEU D 232 8.38 -31.84 -25.45
CA LEU D 232 8.69 -33.16 -25.99
C LEU D 232 10.02 -33.12 -26.74
N MET D 233 10.33 -32.00 -27.40
CA MET D 233 11.59 -31.85 -28.12
C MET D 233 12.68 -31.44 -27.13
N GLY D 234 12.27 -31.09 -25.92
CA GLY D 234 13.20 -30.65 -24.90
C GLY D 234 13.85 -29.34 -25.31
N LYS D 235 13.06 -28.38 -25.79
CA LYS D 235 13.60 -27.11 -26.23
C LYS D 235 12.79 -25.92 -25.74
N LEU D 236 11.95 -26.11 -24.73
CA LEU D 236 11.12 -25.01 -24.23
C LEU D 236 11.99 -23.81 -23.89
N GLU D 237 12.95 -24.04 -22.99
CA GLU D 237 13.89 -23.00 -22.53
C GLU D 237 14.68 -22.37 -23.66
N GLU D 238 15.06 -23.18 -24.63
CA GLU D 238 15.85 -22.73 -25.77
C GLU D 238 15.06 -21.89 -26.77
N VAL D 239 13.76 -22.17 -26.90
CA VAL D 239 12.92 -21.46 -27.85
C VAL D 239 12.34 -20.15 -27.33
N PHE D 240 11.91 -20.14 -26.08
CA PHE D 240 11.33 -18.94 -25.50
C PHE D 240 12.21 -18.38 -24.38
N SER D 241 12.37 -17.06 -24.37
CA SER D 241 13.18 -16.40 -23.36
C SER D 241 12.42 -16.45 -22.04
N GLU D 242 13.10 -16.09 -20.95
CA GLU D 242 12.45 -16.08 -19.66
C GLU D 242 11.29 -15.08 -19.68
N LYS D 243 11.54 -13.92 -20.28
CA LYS D 243 10.52 -12.89 -20.36
C LYS D 243 9.31 -13.43 -21.14
N GLU D 244 9.60 -14.15 -22.22
CA GLU D 244 8.55 -14.72 -23.04
C GLU D 244 7.76 -15.77 -22.27
N LEU D 245 8.47 -16.67 -21.59
CA LEU D 245 7.81 -17.71 -20.81
C LEU D 245 6.95 -17.09 -19.73
N ASN D 246 7.39 -15.98 -19.16
CA ASN D 246 6.63 -15.30 -18.11
C ASN D 246 5.32 -14.80 -18.68
N ARG D 247 5.39 -14.25 -19.88
CA ARG D 247 4.18 -13.73 -20.54
C ARG D 247 3.22 -14.85 -20.90
N ILE D 248 3.77 -15.99 -21.33
CA ILE D 248 2.94 -17.11 -21.69
C ILE D 248 2.29 -17.65 -20.43
N LYS D 249 3.05 -17.74 -19.34
CA LYS D 249 2.51 -18.22 -18.07
C LYS D 249 1.34 -17.34 -17.64
N ARG D 250 1.54 -16.03 -17.75
CA ARG D 250 0.51 -15.08 -17.38
C ARG D 250 -0.76 -15.35 -18.17
N TRP D 251 -0.61 -15.51 -19.48
CA TRP D 251 -1.77 -15.75 -20.34
C TRP D 251 -2.50 -17.03 -19.92
N CYS D 252 -1.72 -18.09 -19.68
CA CYS D 252 -2.29 -19.35 -19.26
C CYS D 252 -3.02 -19.30 -17.92
N ILE D 253 -2.36 -18.75 -16.90
CA ILE D 253 -2.99 -18.74 -15.60
C ILE D 253 -4.23 -17.83 -15.55
N MET D 254 -4.33 -16.92 -16.51
CA MET D 254 -5.49 -16.04 -16.55
C MET D 254 -6.70 -16.80 -17.07
N ARG D 255 -6.48 -18.02 -17.56
CA ARG D 255 -7.56 -18.83 -18.09
C ARG D 255 -8.46 -19.42 -17.02
N GLN D 256 -8.00 -19.46 -15.77
CA GLN D 256 -8.85 -20.02 -14.73
C GLN D 256 -9.90 -19.05 -14.23
N GLN D 257 -11.16 -19.46 -14.30
CA GLN D 257 -12.29 -18.66 -13.86
C GLN D 257 -12.77 -19.33 -12.58
N ASN D 258 -12.81 -20.65 -12.64
CA ASN D 258 -13.17 -21.57 -11.54
C ASN D 258 -12.60 -22.82 -12.20
N GLY D 259 -13.20 -23.18 -13.33
CA GLY D 259 -12.71 -24.27 -14.14
C GLY D 259 -11.88 -23.47 -15.13
N TYR D 260 -11.57 -24.00 -16.30
CA TYR D 260 -10.78 -23.23 -17.26
C TYR D 260 -11.50 -23.04 -18.60
N HIS D 261 -11.25 -21.89 -19.24
CA HIS D 261 -11.83 -21.64 -20.54
C HIS D 261 -10.67 -21.66 -21.54
N GLY D 262 -10.97 -21.78 -22.84
CA GLY D 262 -9.92 -21.86 -23.83
C GLY D 262 -9.45 -20.52 -24.39
N ARG D 263 -10.23 -19.49 -24.15
CA ARG D 263 -9.90 -18.14 -24.64
C ARG D 263 -10.51 -17.08 -23.73
N PRO D 264 -9.88 -15.90 -23.67
CA PRO D 264 -10.42 -14.84 -22.82
C PRO D 264 -11.89 -14.60 -23.17
N ASN D 265 -12.70 -14.34 -22.15
CA ASN D 265 -14.12 -14.07 -22.30
C ASN D 265 -14.99 -15.18 -22.88
N LYS D 266 -14.53 -16.41 -22.76
CA LYS D 266 -15.29 -17.57 -23.23
C LYS D 266 -15.65 -18.40 -21.99
N PRO D 267 -16.78 -19.11 -22.04
CA PRO D 267 -17.19 -19.93 -20.90
C PRO D 267 -16.22 -21.10 -20.63
N VAL D 268 -16.08 -21.49 -19.36
CA VAL D 268 -15.20 -22.58 -19.02
C VAL D 268 -15.72 -23.87 -19.63
N ASP D 269 -14.79 -24.81 -19.84
CA ASP D 269 -15.07 -26.09 -20.43
C ASP D 269 -14.15 -27.11 -19.75
N THR D 270 -14.73 -28.17 -19.21
CA THR D 270 -13.95 -29.19 -18.53
C THR D 270 -12.64 -29.59 -19.20
N CYS D 271 -12.66 -29.84 -20.51
CA CYS D 271 -11.43 -30.29 -21.16
C CYS D 271 -10.26 -29.33 -21.03
N TYR D 272 -10.55 -28.06 -20.76
CA TYR D 272 -9.47 -27.09 -20.60
C TYR D 272 -8.73 -27.23 -19.29
N SER D 273 -9.33 -27.99 -18.36
CA SER D 273 -8.68 -28.25 -17.10
C SER D 273 -7.42 -29.05 -17.44
N PHE D 274 -7.44 -29.73 -18.58
CA PHE D 274 -6.25 -30.45 -18.98
C PHE D 274 -5.43 -29.62 -19.96
N TRP D 275 -6.05 -29.16 -21.05
CA TRP D 275 -5.33 -28.37 -22.05
C TRP D 275 -4.50 -27.26 -21.40
N VAL D 276 -5.17 -26.40 -20.63
CA VAL D 276 -4.48 -25.30 -19.97
C VAL D 276 -3.73 -25.77 -18.72
N GLY D 277 -4.39 -26.62 -17.93
CA GLY D 277 -3.78 -27.13 -16.73
C GLY D 277 -2.46 -27.83 -17.00
N ALA D 278 -2.44 -28.65 -18.03
CA ALA D 278 -1.22 -29.37 -18.40
C ALA D 278 -0.13 -28.40 -18.83
N THR D 279 -0.52 -27.34 -19.54
CA THR D 279 0.44 -26.34 -20.00
C THR D 279 1.05 -25.68 -18.78
N LEU D 280 0.19 -25.31 -17.83
CA LEU D 280 0.64 -24.67 -16.60
C LEU D 280 1.59 -25.61 -15.85
N LYS D 281 1.29 -26.90 -15.87
CA LYS D 281 2.15 -27.89 -15.21
C LYS D 281 3.49 -27.93 -15.92
N LEU D 282 3.47 -27.92 -17.24
CA LEU D 282 4.72 -27.93 -17.99
C LEU D 282 5.52 -26.66 -17.71
N LEU D 283 4.82 -25.56 -17.45
CA LEU D 283 5.47 -24.29 -17.16
C LEU D 283 5.78 -24.16 -15.66
N LYS D 284 5.58 -25.27 -14.95
CA LYS D 284 5.85 -25.35 -13.52
C LYS D 284 5.15 -24.32 -12.62
N ILE D 285 3.94 -23.91 -12.98
CA ILE D 285 3.23 -22.96 -12.13
C ILE D 285 1.80 -23.40 -11.88
N PHE D 286 1.45 -24.61 -12.27
CA PHE D 286 0.09 -25.10 -12.05
C PHE D 286 -0.16 -25.11 -10.54
N GLN D 287 0.92 -25.33 -9.79
CA GLN D 287 0.91 -25.37 -8.33
C GLN D 287 0.34 -24.07 -7.74
N TYR D 288 0.42 -22.98 -8.50
CA TYR D 288 -0.07 -21.69 -8.02
C TYR D 288 -1.52 -21.42 -8.38
N THR D 289 -2.18 -22.38 -9.00
CA THR D 289 -3.59 -22.19 -9.35
C THR D 289 -4.46 -22.60 -8.16
N ASN D 290 -5.76 -22.29 -8.25
CA ASN D 290 -6.68 -22.65 -7.20
C ASN D 290 -7.23 -24.05 -7.50
N PHE D 291 -6.80 -25.05 -6.73
CA PHE D 291 -7.26 -26.42 -6.95
C PHE D 291 -8.73 -26.67 -6.68
N GLU D 292 -9.21 -26.21 -5.52
CA GLU D 292 -10.58 -26.45 -5.13
C GLU D 292 -11.63 -26.00 -6.15
N LYS D 293 -11.53 -24.76 -6.62
CA LYS D 293 -12.49 -24.26 -7.60
C LYS D 293 -12.44 -25.05 -8.90
N ASN D 294 -11.25 -25.47 -9.29
CA ASN D 294 -11.09 -26.26 -10.50
C ASN D 294 -11.73 -27.63 -10.29
N ARG D 295 -11.34 -28.31 -9.22
CA ARG D 295 -11.90 -29.62 -8.92
C ARG D 295 -13.42 -29.55 -8.80
N ASN D 296 -13.90 -28.51 -8.13
CA ASN D 296 -15.33 -28.33 -7.94
C ASN D 296 -16.03 -28.24 -9.29
N TYR D 297 -15.46 -27.45 -10.20
CA TYR D 297 -16.05 -27.31 -11.52
C TYR D 297 -16.07 -28.64 -12.27
N ILE D 298 -14.91 -29.30 -12.33
CA ILE D 298 -14.81 -30.56 -13.04
C ILE D 298 -15.88 -31.52 -12.55
N LEU D 299 -15.97 -31.67 -11.24
CA LEU D 299 -16.96 -32.60 -10.68
C LEU D 299 -18.39 -32.18 -10.98
N SER D 300 -18.63 -30.89 -11.14
CA SER D 300 -19.97 -30.42 -11.42
C SER D 300 -20.43 -30.87 -12.82
N THR D 301 -19.50 -31.37 -13.62
CA THR D 301 -19.83 -31.82 -14.97
C THR D 301 -19.80 -33.35 -15.03
N GLN D 302 -19.66 -33.97 -13.86
CA GLN D 302 -19.63 -35.42 -13.76
C GLN D 302 -21.05 -35.97 -13.88
N ASP D 303 -21.25 -36.99 -14.72
CA ASP D 303 -22.58 -37.58 -14.85
C ASP D 303 -22.64 -38.71 -13.83
N ARG D 304 -23.32 -38.46 -12.72
CA ARG D 304 -23.42 -39.44 -11.65
C ARG D 304 -24.21 -40.69 -12.02
N LEU D 305 -24.99 -40.61 -13.08
CA LEU D 305 -25.81 -41.73 -13.52
C LEU D 305 -25.06 -42.65 -14.49
N VAL D 306 -24.65 -42.12 -15.65
CA VAL D 306 -23.95 -42.93 -16.65
C VAL D 306 -22.43 -42.90 -16.55
N GLY D 307 -21.90 -41.93 -15.81
CA GLY D 307 -20.46 -41.84 -15.68
C GLY D 307 -19.89 -40.89 -16.70
N GLY D 308 -18.59 -40.66 -16.65
CA GLY D 308 -17.96 -39.74 -17.59
C GLY D 308 -18.20 -38.29 -17.20
N PHE D 309 -17.65 -37.36 -17.98
CA PHE D 309 -17.81 -35.93 -17.73
C PHE D 309 -18.25 -35.23 -19.00
N ALA D 310 -18.85 -34.05 -18.84
CA ALA D 310 -19.33 -33.27 -19.97
C ALA D 310 -18.52 -31.98 -19.98
N LYS D 311 -18.69 -31.15 -21.00
CA LYS D 311 -17.93 -29.91 -21.05
C LYS D 311 -18.51 -28.95 -20.02
N TRP D 312 -19.82 -29.00 -19.85
CA TRP D 312 -20.51 -28.14 -18.90
C TRP D 312 -21.40 -28.96 -17.98
N PRO D 313 -21.77 -28.38 -16.83
CA PRO D 313 -22.64 -29.10 -15.90
C PRO D 313 -24.03 -29.31 -16.49
N ASP D 314 -24.69 -30.39 -16.11
CA ASP D 314 -26.02 -30.70 -16.61
C ASP D 314 -25.99 -30.78 -18.14
N SER D 315 -24.93 -31.39 -18.66
CA SER D 315 -24.75 -31.55 -20.10
C SER D 315 -24.38 -33.03 -20.31
N HIS D 316 -24.61 -33.57 -21.50
CA HIS D 316 -24.30 -34.98 -21.73
C HIS D 316 -22.81 -35.24 -21.81
N PRO D 317 -22.34 -36.33 -21.17
CA PRO D 317 -20.92 -36.68 -21.19
C PRO D 317 -20.49 -37.35 -22.48
N ASP D 318 -19.19 -37.38 -22.72
CA ASP D 318 -18.63 -38.03 -23.89
C ASP D 318 -17.23 -38.50 -23.55
N ALA D 319 -16.67 -39.36 -24.39
CA ALA D 319 -15.35 -39.91 -24.15
C ALA D 319 -14.27 -38.85 -23.95
N LEU D 320 -14.27 -37.84 -24.82
CA LEU D 320 -13.26 -36.79 -24.73
C LEU D 320 -13.27 -36.04 -23.39
N HIS D 321 -14.43 -35.54 -22.99
CA HIS D 321 -14.48 -34.82 -21.71
C HIS D 321 -14.32 -35.74 -20.51
N ALA D 322 -14.72 -36.99 -20.66
CA ALA D 322 -14.57 -37.95 -19.57
C ALA D 322 -13.07 -38.11 -19.35
N TYR D 323 -12.34 -38.31 -20.44
CA TYR D 323 -10.90 -38.49 -20.36
C TYR D 323 -10.18 -37.25 -19.88
N PHE D 324 -10.44 -36.11 -20.51
CA PHE D 324 -9.76 -34.88 -20.11
C PHE D 324 -10.17 -34.39 -18.73
N GLY D 325 -11.40 -34.68 -18.32
CA GLY D 325 -11.82 -34.27 -17.00
C GLY D 325 -11.00 -35.06 -15.98
N ILE D 326 -10.81 -36.34 -16.26
CA ILE D 326 -10.04 -37.19 -15.39
C ILE D 326 -8.59 -36.75 -15.36
N CYS D 327 -8.02 -36.44 -16.51
CA CYS D 327 -6.64 -35.98 -16.55
C CYS D 327 -6.53 -34.65 -15.83
N GLY D 328 -7.60 -33.85 -15.89
CA GLY D 328 -7.60 -32.57 -15.20
C GLY D 328 -7.48 -32.84 -13.71
N LEU D 329 -8.29 -33.77 -13.22
CA LEU D 329 -8.26 -34.15 -11.81
C LEU D 329 -6.87 -34.70 -11.47
N SER D 330 -6.30 -35.48 -12.39
CA SER D 330 -4.99 -36.07 -12.18
C SER D 330 -3.93 -35.01 -11.93
N LEU D 331 -4.03 -33.90 -12.66
CA LEU D 331 -3.06 -32.81 -12.51
C LEU D 331 -2.99 -32.29 -11.08
N MET D 332 -4.12 -32.33 -10.39
CA MET D 332 -4.18 -31.86 -9.00
C MET D 332 -4.05 -33.02 -8.04
N GLU D 333 -4.05 -34.23 -8.60
CA GLU D 333 -3.95 -35.48 -7.86
C GLU D 333 -5.29 -35.73 -7.18
N GLU D 334 -5.89 -36.87 -7.49
CA GLU D 334 -7.17 -37.27 -6.95
C GLU D 334 -6.93 -38.74 -6.61
N SER D 335 -7.36 -39.19 -5.45
CA SER D 335 -7.12 -40.58 -5.12
C SER D 335 -7.98 -41.41 -6.07
N GLY D 336 -7.39 -42.47 -6.60
CA GLY D 336 -8.10 -43.34 -7.53
C GLY D 336 -7.69 -43.07 -8.97
N ILE D 337 -6.92 -41.99 -9.17
CA ILE D 337 -6.45 -41.60 -10.49
C ILE D 337 -4.94 -41.53 -10.50
N CYS D 338 -4.33 -42.03 -11.57
CA CYS D 338 -2.89 -42.03 -11.69
C CYS D 338 -2.39 -40.69 -12.18
N LYS D 339 -1.10 -40.47 -11.97
CA LYS D 339 -0.45 -39.24 -12.39
C LYS D 339 -0.28 -39.26 -13.90
N VAL D 340 -0.82 -38.24 -14.56
CA VAL D 340 -0.73 -38.15 -16.01
C VAL D 340 0.52 -37.35 -16.41
N HIS D 341 1.21 -37.82 -17.45
CA HIS D 341 2.39 -37.15 -17.98
C HIS D 341 1.79 -35.98 -18.79
N PRO D 342 2.03 -34.74 -18.35
CA PRO D 342 1.49 -33.57 -19.04
C PRO D 342 1.78 -33.35 -20.52
N ALA D 343 3.02 -33.56 -20.96
CA ALA D 343 3.30 -33.33 -22.37
C ALA D 343 2.93 -34.47 -23.33
N LEU D 344 3.13 -35.71 -22.91
CA LEU D 344 2.82 -36.86 -23.76
C LEU D 344 1.37 -37.31 -23.69
N ASN D 345 0.66 -36.86 -22.67
CA ASN D 345 -0.75 -37.17 -22.48
C ASN D 345 -1.09 -38.65 -22.27
N VAL D 346 -0.34 -39.27 -21.36
CA VAL D 346 -0.54 -40.67 -21.00
C VAL D 346 -0.11 -40.76 -19.54
N SER D 347 -0.55 -41.80 -18.83
CA SER D 347 -0.17 -41.97 -17.45
C SER D 347 1.34 -42.10 -17.36
N THR D 348 1.91 -41.73 -16.21
CA THR D 348 3.36 -41.82 -16.01
C THR D 348 3.79 -43.29 -16.05
N ARG D 349 2.92 -44.17 -15.58
CA ARG D 349 3.21 -45.59 -15.60
C ARG D 349 3.56 -45.98 -17.05
N THR D 350 2.76 -45.47 -17.99
CA THR D 350 2.97 -45.74 -19.42
C THR D 350 4.18 -45.01 -19.96
N SER D 351 4.37 -43.75 -19.56
CA SER D 351 5.52 -42.99 -20.05
C SER D 351 6.82 -43.65 -19.60
N GLU D 352 6.75 -44.39 -18.51
CA GLU D 352 7.92 -45.10 -18.00
C GLU D 352 8.10 -46.40 -18.75
N ARG D 353 6.98 -47.04 -19.08
CA ARG D 353 7.00 -48.28 -19.84
C ARG D 353 7.70 -47.94 -21.17
N LEU D 354 7.38 -46.76 -21.71
CA LEU D 354 7.96 -46.29 -22.96
C LEU D 354 9.44 -45.99 -22.79
N ARG D 355 9.82 -45.44 -21.63
CA ARG D 355 11.22 -45.13 -21.36
C ARG D 355 12.00 -46.43 -21.45
N ASP D 356 11.42 -47.49 -20.87
CA ASP D 356 12.04 -48.81 -20.88
C ASP D 356 12.19 -49.29 -22.31
N LEU D 357 11.10 -49.21 -23.06
CA LEU D 357 11.10 -49.62 -24.45
C LEU D 357 12.26 -48.99 -25.21
N HIS D 358 12.48 -47.71 -24.97
CA HIS D 358 13.55 -47.00 -25.65
C HIS D 358 14.94 -47.52 -25.28
N GLN D 359 15.15 -47.85 -24.00
CA GLN D 359 16.45 -48.37 -23.57
C GLN D 359 16.70 -49.71 -24.27
N SER D 360 15.68 -50.55 -24.33
CA SER D 360 15.85 -51.86 -24.96
C SER D 360 16.04 -51.77 -26.47
N TRP D 361 15.72 -50.63 -27.07
CA TRP D 361 15.91 -50.47 -28.52
C TRP D 361 17.35 -50.03 -28.72
N LYS D 362 17.86 -49.22 -27.78
CA LYS D 362 19.22 -48.71 -27.84
C LYS D 362 20.21 -49.87 -27.81
N THR D 363 19.71 -51.07 -27.51
CA THR D 363 20.54 -52.27 -27.43
C THR D 363 19.98 -53.38 -28.32
N PHE E 55 13.98 12.43 -59.19
CA PHE E 55 14.14 13.92 -59.24
C PHE E 55 15.24 14.42 -60.19
N LEU E 56 16.47 14.49 -59.68
CA LEU E 56 17.61 14.97 -60.46
C LEU E 56 18.20 13.93 -61.43
N SER E 57 17.86 14.06 -62.72
CA SER E 57 18.32 13.11 -63.74
C SER E 57 19.83 12.96 -63.89
N LEU E 58 20.27 11.71 -64.11
CA LEU E 58 21.68 11.39 -64.27
C LEU E 58 22.34 12.12 -65.43
N ASP E 59 21.53 12.60 -66.37
CA ASP E 59 22.05 13.31 -67.52
C ASP E 59 21.67 14.79 -67.51
N SER E 60 21.02 15.23 -66.44
CA SER E 60 20.64 16.64 -66.32
C SER E 60 21.90 17.51 -66.27
N PRO E 61 21.84 18.72 -66.86
CA PRO E 61 22.99 19.64 -66.88
C PRO E 61 23.41 19.99 -65.46
N THR E 62 22.42 20.12 -64.59
CA THR E 62 22.67 20.46 -63.20
C THR E 62 22.93 19.27 -62.27
N TYR E 63 23.07 18.08 -62.83
CA TYR E 63 23.31 16.90 -61.99
C TYR E 63 24.53 17.15 -61.12
N VAL E 64 24.49 16.66 -59.89
CA VAL E 64 25.58 16.82 -58.95
C VAL E 64 25.94 15.47 -58.34
N LEU E 65 27.23 15.15 -58.30
CA LEU E 65 27.67 13.89 -57.70
C LEU E 65 27.15 13.83 -56.25
N TYR E 66 26.90 12.61 -55.79
CA TYR E 66 26.41 12.40 -54.45
C TYR E 66 27.39 12.90 -53.41
N ARG E 67 28.68 12.83 -53.71
CA ARG E 67 29.66 13.30 -52.75
C ARG E 67 29.64 14.81 -52.60
N ASP E 68 28.90 15.50 -53.46
CA ASP E 68 28.82 16.96 -53.40
C ASP E 68 27.42 17.41 -53.04
N ARG E 69 26.60 16.49 -52.57
CA ARG E 69 25.24 16.84 -52.18
C ARG E 69 25.15 16.97 -50.66
N ALA E 70 24.56 18.08 -50.21
CA ALA E 70 24.42 18.32 -48.79
C ALA E 70 23.67 17.18 -48.11
N GLU E 71 22.51 16.81 -48.66
CA GLU E 71 21.69 15.73 -48.10
C GLU E 71 22.46 14.44 -47.83
N TRP E 72 23.63 14.30 -48.44
CA TRP E 72 24.42 13.08 -48.26
C TRP E 72 25.74 13.31 -47.54
N ALA E 73 25.88 14.47 -46.92
CA ALA E 73 27.12 14.81 -46.22
C ALA E 73 27.42 13.92 -45.01
N ASP E 74 26.36 13.48 -44.32
CA ASP E 74 26.51 12.62 -43.16
C ASP E 74 26.97 11.20 -43.47
N ILE E 75 26.85 10.81 -44.74
CA ILE E 75 27.23 9.46 -45.16
C ILE E 75 28.61 9.35 -45.78
N ASP E 76 29.37 8.37 -45.30
CA ASP E 76 30.71 8.12 -45.83
C ASP E 76 30.58 7.04 -46.90
N PRO E 77 30.88 7.38 -48.16
CA PRO E 77 30.78 6.42 -49.25
C PRO E 77 31.66 5.21 -49.02
N VAL E 78 31.15 4.03 -49.41
CA VAL E 78 31.88 2.78 -49.26
C VAL E 78 32.35 2.33 -50.64
N PRO E 79 33.66 2.23 -50.81
CA PRO E 79 34.22 1.81 -52.10
C PRO E 79 34.25 0.29 -52.27
N GLN E 80 34.32 -0.14 -53.52
CA GLN E 80 34.39 -1.55 -53.83
C GLN E 80 35.88 -1.84 -53.96
N ASN E 81 36.33 -3.00 -53.50
CA ASN E 81 37.74 -3.32 -53.60
C ASN E 81 38.01 -4.78 -53.93
N ASP E 82 38.65 -5.00 -55.08
CA ASP E 82 38.95 -6.35 -55.52
C ASP E 82 40.35 -6.77 -55.10
N GLY E 83 40.86 -6.17 -54.03
CA GLY E 83 42.18 -6.51 -53.54
C GLY E 83 43.34 -6.15 -54.44
N PRO E 84 44.54 -6.65 -54.13
CA PRO E 84 45.78 -6.41 -54.87
C PRO E 84 45.76 -6.66 -56.38
N SER E 85 45.22 -7.79 -56.81
CA SER E 85 45.19 -8.13 -58.23
C SER E 85 43.77 -8.37 -58.75
N PRO E 86 43.02 -7.30 -59.02
CA PRO E 86 41.65 -7.46 -59.53
C PRO E 86 41.53 -8.30 -60.80
N VAL E 87 40.47 -9.12 -60.84
CA VAL E 87 40.22 -9.98 -61.98
C VAL E 87 38.92 -9.57 -62.63
N VAL E 88 38.89 -9.56 -63.95
CA VAL E 88 37.67 -9.19 -64.69
C VAL E 88 37.09 -7.89 -64.12
N GLN E 89 37.95 -6.90 -63.95
CA GLN E 89 37.50 -5.63 -63.41
C GLN E 89 36.88 -4.69 -64.46
N ILE E 90 35.73 -4.13 -64.13
CA ILE E 90 35.02 -3.23 -65.02
C ILE E 90 35.39 -1.80 -64.66
N ILE E 91 35.75 -0.99 -65.66
CA ILE E 91 36.10 0.41 -65.40
C ILE E 91 34.84 1.26 -65.31
N TYR E 92 34.77 2.08 -64.27
CA TYR E 92 33.60 2.91 -64.03
C TYR E 92 33.87 4.40 -64.10
N SER E 93 32.89 5.14 -64.63
CA SER E 93 32.99 6.58 -64.74
C SER E 93 32.85 7.20 -63.35
N GLU E 94 33.16 8.48 -63.25
CA GLU E 94 33.07 9.18 -61.98
C GLU E 94 31.65 9.06 -61.45
N LYS E 95 30.68 9.36 -62.31
CA LYS E 95 29.27 9.32 -61.94
C LYS E 95 28.85 7.95 -61.42
N PHE E 96 29.13 6.93 -62.23
CA PHE E 96 28.80 5.55 -61.90
C PHE E 96 29.32 5.15 -60.52
N ARG E 97 30.63 5.27 -60.34
CA ARG E 97 31.23 4.90 -59.06
C ARG E 97 30.65 5.72 -57.91
N ASP E 98 30.29 6.96 -58.18
CA ASP E 98 29.73 7.85 -57.17
C ASP E 98 28.41 7.29 -56.67
N VAL E 99 27.49 7.02 -57.59
CA VAL E 99 26.18 6.48 -57.22
C VAL E 99 26.32 5.19 -56.40
N TYR E 100 27.14 4.28 -56.89
CA TYR E 100 27.30 3.01 -56.20
C TYR E 100 28.12 3.06 -54.92
N ASP E 101 29.00 4.04 -54.78
CA ASP E 101 29.77 4.15 -53.54
C ASP E 101 28.79 4.55 -52.43
N TYR E 102 27.79 5.33 -52.80
CA TYR E 102 26.79 5.75 -51.82
C TYR E 102 25.76 4.66 -51.63
N PHE E 103 25.52 3.87 -52.68
CA PHE E 103 24.57 2.78 -52.56
C PHE E 103 25.13 1.78 -51.54
N ARG E 104 26.42 1.47 -51.66
CA ARG E 104 27.06 0.55 -50.75
C ARG E 104 26.93 1.05 -49.31
N ALA E 105 27.12 2.35 -49.13
CA ALA E 105 27.02 2.96 -47.81
C ALA E 105 25.63 2.77 -47.22
N VAL E 106 24.60 3.18 -47.97
CA VAL E 106 23.23 3.05 -47.51
C VAL E 106 22.85 1.60 -47.27
N LEU E 107 23.25 0.74 -48.21
CA LEU E 107 22.97 -0.69 -48.15
C LEU E 107 23.62 -1.29 -46.91
N GLN E 108 24.89 -0.97 -46.70
CA GLN E 108 25.64 -1.48 -45.56
C GLN E 108 25.00 -1.12 -44.22
N ARG E 109 24.29 0.00 -44.16
CA ARG E 109 23.67 0.44 -42.92
C ARG E 109 22.19 0.17 -42.90
N ASP E 110 21.74 -0.58 -43.90
CA ASP E 110 20.34 -0.93 -44.01
C ASP E 110 19.44 0.27 -43.70
N GLU E 111 19.83 1.43 -44.23
CA GLU E 111 19.07 2.65 -44.02
C GLU E 111 17.76 2.67 -44.81
N ARG E 112 16.63 2.55 -44.12
CA ARG E 112 15.33 2.56 -44.80
C ARG E 112 14.82 3.99 -44.99
N SER E 113 15.62 4.82 -45.64
CA SER E 113 15.23 6.21 -45.85
C SER E 113 14.61 6.51 -47.21
N GLU E 114 14.08 7.71 -47.34
CA GLU E 114 13.47 8.16 -48.59
C GLU E 114 14.58 8.52 -49.58
N ARG E 115 15.72 8.97 -49.04
CA ARG E 115 16.83 9.34 -49.92
C ARG E 115 17.45 8.08 -50.48
N ALA E 116 17.38 6.99 -49.72
CA ALA E 116 17.93 5.72 -50.17
C ALA E 116 17.04 5.23 -51.32
N PHE E 117 15.74 5.34 -51.12
CA PHE E 117 14.79 4.93 -52.15
C PHE E 117 15.08 5.65 -53.46
N LYS E 118 15.32 6.96 -53.40
CA LYS E 118 15.62 7.73 -54.59
C LYS E 118 16.95 7.30 -55.17
N LEU E 119 17.90 6.94 -54.30
CA LEU E 119 19.20 6.51 -54.76
C LEU E 119 19.09 5.22 -55.60
N THR E 120 18.18 4.32 -55.21
CA THR E 120 18.04 3.07 -55.96
C THR E 120 17.62 3.32 -57.40
N ARG E 121 16.82 4.38 -57.61
CA ARG E 121 16.38 4.72 -58.96
C ARG E 121 17.60 4.98 -59.85
N ASP E 122 18.60 5.67 -59.31
CA ASP E 122 19.81 5.97 -60.06
C ASP E 122 20.67 4.72 -60.25
N ALA E 123 20.77 3.90 -59.20
CA ALA E 123 21.55 2.67 -59.25
C ALA E 123 20.95 1.77 -60.31
N ILE E 124 19.62 1.75 -60.39
CA ILE E 124 18.94 0.92 -61.37
C ILE E 124 19.14 1.47 -62.77
N GLU E 125 19.23 2.80 -62.91
CA GLU E 125 19.41 3.36 -64.23
C GLU E 125 20.82 3.02 -64.72
N LEU E 126 21.76 2.94 -63.78
CA LEU E 126 23.13 2.61 -64.14
C LEU E 126 23.30 1.12 -64.43
N ASN E 127 22.52 0.28 -63.74
CA ASN E 127 22.60 -1.16 -63.93
C ASN E 127 21.39 -1.90 -63.39
N ALA E 128 20.39 -2.11 -64.24
CA ALA E 128 19.17 -2.79 -63.83
C ALA E 128 19.37 -4.29 -63.60
N ALA E 129 20.58 -4.78 -63.81
CA ALA E 129 20.86 -6.19 -63.62
C ALA E 129 21.35 -6.48 -62.21
N ASN E 130 21.56 -5.42 -61.42
CA ASN E 130 22.03 -5.63 -60.05
C ASN E 130 20.86 -6.08 -59.20
N TYR E 131 20.75 -7.39 -59.01
CA TYR E 131 19.64 -7.95 -58.25
C TYR E 131 19.54 -7.45 -56.80
N THR E 132 20.68 -7.16 -56.17
CA THR E 132 20.66 -6.65 -54.80
C THR E 132 19.94 -5.30 -54.74
N VAL E 133 20.20 -4.43 -55.71
CA VAL E 133 19.56 -3.13 -55.73
C VAL E 133 18.05 -3.30 -55.76
N TRP E 134 17.56 -4.19 -56.62
CA TRP E 134 16.11 -4.39 -56.69
C TRP E 134 15.55 -4.96 -55.39
N HIS E 135 16.28 -5.85 -54.74
CA HIS E 135 15.81 -6.41 -53.48
C HIS E 135 15.68 -5.29 -52.46
N PHE E 136 16.74 -4.51 -52.30
CA PHE E 136 16.74 -3.41 -51.35
C PHE E 136 15.61 -2.43 -51.68
N ARG E 137 15.39 -2.18 -52.96
CA ARG E 137 14.33 -1.28 -53.33
C ARG E 137 12.98 -1.84 -52.87
N ARG E 138 12.84 -3.18 -52.91
CA ARG E 138 11.60 -3.81 -52.48
C ARG E 138 11.46 -3.67 -50.95
N VAL E 139 12.59 -3.78 -50.26
CA VAL E 139 12.59 -3.63 -48.82
C VAL E 139 12.06 -2.23 -48.51
N LEU E 140 12.60 -1.25 -49.23
CA LEU E 140 12.19 0.15 -49.05
C LEU E 140 10.74 0.37 -49.42
N LEU E 141 10.30 -0.24 -50.51
CA LEU E 141 8.90 -0.09 -50.91
C LEU E 141 8.01 -0.44 -49.74
N ARG E 142 8.37 -1.50 -49.02
CA ARG E 142 7.59 -1.94 -47.87
C ARG E 142 7.78 -0.97 -46.70
N SER E 143 9.03 -0.84 -46.24
CA SER E 143 9.33 0.06 -45.13
C SER E 143 8.69 1.43 -45.25
N LEU E 144 8.81 2.07 -46.41
CA LEU E 144 8.25 3.40 -46.61
C LEU E 144 6.81 3.35 -47.11
N GLN E 145 6.23 2.16 -47.15
CA GLN E 145 4.86 2.00 -47.61
C GLN E 145 4.56 2.84 -48.84
N LYS E 146 5.36 2.67 -49.89
CA LYS E 146 5.21 3.42 -51.12
C LYS E 146 3.99 2.96 -51.92
N ASP E 147 3.49 3.83 -52.79
CA ASP E 147 2.34 3.50 -53.62
C ASP E 147 2.77 2.47 -54.66
N LEU E 148 2.35 1.24 -54.48
CA LEU E 148 2.72 0.17 -55.40
C LEU E 148 2.18 0.38 -56.80
N GLN E 149 1.08 1.11 -56.92
CA GLN E 149 0.51 1.36 -58.23
C GLN E 149 1.48 2.23 -59.03
N GLU E 150 2.22 3.05 -58.30
CA GLU E 150 3.20 3.94 -58.89
C GLU E 150 4.38 3.09 -59.37
N GLU E 151 4.80 2.16 -58.52
CA GLU E 151 5.91 1.28 -58.82
C GLU E 151 5.59 0.43 -60.06
N MET E 152 4.32 0.11 -60.26
CA MET E 152 3.93 -0.66 -61.43
C MET E 152 4.21 0.12 -62.71
N ASN E 153 3.99 1.42 -62.66
CA ASN E 153 4.26 2.25 -63.83
C ASN E 153 5.77 2.29 -64.06
N TYR E 154 6.52 2.41 -62.97
CA TYR E 154 7.96 2.44 -63.05
C TYR E 154 8.51 1.19 -63.72
N ILE E 155 8.19 0.03 -63.16
CA ILE E 155 8.68 -1.24 -63.70
C ILE E 155 8.18 -1.45 -65.12
N ILE E 156 6.98 -0.98 -65.42
CA ILE E 156 6.45 -1.14 -66.76
C ILE E 156 7.35 -0.45 -67.78
N ALA E 157 7.83 0.73 -67.43
CA ALA E 157 8.71 1.49 -68.30
C ALA E 157 10.06 0.80 -68.41
N ILE E 158 10.61 0.42 -67.26
CA ILE E 158 11.92 -0.27 -67.20
C ILE E 158 11.96 -1.53 -68.08
N ILE E 159 10.95 -2.38 -67.94
CA ILE E 159 10.89 -3.61 -68.71
C ILE E 159 10.82 -3.36 -70.22
N GLU E 160 10.15 -2.29 -70.63
CA GLU E 160 10.05 -2.00 -72.06
C GLU E 160 11.41 -1.66 -72.62
N GLU E 161 12.25 -1.03 -71.81
CA GLU E 161 13.60 -0.66 -72.24
C GLU E 161 14.56 -1.85 -72.15
N GLN E 162 14.32 -2.76 -71.21
CA GLN E 162 15.17 -3.92 -71.01
C GLN E 162 14.32 -5.19 -70.84
N PRO E 163 13.62 -5.60 -71.89
CA PRO E 163 12.76 -6.79 -71.87
C PRO E 163 13.43 -8.14 -71.72
N LYS E 164 14.76 -8.19 -71.72
CA LYS E 164 15.46 -9.47 -71.58
C LYS E 164 16.23 -9.57 -70.27
N ASN E 165 15.90 -8.70 -69.33
CA ASN E 165 16.55 -8.67 -68.02
C ASN E 165 15.73 -9.52 -67.02
N TYR E 166 16.41 -10.45 -66.35
CA TYR E 166 15.74 -11.33 -65.39
C TYR E 166 15.20 -10.61 -64.16
N GLN E 167 16.00 -9.72 -63.60
CA GLN E 167 15.62 -8.98 -62.40
C GLN E 167 14.35 -8.14 -62.55
N VAL E 168 14.18 -7.48 -63.68
CA VAL E 168 13.01 -6.64 -63.86
C VAL E 168 11.72 -7.44 -63.92
N TRP E 169 11.76 -8.62 -64.55
CA TRP E 169 10.55 -9.44 -64.63
C TRP E 169 10.24 -10.02 -63.25
N HIS E 170 11.28 -10.34 -62.50
CA HIS E 170 11.08 -10.88 -61.17
C HIS E 170 10.43 -9.80 -60.31
N HIS E 171 10.94 -8.57 -60.42
CA HIS E 171 10.39 -7.45 -59.65
C HIS E 171 8.91 -7.28 -59.95
N ARG E 172 8.54 -7.25 -61.23
CA ARG E 172 7.15 -7.08 -61.59
C ARG E 172 6.28 -8.19 -61.02
N ARG E 173 6.79 -9.42 -61.05
CA ARG E 173 5.99 -10.52 -60.53
C ARG E 173 5.76 -10.36 -59.02
N VAL E 174 6.78 -9.90 -58.29
CA VAL E 174 6.60 -9.70 -56.87
C VAL E 174 5.55 -8.64 -56.61
N LEU E 175 5.59 -7.56 -57.38
CA LEU E 175 4.61 -6.47 -57.23
C LEU E 175 3.20 -6.97 -57.45
N VAL E 176 3.00 -7.72 -58.54
CA VAL E 176 1.69 -8.25 -58.85
C VAL E 176 1.20 -9.17 -57.74
N GLU E 177 2.12 -9.93 -57.12
CA GLU E 177 1.74 -10.82 -56.01
C GLU E 177 1.28 -9.96 -54.84
N TRP E 178 2.03 -8.91 -54.56
CA TRP E 178 1.69 -8.00 -53.47
C TRP E 178 0.31 -7.38 -53.68
N LEU E 179 0.08 -6.84 -54.88
CA LEU E 179 -1.19 -6.21 -55.18
C LEU E 179 -2.34 -7.17 -55.40
N LYS E 180 -2.00 -8.42 -55.73
CA LYS E 180 -3.03 -9.42 -56.03
C LYS E 180 -3.90 -8.83 -57.12
N ASP E 181 -3.28 -8.03 -57.98
CA ASP E 181 -3.96 -7.36 -59.09
C ASP E 181 -3.32 -7.71 -60.43
N PRO E 182 -3.97 -8.58 -61.21
CA PRO E 182 -3.40 -8.96 -62.50
C PRO E 182 -4.02 -8.20 -63.67
N SER E 183 -4.91 -7.26 -63.37
CA SER E 183 -5.63 -6.49 -64.38
C SER E 183 -4.82 -5.87 -65.53
N GLN E 184 -3.57 -5.50 -65.28
CA GLN E 184 -2.74 -4.89 -66.32
C GLN E 184 -1.88 -5.90 -67.11
N GLU E 185 -1.55 -7.02 -66.47
CA GLU E 185 -0.69 -8.03 -67.04
C GLU E 185 -0.86 -8.52 -68.46
N LEU E 186 -1.99 -9.13 -68.79
CA LEU E 186 -2.16 -9.65 -70.14
C LEU E 186 -1.91 -8.63 -71.23
N GLU E 187 -2.35 -7.40 -71.02
CA GLU E 187 -2.16 -6.36 -72.02
C GLU E 187 -0.71 -5.93 -72.09
N PHE E 188 -0.09 -5.77 -70.93
CA PHE E 188 1.31 -5.37 -70.86
C PHE E 188 2.19 -6.38 -71.60
N ILE E 189 1.99 -7.67 -71.29
CA ILE E 189 2.75 -8.73 -71.91
C ILE E 189 2.52 -8.72 -73.43
N ALA E 190 1.28 -8.53 -73.85
CA ALA E 190 0.97 -8.49 -75.27
C ALA E 190 1.78 -7.41 -75.97
N ASP E 191 2.02 -6.29 -75.28
CA ASP E 191 2.79 -5.20 -75.83
C ASP E 191 4.25 -5.60 -75.97
N ILE E 192 4.79 -6.19 -74.91
CA ILE E 192 6.18 -6.64 -74.95
C ILE E 192 6.32 -7.69 -76.04
N LEU E 193 5.36 -8.61 -76.13
CA LEU E 193 5.41 -9.64 -77.15
C LEU E 193 5.36 -9.03 -78.54
N ASN E 194 5.05 -7.75 -78.62
CA ASN E 194 4.99 -7.11 -79.91
C ASN E 194 6.38 -6.71 -80.39
N GLN E 195 7.31 -6.51 -79.46
CA GLN E 195 8.66 -6.16 -79.84
C GLN E 195 9.44 -7.46 -80.08
N ASP E 196 8.93 -8.56 -79.53
CA ASP E 196 9.55 -9.86 -79.68
C ASP E 196 8.57 -10.94 -79.27
N ALA E 197 7.89 -11.51 -80.26
CA ALA E 197 6.88 -12.54 -80.03
C ALA E 197 7.42 -13.83 -79.39
N LYS E 198 8.73 -13.93 -79.25
CA LYS E 198 9.31 -15.14 -78.68
C LYS E 198 10.06 -14.92 -77.37
N ASN E 199 9.96 -13.71 -76.83
CA ASN E 199 10.62 -13.35 -75.58
C ASN E 199 10.25 -14.37 -74.50
N TYR E 200 11.20 -15.21 -74.11
CA TYR E 200 10.94 -16.23 -73.11
C TYR E 200 10.43 -15.66 -71.78
N HIS E 201 10.98 -14.52 -71.38
CA HIS E 201 10.58 -13.88 -70.12
C HIS E 201 9.10 -13.49 -70.15
N ALA E 202 8.67 -12.95 -71.28
CA ALA E 202 7.29 -12.52 -71.47
C ALA E 202 6.31 -13.69 -71.37
N TRP E 203 6.64 -14.78 -72.07
CA TRP E 203 5.77 -15.95 -72.04
C TRP E 203 5.74 -16.58 -70.65
N GLN E 204 6.89 -16.57 -69.99
CA GLN E 204 6.97 -17.14 -68.66
C GLN E 204 6.08 -16.35 -67.71
N HIS E 205 6.18 -15.02 -67.78
CA HIS E 205 5.37 -14.17 -66.93
C HIS E 205 3.89 -14.34 -67.25
N ARG E 206 3.59 -14.44 -68.53
CA ARG E 206 2.21 -14.60 -68.95
C ARG E 206 1.61 -15.90 -68.40
N GLN E 207 2.36 -17.00 -68.46
CA GLN E 207 1.84 -18.26 -67.93
C GLN E 207 1.62 -18.18 -66.43
N TRP E 208 2.53 -17.51 -65.73
CA TRP E 208 2.40 -17.38 -64.28
C TRP E 208 1.12 -16.63 -63.95
N VAL E 209 0.93 -15.46 -64.55
CA VAL E 209 -0.26 -14.67 -64.31
C VAL E 209 -1.53 -15.48 -64.57
N ILE E 210 -1.63 -16.04 -65.76
CA ILE E 210 -2.81 -16.82 -66.12
C ILE E 210 -3.09 -17.94 -65.13
N GLN E 211 -2.06 -18.64 -64.70
CA GLN E 211 -2.21 -19.74 -63.76
C GLN E 211 -2.59 -19.23 -62.36
N GLU E 212 -1.82 -18.28 -61.87
CA GLU E 212 -2.02 -17.71 -60.54
C GLU E 212 -3.37 -17.04 -60.32
N PHE E 213 -3.91 -16.38 -61.34
CA PHE E 213 -5.18 -15.70 -61.18
C PHE E 213 -6.27 -16.29 -62.05
N ARG E 214 -6.04 -17.53 -62.48
CA ARG E 214 -6.97 -18.25 -63.35
C ARG E 214 -7.64 -17.37 -64.43
N LEU E 215 -6.81 -16.85 -65.33
CA LEU E 215 -7.30 -16.00 -66.42
C LEU E 215 -7.22 -16.76 -67.75
N TRP E 216 -7.88 -17.91 -67.81
CA TRP E 216 -7.86 -18.71 -69.02
C TRP E 216 -8.85 -18.30 -70.11
N ASP E 217 -9.96 -17.73 -69.69
CA ASP E 217 -11.04 -17.33 -70.58
C ASP E 217 -10.74 -16.81 -71.99
N ASN E 218 -9.71 -15.99 -72.13
CA ASN E 218 -9.41 -15.44 -73.46
C ASN E 218 -8.10 -15.84 -74.09
N GLU E 219 -7.31 -16.65 -73.40
CA GLU E 219 -6.01 -17.02 -73.93
C GLU E 219 -6.06 -17.83 -75.22
N LEU E 220 -6.95 -18.82 -75.31
CA LEU E 220 -7.02 -19.63 -76.52
C LEU E 220 -7.30 -18.76 -77.74
N GLN E 221 -8.02 -17.68 -77.53
CA GLN E 221 -8.35 -16.76 -78.61
C GLN E 221 -7.11 -15.97 -78.97
N TYR E 222 -6.37 -15.54 -77.95
CA TYR E 222 -5.15 -14.76 -78.14
C TYR E 222 -4.16 -15.61 -78.95
N VAL E 223 -4.11 -16.90 -78.62
CA VAL E 223 -3.25 -17.84 -79.30
C VAL E 223 -3.63 -17.92 -80.78
N ASP E 224 -4.92 -18.10 -81.05
CA ASP E 224 -5.41 -18.17 -82.43
C ASP E 224 -5.00 -16.95 -83.23
N GLN E 225 -5.05 -15.80 -82.60
CA GLN E 225 -4.67 -14.54 -83.23
C GLN E 225 -3.19 -14.51 -83.57
N LEU E 226 -2.35 -14.85 -82.61
CA LEU E 226 -0.92 -14.83 -82.83
C LEU E 226 -0.47 -15.88 -83.84
N LEU E 227 -1.13 -17.03 -83.86
CA LEU E 227 -0.75 -18.06 -84.81
C LEU E 227 -1.04 -17.57 -86.23
N LYS E 228 -1.99 -16.66 -86.38
CA LYS E 228 -2.32 -16.13 -87.69
C LYS E 228 -1.22 -15.15 -88.09
N GLU E 229 -0.69 -14.43 -87.11
CA GLU E 229 0.38 -13.46 -87.38
C GLU E 229 1.68 -14.15 -87.79
N ASP E 230 1.91 -15.34 -87.25
CA ASP E 230 3.12 -16.10 -87.54
C ASP E 230 2.94 -17.53 -87.07
N VAL E 231 2.46 -18.38 -87.96
CA VAL E 231 2.21 -19.78 -87.63
C VAL E 231 3.48 -20.55 -87.25
N ARG E 232 4.64 -19.94 -87.43
CA ARG E 232 5.90 -20.59 -87.10
C ARG E 232 6.39 -20.28 -85.69
N ASN E 233 5.68 -19.43 -84.96
CA ASN E 233 6.11 -19.08 -83.61
C ASN E 233 5.90 -20.24 -82.65
N ASN E 234 6.99 -20.94 -82.34
CA ASN E 234 6.95 -22.10 -81.44
C ASN E 234 6.40 -21.74 -80.07
N SER E 235 6.62 -20.51 -79.62
CA SER E 235 6.13 -20.08 -78.31
C SER E 235 4.61 -20.09 -78.24
N VAL E 236 3.97 -19.70 -79.34
CA VAL E 236 2.52 -19.67 -79.38
C VAL E 236 1.93 -21.06 -79.40
N TRP E 237 2.56 -21.98 -80.14
CA TRP E 237 2.05 -23.35 -80.14
C TRP E 237 2.13 -23.93 -78.74
N ASN E 238 3.19 -23.56 -78.01
CA ASN E 238 3.32 -24.05 -76.66
C ASN E 238 2.22 -23.45 -75.80
N GLN E 239 1.95 -22.16 -76.01
CA GLN E 239 0.92 -21.49 -75.23
C GLN E 239 -0.43 -22.18 -75.47
N ARG E 240 -0.67 -22.58 -76.70
CA ARG E 240 -1.92 -23.24 -77.04
C ARG E 240 -2.08 -24.51 -76.21
N HIS E 241 -1.04 -25.34 -76.18
CA HIS E 241 -1.08 -26.58 -75.41
C HIS E 241 -1.23 -26.29 -73.92
N PHE E 242 -0.65 -25.17 -73.49
CA PHE E 242 -0.72 -24.72 -72.11
C PHE E 242 -2.19 -24.46 -71.74
N VAL E 243 -2.86 -23.62 -72.52
CA VAL E 243 -4.25 -23.29 -72.28
C VAL E 243 -5.15 -24.51 -72.27
N ILE E 244 -5.15 -25.25 -73.36
CA ILE E 244 -5.99 -26.43 -73.46
C ILE E 244 -5.76 -27.46 -72.38
N SER E 245 -4.52 -27.87 -72.17
CA SER E 245 -4.26 -28.89 -71.15
C SER E 245 -4.61 -28.42 -69.75
N ASN E 246 -4.71 -27.11 -69.55
CA ASN E 246 -5.05 -26.58 -68.24
C ASN E 246 -6.53 -26.25 -68.09
N THR E 247 -7.30 -26.44 -69.16
CA THR E 247 -8.73 -26.18 -69.11
C THR E 247 -9.49 -27.45 -69.41
N THR E 248 -9.86 -27.65 -70.68
CA THR E 248 -10.61 -28.84 -71.08
C THR E 248 -9.81 -30.12 -71.07
N GLY E 249 -8.51 -30.03 -71.31
CA GLY E 249 -7.69 -31.23 -71.38
C GLY E 249 -7.87 -31.78 -72.79
N TYR E 250 -7.17 -32.85 -73.13
CA TYR E 250 -7.30 -33.40 -74.48
C TYR E 250 -8.06 -34.73 -74.50
N SER E 251 -8.41 -35.22 -73.32
CA SER E 251 -9.13 -36.48 -73.20
C SER E 251 -10.52 -36.41 -73.84
N ASP E 252 -11.05 -35.20 -73.97
CA ASP E 252 -12.36 -35.05 -74.59
C ASP E 252 -12.18 -35.22 -76.08
N ARG E 253 -12.60 -36.37 -76.60
CA ARG E 253 -12.47 -36.67 -78.02
C ARG E 253 -12.90 -35.53 -78.93
N ALA E 254 -13.85 -34.72 -78.48
CA ALA E 254 -14.35 -33.60 -79.27
C ALA E 254 -13.23 -32.57 -79.41
N VAL E 255 -12.54 -32.32 -78.30
CA VAL E 255 -11.45 -31.36 -78.28
C VAL E 255 -10.23 -31.89 -79.06
N LEU E 256 -9.89 -33.15 -78.84
CA LEU E 256 -8.76 -33.76 -79.54
C LEU E 256 -8.95 -33.64 -81.03
N GLU E 257 -10.16 -33.96 -81.50
CA GLU E 257 -10.48 -33.89 -82.92
C GLU E 257 -10.37 -32.45 -83.42
N ARG E 258 -10.91 -31.51 -82.65
CA ARG E 258 -10.86 -30.11 -83.04
C ARG E 258 -9.41 -29.68 -83.20
N GLU E 259 -8.57 -30.07 -82.25
CA GLU E 259 -7.16 -29.72 -82.27
C GLU E 259 -6.37 -30.38 -83.39
N VAL E 260 -6.57 -31.68 -83.58
CA VAL E 260 -5.86 -32.37 -84.64
C VAL E 260 -6.27 -31.76 -85.97
N GLN E 261 -7.54 -31.41 -86.08
CA GLN E 261 -8.07 -30.83 -87.30
C GLN E 261 -7.47 -29.45 -87.53
N TYR E 262 -7.40 -28.67 -86.47
CA TYR E 262 -6.86 -27.32 -86.50
C TYR E 262 -5.41 -27.32 -86.96
N THR E 263 -4.64 -28.24 -86.40
CA THR E 263 -3.24 -28.36 -86.73
C THR E 263 -3.04 -28.78 -88.18
N LEU E 264 -3.77 -29.82 -88.62
CA LEU E 264 -3.65 -30.26 -90.00
C LEU E 264 -3.93 -29.08 -90.93
N GLU E 265 -4.82 -28.19 -90.52
CA GLU E 265 -5.15 -27.04 -91.35
C GLU E 265 -3.94 -26.12 -91.44
N MET E 266 -3.30 -25.88 -90.30
CA MET E 266 -2.14 -25.01 -90.26
C MET E 266 -0.99 -25.63 -91.05
N ILE E 267 -0.87 -26.96 -90.96
CA ILE E 267 0.17 -27.66 -91.68
C ILE E 267 -0.06 -27.50 -93.18
N LYS E 268 -1.32 -27.59 -93.61
CA LYS E 268 -1.65 -27.44 -95.03
C LYS E 268 -1.26 -26.04 -95.53
N LEU E 269 -1.31 -25.05 -94.65
CA LEU E 269 -0.95 -23.69 -95.04
C LEU E 269 0.55 -23.49 -95.12
N VAL E 270 1.28 -24.14 -94.23
CA VAL E 270 2.73 -24.04 -94.20
C VAL E 270 3.23 -25.41 -93.77
N PRO E 271 3.33 -26.34 -94.73
CA PRO E 271 3.78 -27.72 -94.50
C PRO E 271 5.12 -27.88 -93.81
N HIS E 272 6.03 -26.93 -94.03
CA HIS E 272 7.34 -27.01 -93.41
C HIS E 272 7.36 -26.16 -92.14
N ASN E 273 6.84 -26.73 -91.06
CA ASN E 273 6.78 -26.04 -89.78
C ASN E 273 6.87 -27.06 -88.65
N GLU E 274 8.06 -27.20 -88.10
CA GLU E 274 8.30 -28.17 -87.03
C GLU E 274 7.33 -27.99 -85.87
N SER E 275 7.06 -26.74 -85.51
CA SER E 275 6.16 -26.44 -84.41
C SER E 275 4.79 -27.10 -84.55
N ALA E 276 4.17 -26.94 -85.71
CA ALA E 276 2.86 -27.54 -85.95
C ALA E 276 2.94 -29.06 -85.85
N TRP E 277 3.97 -29.65 -86.46
CA TRP E 277 4.12 -31.09 -86.40
C TRP E 277 4.40 -31.60 -85.00
N ASN E 278 5.12 -30.82 -84.21
CA ASN E 278 5.43 -31.22 -82.85
C ASN E 278 4.17 -31.22 -82.00
N TYR E 279 3.31 -30.23 -82.23
CA TYR E 279 2.06 -30.13 -81.50
C TYR E 279 1.18 -31.34 -81.86
N LEU E 280 1.05 -31.61 -83.15
CA LEU E 280 0.25 -32.74 -83.62
C LEU E 280 0.72 -34.04 -82.99
N LYS E 281 2.02 -34.29 -83.04
CA LYS E 281 2.57 -35.51 -82.47
C LYS E 281 2.46 -35.47 -80.94
N GLY E 282 2.65 -34.27 -80.39
CA GLY E 282 2.58 -34.11 -78.96
C GLY E 282 1.26 -34.54 -78.33
N ILE E 283 0.16 -34.09 -78.93
CA ILE E 283 -1.16 -34.42 -78.39
C ILE E 283 -1.65 -35.83 -78.69
N LEU E 284 -0.88 -36.57 -79.48
CA LEU E 284 -1.26 -37.94 -79.83
C LEU E 284 -0.29 -39.04 -79.43
N GLN E 285 1.00 -38.71 -79.31
CA GLN E 285 2.00 -39.72 -78.98
C GLN E 285 1.74 -40.57 -77.74
N ASP E 286 1.13 -39.98 -76.72
CA ASP E 286 0.88 -40.76 -75.52
C ASP E 286 -0.37 -41.60 -75.58
N ARG E 287 -1.31 -41.25 -76.46
CA ARG E 287 -2.51 -42.05 -76.61
C ARG E 287 -2.19 -43.20 -77.54
N GLY E 288 -1.14 -43.04 -78.34
CA GLY E 288 -0.74 -44.08 -79.26
C GLY E 288 -0.99 -43.70 -80.70
N LEU E 289 0.05 -43.28 -81.41
CA LEU E 289 -0.09 -42.86 -82.81
C LEU E 289 -0.75 -43.90 -83.70
N SER E 290 -0.50 -45.17 -83.42
CA SER E 290 -1.08 -46.24 -84.23
C SER E 290 -2.58 -46.47 -84.02
N ARG E 291 -3.16 -45.85 -83.01
CA ARG E 291 -4.59 -46.02 -82.75
C ARG E 291 -5.46 -45.06 -83.59
N TYR E 292 -4.85 -44.39 -84.57
CA TYR E 292 -5.57 -43.42 -85.39
C TYR E 292 -5.40 -43.71 -86.89
N PRO E 293 -6.03 -44.80 -87.37
CA PRO E 293 -5.98 -45.25 -88.77
C PRO E 293 -6.19 -44.20 -89.86
N ASN E 294 -7.10 -43.26 -89.66
CA ASN E 294 -7.32 -42.25 -90.68
C ASN E 294 -6.21 -41.24 -90.77
N LEU E 295 -5.47 -41.07 -89.68
CA LEU E 295 -4.36 -40.13 -89.67
C LEU E 295 -3.25 -40.64 -90.59
N LEU E 296 -2.94 -41.92 -90.47
CA LEU E 296 -1.91 -42.50 -91.30
C LEU E 296 -2.20 -42.29 -92.79
N ASN E 297 -3.45 -42.47 -93.18
CA ASN E 297 -3.83 -42.31 -94.58
C ASN E 297 -3.92 -40.86 -95.00
N GLN E 298 -4.44 -40.01 -94.14
CA GLN E 298 -4.55 -38.60 -94.49
C GLN E 298 -3.17 -37.99 -94.70
N LEU E 299 -2.19 -38.50 -93.96
CA LEU E 299 -0.82 -38.01 -94.08
C LEU E 299 -0.17 -38.56 -95.34
N LEU E 300 -0.40 -39.83 -95.64
CA LEU E 300 0.15 -40.44 -96.84
C LEU E 300 -0.35 -39.71 -98.08
N ASP E 301 -1.53 -39.09 -97.98
CA ASP E 301 -2.11 -38.36 -99.09
C ASP E 301 -1.52 -36.97 -99.24
N LEU E 302 -0.98 -36.45 -98.16
CA LEU E 302 -0.35 -35.13 -98.20
C LEU E 302 1.02 -35.23 -98.83
N GLN E 303 1.69 -36.35 -98.55
CA GLN E 303 3.03 -36.60 -99.05
C GLN E 303 3.27 -36.13 -100.48
N PRO E 304 2.37 -36.47 -101.41
CA PRO E 304 2.55 -36.04 -102.80
C PRO E 304 2.90 -34.56 -102.92
N SER E 305 2.05 -33.71 -102.37
CA SER E 305 2.24 -32.26 -102.43
C SER E 305 2.93 -31.64 -101.21
N HIS E 306 2.22 -31.61 -100.08
CA HIS E 306 2.74 -31.00 -98.84
C HIS E 306 3.82 -31.81 -98.11
N SER E 307 4.76 -32.42 -98.84
CA SER E 307 5.79 -33.21 -98.17
C SER E 307 6.83 -32.34 -97.46
N SER E 308 7.44 -32.92 -96.44
CA SER E 308 8.47 -32.24 -95.66
C SER E 308 9.12 -33.31 -94.79
N PRO E 309 10.30 -33.01 -94.24
CA PRO E 309 11.00 -33.98 -93.40
C PRO E 309 10.13 -34.34 -92.20
N TYR E 310 9.43 -33.33 -91.69
CA TYR E 310 8.56 -33.46 -90.53
C TYR E 310 7.45 -34.49 -90.73
N LEU E 311 6.87 -34.49 -91.93
CA LEU E 311 5.82 -35.43 -92.29
C LEU E 311 6.39 -36.84 -92.38
N ILE E 312 7.51 -36.99 -93.09
CA ILE E 312 8.14 -38.30 -93.25
C ILE E 312 8.46 -38.87 -91.89
N ALA E 313 9.02 -38.02 -91.02
CA ALA E 313 9.38 -38.45 -89.67
C ALA E 313 8.13 -38.90 -88.93
N PHE E 314 7.07 -38.12 -89.04
CA PHE E 314 5.82 -38.47 -88.38
C PHE E 314 5.42 -39.87 -88.81
N LEU E 315 5.46 -40.12 -90.12
CA LEU E 315 5.13 -41.42 -90.68
C LEU E 315 6.00 -42.51 -90.06
N VAL E 316 7.30 -42.27 -89.99
CA VAL E 316 8.20 -43.26 -89.40
C VAL E 316 7.73 -43.58 -87.98
N ASP E 317 7.40 -42.53 -87.23
CA ASP E 317 6.93 -42.68 -85.86
C ASP E 317 5.64 -43.48 -85.76
N ILE E 318 4.71 -43.23 -86.67
CA ILE E 318 3.45 -43.96 -86.71
C ILE E 318 3.81 -45.44 -86.91
N TYR E 319 4.61 -45.71 -87.94
CA TYR E 319 5.03 -47.07 -88.21
C TYR E 319 5.69 -47.72 -87.00
N GLU E 320 6.52 -46.98 -86.29
CA GLU E 320 7.18 -47.57 -85.14
C GLU E 320 6.19 -47.91 -84.04
N ASP E 321 5.20 -47.04 -83.83
CA ASP E 321 4.22 -47.30 -82.78
C ASP E 321 3.48 -48.60 -83.12
N MET E 322 3.30 -48.86 -84.41
CA MET E 322 2.64 -50.07 -84.85
C MET E 322 3.49 -51.27 -84.46
N LEU E 323 4.74 -51.27 -84.91
CA LEU E 323 5.67 -52.35 -84.60
C LEU E 323 5.66 -52.64 -83.11
N GLU E 324 5.59 -51.58 -82.31
CA GLU E 324 5.59 -51.73 -80.86
C GLU E 324 4.32 -52.35 -80.31
N ASN E 325 3.24 -52.24 -81.06
CA ASN E 325 1.99 -52.82 -80.62
C ASN E 325 1.69 -54.05 -81.46
N GLN E 326 2.69 -54.92 -81.57
CA GLN E 326 2.58 -56.16 -82.35
C GLN E 326 1.48 -56.07 -83.41
N CYS E 327 1.70 -55.23 -84.42
CA CYS E 327 0.72 -55.05 -85.50
C CYS E 327 0.77 -56.18 -86.52
N ASP E 328 -0.15 -56.13 -87.47
CA ASP E 328 -0.24 -57.13 -88.54
C ASP E 328 0.74 -56.73 -89.64
N ASN E 329 1.54 -57.70 -90.09
CA ASN E 329 2.53 -57.48 -91.14
C ASN E 329 3.76 -56.83 -90.56
N LYS E 330 4.12 -57.24 -89.34
CA LYS E 330 5.29 -56.67 -88.67
C LYS E 330 6.43 -56.44 -89.65
N GLU E 331 6.87 -57.50 -90.32
CA GLU E 331 7.98 -57.38 -91.26
C GLU E 331 7.70 -56.41 -92.40
N ASP E 332 6.43 -56.33 -92.82
CA ASP E 332 6.09 -55.44 -93.91
C ASP E 332 6.15 -53.97 -93.49
N ILE E 333 5.66 -53.68 -92.28
CA ILE E 333 5.66 -52.33 -91.76
C ILE E 333 7.09 -51.84 -91.57
N LEU E 334 7.91 -52.66 -90.92
CA LEU E 334 9.31 -52.33 -90.67
C LEU E 334 10.01 -51.84 -91.93
N ASN E 335 9.75 -52.48 -93.06
CA ASN E 335 10.37 -52.09 -94.32
C ASN E 335 9.88 -50.73 -94.78
N LYS E 336 8.60 -50.45 -94.53
CA LYS E 336 8.06 -49.16 -94.93
C LYS E 336 8.74 -48.06 -94.13
N ALA E 337 9.09 -48.39 -92.88
CA ALA E 337 9.75 -47.45 -91.99
C ALA E 337 11.17 -47.23 -92.46
N LEU E 338 11.92 -48.32 -92.60
CA LEU E 338 13.30 -48.25 -93.04
C LEU E 338 13.41 -47.52 -94.37
N GLU E 339 12.43 -47.73 -95.24
CA GLU E 339 12.43 -47.07 -96.53
C GLU E 339 12.35 -45.56 -96.35
N LEU E 340 11.54 -45.14 -95.37
CA LEU E 340 11.37 -43.72 -95.08
C LEU E 340 12.61 -43.16 -94.40
N CYS E 341 13.20 -43.95 -93.50
CA CYS E 341 14.42 -43.53 -92.80
C CYS E 341 15.49 -43.22 -93.84
N GLU E 342 15.59 -44.07 -94.85
CA GLU E 342 16.58 -43.88 -95.90
C GLU E 342 16.26 -42.67 -96.76
N ILE E 343 14.97 -42.39 -96.96
CA ILE E 343 14.60 -41.23 -97.76
C ILE E 343 15.02 -39.99 -96.99
N LEU E 344 14.85 -40.04 -95.67
CA LEU E 344 15.22 -38.93 -94.82
C LEU E 344 16.73 -38.72 -94.88
N ALA E 345 17.47 -39.83 -94.70
CA ALA E 345 18.92 -39.81 -94.73
C ALA E 345 19.52 -39.37 -96.06
N LYS E 346 19.04 -39.97 -97.14
CA LYS E 346 19.55 -39.65 -98.46
C LYS E 346 19.08 -38.36 -99.12
N GLU E 347 17.82 -37.99 -98.93
CA GLU E 347 17.35 -36.76 -99.59
C GLU E 347 16.50 -35.73 -98.85
N LYS E 348 15.69 -36.15 -97.88
CA LYS E 348 14.84 -35.19 -97.20
C LYS E 348 15.40 -34.41 -96.00
N ASP E 349 16.19 -35.08 -95.17
CA ASP E 349 16.76 -34.44 -93.98
C ASP E 349 18.24 -34.84 -93.89
N THR E 350 18.95 -34.68 -94.99
CA THR E 350 20.36 -35.04 -95.08
C THR E 350 21.28 -34.64 -93.93
N ILE E 351 21.03 -33.48 -93.33
CA ILE E 351 21.89 -33.04 -92.23
C ILE E 351 21.85 -34.03 -91.06
N ARG E 352 20.75 -34.77 -90.93
CA ARG E 352 20.61 -35.77 -89.88
C ARG E 352 20.77 -37.18 -90.46
N LYS E 353 21.43 -37.23 -91.62
CA LYS E 353 21.72 -38.46 -92.34
C LYS E 353 22.14 -39.60 -91.41
N GLU E 354 23.20 -39.41 -90.65
CA GLU E 354 23.70 -40.45 -89.74
C GLU E 354 22.75 -40.80 -88.61
N TYR E 355 21.90 -39.84 -88.22
CA TYR E 355 20.94 -40.07 -87.17
C TYR E 355 19.84 -40.98 -87.68
N TRP E 356 19.32 -40.65 -88.86
CA TRP E 356 18.25 -41.45 -89.43
C TRP E 356 18.75 -42.86 -89.71
N ARG E 357 19.99 -42.99 -90.16
CA ARG E 357 20.57 -44.30 -90.43
C ARG E 357 20.61 -45.08 -89.12
N TYR E 358 20.95 -44.37 -88.05
CA TYR E 358 21.00 -44.96 -86.72
C TYR E 358 19.61 -45.40 -86.29
N ILE E 359 18.61 -44.56 -86.57
CA ILE E 359 17.23 -44.89 -86.22
C ILE E 359 16.84 -46.17 -86.96
N GLY E 360 17.17 -46.21 -88.25
CA GLY E 360 16.85 -47.39 -89.04
C GLY E 360 17.44 -48.65 -88.45
N ARG E 361 18.75 -48.62 -88.18
CA ARG E 361 19.42 -49.78 -87.59
C ARG E 361 18.75 -50.19 -86.30
N SER E 362 18.26 -49.20 -85.55
CA SER E 362 17.59 -49.46 -84.28
C SER E 362 16.27 -50.20 -84.49
N LEU E 363 15.51 -49.79 -85.49
CA LEU E 363 14.25 -50.45 -85.80
C LEU E 363 14.53 -51.87 -86.30
N GLN E 364 15.59 -52.02 -87.07
CA GLN E 364 16.00 -53.31 -87.59
C GLN E 364 16.19 -54.32 -86.47
N SER E 365 17.20 -54.07 -85.65
CA SER E 365 17.52 -54.96 -84.54
C SER E 365 16.46 -55.04 -83.46
N LYS E 366 15.39 -54.28 -83.59
CA LYS E 366 14.33 -54.31 -82.57
C LYS E 366 13.12 -55.11 -83.04
N HIS E 367 12.94 -55.22 -84.35
CA HIS E 367 11.80 -55.95 -84.90
C HIS E 367 12.20 -56.85 -86.09
N SER E 368 12.80 -58.00 -85.81
CA SER E 368 13.20 -58.92 -86.89
C SER E 368 13.37 -60.37 -86.42
N LEU F 18 36.95 -21.97 -92.03
CA LEU F 18 38.42 -21.99 -92.35
C LEU F 18 39.19 -22.74 -91.25
N ASP F 19 40.02 -21.97 -90.53
CA ASP F 19 40.85 -22.48 -89.46
C ASP F 19 40.47 -21.86 -88.12
N PHE F 20 41.01 -22.43 -87.05
CA PHE F 20 40.78 -22.00 -85.69
C PHE F 20 41.95 -21.14 -85.20
N LEU F 21 41.69 -19.85 -84.97
CA LEU F 21 42.72 -18.92 -84.52
C LEU F 21 43.02 -19.06 -83.02
N ARG F 22 43.48 -20.24 -82.64
CA ARG F 22 43.80 -20.57 -81.25
C ARG F 22 44.44 -19.46 -80.41
N ASP F 23 45.58 -18.92 -80.86
CA ASP F 23 46.27 -17.87 -80.10
C ASP F 23 45.45 -16.60 -79.93
N ARG F 24 44.75 -16.22 -80.98
CA ARG F 24 43.92 -15.03 -80.92
C ARG F 24 42.93 -15.17 -79.78
N HIS F 25 42.42 -16.38 -79.58
CA HIS F 25 41.46 -16.64 -78.51
C HIS F 25 42.12 -16.67 -77.15
N VAL F 26 43.37 -17.14 -77.08
CA VAL F 26 44.06 -17.14 -75.79
C VAL F 26 44.21 -15.68 -75.32
N ARG F 27 44.62 -14.81 -76.24
CA ARG F 27 44.78 -13.40 -75.90
C ARG F 27 43.43 -12.81 -75.50
N PHE F 28 42.38 -13.16 -76.24
CA PHE F 28 41.04 -12.66 -75.97
C PHE F 28 40.64 -12.97 -74.52
N PHE F 29 40.87 -14.21 -74.10
CA PHE F 29 40.52 -14.60 -72.74
C PHE F 29 41.39 -13.87 -71.74
N GLN F 30 42.67 -13.69 -72.09
CA GLN F 30 43.59 -12.98 -71.20
C GLN F 30 43.09 -11.58 -70.92
N ARG F 31 42.68 -10.88 -71.97
CA ARG F 31 42.18 -9.54 -71.80
C ARG F 31 40.97 -9.52 -70.88
N CYS F 32 40.08 -10.50 -71.01
CA CYS F 32 38.89 -10.56 -70.17
C CYS F 32 39.26 -10.62 -68.68
N LEU F 33 40.26 -11.42 -68.34
CA LEU F 33 40.70 -11.53 -66.95
C LEU F 33 41.31 -10.21 -66.44
N GLN F 34 41.70 -9.35 -67.38
CA GLN F 34 42.31 -8.08 -67.05
C GLN F 34 41.29 -6.98 -66.77
N VAL F 35 40.75 -6.40 -67.83
CA VAL F 35 39.78 -5.34 -67.67
C VAL F 35 38.65 -5.52 -68.66
N LEU F 36 37.49 -4.96 -68.34
CA LEU F 36 36.32 -5.01 -69.20
C LEU F 36 35.83 -3.57 -69.34
N PRO F 37 35.27 -3.22 -70.52
CA PRO F 37 34.76 -1.88 -70.81
C PRO F 37 33.53 -1.57 -69.96
N GLU F 38 33.33 -0.30 -69.59
CA GLU F 38 32.18 0.06 -68.74
C GLU F 38 30.86 -0.42 -69.34
N ARG F 39 30.90 -0.91 -70.57
CA ARG F 39 29.67 -1.41 -71.20
C ARG F 39 29.38 -2.83 -70.75
N TYR F 40 30.14 -3.32 -69.78
CA TYR F 40 29.94 -4.66 -69.23
C TYR F 40 29.37 -4.54 -67.83
N SER F 41 29.06 -3.30 -67.44
CA SER F 41 28.53 -3.00 -66.12
C SER F 41 27.36 -3.89 -65.69
N SER F 42 26.56 -4.33 -66.64
CA SER F 42 25.42 -5.17 -66.31
C SER F 42 25.85 -6.59 -65.91
N LEU F 43 27.16 -6.82 -65.88
CA LEU F 43 27.68 -8.13 -65.51
C LEU F 43 28.44 -8.05 -64.19
N GLU F 44 28.44 -6.87 -63.59
CA GLU F 44 29.12 -6.66 -62.32
C GLU F 44 28.84 -7.79 -61.32
N THR F 45 27.58 -8.03 -61.02
CA THR F 45 27.19 -9.05 -60.07
C THR F 45 27.34 -10.48 -60.60
N SER F 46 27.99 -10.64 -61.76
CA SER F 46 28.20 -11.95 -62.35
C SER F 46 29.62 -12.05 -62.86
N ARG F 47 30.49 -11.19 -62.35
CA ARG F 47 31.88 -11.18 -62.78
C ARG F 47 32.56 -12.53 -62.62
N LEU F 48 32.18 -13.26 -61.56
CA LEU F 48 32.78 -14.57 -61.33
C LEU F 48 32.48 -15.53 -62.47
N THR F 49 31.32 -15.40 -63.11
CA THR F 49 31.00 -16.28 -64.22
C THR F 49 31.80 -15.87 -65.46
N ILE F 50 32.13 -14.58 -65.56
CA ILE F 50 32.93 -14.11 -66.68
C ILE F 50 34.33 -14.65 -66.47
N ALA F 51 34.80 -14.64 -65.22
CA ALA F 51 36.12 -15.17 -64.89
C ALA F 51 36.14 -16.64 -65.29
N PHE F 52 35.04 -17.33 -64.99
CA PHE F 52 34.88 -18.75 -65.32
C PHE F 52 35.00 -18.97 -66.82
N PHE F 53 34.27 -18.19 -67.60
CA PHE F 53 34.32 -18.32 -69.05
C PHE F 53 35.74 -18.20 -69.56
N ALA F 54 36.50 -17.26 -68.99
CA ALA F 54 37.87 -17.04 -69.43
C ALA F 54 38.82 -18.09 -68.93
N LEU F 55 38.75 -18.41 -67.64
CA LEU F 55 39.63 -19.42 -67.06
C LEU F 55 39.37 -20.81 -67.66
N SER F 56 38.10 -21.20 -67.72
CA SER F 56 37.75 -22.50 -68.28
C SER F 56 38.10 -22.50 -69.77
N GLY F 57 37.94 -21.33 -70.40
CA GLY F 57 38.26 -21.21 -71.80
C GLY F 57 39.74 -21.39 -72.04
N LEU F 58 40.56 -20.80 -71.15
CA LEU F 58 42.01 -20.94 -71.28
C LEU F 58 42.39 -22.36 -70.98
N ASP F 59 41.75 -22.96 -69.99
CA ASP F 59 42.02 -24.34 -69.61
C ASP F 59 41.73 -25.24 -70.82
N MET F 60 40.61 -24.99 -71.49
CA MET F 60 40.20 -25.75 -72.66
C MET F 60 41.21 -25.60 -73.79
N LEU F 61 41.91 -24.46 -73.81
CA LEU F 61 42.89 -24.19 -74.85
C LEU F 61 44.29 -24.59 -74.37
N ASP F 62 44.34 -25.11 -73.15
CA ASP F 62 45.59 -25.55 -72.55
C ASP F 62 46.57 -24.38 -72.43
N SER F 63 46.08 -23.24 -71.94
CA SER F 63 46.92 -22.05 -71.79
C SER F 63 46.74 -21.40 -70.44
N LEU F 64 46.48 -22.18 -69.39
CA LEU F 64 46.31 -21.60 -68.08
C LEU F 64 47.58 -20.94 -67.58
N ASP F 65 48.72 -21.38 -68.10
CA ASP F 65 50.01 -20.83 -67.69
C ASP F 65 50.14 -19.32 -67.92
N VAL F 66 49.34 -18.74 -68.80
CA VAL F 66 49.44 -17.31 -69.06
C VAL F 66 48.82 -16.43 -67.97
N VAL F 67 48.37 -17.04 -66.88
CA VAL F 67 47.79 -16.27 -65.79
C VAL F 67 48.42 -16.68 -64.47
N ASN F 68 48.24 -15.85 -63.45
CA ASN F 68 48.79 -16.15 -62.15
C ASN F 68 47.73 -16.87 -61.34
N LYS F 69 47.78 -18.19 -61.34
CA LYS F 69 46.80 -18.99 -60.62
C LYS F 69 46.62 -18.57 -59.17
N ASP F 70 47.73 -18.28 -58.50
CA ASP F 70 47.66 -17.91 -57.09
C ASP F 70 46.92 -16.61 -56.82
N ASP F 71 47.16 -15.60 -57.66
CA ASP F 71 46.48 -14.33 -57.46
C ASP F 71 44.98 -14.49 -57.64
N ILE F 72 44.60 -15.18 -58.73
CA ILE F 72 43.21 -15.40 -59.04
C ILE F 72 42.50 -16.25 -57.98
N ILE F 73 43.20 -17.23 -57.44
CA ILE F 73 42.59 -18.07 -56.42
C ILE F 73 42.26 -17.23 -55.18
N GLU F 74 43.12 -16.27 -54.86
CA GLU F 74 42.88 -15.43 -53.68
C GLU F 74 41.67 -14.55 -53.94
N TRP F 75 41.58 -14.05 -55.17
CA TRP F 75 40.47 -13.20 -55.54
C TRP F 75 39.17 -13.98 -55.38
N ILE F 76 39.16 -15.21 -55.90
CA ILE F 76 37.98 -16.05 -55.81
C ILE F 76 37.59 -16.28 -54.35
N TYR F 77 38.56 -16.64 -53.52
CA TYR F 77 38.24 -16.87 -52.12
C TYR F 77 37.74 -15.61 -51.41
N SER F 78 38.07 -14.44 -51.97
CA SER F 78 37.61 -13.20 -51.35
C SER F 78 36.13 -13.01 -51.63
N LEU F 79 35.59 -13.88 -52.48
CA LEU F 79 34.18 -13.81 -52.84
C LEU F 79 33.33 -14.79 -52.05
N GLN F 80 33.96 -15.60 -51.21
CA GLN F 80 33.21 -16.57 -50.42
C GLN F 80 32.53 -15.94 -49.21
N VAL F 81 31.23 -16.17 -49.09
CA VAL F 81 30.47 -15.67 -47.96
C VAL F 81 30.61 -16.74 -46.89
N LEU F 82 31.50 -16.50 -45.94
CA LEU F 82 31.75 -17.44 -44.85
C LEU F 82 30.80 -17.21 -43.70
N PRO F 83 30.56 -18.25 -42.88
CA PRO F 83 29.66 -18.08 -41.75
C PRO F 83 30.32 -17.18 -40.70
N THR F 84 29.50 -16.34 -40.07
CA THR F 84 30.00 -15.43 -39.04
C THR F 84 30.30 -16.19 -37.75
N GLU F 85 30.87 -15.48 -36.77
CA GLU F 85 31.20 -16.07 -35.47
C GLU F 85 30.03 -16.88 -34.92
N ASP F 86 28.88 -16.23 -34.81
CA ASP F 86 27.67 -16.87 -34.28
C ASP F 86 27.04 -17.88 -35.24
N ARG F 87 27.57 -17.97 -36.45
CA ARG F 87 27.05 -18.88 -37.46
C ARG F 87 25.55 -18.74 -37.67
N SER F 88 25.06 -17.49 -37.62
CA SER F 88 23.64 -17.20 -37.79
C SER F 88 23.29 -16.92 -39.25
N ASN F 89 24.29 -16.98 -40.12
CA ASN F 89 24.09 -16.69 -41.54
C ASN F 89 24.39 -17.90 -42.43
N LEU F 90 24.29 -19.10 -41.87
CA LEU F 90 24.57 -20.31 -42.65
C LEU F 90 23.75 -20.39 -43.92
N ASP F 91 22.46 -20.09 -43.81
CA ASP F 91 21.56 -20.15 -44.96
C ASP F 91 21.91 -19.19 -46.07
N ARG F 92 22.92 -18.35 -45.82
CA ARG F 92 23.32 -17.37 -46.83
C ARG F 92 24.74 -17.54 -47.34
N CYS F 93 25.39 -18.63 -46.96
CA CYS F 93 26.76 -18.85 -47.40
C CYS F 93 26.85 -19.38 -48.82
N GLY F 94 28.03 -19.20 -49.40
CA GLY F 94 28.30 -19.62 -50.77
C GLY F 94 29.26 -18.60 -51.33
N PHE F 95 29.10 -18.20 -52.60
CA PHE F 95 29.99 -17.20 -53.18
C PHE F 95 29.24 -16.02 -53.78
N ARG F 96 29.91 -14.87 -53.82
CA ARG F 96 29.37 -13.65 -54.39
C ARG F 96 29.87 -13.57 -55.81
N GLY F 97 29.16 -12.85 -56.66
CA GLY F 97 29.58 -12.71 -58.05
C GLY F 97 30.77 -11.78 -58.17
N SER F 98 30.89 -10.86 -57.22
CA SER F 98 31.98 -9.89 -57.20
C SER F 98 31.99 -9.20 -55.85
N SER F 99 32.79 -8.15 -55.76
CA SER F 99 32.92 -7.37 -54.53
C SER F 99 32.01 -6.15 -54.51
N TYR F 100 30.99 -6.15 -55.36
CA TYR F 100 30.09 -5.01 -55.44
C TYR F 100 29.47 -4.49 -54.15
N LEU F 101 29.40 -5.31 -53.10
CA LEU F 101 28.80 -4.85 -51.85
C LEU F 101 29.75 -3.99 -51.02
N GLY F 102 31.02 -4.01 -51.36
CA GLY F 102 31.98 -3.20 -50.62
C GLY F 102 32.52 -3.85 -49.36
N ILE F 103 32.47 -5.17 -49.30
CA ILE F 103 33.00 -5.87 -48.14
C ILE F 103 34.52 -5.90 -48.30
N PRO F 104 35.25 -5.55 -47.22
CA PRO F 104 36.72 -5.53 -47.24
C PRO F 104 37.33 -6.84 -47.70
N PHE F 105 38.26 -6.74 -48.66
CA PHE F 105 38.94 -7.90 -49.22
C PHE F 105 39.42 -8.87 -48.16
N ASN F 106 38.93 -10.10 -48.22
CA ASN F 106 39.30 -11.13 -47.26
C ASN F 106 39.28 -12.50 -47.93
N PRO F 107 40.43 -12.95 -48.44
CA PRO F 107 40.56 -14.25 -49.12
C PRO F 107 40.28 -15.46 -48.22
N SER F 108 39.06 -15.53 -47.69
CA SER F 108 38.64 -16.61 -46.81
C SER F 108 39.67 -16.88 -45.71
N LYS F 109 40.19 -15.79 -45.12
CA LYS F 109 41.17 -15.90 -44.05
C LYS F 109 40.45 -15.73 -42.72
N ASN F 110 40.03 -14.51 -42.41
CA ASN F 110 39.31 -14.22 -41.17
C ASN F 110 37.87 -14.74 -41.28
N PRO F 111 37.11 -14.73 -40.18
CA PRO F 111 35.73 -15.21 -40.23
C PRO F 111 34.83 -14.21 -40.94
N GLY F 112 33.57 -14.57 -41.14
CA GLY F 112 32.65 -13.69 -41.83
C GLY F 112 32.29 -12.39 -41.13
N THR F 113 32.32 -11.29 -41.87
CA THR F 113 31.98 -9.97 -41.34
C THR F 113 30.51 -9.72 -41.68
N ALA F 114 29.66 -9.74 -40.66
CA ALA F 114 28.22 -9.55 -40.82
C ALA F 114 27.86 -8.37 -41.72
N HIS F 115 26.81 -8.56 -42.52
CA HIS F 115 26.33 -7.53 -43.44
C HIS F 115 24.90 -7.90 -43.76
N PRO F 116 23.98 -6.94 -43.58
CA PRO F 116 22.55 -7.14 -43.84
C PRO F 116 22.15 -7.77 -45.17
N TYR F 117 22.90 -7.50 -46.22
CA TYR F 117 22.56 -8.01 -47.53
C TYR F 117 23.60 -8.86 -48.24
N ASP F 118 24.64 -9.29 -47.53
CA ASP F 118 25.66 -10.12 -48.15
C ASP F 118 25.28 -11.59 -48.11
N SER F 119 25.08 -12.18 -49.29
CA SER F 119 24.72 -13.58 -49.41
C SER F 119 25.33 -14.14 -50.67
N GLY F 120 25.34 -15.46 -50.79
CA GLY F 120 25.90 -16.07 -51.98
C GLY F 120 24.87 -16.11 -53.09
N HIS F 121 25.33 -16.46 -54.29
CA HIS F 121 24.45 -16.57 -55.44
C HIS F 121 24.77 -17.95 -56.03
N ILE F 122 23.75 -18.79 -56.13
CA ILE F 122 23.94 -20.14 -56.61
C ILE F 122 24.81 -20.29 -57.87
N ALA F 123 24.67 -19.38 -58.83
CA ALA F 123 25.48 -19.47 -60.06
C ALA F 123 26.92 -19.06 -59.80
N MET F 124 27.13 -18.30 -58.72
CA MET F 124 28.47 -17.87 -58.38
C MET F 124 29.16 -18.94 -57.55
N THR F 125 28.40 -19.60 -56.69
CA THR F 125 28.96 -20.68 -55.88
C THR F 125 29.41 -21.75 -56.87
N TYR F 126 28.58 -21.97 -57.89
CA TYR F 126 28.89 -22.95 -58.93
C TYR F 126 30.17 -22.57 -59.69
N THR F 127 30.15 -21.43 -60.39
CA THR F 127 31.31 -21.01 -61.15
C THR F 127 32.53 -20.75 -60.26
N GLY F 128 32.29 -20.35 -59.01
CA GLY F 128 33.40 -20.12 -58.09
C GLY F 128 34.16 -21.42 -57.82
N LEU F 129 33.44 -22.43 -57.33
CA LEU F 129 34.06 -23.74 -57.05
C LEU F 129 34.68 -24.27 -58.32
N SER F 130 33.96 -24.12 -59.42
CA SER F 130 34.45 -24.59 -60.71
C SER F 130 35.80 -23.94 -61.05
N CYS F 131 35.90 -22.63 -60.86
CA CYS F 131 37.14 -21.91 -61.13
C CYS F 131 38.28 -22.39 -60.23
N LEU F 132 37.98 -22.55 -58.94
CA LEU F 132 38.98 -23.01 -58.00
C LEU F 132 39.59 -24.34 -58.45
N ILE F 133 38.74 -25.28 -58.85
CA ILE F 133 39.22 -26.59 -59.31
C ILE F 133 40.09 -26.45 -60.56
N ILE F 134 39.64 -25.63 -61.50
CA ILE F 134 40.38 -25.40 -62.73
C ILE F 134 41.77 -24.82 -62.44
N LEU F 135 41.85 -23.94 -61.45
CA LEU F 135 43.11 -23.30 -61.10
C LEU F 135 44.02 -24.20 -60.26
N GLY F 136 43.53 -25.40 -59.94
CA GLY F 136 44.33 -26.33 -59.17
C GLY F 136 44.13 -26.31 -57.67
N ASP F 137 43.33 -25.38 -57.16
CA ASP F 137 43.11 -25.30 -55.73
C ASP F 137 42.47 -26.61 -55.25
N ASP F 138 42.60 -26.92 -53.96
CA ASP F 138 42.05 -28.15 -53.43
C ASP F 138 40.77 -27.95 -52.62
N LEU F 139 40.22 -26.74 -52.67
CA LEU F 139 38.98 -26.43 -51.96
C LEU F 139 39.04 -26.55 -50.44
N SER F 140 40.24 -26.63 -49.88
CA SER F 140 40.37 -26.74 -48.43
C SER F 140 39.83 -25.51 -47.71
N ARG F 141 39.89 -24.36 -48.36
CA ARG F 141 39.43 -23.12 -47.76
C ARG F 141 37.95 -22.86 -48.01
N VAL F 142 37.27 -23.85 -48.58
CA VAL F 142 35.85 -23.74 -48.86
C VAL F 142 35.10 -24.35 -47.68
N ASP F 143 34.20 -23.59 -47.07
CA ASP F 143 33.42 -24.12 -45.97
C ASP F 143 32.32 -24.97 -46.60
N LYS F 144 32.68 -26.17 -47.02
CA LYS F 144 31.76 -27.08 -47.66
C LYS F 144 30.39 -27.17 -46.99
N GLU F 145 30.37 -27.36 -45.68
CA GLU F 145 29.10 -27.47 -44.98
C GLU F 145 28.25 -26.21 -45.07
N ALA F 146 28.89 -25.04 -45.01
CA ALA F 146 28.17 -23.79 -45.09
C ALA F 146 27.54 -23.66 -46.49
N CYS F 147 28.35 -23.93 -47.51
CA CYS F 147 27.84 -23.86 -48.87
C CYS F 147 26.65 -24.79 -49.05
N LEU F 148 26.78 -26.02 -48.57
CA LEU F 148 25.68 -27.00 -48.68
C LEU F 148 24.45 -26.52 -47.92
N ALA F 149 24.68 -25.86 -46.79
CA ALA F 149 23.58 -25.35 -45.99
C ALA F 149 22.88 -24.26 -46.80
N GLY F 150 23.67 -23.40 -47.43
CA GLY F 150 23.14 -22.32 -48.23
C GLY F 150 22.37 -22.87 -49.41
N LEU F 151 22.91 -23.91 -50.04
CA LEU F 151 22.25 -24.52 -51.17
C LEU F 151 20.87 -25.03 -50.78
N ARG F 152 20.81 -25.86 -49.73
CA ARG F 152 19.54 -26.42 -49.26
C ARG F 152 18.50 -25.33 -49.07
N ALA F 153 18.93 -24.20 -48.55
CA ALA F 153 18.02 -23.09 -48.29
C ALA F 153 17.39 -22.54 -49.55
N LEU F 154 18.07 -22.69 -50.69
CA LEU F 154 17.56 -22.17 -51.94
C LEU F 154 16.49 -23.03 -52.64
N GLN F 155 16.40 -24.31 -52.29
CA GLN F 155 15.44 -25.18 -52.94
C GLN F 155 14.01 -24.92 -52.52
N LEU F 156 13.09 -24.96 -53.47
CA LEU F 156 11.67 -24.72 -53.23
C LEU F 156 10.91 -26.04 -53.08
N GLU F 157 9.63 -25.93 -52.71
CA GLU F 157 8.79 -27.10 -52.54
C GLU F 157 8.71 -27.94 -53.80
N ASP F 158 8.70 -27.28 -54.96
CA ASP F 158 8.60 -28.01 -56.23
C ASP F 158 9.89 -28.65 -56.72
N GLY F 159 10.95 -28.53 -55.93
CA GLY F 159 12.22 -29.13 -56.32
C GLY F 159 13.22 -28.21 -57.00
N SER F 160 12.76 -27.10 -57.57
CA SER F 160 13.66 -26.16 -58.24
C SER F 160 14.39 -25.29 -57.23
N PHE F 161 15.26 -24.42 -57.72
CA PHE F 161 16.04 -23.55 -56.85
C PHE F 161 15.97 -22.07 -57.21
N CYS F 162 16.31 -21.24 -56.24
CA CYS F 162 16.39 -19.80 -56.41
C CYS F 162 17.88 -19.55 -56.43
N ALA F 163 18.28 -18.36 -56.85
CA ALA F 163 19.71 -18.05 -56.91
C ALA F 163 20.24 -17.49 -55.60
N VAL F 164 19.39 -16.75 -54.89
CA VAL F 164 19.79 -16.11 -53.63
C VAL F 164 18.73 -16.28 -52.55
N PRO F 165 19.15 -16.30 -51.27
CA PRO F 165 18.24 -16.45 -50.13
C PRO F 165 17.19 -15.34 -50.04
N GLU F 166 17.55 -14.14 -50.47
CA GLU F 166 16.63 -13.01 -50.42
C GLU F 166 15.45 -13.20 -51.36
N GLY F 167 15.60 -14.13 -52.31
CA GLY F 167 14.55 -14.38 -53.25
C GLY F 167 14.92 -14.02 -54.68
N SER F 168 14.38 -14.78 -55.64
CA SER F 168 14.62 -14.54 -57.05
C SER F 168 13.71 -15.45 -57.81
N GLU F 169 13.83 -15.44 -59.13
CA GLU F 169 13.03 -16.32 -59.96
C GLU F 169 13.61 -17.72 -59.76
N ASN F 170 12.86 -18.75 -60.09
CA ASN F 170 13.34 -20.10 -59.93
C ASN F 170 13.09 -20.90 -61.21
N ASP F 171 14.08 -21.68 -61.63
CA ASP F 171 13.94 -22.49 -62.82
C ASP F 171 15.08 -23.49 -62.99
N MET F 172 15.05 -24.20 -64.11
CA MET F 172 16.04 -25.22 -64.42
C MET F 172 17.51 -24.75 -64.35
N ARG F 173 17.77 -23.49 -64.66
CA ARG F 173 19.13 -22.96 -64.63
C ARG F 173 19.77 -23.22 -63.28
N PHE F 174 19.02 -22.91 -62.22
CA PHE F 174 19.53 -23.05 -60.87
C PHE F 174 19.53 -24.50 -60.38
N VAL F 175 18.70 -25.34 -60.98
CA VAL F 175 18.68 -26.75 -60.62
C VAL F 175 20.03 -27.31 -61.07
N TYR F 176 20.48 -26.88 -62.24
CA TYR F 176 21.76 -27.31 -62.79
C TYR F 176 22.91 -26.82 -61.90
N CYS F 177 22.82 -25.57 -61.45
CA CYS F 177 23.86 -25.02 -60.59
C CYS F 177 23.96 -25.84 -59.32
N ALA F 178 22.80 -26.15 -58.73
CA ALA F 178 22.75 -26.92 -57.50
C ALA F 178 23.41 -28.28 -57.75
N SER F 179 23.06 -28.91 -58.86
CA SER F 179 23.63 -30.20 -59.20
C SER F 179 25.14 -30.13 -59.33
N CYS F 180 25.65 -29.10 -60.00
CA CYS F 180 27.08 -28.95 -60.16
C CYS F 180 27.78 -28.76 -58.83
N ILE F 181 27.16 -28.00 -57.94
CA ILE F 181 27.74 -27.75 -56.63
C ILE F 181 27.83 -29.03 -55.84
N CYS F 182 26.71 -29.75 -55.74
CA CYS F 182 26.68 -31.01 -55.01
C CYS F 182 27.72 -31.98 -55.57
N TYR F 183 27.81 -32.05 -56.89
CA TYR F 183 28.76 -32.93 -57.54
C TYR F 183 30.21 -32.58 -57.22
N MET F 184 30.56 -31.30 -57.33
CA MET F 184 31.94 -30.88 -57.05
C MET F 184 32.29 -31.06 -55.57
N LEU F 185 31.36 -30.77 -54.68
CA LEU F 185 31.62 -30.94 -53.27
C LEU F 185 31.44 -32.42 -52.93
N ASN F 186 31.10 -33.20 -53.96
CA ASN F 186 30.88 -34.63 -53.81
C ASN F 186 30.03 -34.95 -52.59
N ASN F 187 28.94 -34.21 -52.43
CA ASN F 187 28.02 -34.37 -51.31
C ASN F 187 26.64 -33.86 -51.75
N TRP F 188 25.67 -34.77 -51.87
CA TRP F 188 24.34 -34.36 -52.31
C TRP F 188 23.40 -33.98 -51.20
N SER F 189 23.94 -33.69 -50.02
CA SER F 189 23.08 -33.30 -48.90
C SER F 189 22.62 -31.87 -49.18
N GLY F 190 23.21 -31.27 -50.21
CA GLY F 190 22.87 -29.91 -50.58
C GLY F 190 21.49 -29.76 -51.20
N MET F 191 20.87 -30.87 -51.57
CA MET F 191 19.55 -30.82 -52.18
C MET F 191 18.71 -32.05 -51.90
N ASP F 192 17.42 -31.91 -52.11
CA ASP F 192 16.48 -33.02 -51.96
C ASP F 192 16.37 -33.52 -53.38
N MET F 193 17.26 -34.44 -53.72
CA MET F 193 17.32 -35.01 -55.05
C MET F 193 16.00 -35.53 -55.60
N LYS F 194 15.18 -36.12 -54.74
CA LYS F 194 13.91 -36.65 -55.20
C LYS F 194 13.04 -35.53 -55.75
N LYS F 195 12.97 -34.42 -55.03
CA LYS F 195 12.18 -33.27 -55.47
C LYS F 195 12.74 -32.61 -56.73
N ALA F 196 14.06 -32.55 -56.82
CA ALA F 196 14.71 -31.95 -57.98
C ALA F 196 14.37 -32.77 -59.22
N ILE F 197 14.49 -34.09 -59.10
CA ILE F 197 14.19 -35.00 -60.19
C ILE F 197 12.74 -34.84 -60.62
N SER F 198 11.87 -34.65 -59.65
CA SER F 198 10.47 -34.45 -59.94
C SER F 198 10.31 -33.19 -60.80
N TYR F 199 11.01 -32.12 -60.41
CA TYR F 199 10.95 -30.86 -61.14
C TYR F 199 11.41 -31.05 -62.59
N ILE F 200 12.55 -31.73 -62.74
CA ILE F 200 13.10 -31.99 -64.06
C ILE F 200 12.12 -32.79 -64.92
N ARG F 201 11.49 -33.80 -64.35
CA ARG F 201 10.51 -34.57 -65.13
C ARG F 201 9.35 -33.69 -65.58
N ARG F 202 8.78 -32.96 -64.63
CA ARG F 202 7.64 -32.10 -64.93
C ARG F 202 7.91 -31.02 -65.96
N SER F 203 9.17 -30.75 -66.23
CA SER F 203 9.49 -29.72 -67.20
C SER F 203 9.48 -30.23 -68.63
N MET F 204 9.34 -31.54 -68.80
CA MET F 204 9.30 -32.10 -70.15
C MET F 204 8.02 -31.64 -70.85
N SER F 205 8.19 -31.13 -72.06
CA SER F 205 7.09 -30.62 -72.87
C SER F 205 6.44 -31.70 -73.73
N TYR F 206 5.31 -31.34 -74.34
CA TYR F 206 4.59 -32.26 -75.21
C TYR F 206 5.47 -32.55 -76.42
N ASP F 207 6.39 -31.63 -76.74
CA ASP F 207 7.28 -31.85 -77.88
C ASP F 207 8.55 -32.59 -77.45
N ASN F 208 8.56 -33.01 -76.20
CA ASN F 208 9.63 -33.81 -75.63
C ASN F 208 10.94 -33.14 -75.23
N GLY F 209 11.04 -31.83 -75.37
CA GLY F 209 12.23 -31.13 -74.95
C GLY F 209 11.99 -30.78 -73.49
N LEU F 210 12.97 -30.19 -72.82
CA LEU F 210 12.78 -29.81 -71.43
C LEU F 210 12.67 -28.30 -71.36
N ALA F 211 11.69 -27.79 -70.61
CA ALA F 211 11.51 -26.35 -70.50
C ALA F 211 12.08 -25.84 -69.18
N GLN F 212 12.08 -24.52 -68.98
CA GLN F 212 12.61 -23.96 -67.73
C GLN F 212 11.78 -24.44 -66.53
N GLY F 213 10.53 -24.79 -66.80
CA GLY F 213 9.63 -25.27 -65.78
C GLY F 213 8.41 -25.84 -66.47
N ALA F 214 7.59 -26.56 -65.71
CA ALA F 214 6.38 -27.17 -66.25
C ALA F 214 5.51 -26.21 -67.07
N GLY F 215 5.03 -26.70 -68.21
CA GLY F 215 4.17 -25.90 -69.07
C GLY F 215 4.86 -24.92 -70.00
N LEU F 216 6.07 -24.50 -69.64
CA LEU F 216 6.81 -23.56 -70.47
C LEU F 216 7.32 -24.24 -71.75
N GLU F 217 7.76 -23.42 -72.70
CA GLU F 217 8.28 -23.89 -73.98
C GLU F 217 9.62 -24.59 -73.78
N SER F 218 9.75 -25.82 -74.28
CA SER F 218 10.99 -26.57 -74.15
C SER F 218 12.08 -25.71 -74.80
N HIS F 219 13.27 -25.79 -74.23
CA HIS F 219 14.38 -24.95 -74.68
C HIS F 219 15.73 -25.67 -74.57
N GLY F 220 16.61 -25.39 -75.51
CA GLY F 220 17.93 -26.03 -75.50
C GLY F 220 18.71 -25.79 -74.23
N GLY F 221 18.58 -24.58 -73.68
CA GLY F 221 19.28 -24.26 -72.45
C GLY F 221 18.77 -25.08 -71.28
N SER F 222 17.46 -25.13 -71.10
CA SER F 222 16.89 -25.89 -70.00
C SER F 222 17.01 -27.39 -70.20
N THR F 223 17.01 -27.84 -71.46
CA THR F 223 17.15 -29.25 -71.74
C THR F 223 18.55 -29.69 -71.29
N PHE F 224 19.54 -28.85 -71.59
CA PHE F 224 20.91 -29.16 -71.17
C PHE F 224 20.94 -29.21 -69.64
N CYS F 225 20.43 -28.18 -68.99
CA CYS F 225 20.43 -28.12 -67.54
C CYS F 225 19.77 -29.34 -66.91
N GLY F 226 18.63 -29.74 -67.47
CA GLY F 226 17.94 -30.90 -66.94
C GLY F 226 18.67 -32.22 -67.15
N ILE F 227 19.04 -32.51 -68.40
CA ILE F 227 19.75 -33.75 -68.69
C ILE F 227 21.10 -33.80 -68.00
N ALA F 228 21.84 -32.69 -68.01
CA ALA F 228 23.15 -32.65 -67.37
C ALA F 228 22.99 -32.89 -65.87
N SER F 229 21.98 -32.27 -65.26
CA SER F 229 21.75 -32.46 -63.84
C SER F 229 21.51 -33.93 -63.53
N LEU F 230 20.68 -34.60 -64.32
CA LEU F 230 20.42 -36.01 -64.09
C LEU F 230 21.69 -36.83 -64.25
N CYS F 231 22.47 -36.52 -65.27
CA CYS F 231 23.72 -37.25 -65.48
C CYS F 231 24.66 -37.03 -64.30
N LEU F 232 24.69 -35.82 -63.77
CA LEU F 232 25.56 -35.54 -62.63
C LEU F 232 25.11 -36.36 -61.41
N MET F 233 23.80 -36.60 -61.30
CA MET F 233 23.26 -37.38 -60.19
C MET F 233 23.38 -38.86 -60.53
N GLY F 234 23.72 -39.13 -61.79
CA GLY F 234 23.84 -40.50 -62.25
C GLY F 234 22.48 -41.18 -62.23
N LYS F 235 21.45 -40.49 -62.73
CA LYS F 235 20.10 -41.07 -62.73
C LYS F 235 19.33 -40.87 -64.02
N LEU F 236 20.04 -40.55 -65.09
CA LEU F 236 19.39 -40.33 -66.38
C LEU F 236 18.51 -41.52 -66.74
N GLU F 237 19.13 -42.69 -66.81
CA GLU F 237 18.45 -43.94 -67.16
C GLU F 237 17.30 -44.28 -66.21
N GLU F 238 17.48 -43.95 -64.93
CA GLU F 238 16.48 -44.23 -63.92
C GLU F 238 15.27 -43.29 -63.99
N VAL F 239 15.49 -42.04 -64.39
CA VAL F 239 14.41 -41.07 -64.46
C VAL F 239 13.59 -41.10 -65.74
N PHE F 240 14.23 -41.29 -66.88
CA PHE F 240 13.51 -41.34 -68.15
C PHE F 240 13.57 -42.74 -68.76
N SER F 241 12.44 -43.18 -69.30
CA SER F 241 12.37 -44.49 -69.93
C SER F 241 13.12 -44.43 -71.25
N GLU F 242 13.34 -45.59 -71.85
CA GLU F 242 14.03 -45.62 -73.12
C GLU F 242 13.21 -44.87 -74.17
N LYS F 243 11.88 -45.03 -74.10
CA LYS F 243 11.01 -44.36 -75.06
C LYS F 243 11.10 -42.86 -74.86
N GLU F 244 11.18 -42.45 -73.59
CA GLU F 244 11.29 -41.04 -73.26
C GLU F 244 12.61 -40.45 -73.74
N LEU F 245 13.71 -41.17 -73.49
CA LEU F 245 15.02 -40.73 -73.93
C LEU F 245 15.08 -40.63 -75.44
N ASN F 246 14.40 -41.53 -76.13
CA ASN F 246 14.41 -41.49 -77.58
C ASN F 246 13.73 -40.23 -78.08
N ARG F 247 12.65 -39.85 -77.40
CA ARG F 247 11.90 -38.67 -77.77
C ARG F 247 12.72 -37.42 -77.49
N ILE F 248 13.43 -37.43 -76.36
CA ILE F 248 14.26 -36.30 -76.00
C ILE F 248 15.38 -36.19 -77.04
N LYS F 249 16.01 -37.31 -77.37
CA LYS F 249 17.09 -37.33 -78.36
C LYS F 249 16.59 -36.73 -79.68
N ARG F 250 15.40 -37.13 -80.09
CA ARG F 250 14.82 -36.61 -81.32
C ARG F 250 14.69 -35.09 -81.27
N TRP F 251 14.16 -34.58 -80.16
CA TRP F 251 13.99 -33.14 -80.01
C TRP F 251 15.30 -32.41 -80.10
N CYS F 252 16.31 -32.97 -79.44
CA CYS F 252 17.63 -32.37 -79.43
C CYS F 252 18.30 -32.37 -80.78
N ILE F 253 18.35 -33.52 -81.44
CA ILE F 253 19.02 -33.57 -82.72
C ILE F 253 18.30 -32.74 -83.80
N MET F 254 17.03 -32.44 -83.58
CA MET F 254 16.29 -31.63 -84.54
C MET F 254 16.71 -30.16 -84.44
N ARG F 255 17.49 -29.84 -83.41
CA ARG F 255 17.96 -28.47 -83.20
C ARG F 255 19.07 -28.06 -84.16
N GLN F 256 19.73 -29.02 -84.81
CA GLN F 256 20.79 -28.65 -85.73
C GLN F 256 20.24 -28.19 -87.09
N GLN F 257 20.62 -26.98 -87.48
CA GLN F 257 20.20 -26.41 -88.76
C GLN F 257 21.44 -26.41 -89.63
N ASN F 258 22.55 -26.03 -89.01
CA ASN F 258 23.90 -26.00 -89.57
C ASN F 258 24.64 -25.89 -88.25
N GLY F 259 24.38 -24.80 -87.54
CA GLY F 259 24.90 -24.62 -86.21
C GLY F 259 23.67 -25.07 -85.43
N TYR F 260 23.52 -24.66 -84.18
CA TYR F 260 22.33 -25.07 -83.43
C TYR F 260 21.48 -23.91 -82.92
N HIS F 261 20.16 -24.07 -82.86
CA HIS F 261 19.30 -23.02 -82.31
C HIS F 261 18.77 -23.57 -80.98
N GLY F 262 18.24 -22.71 -80.12
CA GLY F 262 17.73 -23.16 -78.84
C GLY F 262 16.29 -23.61 -78.80
N ARG F 263 15.53 -23.27 -79.85
CA ARG F 263 14.12 -23.62 -79.94
C ARG F 263 13.70 -23.76 -81.38
N PRO F 264 12.71 -24.62 -81.66
CA PRO F 264 12.24 -24.79 -83.04
C PRO F 264 11.92 -23.42 -83.66
N ASN F 265 12.25 -23.26 -84.93
CA ASN F 265 11.98 -22.02 -85.66
C ASN F 265 12.67 -20.76 -85.17
N LYS F 266 13.77 -20.92 -84.44
CA LYS F 266 14.56 -19.79 -83.97
C LYS F 266 15.91 -19.84 -84.68
N PRO F 267 16.55 -18.69 -84.88
CA PRO F 267 17.85 -18.67 -85.56
C PRO F 267 18.95 -19.35 -84.74
N VAL F 268 19.93 -19.96 -85.41
CA VAL F 268 21.01 -20.62 -84.70
C VAL F 268 21.83 -19.60 -83.92
N ASP F 269 22.50 -20.09 -82.89
CA ASP F 269 23.31 -19.26 -82.00
C ASP F 269 24.49 -20.13 -81.55
N THR F 270 25.70 -19.64 -81.78
CA THR F 270 26.89 -20.36 -81.39
C THR F 270 26.84 -21.09 -80.06
N CYS F 271 26.38 -20.43 -79.00
CA CYS F 271 26.38 -21.09 -77.70
C CYS F 271 25.59 -22.38 -77.65
N TYR F 272 24.63 -22.54 -78.56
CA TYR F 272 23.85 -23.77 -78.56
C TYR F 272 24.62 -24.97 -79.09
N SER F 273 25.77 -24.70 -79.71
CA SER F 273 26.62 -25.77 -80.19
C SER F 273 27.09 -26.50 -78.94
N PHE F 274 27.08 -25.80 -77.81
CA PHE F 274 27.43 -26.48 -76.57
C PHE F 274 26.19 -26.95 -75.83
N TRP F 275 25.26 -26.03 -75.54
CA TRP F 275 24.04 -26.38 -74.81
C TRP F 275 23.40 -27.65 -75.38
N VAL F 276 23.07 -27.62 -76.67
CA VAL F 276 22.44 -28.77 -77.29
C VAL F 276 23.47 -29.87 -77.61
N GLY F 277 24.61 -29.47 -78.15
CA GLY F 277 25.66 -30.43 -78.49
C GLY F 277 26.08 -31.29 -77.31
N ALA F 278 26.24 -30.66 -76.14
CA ALA F 278 26.62 -31.37 -74.94
C ALA F 278 25.50 -32.33 -74.51
N THR F 279 24.25 -31.90 -74.67
CA THR F 279 23.13 -32.76 -74.31
C THR F 279 23.17 -33.99 -75.21
N LEU F 280 23.38 -33.76 -76.50
CA LEU F 280 23.45 -34.86 -77.45
C LEU F 280 24.59 -35.81 -77.09
N LYS F 281 25.71 -35.25 -76.61
CA LYS F 281 26.86 -36.05 -76.21
C LYS F 281 26.47 -36.90 -75.01
N LEU F 282 25.80 -36.27 -74.03
CA LEU F 282 25.37 -37.00 -72.85
C LEU F 282 24.39 -38.12 -73.21
N LEU F 283 23.60 -37.89 -74.26
CA LEU F 283 22.62 -38.87 -74.72
C LEU F 283 23.26 -39.86 -75.69
N LYS F 284 24.58 -39.75 -75.85
CA LYS F 284 25.37 -40.61 -76.73
C LYS F 284 24.97 -40.66 -78.20
N ILE F 285 24.52 -39.54 -78.75
CA ILE F 285 24.16 -39.53 -80.15
C ILE F 285 24.71 -38.31 -80.87
N PHE F 286 25.59 -37.56 -80.21
CA PHE F 286 26.18 -36.38 -80.85
C PHE F 286 26.97 -36.86 -82.07
N GLN F 287 27.46 -38.08 -81.96
CA GLN F 287 28.23 -38.72 -83.03
C GLN F 287 27.45 -38.83 -84.32
N TYR F 288 26.12 -38.74 -84.23
CA TYR F 288 25.28 -38.86 -85.42
C TYR F 288 24.88 -37.52 -86.03
N THR F 289 25.43 -36.43 -85.49
CA THR F 289 25.14 -35.10 -86.00
C THR F 289 26.12 -34.80 -87.13
N ASN F 290 25.89 -33.70 -87.83
CA ASN F 290 26.77 -33.33 -88.93
C ASN F 290 27.82 -32.39 -88.35
N PHE F 291 29.05 -32.88 -88.23
CA PHE F 291 30.15 -32.07 -87.67
C PHE F 291 30.58 -30.88 -88.50
N GLU F 292 30.78 -31.09 -89.80
CA GLU F 292 31.25 -30.02 -90.64
C GLU F 292 30.39 -28.76 -90.66
N LYS F 293 29.08 -28.91 -90.82
CA LYS F 293 28.22 -27.74 -90.85
C LYS F 293 28.23 -27.03 -89.52
N ASN F 294 28.33 -27.79 -88.45
CA ASN F 294 28.37 -27.22 -87.10
C ASN F 294 29.66 -26.45 -86.94
N ARG F 295 30.78 -27.11 -87.24
CA ARG F 295 32.08 -26.47 -87.13
C ARG F 295 32.15 -25.24 -88.01
N ASN F 296 31.67 -25.36 -89.24
CA ASN F 296 31.70 -24.22 -90.13
C ASN F 296 30.92 -23.04 -89.58
N TYR F 297 29.74 -23.31 -89.01
CA TYR F 297 28.94 -22.23 -88.44
C TYR F 297 29.70 -21.57 -87.28
N ILE F 298 30.18 -22.39 -86.34
CA ILE F 298 30.90 -21.84 -85.19
C ILE F 298 32.01 -20.92 -85.65
N LEU F 299 32.85 -21.40 -86.57
CA LEU F 299 33.95 -20.60 -87.07
C LEU F 299 33.50 -19.33 -87.78
N SER F 300 32.33 -19.36 -88.41
CA SER F 300 31.83 -18.18 -89.09
C SER F 300 31.52 -17.06 -88.10
N THR F 301 31.48 -17.37 -86.81
CA THR F 301 31.19 -16.35 -85.80
C THR F 301 32.45 -15.98 -85.06
N GLN F 302 33.58 -16.48 -85.56
CA GLN F 302 34.87 -16.22 -84.95
C GLN F 302 35.32 -14.82 -85.32
N ASP F 303 35.79 -14.04 -84.36
CA ASP F 303 36.28 -12.69 -84.66
C ASP F 303 37.78 -12.83 -84.91
N ARG F 304 38.17 -12.81 -86.18
CA ARG F 304 39.57 -12.99 -86.56
C ARG F 304 40.49 -11.84 -86.15
N LEU F 305 39.89 -10.72 -85.77
CA LEU F 305 40.66 -9.57 -85.37
C LEU F 305 40.92 -9.56 -83.86
N VAL F 306 39.87 -9.50 -83.06
CA VAL F 306 40.03 -9.45 -81.60
C VAL F 306 40.01 -10.82 -80.92
N GLY F 307 39.52 -11.83 -81.63
CA GLY F 307 39.44 -13.16 -81.04
C GLY F 307 38.07 -13.40 -80.44
N GLY F 308 37.85 -14.59 -79.90
CA GLY F 308 36.56 -14.90 -79.31
C GLY F 308 35.53 -15.20 -80.38
N PHE F 309 34.32 -15.55 -79.96
CA PHE F 309 33.22 -15.86 -80.88
C PHE F 309 31.99 -15.05 -80.51
N ALA F 310 31.08 -14.89 -81.47
CA ALA F 310 29.86 -14.15 -81.25
C ALA F 310 28.71 -15.13 -81.42
N LYS F 311 27.49 -14.71 -81.12
CA LYS F 311 26.36 -15.63 -81.28
C LYS F 311 26.10 -15.83 -82.76
N TRP F 312 26.27 -14.77 -83.54
CA TRP F 312 26.06 -14.83 -84.97
C TRP F 312 27.26 -14.30 -85.72
N PRO F 313 27.37 -14.62 -87.01
CA PRO F 313 28.50 -14.14 -87.80
C PRO F 313 28.42 -12.62 -87.98
N ASP F 314 29.58 -11.98 -88.09
CA ASP F 314 29.63 -10.53 -88.27
C ASP F 314 28.93 -9.83 -87.09
N SER F 315 29.14 -10.38 -85.90
CA SER F 315 28.55 -9.84 -84.70
C SER F 315 29.68 -9.70 -83.69
N HIS F 316 29.54 -8.86 -82.68
CA HIS F 316 30.62 -8.69 -81.72
C HIS F 316 30.73 -9.86 -80.77
N PRO F 317 31.97 -10.29 -80.50
CA PRO F 317 32.22 -11.43 -79.61
C PRO F 317 32.12 -11.05 -78.14
N ASP F 318 31.97 -12.05 -77.28
CA ASP F 318 31.92 -11.84 -75.84
C ASP F 318 32.45 -13.10 -75.17
N ALA F 319 32.72 -12.99 -73.87
CA ALA F 319 33.27 -14.11 -73.12
C ALA F 319 32.42 -15.38 -73.21
N LEU F 320 31.11 -15.23 -73.03
CA LEU F 320 30.19 -16.36 -73.07
C LEU F 320 30.25 -17.14 -74.39
N HIS F 321 30.09 -16.44 -75.51
CA HIS F 321 30.12 -17.13 -76.78
C HIS F 321 31.51 -17.63 -77.16
N ALA F 322 32.53 -16.92 -76.69
CA ALA F 322 33.88 -17.33 -76.96
C ALA F 322 34.07 -18.69 -76.27
N TYR F 323 33.65 -18.77 -75.02
CA TYR F 323 33.79 -20.00 -74.27
C TYR F 323 32.95 -21.14 -74.81
N PHE F 324 31.67 -20.88 -75.02
CA PHE F 324 30.80 -21.93 -75.52
C PHE F 324 31.09 -22.33 -76.95
N GLY F 325 31.62 -21.39 -77.74
CA GLY F 325 31.94 -21.71 -79.11
C GLY F 325 33.11 -22.70 -79.07
N ILE F 326 34.06 -22.43 -78.17
CA ILE F 326 35.21 -23.30 -78.03
C ILE F 326 34.78 -24.67 -77.51
N CYS F 327 33.89 -24.71 -76.52
CA CYS F 327 33.41 -25.99 -76.01
C CYS F 327 32.64 -26.73 -77.11
N GLY F 328 31.96 -25.98 -77.95
CA GLY F 328 31.22 -26.58 -79.04
C GLY F 328 32.21 -27.30 -79.94
N LEU F 329 33.29 -26.61 -80.29
CA LEU F 329 34.34 -27.18 -81.13
C LEU F 329 34.96 -28.40 -80.43
N SER F 330 35.11 -28.29 -79.11
CA SER F 330 35.68 -29.36 -78.29
C SER F 330 34.90 -30.67 -78.44
N LEU F 331 33.57 -30.56 -78.45
CA LEU F 331 32.70 -31.73 -78.58
C LEU F 331 33.06 -32.59 -79.81
N MET F 332 33.60 -31.95 -80.84
CA MET F 332 33.99 -32.64 -82.07
C MET F 332 35.51 -32.88 -82.10
N GLU F 333 36.14 -32.75 -80.94
CA GLU F 333 37.58 -32.95 -80.76
C GLU F 333 38.47 -32.14 -81.71
N GLU F 334 38.25 -30.83 -81.69
CA GLU F 334 38.99 -29.84 -82.46
C GLU F 334 40.48 -29.97 -82.12
N SER F 335 41.33 -29.95 -83.15
CA SER F 335 42.76 -30.06 -82.93
C SER F 335 43.25 -28.84 -82.15
N GLY F 336 43.76 -29.07 -80.95
CA GLY F 336 44.23 -27.96 -80.15
C GLY F 336 43.31 -27.56 -79.01
N ILE F 337 42.16 -28.22 -78.86
CA ILE F 337 41.25 -27.88 -77.77
C ILE F 337 41.02 -29.12 -76.92
N CYS F 338 41.13 -28.97 -75.61
CA CYS F 338 40.89 -30.06 -74.70
C CYS F 338 39.46 -30.51 -74.88
N LYS F 339 39.19 -31.74 -74.48
CA LYS F 339 37.85 -32.31 -74.58
C LYS F 339 37.06 -31.86 -73.35
N VAL F 340 35.92 -31.22 -73.58
CA VAL F 340 35.09 -30.76 -72.47
C VAL F 340 34.25 -31.87 -71.85
N HIS F 341 34.01 -31.76 -70.56
CA HIS F 341 33.18 -32.71 -69.86
C HIS F 341 31.78 -32.12 -70.07
N PRO F 342 30.95 -32.77 -70.89
CA PRO F 342 29.59 -32.37 -71.24
C PRO F 342 28.58 -32.09 -70.14
N ALA F 343 28.74 -32.71 -68.98
CA ALA F 343 27.79 -32.44 -67.90
C ALA F 343 28.32 -31.41 -66.93
N LEU F 344 29.59 -31.55 -66.57
CA LEU F 344 30.21 -30.66 -65.62
C LEU F 344 30.63 -29.29 -66.18
N ASN F 345 30.84 -29.22 -67.49
CA ASN F 345 31.23 -27.99 -68.17
C ASN F 345 32.64 -27.49 -67.81
N VAL F 346 33.59 -28.42 -67.82
CA VAL F 346 35.00 -28.14 -67.55
C VAL F 346 35.80 -29.11 -68.40
N SER F 347 37.07 -28.83 -68.67
CA SER F 347 37.87 -29.75 -69.46
C SER F 347 37.84 -31.08 -68.71
N THR F 348 37.79 -32.21 -69.42
CA THR F 348 37.75 -33.49 -68.72
C THR F 348 39.05 -33.59 -67.92
N ARG F 349 40.10 -33.00 -68.46
CA ARG F 349 41.40 -32.97 -67.78
C ARG F 349 41.14 -32.45 -66.34
N THR F 350 40.26 -31.46 -66.22
CA THR F 350 39.92 -30.88 -64.92
C THR F 350 38.95 -31.76 -64.13
N SER F 351 38.09 -32.49 -64.83
CA SER F 351 37.13 -33.34 -64.12
C SER F 351 37.87 -34.50 -63.48
N GLU F 352 38.99 -34.90 -64.08
CA GLU F 352 39.80 -35.98 -63.55
C GLU F 352 40.52 -35.49 -62.31
N ARG F 353 41.10 -34.30 -62.42
CA ARG F 353 41.78 -33.67 -61.30
C ARG F 353 40.77 -33.69 -60.14
N LEU F 354 39.52 -33.38 -60.46
CA LEU F 354 38.44 -33.36 -59.47
C LEU F 354 38.20 -34.75 -58.91
N ARG F 355 38.25 -35.76 -59.78
CA ARG F 355 38.04 -37.14 -59.35
C ARG F 355 39.08 -37.48 -58.28
N ASP F 356 40.34 -37.10 -58.53
CA ASP F 356 41.42 -37.36 -57.58
C ASP F 356 41.19 -36.62 -56.28
N LEU F 357 40.79 -35.37 -56.38
CA LEU F 357 40.52 -34.56 -55.20
C LEU F 357 39.51 -35.28 -54.30
N HIS F 358 38.51 -35.90 -54.90
CA HIS F 358 37.49 -36.62 -54.14
C HIS F 358 38.10 -37.87 -53.50
N GLN F 359 38.89 -38.60 -54.28
CA GLN F 359 39.54 -39.82 -53.80
C GLN F 359 40.39 -39.52 -52.58
N SER F 360 41.00 -38.33 -52.55
CA SER F 360 41.83 -37.95 -51.43
C SER F 360 41.01 -37.64 -50.18
N TRP F 361 39.88 -36.97 -50.34
CA TRP F 361 39.03 -36.66 -49.19
C TRP F 361 38.53 -37.97 -48.58
N LYS F 362 38.47 -39.02 -49.40
CA LYS F 362 38.01 -40.32 -48.92
C LYS F 362 39.16 -40.98 -48.17
N THR F 363 39.35 -40.57 -46.91
CA THR F 363 40.42 -41.10 -46.07
C THR F 363 39.94 -41.28 -44.62
N PHE G 55 15.79 37.61 79.12
CA PHE G 55 16.81 38.09 80.10
C PHE G 55 16.17 38.62 81.40
N LEU G 56 15.95 39.94 81.44
CA LEU G 56 15.38 40.61 82.61
C LEU G 56 13.88 40.36 82.77
N SER G 57 13.53 39.49 83.71
CA SER G 57 12.12 39.16 83.97
C SER G 57 11.31 40.34 84.52
N LEU G 58 10.00 40.30 84.31
CA LEU G 58 9.10 41.38 84.76
C LEU G 58 8.94 41.62 86.26
N ASP G 59 9.45 40.71 87.08
CA ASP G 59 9.37 40.87 88.53
C ASP G 59 10.75 40.78 89.15
N SER G 60 11.77 40.74 88.30
CA SER G 60 13.14 40.70 88.80
C SER G 60 13.31 41.97 89.60
N PRO G 61 14.03 41.88 90.71
CA PRO G 61 14.25 43.09 91.50
C PRO G 61 14.91 44.15 90.62
N THR G 62 15.75 43.68 89.69
CA THR G 62 16.48 44.56 88.78
C THR G 62 15.79 44.88 87.47
N TYR G 63 14.46 44.78 87.47
CA TYR G 63 13.70 45.09 86.28
C TYR G 63 13.64 46.59 86.07
N VAL G 64 13.91 47.04 84.85
CA VAL G 64 13.89 48.46 84.54
C VAL G 64 12.88 48.72 83.44
N LEU G 65 12.10 49.78 83.57
CA LEU G 65 11.14 50.14 82.53
C LEU G 65 11.90 50.43 81.24
N TYR G 66 11.23 50.22 80.11
CA TYR G 66 11.84 50.46 78.82
C TYR G 66 12.17 51.93 78.61
N ARG G 67 11.39 52.81 79.24
CA ARG G 67 11.64 54.24 79.10
C ARG G 67 12.97 54.62 79.76
N ASP G 68 13.46 53.76 80.66
CA ASP G 68 14.73 53.99 81.35
C ASP G 68 15.84 53.09 80.85
N ARG G 69 15.68 52.52 79.66
CA ARG G 69 16.71 51.65 79.12
C ARG G 69 17.47 52.34 78.00
N ALA G 70 18.79 52.34 78.11
CA ALA G 70 19.64 52.97 77.11
C ALA G 70 19.37 52.42 75.72
N GLU G 71 19.25 51.09 75.62
CA GLU G 71 19.02 50.43 74.34
C GLU G 71 17.74 50.89 73.64
N TRP G 72 16.86 51.55 74.38
CA TRP G 72 15.61 52.01 73.80
C TRP G 72 15.48 53.53 73.75
N ALA G 73 16.60 54.23 73.93
CA ALA G 73 16.59 55.69 73.93
C ALA G 73 16.14 56.30 72.60
N ASP G 74 16.53 55.68 71.49
CA ASP G 74 16.20 56.17 70.16
C ASP G 74 14.74 55.95 69.76
N ILE G 75 14.02 55.17 70.56
CA ILE G 75 12.62 54.89 70.24
C ILE G 75 11.65 55.73 71.04
N ASP G 76 10.68 56.32 70.35
CA ASP G 76 9.66 57.13 70.99
C ASP G 76 8.45 56.24 71.25
N PRO G 77 8.11 56.02 72.53
CA PRO G 77 6.97 55.17 72.86
C PRO G 77 5.68 55.69 72.25
N VAL G 78 4.85 54.78 71.77
CA VAL G 78 3.57 55.15 71.18
C VAL G 78 2.46 54.78 72.16
N PRO G 79 1.71 55.77 72.62
CA PRO G 79 0.62 55.53 73.57
C PRO G 79 -0.68 55.11 72.91
N GLN G 80 -1.53 54.44 73.68
CA GLN G 80 -2.83 54.01 73.21
C GLN G 80 -3.81 55.10 73.57
N ASN G 81 -4.69 55.47 72.65
CA ASN G 81 -5.67 56.51 72.91
C ASN G 81 -7.08 56.16 72.48
N ASP G 82 -7.98 55.98 73.45
CA ASP G 82 -9.36 55.64 73.16
C ASP G 82 -10.24 56.85 72.97
N GLY G 83 -9.64 57.97 72.58
CA GLY G 83 -10.41 59.19 72.37
C GLY G 83 -10.93 59.87 73.63
N PRO G 84 -11.82 60.85 73.47
CA PRO G 84 -12.43 61.63 74.56
C PRO G 84 -13.25 60.87 75.59
N SER G 85 -13.99 59.85 75.15
CA SER G 85 -14.81 59.08 76.08
C SER G 85 -14.53 57.59 75.97
N PRO G 86 -13.44 57.12 76.58
CA PRO G 86 -13.08 55.70 76.54
C PRO G 86 -14.18 54.76 77.03
N VAL G 87 -14.34 53.64 76.33
CA VAL G 87 -15.34 52.63 76.67
C VAL G 87 -14.64 51.34 77.06
N VAL G 88 -15.14 50.68 78.11
CA VAL G 88 -14.54 49.43 78.58
C VAL G 88 -13.03 49.57 78.64
N GLN G 89 -12.58 50.62 79.30
CA GLN G 89 -11.16 50.91 79.44
C GLN G 89 -10.55 50.13 80.58
N ILE G 90 -9.47 49.42 80.30
CA ILE G 90 -8.78 48.64 81.32
C ILE G 90 -7.67 49.50 81.91
N ILE G 91 -7.57 49.55 83.23
CA ILE G 91 -6.52 50.36 83.86
C ILE G 91 -5.22 49.57 83.89
N TYR G 92 -4.14 50.22 83.47
CA TYR G 92 -2.85 49.57 83.42
C TYR G 92 -1.79 50.15 84.34
N SER G 93 -0.94 49.28 84.88
CA SER G 93 0.13 49.70 85.76
C SER G 93 1.19 50.41 84.94
N GLU G 94 2.12 51.07 85.63
CA GLU G 94 3.20 51.78 84.96
C GLU G 94 3.96 50.82 84.07
N LYS G 95 4.34 49.67 84.64
CA LYS G 95 5.10 48.65 83.91
C LYS G 95 4.38 48.22 82.64
N PHE G 96 3.13 47.79 82.83
CA PHE G 96 2.30 47.31 81.74
C PHE G 96 2.24 48.30 80.58
N ARG G 97 1.79 49.52 80.86
CA ARG G 97 1.70 50.52 79.83
C ARG G 97 3.05 50.82 79.20
N ASP G 98 4.11 50.69 79.99
CA ASP G 98 5.45 50.95 79.49
C ASP G 98 5.80 49.93 78.41
N VAL G 99 5.68 48.64 78.74
CA VAL G 99 5.99 47.60 77.78
C VAL G 99 5.20 47.76 76.49
N TYR G 100 3.90 47.94 76.61
CA TYR G 100 3.07 48.09 75.43
C TYR G 100 3.23 49.40 74.67
N ASP G 101 3.65 50.46 75.33
CA ASP G 101 3.85 51.72 74.63
C ASP G 101 5.03 51.54 73.69
N TYR G 102 5.99 50.73 74.11
CA TYR G 102 7.15 50.49 73.27
C TYR G 102 6.82 49.43 72.24
N PHE G 103 5.92 48.52 72.59
CA PHE G 103 5.54 47.49 71.63
C PHE G 103 4.86 48.17 70.46
N ARG G 104 3.96 49.12 70.76
CA ARG G 104 3.26 49.85 69.71
C ARG G 104 4.24 50.56 68.80
N ALA G 105 5.28 51.13 69.40
CA ALA G 105 6.29 51.84 68.65
C ALA G 105 7.02 50.91 67.69
N VAL G 106 7.56 49.82 68.21
CA VAL G 106 8.27 48.85 67.39
C VAL G 106 7.36 48.27 66.31
N LEU G 107 6.14 47.91 66.72
CA LEU G 107 5.15 47.32 65.84
C LEU G 107 4.84 48.30 64.71
N GLN G 108 4.58 49.55 65.08
CA GLN G 108 4.26 50.59 64.12
C GLN G 108 5.33 50.80 63.06
N ARG G 109 6.58 50.52 63.40
CA ARG G 109 7.67 50.73 62.46
C ARG G 109 8.13 49.41 61.87
N ASP G 110 7.39 48.35 62.15
CA ASP G 110 7.72 47.03 61.63
C ASP G 110 9.23 46.75 61.79
N GLU G 111 9.77 47.13 62.94
CA GLU G 111 11.19 46.93 63.22
C GLU G 111 11.53 45.46 63.51
N ARG G 112 12.21 44.81 62.57
CA ARG G 112 12.59 43.41 62.74
C ARG G 112 13.91 43.28 63.50
N SER G 113 13.96 43.84 64.69
CA SER G 113 15.19 43.80 65.48
C SER G 113 15.20 42.71 66.55
N GLU G 114 16.37 42.52 67.17
CA GLU G 114 16.52 41.53 68.22
C GLU G 114 15.92 42.08 69.51
N ARG G 115 15.94 43.39 69.65
CA ARG G 115 15.40 44.00 70.85
C ARG G 115 13.88 43.91 70.81
N ALA G 116 13.31 43.98 69.61
CA ALA G 116 11.87 43.87 69.44
C ALA G 116 11.48 42.45 69.85
N PHE G 117 12.25 41.48 69.37
CA PHE G 117 11.98 40.08 69.70
C PHE G 117 11.96 39.88 71.20
N LYS G 118 12.91 40.47 71.91
CA LYS G 118 12.97 40.33 73.35
C LYS G 118 11.77 41.06 73.97
N LEU G 119 11.35 42.16 73.35
CA LEU G 119 10.22 42.93 73.86
C LEU G 119 8.96 42.10 73.83
N THR G 120 8.78 41.28 72.79
CA THR G 120 7.57 40.46 72.68
C THR G 120 7.45 39.50 73.85
N ARG G 121 8.59 39.02 74.35
CA ARG G 121 8.53 38.08 75.46
C ARG G 121 7.86 38.73 76.66
N ASP G 122 8.10 40.03 76.84
CA ASP G 122 7.51 40.76 77.96
C ASP G 122 6.05 41.07 77.70
N ALA G 123 5.74 41.43 76.46
CA ALA G 123 4.37 41.73 76.09
C ALA G 123 3.52 40.48 76.28
N ILE G 124 4.10 39.33 75.96
CA ILE G 124 3.40 38.05 76.10
C ILE G 124 3.24 37.70 77.57
N GLU G 125 4.21 38.05 78.41
CA GLU G 125 4.08 37.74 79.82
C GLU G 125 2.95 38.59 80.40
N LEU G 126 2.81 39.80 79.89
CA LEU G 126 1.77 40.69 80.36
C LEU G 126 0.39 40.29 79.84
N ASN G 127 0.35 39.76 78.63
CA ASN G 127 -0.92 39.35 78.03
C ASN G 127 -0.75 38.37 76.86
N ALA G 128 -0.76 37.08 77.17
CA ALA G 128 -0.58 36.06 76.16
C ALA G 128 -1.78 35.95 75.21
N ALA G 129 -2.82 36.75 75.46
CA ALA G 129 -3.99 36.69 74.61
C ALA G 129 -3.93 37.70 73.48
N ASN G 130 -2.89 38.51 73.46
CA ASN G 130 -2.77 39.50 72.39
C ASN G 130 -2.26 38.80 71.13
N TYR G 131 -3.18 38.45 70.26
CA TYR G 131 -2.84 37.74 69.03
C TYR G 131 -1.86 38.48 68.13
N THR G 132 -1.92 39.81 68.13
CA THR G 132 -1.00 40.59 67.30
C THR G 132 0.45 40.41 67.77
N VAL G 133 0.64 40.37 69.09
CA VAL G 133 1.98 40.18 69.62
C VAL G 133 2.55 38.87 69.11
N TRP G 134 1.76 37.80 69.17
CA TRP G 134 2.23 36.49 68.70
C TRP G 134 2.54 36.49 67.20
N HIS G 135 1.71 37.17 66.42
CA HIS G 135 1.95 37.22 64.98
C HIS G 135 3.28 37.92 64.72
N PHE G 136 3.47 39.08 65.35
CA PHE G 136 4.70 39.83 65.16
C PHE G 136 5.89 38.98 65.60
N ARG G 137 5.73 38.28 66.70
CA ARG G 137 6.81 37.45 67.19
C ARG G 137 7.16 36.40 66.14
N ARG G 138 6.15 35.88 65.44
CA ARG G 138 6.42 34.89 64.40
C ARG G 138 7.14 35.55 63.24
N VAL G 139 6.77 36.79 62.94
CA VAL G 139 7.41 37.53 61.86
C VAL G 139 8.90 37.63 62.20
N LEU G 140 9.18 37.96 63.45
CA LEU G 140 10.54 38.10 63.92
C LEU G 140 11.27 36.76 63.91
N LEU G 141 10.58 35.70 64.34
CA LEU G 141 11.21 34.38 64.35
C LEU G 141 11.80 34.08 62.97
N ARG G 142 11.05 34.43 61.93
CA ARG G 142 11.49 34.21 60.56
C ARG G 142 12.60 35.21 60.20
N SER G 143 12.30 36.50 60.29
CA SER G 143 13.26 37.55 59.97
C SER G 143 14.63 37.32 60.60
N LEU G 144 14.65 37.04 61.91
CA LEU G 144 15.90 36.84 62.61
C LEU G 144 16.35 35.39 62.57
N GLN G 145 15.67 34.56 61.79
CA GLN G 145 16.01 33.15 61.68
C GLN G 145 16.38 32.54 63.04
N LYS G 146 15.46 32.66 63.99
CA LYS G 146 15.68 32.14 65.35
C LYS G 146 15.59 30.63 65.40
N ASP G 147 16.20 30.03 66.43
CA ASP G 147 16.17 28.59 66.59
C ASP G 147 14.76 28.17 66.99
N LEU G 148 14.03 27.58 66.05
CA LEU G 148 12.66 27.14 66.30
C LEU G 148 12.55 26.07 67.38
N GLN G 149 13.61 25.28 67.55
CA GLN G 149 13.56 24.25 68.57
C GLN G 149 13.54 24.93 69.95
N GLU G 150 14.13 26.12 70.00
CA GLU G 150 14.16 26.88 71.24
C GLU G 150 12.76 27.42 71.50
N GLU G 151 12.12 27.94 70.45
CA GLU G 151 10.78 28.48 70.55
C GLU G 151 9.80 27.39 70.99
N MET G 152 10.07 26.15 70.62
CA MET G 152 9.20 25.05 71.02
C MET G 152 9.22 24.89 72.53
N ASN G 153 10.38 25.07 73.14
CA ASN G 153 10.49 24.96 74.58
C ASN G 153 9.72 26.11 75.20
N TYR G 154 9.85 27.29 74.60
CA TYR G 154 9.17 28.47 75.09
C TYR G 154 7.65 28.27 75.11
N ILE G 155 7.09 27.97 73.95
CA ILE G 155 5.65 27.78 73.84
C ILE G 155 5.20 26.61 74.71
N ILE G 156 6.05 25.62 74.89
CA ILE G 156 5.66 24.47 75.73
C ILE G 156 5.42 24.94 77.17
N ALA G 157 6.28 25.82 77.66
CA ALA G 157 6.13 26.33 79.02
C ALA G 157 4.90 27.24 79.10
N ILE G 158 4.75 28.11 78.11
CA ILE G 158 3.63 29.05 78.07
C ILE G 158 2.28 28.34 78.12
N ILE G 159 2.12 27.33 77.27
CA ILE G 159 0.87 26.60 77.22
C ILE G 159 0.55 25.90 78.53
N GLU G 160 1.57 25.42 79.23
CA GLU G 160 1.32 24.74 80.50
C GLU G 160 0.73 25.71 81.52
N GLU G 161 1.14 26.97 81.45
CA GLU G 161 0.65 27.99 82.37
C GLU G 161 -0.72 28.50 81.94
N GLN G 162 -0.97 28.51 80.64
CA GLN G 162 -2.24 28.99 80.10
C GLN G 162 -2.78 28.03 79.05
N PRO G 163 -3.19 26.83 79.47
CA PRO G 163 -3.72 25.80 78.58
C PRO G 163 -5.06 26.08 77.91
N LYS G 164 -5.71 27.19 78.26
CA LYS G 164 -7.00 27.51 77.66
C LYS G 164 -6.95 28.75 76.79
N ASN G 165 -5.75 29.15 76.41
CA ASN G 165 -5.54 30.32 75.57
C ASN G 165 -5.49 29.90 74.10
N TYR G 166 -6.30 30.53 73.25
CA TYR G 166 -6.33 30.19 71.82
C TYR G 166 -5.04 30.52 71.08
N GLN G 167 -4.49 31.71 71.33
CA GLN G 167 -3.28 32.15 70.66
C GLN G 167 -2.08 31.24 70.85
N VAL G 168 -1.91 30.69 72.07
CA VAL G 168 -0.76 29.85 72.33
C VAL G 168 -0.83 28.52 71.59
N TRP G 169 -2.02 27.94 71.48
CA TRP G 169 -2.13 26.68 70.76
C TRP G 169 -1.92 26.95 69.28
N HIS G 170 -2.43 28.08 68.80
CA HIS G 170 -2.25 28.39 67.40
C HIS G 170 -0.77 28.57 67.10
N HIS G 171 -0.06 29.25 67.99
CA HIS G 171 1.36 29.47 67.82
C HIS G 171 2.09 28.14 67.73
N ARG G 172 1.80 27.22 68.65
CA ARG G 172 2.47 25.93 68.64
C ARG G 172 2.22 25.18 67.34
N ARG G 173 1.00 25.25 66.84
CA ARG G 173 0.68 24.55 65.61
C ARG G 173 1.47 25.10 64.44
N VAL G 174 1.62 26.42 64.39
CA VAL G 174 2.38 27.03 63.31
C VAL G 174 3.84 26.55 63.38
N LEU G 175 4.39 26.49 64.59
CA LEU G 175 5.77 26.04 64.76
C LEU G 175 5.94 24.62 64.26
N VAL G 176 5.05 23.74 64.68
CA VAL G 176 5.13 22.35 64.28
C VAL G 176 5.03 22.23 62.76
N GLU G 177 4.23 23.08 62.12
CA GLU G 177 4.10 23.05 60.66
C GLU G 177 5.44 23.46 60.06
N TRP G 178 6.04 24.52 60.60
CA TRP G 178 7.33 24.99 60.14
C TRP G 178 8.40 23.91 60.24
N LEU G 179 8.51 23.30 61.41
CA LEU G 179 9.50 22.26 61.63
C LEU G 179 9.17 20.94 60.98
N LYS G 180 7.89 20.74 60.64
CA LYS G 180 7.44 19.47 60.05
C LYS G 180 7.91 18.36 61.00
N ASP G 181 7.96 18.69 62.29
CA ASP G 181 8.39 17.74 63.31
C ASP G 181 7.31 17.54 64.38
N PRO G 182 6.62 16.40 64.36
CA PRO G 182 5.59 16.18 65.37
C PRO G 182 6.07 15.31 66.53
N SER G 183 7.35 14.96 66.52
CA SER G 183 7.93 14.09 67.54
C SER G 183 7.60 14.38 69.01
N GLN G 184 7.43 15.65 69.37
CA GLN G 184 7.13 15.99 70.76
C GLN G 184 5.64 16.07 71.10
N GLU G 185 4.82 16.33 70.08
CA GLU G 185 3.39 16.52 70.22
C GLU G 185 2.55 15.56 71.05
N LEU G 186 2.48 14.30 70.67
CA LEU G 186 1.64 13.37 71.43
C LEU G 186 1.94 13.31 72.94
N GLU G 187 3.22 13.39 73.30
CA GLU G 187 3.59 13.34 74.70
C GLU G 187 3.21 14.65 75.39
N PHE G 188 3.47 15.76 74.73
CA PHE G 188 3.15 17.08 75.27
C PHE G 188 1.67 17.17 75.56
N ILE G 189 0.86 16.81 74.58
CA ILE G 189 -0.58 16.85 74.72
C ILE G 189 -1.03 15.95 75.86
N ALA G 190 -0.42 14.77 75.96
CA ALA G 190 -0.78 13.85 77.02
C ALA G 190 -0.56 14.49 78.39
N ASP G 191 0.48 15.32 78.49
CA ASP G 191 0.76 15.99 79.76
C ASP G 191 -0.28 17.03 80.04
N ILE G 192 -0.63 17.82 79.03
CA ILE G 192 -1.64 18.84 79.21
C ILE G 192 -2.97 18.16 79.57
N LEU G 193 -3.27 17.07 78.89
CA LEU G 193 -4.51 16.35 79.16
C LEU G 193 -4.51 15.82 80.58
N ASN G 194 -3.35 15.85 81.23
CA ASN G 194 -3.32 15.37 82.59
C ASN G 194 -3.80 16.41 83.59
N GLN G 195 -3.75 17.68 83.22
CA GLN G 195 -4.25 18.69 84.13
C GLN G 195 -5.73 18.93 83.83
N ASP G 196 -6.16 18.46 82.66
CA ASP G 196 -7.56 18.58 82.25
C ASP G 196 -7.81 17.64 81.08
N ALA G 197 -8.32 16.45 81.37
CA ALA G 197 -8.57 15.45 80.35
C ALA G 197 -9.62 15.82 79.32
N LYS G 198 -10.26 16.98 79.51
CA LYS G 198 -11.29 17.39 78.57
C LYS G 198 -11.01 18.70 77.85
N ASN G 199 -9.79 19.21 78.04
CA ASN G 199 -9.36 20.46 77.43
C ASN G 199 -9.59 20.41 75.90
N TYR G 200 -10.55 21.18 75.42
CA TYR G 200 -10.87 21.15 74.00
C TYR G 200 -9.68 21.50 73.12
N HIS G 201 -8.88 22.47 73.54
CA HIS G 201 -7.70 22.89 72.77
C HIS G 201 -6.72 21.74 72.59
N ALA G 202 -6.51 20.99 73.66
CA ALA G 202 -5.58 19.87 73.64
C ALA G 202 -6.02 18.79 72.64
N TRP G 203 -7.29 18.40 72.72
CA TRP G 203 -7.81 17.39 71.83
C TRP G 203 -7.80 17.88 70.38
N GLN G 204 -8.09 19.16 70.19
CA GLN G 204 -8.10 19.70 68.84
C GLN G 204 -6.70 19.63 68.27
N HIS G 205 -5.72 20.02 69.07
CA HIS G 205 -4.34 20.00 68.61
C HIS G 205 -3.90 18.56 68.37
N ARG G 206 -4.33 17.66 69.24
CA ARG G 206 -3.96 16.26 69.09
C ARG G 206 -4.50 15.69 67.79
N GLN G 207 -5.75 16.00 67.47
CA GLN G 207 -6.32 15.47 66.23
C GLN G 207 -5.61 16.03 65.00
N TRP G 208 -5.23 17.30 65.06
CA TRP G 208 -4.53 17.91 63.94
C TRP G 208 -3.20 17.20 63.71
N VAL G 209 -2.42 17.04 64.77
CA VAL G 209 -1.13 16.39 64.65
C VAL G 209 -1.29 15.00 64.06
N ILE G 210 -2.10 14.17 64.68
CA ILE G 210 -2.30 12.81 64.21
C ILE G 210 -2.71 12.74 62.74
N GLN G 211 -3.60 13.64 62.34
CA GLN G 211 -4.06 13.66 60.97
C GLN G 211 -2.97 14.15 60.00
N GLU G 212 -2.38 15.28 60.33
CA GLU G 212 -1.35 15.91 59.51
C GLU G 212 -0.08 15.09 59.32
N PHE G 213 0.30 14.30 60.31
CA PHE G 213 1.51 13.49 60.20
C PHE G 213 1.24 12.01 60.24
N ARG G 214 -0.03 11.65 60.04
CA ARG G 214 -0.46 10.25 60.04
C ARG G 214 0.13 9.43 61.19
N LEU G 215 -0.17 9.84 62.42
CA LEU G 215 0.32 9.15 63.61
C LEU G 215 -0.81 8.37 64.28
N TRP G 216 -1.42 7.46 63.54
CA TRP G 216 -2.51 6.68 64.07
C TRP G 216 -2.12 5.43 64.87
N ASP G 217 -0.96 4.87 64.54
CA ASP G 217 -0.47 3.65 65.18
C ASP G 217 -0.72 3.39 66.66
N ASN G 218 -0.63 4.40 67.51
CA ASN G 218 -0.82 4.14 68.93
C ASN G 218 -1.97 4.84 69.60
N GLU G 219 -2.74 5.60 68.83
CA GLU G 219 -3.85 6.34 69.43
C GLU G 219 -4.95 5.48 70.03
N LEU G 220 -5.36 4.43 69.32
CA LEU G 220 -6.43 3.57 69.84
C LEU G 220 -6.04 3.00 71.20
N GLN G 221 -4.76 2.76 71.39
CA GLN G 221 -4.27 2.22 72.65
C GLN G 221 -4.35 3.30 73.71
N TYR G 222 -3.96 4.52 73.32
CA TYR G 222 -4.00 5.67 74.22
C TYR G 222 -5.44 5.87 74.69
N VAL G 223 -6.37 5.72 73.76
CA VAL G 223 -7.79 5.87 74.05
C VAL G 223 -8.23 4.82 75.06
N ASP G 224 -7.82 3.57 74.84
CA ASP G 224 -8.16 2.47 75.76
C ASP G 224 -7.67 2.76 77.16
N GLN G 225 -6.48 3.34 77.26
CA GLN G 225 -5.90 3.68 78.57
C GLN G 225 -6.70 4.77 79.26
N LEU G 226 -7.02 5.83 78.55
CA LEU G 226 -7.77 6.93 79.14
C LEU G 226 -9.19 6.55 79.50
N LEU G 227 -9.81 5.67 78.72
CA LEU G 227 -11.17 5.26 79.04
C LEU G 227 -11.18 4.49 80.35
N LYS G 228 -10.06 3.86 80.68
CA LYS G 228 -9.97 3.10 81.93
C LYS G 228 -9.85 4.09 83.07
N GLU G 229 -9.15 5.20 82.84
CA GLU G 229 -8.98 6.22 83.86
C GLU G 229 -10.29 6.91 84.19
N ASP G 230 -11.14 7.07 83.18
CA ASP G 230 -12.44 7.71 83.35
C ASP G 230 -13.32 7.41 82.15
N VAL G 231 -14.11 6.35 82.27
CA VAL G 231 -14.99 5.92 81.19
C VAL G 231 -16.06 6.96 80.84
N ARG G 232 -16.17 8.00 81.66
CA ARG G 232 -17.17 9.04 81.40
C ARG G 232 -16.63 10.23 80.60
N ASN G 233 -15.35 10.22 80.27
CA ASN G 233 -14.77 11.32 79.50
C ASN G 233 -15.24 11.29 78.04
N ASN G 234 -16.21 12.14 77.74
CA ASN G 234 -16.79 12.23 76.40
C ASN G 234 -15.75 12.51 75.33
N SER G 235 -14.69 13.24 75.69
CA SER G 235 -13.62 13.58 74.74
C SER G 235 -12.89 12.35 74.24
N VAL G 236 -12.67 11.38 75.14
CA VAL G 236 -11.97 10.15 74.79
C VAL G 236 -12.83 9.27 73.88
N TRP G 237 -14.13 9.20 74.15
CA TRP G 237 -15.01 8.40 73.29
C TRP G 237 -14.97 9.01 71.89
N ASN G 238 -14.89 10.33 71.82
CA ASN G 238 -14.86 10.97 70.52
C ASN G 238 -13.56 10.62 69.82
N GLN G 239 -12.47 10.63 70.59
CA GLN G 239 -11.17 10.31 70.04
C GLN G 239 -11.19 8.88 69.48
N ARG G 240 -11.83 7.98 70.21
CA ARG G 240 -11.89 6.60 69.77
C ARG G 240 -12.54 6.54 68.38
N HIS G 241 -13.68 7.19 68.22
CA HIS G 241 -14.37 7.19 66.94
C HIS G 241 -13.50 7.83 65.87
N PHE G 242 -12.73 8.83 66.28
CA PHE G 242 -11.82 9.55 65.39
C PHE G 242 -10.77 8.59 64.82
N VAL G 243 -10.11 7.86 65.69
CA VAL G 243 -9.07 6.91 65.29
C VAL G 243 -9.62 5.84 64.36
N ILE G 244 -10.62 5.12 64.83
CA ILE G 244 -11.21 4.05 64.05
C ILE G 244 -11.76 4.50 62.70
N SER G 245 -12.59 5.53 62.67
CA SER G 245 -13.15 5.93 61.40
C SER G 245 -12.09 6.45 60.43
N ASN G 246 -10.92 6.78 60.94
CA ASN G 246 -9.86 7.28 60.07
C ASN G 246 -8.84 6.20 59.73
N THR G 247 -9.02 5.00 60.28
CA THR G 247 -8.13 3.91 59.96
C THR G 247 -8.91 2.78 59.29
N THR G 248 -9.34 1.80 60.09
CA THR G 248 -10.08 0.67 59.56
C THR G 248 -11.50 1.00 59.08
N GLY G 249 -12.13 2.00 59.70
CA GLY G 249 -13.50 2.33 59.33
C GLY G 249 -14.37 1.36 60.12
N TYR G 250 -15.68 1.49 60.03
CA TYR G 250 -16.56 0.59 60.76
C TYR G 250 -17.28 -0.41 59.87
N SER G 251 -17.09 -0.26 58.56
CA SER G 251 -17.72 -1.14 57.59
C SER G 251 -17.22 -2.60 57.73
N ASP G 252 -16.06 -2.77 58.36
CA ASP G 252 -15.51 -4.10 58.56
C ASP G 252 -16.29 -4.72 59.71
N ARG G 253 -17.19 -5.66 59.39
CA ARG G 253 -18.01 -6.31 60.41
C ARG G 253 -17.24 -6.82 61.62
N ALA G 254 -15.99 -7.18 61.41
CA ALA G 254 -15.16 -7.67 62.51
C ALA G 254 -14.91 -6.53 63.48
N VAL G 255 -14.65 -5.35 62.93
CA VAL G 255 -14.39 -4.16 63.72
C VAL G 255 -15.66 -3.68 64.40
N LEU G 256 -16.75 -3.62 63.65
CA LEU G 256 -18.02 -3.16 64.21
C LEU G 256 -18.37 -4.02 65.41
N GLU G 257 -18.22 -5.33 65.24
CA GLU G 257 -18.54 -6.23 66.33
C GLU G 257 -17.64 -6.00 67.53
N ARG G 258 -16.35 -5.82 67.28
CA ARG G 258 -15.40 -5.59 68.36
C ARG G 258 -15.81 -4.33 69.13
N GLU G 259 -16.14 -3.27 68.39
CA GLU G 259 -16.54 -2.01 68.99
C GLU G 259 -17.86 -2.08 69.75
N VAL G 260 -18.88 -2.67 69.14
CA VAL G 260 -20.16 -2.80 69.81
C VAL G 260 -19.98 -3.62 71.08
N GLN G 261 -19.14 -4.65 71.00
CA GLN G 261 -18.90 -5.50 72.17
C GLN G 261 -18.16 -4.72 73.25
N TYR G 262 -17.16 -3.96 72.83
CA TYR G 262 -16.34 -3.16 73.72
C TYR G 262 -17.20 -2.17 74.50
N THR G 263 -18.09 -1.50 73.79
CA THR G 263 -18.97 -0.51 74.38
C THR G 263 -19.93 -1.16 75.37
N LEU G 264 -20.57 -2.26 74.96
CA LEU G 264 -21.49 -2.94 75.86
C LEU G 264 -20.76 -3.31 77.15
N GLU G 265 -19.48 -3.62 77.03
CA GLU G 265 -18.70 -3.97 78.22
C GLU G 265 -18.56 -2.75 79.13
N MET G 266 -18.28 -1.60 78.53
CA MET G 266 -18.12 -0.37 79.28
C MET G 266 -19.46 0.03 79.90
N ILE G 267 -20.53 -0.18 79.15
CA ILE G 267 -21.86 0.14 79.64
C ILE G 267 -22.18 -0.73 80.86
N LYS G 268 -21.82 -2.01 80.82
CA LYS G 268 -22.07 -2.90 81.93
C LYS G 268 -21.32 -2.43 83.18
N LEU G 269 -20.16 -1.80 82.99
CA LEU G 269 -19.38 -1.32 84.14
C LEU G 269 -19.96 -0.05 84.74
N VAL G 270 -20.48 0.83 83.89
CA VAL G 270 -21.08 2.08 84.32
C VAL G 270 -22.25 2.33 83.39
N PRO G 271 -23.41 1.70 83.69
CA PRO G 271 -24.64 1.81 82.90
C PRO G 271 -25.14 3.21 82.63
N HIS G 272 -24.91 4.12 83.56
CA HIS G 272 -25.35 5.51 83.41
C HIS G 272 -24.23 6.37 82.85
N ASN G 273 -24.02 6.28 81.54
CA ASN G 273 -22.97 7.02 80.87
C ASN G 273 -23.39 7.38 79.45
N GLU G 274 -23.89 8.59 79.28
CA GLU G 274 -24.37 9.05 77.98
C GLU G 274 -23.32 8.83 76.87
N SER G 275 -22.05 9.11 77.19
CA SER G 275 -20.98 8.95 76.23
C SER G 275 -20.93 7.57 75.58
N ALA G 276 -20.94 6.53 76.42
CA ALA G 276 -20.89 5.17 75.92
C ALA G 276 -22.11 4.90 75.04
N TRP G 277 -23.28 5.27 75.52
CA TRP G 277 -24.48 5.05 74.75
C TRP G 277 -24.49 5.81 73.43
N ASN G 278 -23.94 7.02 73.43
CA ASN G 278 -23.90 7.82 72.22
C ASN G 278 -22.97 7.18 71.19
N TYR G 279 -21.87 6.59 71.67
CA TYR G 279 -20.93 5.93 70.79
C TYR G 279 -21.63 4.71 70.16
N LEU G 280 -22.24 3.89 71.01
CA LEU G 280 -22.93 2.70 70.54
C LEU G 280 -23.97 3.06 69.48
N LYS G 281 -24.80 4.06 69.77
CA LYS G 281 -25.83 4.46 68.82
C LYS G 281 -25.18 5.09 67.60
N GLY G 282 -24.10 5.83 67.85
CA GLY G 282 -23.43 6.51 66.76
C GLY G 282 -22.90 5.59 65.67
N ILE G 283 -22.27 4.49 66.07
CA ILE G 283 -21.70 3.58 65.10
C ILE G 283 -22.71 2.65 64.42
N LEU G 284 -23.96 2.70 64.88
CA LEU G 284 -24.99 1.84 64.30
C LEU G 284 -26.16 2.56 63.65
N GLN G 285 -26.46 3.78 64.12
CA GLN G 285 -27.61 4.52 63.60
C GLN G 285 -27.72 4.67 62.10
N ASP G 286 -26.60 4.80 61.40
CA ASP G 286 -26.65 4.95 59.96
C ASP G 286 -26.78 3.64 59.21
N ARG G 287 -26.36 2.54 59.82
CA ARG G 287 -26.50 1.24 59.18
C ARG G 287 -27.95 0.78 59.39
N GLY G 288 -28.58 1.31 60.44
CA GLY G 288 -29.95 0.95 60.76
C GLY G 288 -30.03 0.13 62.04
N LEU G 289 -30.46 0.76 63.14
CA LEU G 289 -30.56 0.07 64.42
C LEU G 289 -31.44 -1.20 64.39
N SER G 290 -32.50 -1.19 63.57
CA SER G 290 -33.38 -2.33 63.49
C SER G 290 -32.72 -3.53 62.77
N ARG G 291 -31.58 -3.31 62.11
CA ARG G 291 -30.87 -4.38 61.41
C ARG G 291 -30.05 -5.27 62.35
N TYR G 292 -30.09 -4.99 63.65
CA TYR G 292 -29.31 -5.78 64.61
C TYR G 292 -30.16 -6.47 65.68
N PRO G 293 -30.93 -7.48 65.26
CA PRO G 293 -31.82 -8.28 66.11
C PRO G 293 -31.26 -8.70 67.48
N ASN G 294 -30.03 -9.17 67.51
CA ASN G 294 -29.45 -9.61 68.77
C ASN G 294 -29.17 -8.47 69.72
N LEU G 295 -29.01 -7.28 69.16
CA LEU G 295 -28.74 -6.12 69.99
C LEU G 295 -29.99 -5.79 70.78
N LEU G 296 -31.14 -5.81 70.11
CA LEU G 296 -32.41 -5.49 70.76
C LEU G 296 -32.63 -6.38 71.96
N ASN G 297 -32.42 -7.68 71.78
CA ASN G 297 -32.60 -8.64 72.86
C ASN G 297 -31.62 -8.43 73.98
N GLN G 298 -30.35 -8.24 73.64
CA GLN G 298 -29.35 -8.05 74.67
C GLN G 298 -29.64 -6.84 75.53
N LEU G 299 -30.22 -5.81 74.93
CA LEU G 299 -30.55 -4.61 75.67
C LEU G 299 -31.76 -4.86 76.55
N LEU G 300 -32.78 -5.54 76.00
CA LEU G 300 -33.97 -5.85 76.77
C LEU G 300 -33.58 -6.62 78.02
N ASP G 301 -32.55 -7.46 77.88
CA ASP G 301 -32.08 -8.27 78.99
C ASP G 301 -31.31 -7.47 80.03
N LEU G 302 -30.83 -6.30 79.65
CA LEU G 302 -30.11 -5.45 80.60
C LEU G 302 -31.09 -4.59 81.39
N GLN G 303 -32.20 -4.22 80.74
CA GLN G 303 -33.23 -3.39 81.36
C GLN G 303 -33.46 -3.71 82.84
N PRO G 304 -33.69 -5.00 83.17
CA PRO G 304 -33.92 -5.39 84.56
C PRO G 304 -32.92 -4.77 85.55
N SER G 305 -31.65 -5.06 85.36
CA SER G 305 -30.62 -4.54 86.26
C SER G 305 -29.99 -3.21 85.80
N HIS G 306 -29.19 -3.26 84.75
CA HIS G 306 -28.50 -2.07 84.21
C HIS G 306 -29.38 -1.07 83.46
N SER G 307 -30.53 -0.69 84.02
CA SER G 307 -31.39 0.28 83.32
C SER G 307 -30.92 1.72 83.58
N SER G 308 -31.30 2.59 82.66
CA SER G 308 -30.97 4.01 82.72
C SER G 308 -31.78 4.61 81.60
N PRO G 309 -31.98 5.93 81.63
CA PRO G 309 -32.75 6.57 80.57
C PRO G 309 -32.10 6.41 79.19
N TYR G 310 -30.78 6.26 79.18
CA TYR G 310 -30.04 6.10 77.94
C TYR G 310 -30.43 4.80 77.23
N LEU G 311 -30.59 3.75 78.03
CA LEU G 311 -30.97 2.45 77.48
C LEU G 311 -32.41 2.50 76.97
N ILE G 312 -33.30 3.11 77.75
CA ILE G 312 -34.70 3.21 77.36
C ILE G 312 -34.79 3.97 76.04
N ALA G 313 -34.01 5.05 75.96
CA ALA G 313 -34.00 5.88 74.75
C ALA G 313 -33.48 5.09 73.56
N PHE G 314 -32.48 4.25 73.81
CA PHE G 314 -31.90 3.44 72.74
C PHE G 314 -33.00 2.55 72.16
N LEU G 315 -33.74 1.90 73.06
CA LEU G 315 -34.84 1.02 72.65
C LEU G 315 -35.85 1.80 71.82
N VAL G 316 -36.24 2.99 72.31
CA VAL G 316 -37.19 3.82 71.59
C VAL G 316 -36.67 4.06 70.17
N ASP G 317 -35.39 4.39 70.08
CA ASP G 317 -34.75 4.65 68.81
C ASP G 317 -34.71 3.43 67.91
N ILE G 318 -34.57 2.25 68.51
CA ILE G 318 -34.56 1.02 67.73
C ILE G 318 -35.96 0.83 67.17
N TYR G 319 -36.96 0.92 68.06
CA TYR G 319 -38.34 0.77 67.65
C TYR G 319 -38.67 1.74 66.52
N GLU G 320 -38.20 2.97 66.65
CA GLU G 320 -38.49 3.95 65.60
C GLU G 320 -37.88 3.57 64.27
N ASP G 321 -36.68 2.97 64.31
CA ASP G 321 -36.03 2.57 63.08
C ASP G 321 -36.85 1.45 62.45
N MET G 322 -37.49 0.65 63.29
CA MET G 322 -38.33 -0.44 62.80
C MET G 322 -39.53 0.16 62.09
N LEU G 323 -40.26 1.01 62.78
CA LEU G 323 -41.44 1.65 62.20
C LEU G 323 -41.04 2.32 60.89
N GLU G 324 -39.83 2.84 60.86
CA GLU G 324 -39.29 3.53 59.69
C GLU G 324 -39.15 2.58 58.50
N ASN G 325 -38.87 1.31 58.79
CA ASN G 325 -38.70 0.32 57.73
C ASN G 325 -39.87 -0.66 57.69
N GLN G 326 -41.07 -0.12 57.49
CA GLN G 326 -42.30 -0.93 57.40
C GLN G 326 -42.13 -2.34 57.98
N CYS G 327 -41.96 -2.42 59.30
CA CYS G 327 -41.77 -3.72 59.95
C CYS G 327 -43.07 -4.48 60.16
N ASP G 328 -42.93 -5.70 60.68
CA ASP G 328 -44.07 -6.56 60.98
C ASP G 328 -44.61 -6.16 62.36
N ASN G 329 -45.92 -5.94 62.44
CA ASN G 329 -46.60 -5.53 63.68
C ASN G 329 -46.39 -4.04 63.94
N LYS G 330 -46.43 -3.25 62.88
CA LYS G 330 -46.23 -1.81 62.99
C LYS G 330 -46.98 -1.25 64.19
N GLU G 331 -48.28 -1.50 64.25
CA GLU G 331 -49.11 -1.02 65.35
C GLU G 331 -48.61 -1.49 66.72
N ASP G 332 -48.12 -2.72 66.78
CA ASP G 332 -47.63 -3.28 68.04
C ASP G 332 -46.32 -2.63 68.50
N ILE G 333 -45.41 -2.45 67.54
CA ILE G 333 -44.10 -1.84 67.83
C ILE G 333 -44.29 -0.43 68.33
N LEU G 334 -45.13 0.33 67.62
CA LEU G 334 -45.41 1.71 67.99
C LEU G 334 -45.79 1.84 69.45
N ASN G 335 -46.57 0.89 69.95
CA ASN G 335 -47.00 0.94 71.34
C ASN G 335 -45.87 0.63 72.30
N LYS G 336 -44.93 -0.20 71.87
CA LYS G 336 -43.79 -0.55 72.72
C LYS G 336 -42.97 0.74 72.87
N ALA G 337 -42.92 1.50 71.78
CA ALA G 337 -42.20 2.76 71.76
C ALA G 337 -42.87 3.73 72.73
N LEU G 338 -44.11 4.10 72.40
CA LEU G 338 -44.91 5.02 73.21
C LEU G 338 -44.83 4.64 74.68
N GLU G 339 -44.92 3.34 74.95
CA GLU G 339 -44.86 2.87 76.33
C GLU G 339 -43.58 3.38 76.98
N LEU G 340 -42.47 3.24 76.25
CA LEU G 340 -41.16 3.69 76.75
C LEU G 340 -41.07 5.20 76.86
N CYS G 341 -41.59 5.91 75.86
CA CYS G 341 -41.56 7.37 75.91
C CYS G 341 -42.21 7.84 77.21
N GLU G 342 -43.39 7.31 77.52
CA GLU G 342 -44.08 7.69 78.73
C GLU G 342 -43.29 7.29 79.97
N ILE G 343 -42.59 6.16 79.91
CA ILE G 343 -41.79 5.72 81.05
C ILE G 343 -40.70 6.75 81.28
N LEU G 344 -40.15 7.26 80.19
CA LEU G 344 -39.10 8.28 80.27
C LEU G 344 -39.69 9.55 80.86
N ALA G 345 -40.81 10.00 80.31
CA ALA G 345 -41.48 11.22 80.77
C ALA G 345 -41.92 11.18 82.23
N LYS G 346 -42.61 10.09 82.61
CA LYS G 346 -43.13 9.92 83.96
C LYS G 346 -42.14 9.58 85.06
N GLU G 347 -41.10 8.79 84.77
CA GLU G 347 -40.18 8.41 85.83
C GLU G 347 -38.68 8.30 85.57
N LYS G 348 -38.28 7.95 84.36
CA LYS G 348 -36.86 7.76 84.06
C LYS G 348 -36.04 9.01 83.72
N ASP G 349 -36.60 9.86 82.86
CA ASP G 349 -35.95 11.11 82.42
C ASP G 349 -36.98 12.24 82.54
N THR G 350 -37.49 12.43 83.75
CA THR G 350 -38.52 13.46 83.99
C THR G 350 -38.20 14.87 83.54
N ILE G 351 -36.96 15.31 83.74
CA ILE G 351 -36.58 16.65 83.34
C ILE G 351 -36.88 16.95 81.89
N ARG G 352 -36.97 15.90 81.07
CA ARG G 352 -37.27 16.06 79.65
C ARG G 352 -38.69 15.57 79.37
N LYS G 353 -39.49 15.53 80.43
CA LYS G 353 -40.88 15.10 80.38
C LYS G 353 -41.62 15.57 79.13
N GLU G 354 -41.66 16.87 78.92
CA GLU G 354 -42.37 17.42 77.77
C GLU G 354 -41.74 17.03 76.43
N TYR G 355 -40.42 16.85 76.41
CA TYR G 355 -39.71 16.46 75.19
C TYR G 355 -40.12 15.04 74.77
N TRP G 356 -40.11 14.12 75.73
CA TRP G 356 -40.48 12.74 75.46
C TRP G 356 -41.95 12.63 75.02
N ARG G 357 -42.82 13.37 75.71
CA ARG G 357 -44.25 13.39 75.38
C ARG G 357 -44.38 13.88 73.93
N TYR G 358 -43.53 14.85 73.59
CA TYR G 358 -43.49 15.43 72.25
C TYR G 358 -43.01 14.39 71.23
N ILE G 359 -42.04 13.57 71.63
CA ILE G 359 -41.53 12.54 70.74
C ILE G 359 -42.65 11.53 70.53
N GLY G 360 -43.28 11.12 71.63
CA GLY G 360 -44.37 10.16 71.54
C GLY G 360 -45.44 10.62 70.57
N ARG G 361 -45.92 11.85 70.76
CA ARG G 361 -46.94 12.38 69.89
C ARG G 361 -46.48 12.33 68.45
N SER G 362 -45.19 12.55 68.23
CA SER G 362 -44.62 12.53 66.89
C SER G 362 -44.74 11.15 66.27
N LEU G 363 -44.41 10.14 67.05
CA LEU G 363 -44.47 8.76 66.57
C LEU G 363 -45.91 8.38 66.25
N GLN G 364 -46.83 8.74 67.13
CA GLN G 364 -48.25 8.45 66.93
C GLN G 364 -48.73 8.97 65.58
N SER G 365 -48.54 10.26 65.34
CA SER G 365 -49.00 10.86 64.10
C SER G 365 -48.17 10.47 62.88
N LYS G 366 -47.09 9.74 63.10
CA LYS G 366 -46.24 9.34 61.98
C LYS G 366 -46.51 7.90 61.57
N HIS G 367 -47.00 7.09 62.51
CA HIS G 367 -47.29 5.69 62.22
C HIS G 367 -48.63 5.23 62.80
N SER G 368 -49.72 5.42 62.04
CA SER G 368 -51.06 5.01 62.49
C SER G 368 -52.09 4.92 61.36
N LEU H 18 -35.18 32.99 95.36
CA LEU H 18 -34.21 33.90 94.70
C LEU H 18 -34.83 34.49 93.42
N ASP H 19 -34.77 35.82 93.29
CA ASP H 19 -35.35 36.52 92.14
C ASP H 19 -34.36 37.32 91.29
N PHE H 20 -34.88 37.97 90.25
CA PHE H 20 -34.06 38.74 89.32
C PHE H 20 -33.85 40.21 89.68
N LEU H 21 -32.63 40.54 90.10
CA LEU H 21 -32.25 41.89 90.50
C LEU H 21 -31.94 42.80 89.30
N ARG H 22 -32.93 42.99 88.45
CA ARG H 22 -32.78 43.82 87.25
C ARG H 22 -31.94 45.08 87.39
N ASP H 23 -32.19 45.87 88.42
CA ASP H 23 -31.44 47.11 88.60
C ASP H 23 -29.97 46.88 88.84
N ARG H 24 -29.67 45.90 89.69
CA ARG H 24 -28.29 45.58 90.02
C ARG H 24 -27.50 45.24 88.76
N HIS H 25 -28.15 44.60 87.80
CA HIS H 25 -27.50 44.23 86.55
C HIS H 25 -27.30 45.41 85.64
N VAL H 26 -28.21 46.37 85.66
CA VAL H 26 -28.06 47.55 84.83
C VAL H 26 -26.81 48.28 85.31
N ARG H 27 -26.66 48.41 86.63
CA ARG H 27 -25.49 49.07 87.18
C ARG H 27 -24.25 48.30 86.78
N PHE H 28 -24.31 46.98 86.90
CA PHE H 28 -23.19 46.12 86.54
C PHE H 28 -22.69 46.41 85.14
N PHE H 29 -23.61 46.44 84.18
CA PHE H 29 -23.24 46.71 82.80
C PHE H 29 -22.71 48.12 82.64
N GLN H 30 -23.29 49.08 83.36
CA GLN H 30 -22.83 50.47 83.26
C GLN H 30 -21.38 50.58 83.67
N ARG H 31 -21.03 49.90 84.76
CA ARG H 31 -19.68 49.91 85.26
C ARG H 31 -18.75 49.35 84.19
N CYS H 32 -19.14 48.25 83.55
CA CYS H 32 -18.32 47.66 82.51
C CYS H 32 -18.01 48.68 81.41
N LEU H 33 -19.00 49.46 80.99
CA LEU H 33 -18.76 50.44 79.94
C LEU H 33 -17.81 51.55 80.39
N GLN H 34 -17.59 51.66 81.69
CA GLN H 34 -16.73 52.71 82.20
C GLN H 34 -15.28 52.30 82.35
N VAL H 35 -15.01 51.46 83.34
CA VAL H 35 -13.64 51.02 83.56
C VAL H 35 -13.59 49.55 83.96
N LEU H 36 -12.49 48.88 83.63
CA LEU H 36 -12.28 47.47 83.98
C LEU H 36 -10.95 47.36 84.70
N PRO H 37 -10.87 46.49 85.71
CA PRO H 37 -9.65 46.28 86.49
C PRO H 37 -8.54 45.67 85.62
N GLU H 38 -7.29 46.01 85.88
CA GLU H 38 -6.18 45.49 85.10
C GLU H 38 -6.25 43.97 84.99
N ARG H 39 -7.13 43.37 85.77
CA ARG H 39 -7.31 41.92 85.77
C ARG H 39 -8.02 41.48 84.50
N TYR H 40 -8.37 42.44 83.65
CA TYR H 40 -9.06 42.16 82.39
C TYR H 40 -8.18 42.43 81.19
N SER H 41 -6.89 42.65 81.46
CA SER H 41 -5.93 42.96 80.42
C SER H 41 -5.94 41.97 79.27
N SER H 42 -6.28 40.71 79.53
CA SER H 42 -6.29 39.71 78.47
C SER H 42 -7.47 39.86 77.52
N LEU H 43 -8.32 40.84 77.78
CA LEU H 43 -9.47 41.08 76.93
C LEU H 43 -9.27 42.36 76.13
N GLU H 44 -8.07 42.93 76.24
CA GLU H 44 -7.74 44.16 75.54
C GLU H 44 -8.11 44.12 74.08
N THR H 45 -7.61 43.13 73.34
CA THR H 45 -7.89 43.02 71.92
C THR H 45 -9.29 42.54 71.60
N SER H 46 -10.12 42.40 72.64
CA SER H 46 -11.50 41.97 72.47
C SER H 46 -12.44 42.91 73.21
N ARG H 47 -11.94 44.09 73.58
CA ARG H 47 -12.74 45.06 74.32
C ARG H 47 -14.08 45.37 73.65
N LEU H 48 -14.10 45.36 72.32
CA LEU H 48 -15.33 45.62 71.61
C LEU H 48 -16.39 44.57 71.92
N THR H 49 -15.98 43.33 72.17
CA THR H 49 -16.95 42.28 72.49
C THR H 49 -17.46 42.47 73.92
N ILE H 50 -16.63 43.06 74.78
CA ILE H 50 -17.04 43.32 76.16
C ILE H 50 -18.06 44.45 76.11
N ALA H 51 -17.81 45.41 75.22
CA ALA H 51 -18.73 46.53 75.04
C ALA H 51 -20.07 45.97 74.58
N PHE H 52 -20.03 45.06 73.62
CA PHE H 52 -21.22 44.41 73.10
C PHE H 52 -22.03 43.72 74.21
N PHE H 53 -21.36 42.96 75.06
CA PHE H 53 -22.05 42.28 76.15
C PHE H 53 -22.77 43.29 77.02
N ALA H 54 -22.12 44.42 77.27
CA ALA H 54 -22.67 45.48 78.11
C ALA H 54 -23.81 46.23 77.44
N LEU H 55 -23.60 46.68 76.21
CA LEU H 55 -24.61 47.42 75.48
C LEU H 55 -25.84 46.55 75.18
N SER H 56 -25.60 45.37 74.59
CA SER H 56 -26.69 44.46 74.26
C SER H 56 -27.37 44.00 75.56
N GLY H 57 -26.60 43.92 76.64
CA GLY H 57 -27.16 43.51 77.91
C GLY H 57 -28.11 44.58 78.41
N LEU H 58 -27.70 45.84 78.30
CA LEU H 58 -28.53 46.96 78.73
C LEU H 58 -29.75 47.05 77.83
N ASP H 59 -29.54 46.83 76.54
CA ASP H 59 -30.63 46.86 75.58
C ASP H 59 -31.66 45.80 75.98
N MET H 60 -31.17 44.62 76.31
CA MET H 60 -32.03 43.50 76.71
C MET H 60 -32.82 43.87 77.96
N LEU H 61 -32.27 44.75 78.79
CA LEU H 61 -32.94 45.18 80.01
C LEU H 61 -33.65 46.51 79.76
N ASP H 62 -33.60 46.97 78.51
CA ASP H 62 -34.21 48.23 78.12
C ASP H 62 -33.74 49.37 79.05
N SER H 63 -32.44 49.60 79.04
CA SER H 63 -31.83 50.64 79.86
C SER H 63 -30.72 51.32 79.09
N LEU H 64 -30.82 51.34 77.76
CA LEU H 64 -29.80 51.97 76.94
C LEU H 64 -29.70 53.46 77.19
N ASP H 65 -30.74 54.04 77.78
CA ASP H 65 -30.75 55.47 78.08
C ASP H 65 -29.65 55.88 79.07
N VAL H 66 -29.23 54.95 79.93
CA VAL H 66 -28.21 55.26 80.92
C VAL H 66 -26.82 55.44 80.33
N VAL H 67 -26.72 55.51 79.00
CA VAL H 67 -25.44 55.71 78.34
C VAL H 67 -25.55 56.73 77.22
N ASN H 68 -24.41 57.34 76.89
CA ASN H 68 -24.39 58.33 75.84
C ASN H 68 -24.19 57.61 74.52
N LYS H 69 -25.28 57.26 73.86
CA LYS H 69 -25.19 56.55 72.60
C LYS H 69 -24.26 57.20 71.59
N ASP H 70 -24.25 58.53 71.54
CA ASP H 70 -23.40 59.24 70.59
C ASP H 70 -21.90 59.08 70.85
N ASP H 71 -21.51 59.13 72.13
CA ASP H 71 -20.10 58.99 72.48
C ASP H 71 -19.59 57.60 72.12
N ILE H 72 -20.35 56.58 72.52
CA ILE H 72 -19.98 55.20 72.25
C ILE H 72 -19.93 54.89 70.75
N ILE H 73 -20.85 55.48 70.00
CA ILE H 73 -20.88 55.27 68.56
C ILE H 73 -19.61 55.79 67.90
N GLU H 74 -19.10 56.92 68.40
CA GLU H 74 -17.88 57.49 67.86
C GLU H 74 -16.70 56.59 68.20
N TRP H 75 -16.71 56.05 69.41
CA TRP H 75 -15.66 55.15 69.86
C TRP H 75 -15.63 53.94 68.96
N ILE H 76 -16.79 53.36 68.72
CA ILE H 76 -16.89 52.18 67.87
C ILE H 76 -16.33 52.48 66.48
N TYR H 77 -16.78 53.58 65.88
CA TYR H 77 -16.29 53.93 64.56
C TYR H 77 -14.79 54.20 64.51
N SER H 78 -14.20 54.50 65.67
CA SER H 78 -12.77 54.76 65.72
C SER H 78 -12.03 53.43 65.63
N LEU H 79 -12.78 52.34 65.71
CA LEU H 79 -12.22 51.00 65.64
C LEU H 79 -12.30 50.40 64.24
N GLN H 80 -12.94 51.10 63.31
CA GLN H 80 -13.06 50.59 61.95
C GLN H 80 -11.79 50.76 61.14
N VAL H 81 -11.32 49.68 60.55
CA VAL H 81 -10.14 49.71 59.71
C VAL H 81 -10.65 50.05 58.32
N LEU H 82 -10.52 51.31 57.94
CA LEU H 82 -10.98 51.78 56.64
C LEU H 82 -9.92 51.58 55.57
N PRO H 83 -10.35 51.48 54.31
CA PRO H 83 -9.37 51.30 53.25
C PRO H 83 -8.57 52.59 53.07
N THR H 84 -7.28 52.45 52.77
CA THR H 84 -6.41 53.60 52.58
C THR H 84 -6.66 54.25 51.23
N GLU H 85 -5.99 55.38 50.98
CA GLU H 85 -6.13 56.11 49.73
C GLU H 85 -6.03 55.17 48.53
N ASP H 86 -4.93 54.42 48.45
CA ASP H 86 -4.70 53.49 47.36
C ASP H 86 -5.56 52.23 47.40
N ARG H 87 -6.32 52.07 48.48
CA ARG H 87 -7.21 50.91 48.65
C ARG H 87 -6.45 49.60 48.48
N SER H 88 -5.21 49.56 48.98
CA SER H 88 -4.38 48.37 48.88
C SER H 88 -4.51 47.47 50.10
N ASN H 89 -5.37 47.87 51.03
CA ASN H 89 -5.57 47.09 52.25
C ASN H 89 -7.01 46.60 52.41
N LEU H 90 -7.73 46.46 51.29
CA LEU H 90 -9.11 46.00 51.36
C LEU H 90 -9.27 44.69 52.10
N ASP H 91 -8.39 43.74 51.81
CA ASP H 91 -8.41 42.42 52.45
C ASP H 91 -8.25 42.48 53.94
N ARG H 92 -7.94 43.67 54.47
CA ARG H 92 -7.72 43.81 55.91
C ARG H 92 -8.73 44.68 56.63
N CYS H 93 -9.76 45.11 55.92
CA CYS H 93 -10.75 45.98 56.52
C CYS H 93 -11.74 45.26 57.42
N GLY H 94 -12.36 46.02 58.30
CA GLY H 94 -13.31 45.48 59.26
C GLY H 94 -13.15 46.30 60.52
N PHE H 95 -13.22 45.68 61.68
CA PHE H 95 -13.07 46.42 62.93
C PHE H 95 -11.99 45.83 63.84
N ARG H 96 -11.41 46.70 64.66
CA ARG H 96 -10.37 46.30 65.62
C ARG H 96 -11.10 46.05 66.92
N GLY H 97 -10.48 45.26 67.80
CA GLY H 97 -11.09 44.98 69.08
C GLY H 97 -10.95 46.16 70.04
N SER H 98 -9.93 46.98 69.79
CA SER H 98 -9.65 48.16 70.61
C SER H 98 -8.61 48.99 69.90
N SER H 99 -8.09 49.98 70.61
CA SER H 99 -7.09 50.88 70.06
C SER H 99 -5.67 50.46 70.46
N TYR H 100 -5.50 49.20 70.86
CA TYR H 100 -4.19 48.72 71.28
C TYR H 100 -3.01 48.96 70.34
N LEU H 101 -3.26 49.18 69.04
CA LEU H 101 -2.14 49.40 68.13
C LEU H 101 -1.59 50.81 68.19
N GLY H 102 -2.33 51.71 68.80
CA GLY H 102 -1.86 53.07 68.92
C GLY H 102 -2.18 53.96 67.74
N ILE H 103 -3.16 53.57 66.94
CA ILE H 103 -3.54 54.39 65.80
C ILE H 103 -4.32 55.58 66.33
N PRO H 104 -3.99 56.80 65.85
CA PRO H 104 -4.67 58.01 66.28
C PRO H 104 -6.17 57.96 66.13
N PHE H 105 -6.88 58.33 67.19
CA PHE H 105 -8.34 58.32 67.23
C PHE H 105 -8.95 58.96 65.98
N ASN H 106 -9.73 58.19 65.24
CA ASN H 106 -10.38 58.69 64.04
C ASN H 106 -11.70 57.98 63.83
N PRO H 107 -12.80 58.58 64.31
CA PRO H 107 -14.15 58.01 64.19
C PRO H 107 -14.65 57.89 62.76
N SER H 108 -13.95 57.08 61.97
CA SER H 108 -14.30 56.85 60.57
C SER H 108 -14.59 58.16 59.85
N LYS H 109 -13.74 59.16 60.09
CA LYS H 109 -13.87 60.46 59.46
C LYS H 109 -12.91 60.53 58.27
N ASN H 110 -11.61 60.64 58.56
CA ASN H 110 -10.60 60.70 57.51
C ASN H 110 -10.38 59.31 56.93
N PRO H 111 -9.60 59.20 55.84
CA PRO H 111 -9.34 57.88 55.24
C PRO H 111 -8.38 57.06 56.10
N GLY H 112 -8.16 55.82 55.70
CA GLY H 112 -7.28 54.95 56.48
C GLY H 112 -5.81 55.33 56.52
N THR H 113 -5.23 55.32 57.72
CA THR H 113 -3.82 55.63 57.91
C THR H 113 -3.06 54.31 57.90
N ALA H 114 -2.30 54.08 56.83
CA ALA H 114 -1.52 52.85 56.66
C ALA H 114 -0.75 52.43 57.91
N HIS H 115 -0.72 51.13 58.16
CA HIS H 115 -0.01 50.57 59.30
C HIS H 115 0.26 49.11 58.95
N PRO H 116 1.52 48.67 59.11
CA PRO H 116 1.95 47.30 58.80
C PRO H 116 1.14 46.17 59.41
N TYR H 117 0.59 46.40 60.60
CA TYR H 117 -0.14 45.34 61.28
C TYR H 117 -1.57 45.67 61.70
N ASP H 118 -2.14 46.72 61.15
CA ASP H 118 -3.51 47.08 61.49
C ASP H 118 -4.51 46.39 60.55
N SER H 119 -5.30 45.48 61.13
CA SER H 119 -6.30 44.74 60.38
C SER H 119 -7.50 44.49 61.26
N GLY H 120 -8.62 44.11 60.64
CA GLY H 120 -9.82 43.84 61.41
C GLY H 120 -9.79 42.44 61.98
N HIS H 121 -10.72 42.16 62.88
CA HIS H 121 -10.84 40.84 63.50
C HIS H 121 -12.29 40.48 63.33
N ILE H 122 -12.53 39.35 62.68
CA ILE H 122 -13.90 38.91 62.41
C ILE H 122 -14.89 39.01 63.58
N ALA H 123 -14.46 38.68 64.78
CA ALA H 123 -15.35 38.74 65.94
C ALA H 123 -15.61 40.19 66.35
N MET H 124 -14.71 41.08 65.96
CA MET H 124 -14.85 42.49 66.29
C MET H 124 -15.72 43.18 65.25
N THR H 125 -15.58 42.75 64.00
CA THR H 125 -16.40 43.32 62.94
C THR H 125 -17.84 42.93 63.27
N TYR H 126 -18.01 41.69 63.75
CA TYR H 126 -19.33 41.22 64.12
C TYR H 126 -19.89 42.02 65.30
N THR H 127 -19.24 41.98 66.45
CA THR H 127 -19.72 42.72 67.62
C THR H 127 -19.77 44.23 67.38
N GLY H 128 -18.88 44.72 66.53
CA GLY H 128 -18.85 46.14 66.23
C GLY H 128 -20.14 46.56 65.55
N LEU H 129 -20.44 45.93 64.41
CA LEU H 129 -21.66 46.21 63.66
C LEU H 129 -22.86 46.00 64.57
N SER H 130 -22.81 44.92 65.32
CA SER H 130 -23.90 44.59 66.23
C SER H 130 -24.12 45.74 67.21
N CYS H 131 -23.04 46.27 67.79
CA CYS H 131 -23.15 47.38 68.74
C CYS H 131 -23.74 48.62 68.08
N LEU H 132 -23.25 48.94 66.89
CA LEU H 132 -23.73 50.11 66.17
C LEU H 132 -25.24 50.05 66.00
N ILE H 133 -25.75 48.89 65.59
CA ILE H 133 -27.18 48.72 65.39
C ILE H 133 -27.95 48.89 66.70
N ILE H 134 -27.41 48.31 67.77
CA ILE H 134 -28.04 48.40 69.07
C ILE H 134 -28.12 49.85 69.55
N LEU H 135 -27.10 50.64 69.23
CA LEU H 135 -27.06 52.04 69.64
C LEU H 135 -27.89 52.95 68.73
N GLY H 136 -28.50 52.38 67.71
CA GLY H 136 -29.34 53.17 66.82
C GLY H 136 -28.66 53.73 65.59
N ASP H 137 -27.35 53.53 65.46
CA ASP H 137 -26.67 54.05 64.29
C ASP H 137 -27.23 53.37 63.04
N ASP H 138 -27.06 54.01 61.89
CA ASP H 138 -27.58 53.47 60.63
C ASP H 138 -26.52 52.83 59.73
N LEU H 139 -25.31 52.66 60.27
CA LEU H 139 -24.22 52.03 59.53
C LEU H 139 -23.78 52.77 58.26
N SER H 140 -24.19 54.02 58.11
CA SER H 140 -23.82 54.78 56.92
C SER H 140 -22.32 55.03 56.85
N ARG H 141 -21.66 55.07 58.01
CA ARG H 141 -20.22 55.31 58.06
C ARG H 141 -19.40 54.02 57.98
N VAL H 142 -20.09 52.90 57.75
CA VAL H 142 -19.45 51.61 57.62
C VAL H 142 -19.15 51.38 56.15
N ASP H 143 -17.89 51.09 55.82
CA ASP H 143 -17.53 50.83 54.44
C ASP H 143 -17.93 49.38 54.17
N LYS H 144 -19.23 49.17 53.98
CA LYS H 144 -19.76 47.84 53.74
C LYS H 144 -18.94 46.99 52.77
N GLU H 145 -18.60 47.55 51.62
CA GLU H 145 -17.84 46.79 50.64
C GLU H 145 -16.46 46.36 51.15
N ALA H 146 -15.81 47.25 51.89
CA ALA H 146 -14.50 46.93 52.43
C ALA H 146 -14.63 45.80 53.44
N CYS H 147 -15.61 45.90 54.32
CA CYS H 147 -15.82 44.87 55.33
C CYS H 147 -16.05 43.52 54.64
N LEU H 148 -16.94 43.50 53.65
CA LEU H 148 -17.24 42.27 52.94
C LEU H 148 -15.99 41.73 52.24
N ALA H 149 -15.16 42.63 51.73
CA ALA H 149 -13.93 42.21 51.06
C ALA H 149 -13.01 41.55 52.08
N GLY H 150 -12.94 42.14 53.27
CA GLY H 150 -12.12 41.60 54.33
C GLY H 150 -12.65 40.25 54.77
N LEU H 151 -13.97 40.14 54.84
CA LEU H 151 -14.58 38.88 55.24
C LEU H 151 -14.19 37.78 54.26
N ARG H 152 -14.45 37.99 52.98
CA ARG H 152 -14.11 37.00 51.96
C ARG H 152 -12.69 36.49 52.11
N ALA H 153 -11.77 37.40 52.38
CA ALA H 153 -10.36 37.06 52.53
C ALA H 153 -10.10 36.08 53.67
N LEU H 154 -10.98 36.07 54.66
CA LEU H 154 -10.79 35.21 55.81
C LEU H 154 -11.23 33.75 55.62
N GLN H 155 -12.08 33.50 54.63
CA GLN H 155 -12.58 32.13 54.42
C GLN H 155 -11.54 31.21 53.82
N LEU H 156 -11.51 29.97 54.32
CA LEU H 156 -10.56 28.97 53.84
C LEU H 156 -11.19 28.03 52.82
N GLU H 157 -10.36 27.18 52.22
CA GLU H 157 -10.87 26.25 51.23
C GLU H 157 -11.98 25.37 51.77
N ASP H 158 -11.87 24.96 53.03
CA ASP H 158 -12.86 24.08 53.63
C ASP H 158 -14.16 24.77 54.04
N GLY H 159 -14.26 26.07 53.79
CA GLY H 159 -15.46 26.79 54.11
C GLY H 159 -15.46 27.54 55.43
N SER H 160 -14.57 27.18 56.35
CA SER H 160 -14.51 27.87 57.65
C SER H 160 -13.78 29.22 57.51
N PHE H 161 -13.67 29.95 58.61
CA PHE H 161 -12.99 31.25 58.59
C PHE H 161 -11.90 31.41 59.65
N CYS H 162 -11.03 32.38 59.40
CA CYS H 162 -9.97 32.75 60.32
C CYS H 162 -10.48 34.07 60.90
N ALA H 163 -9.90 34.54 61.98
CA ALA H 163 -10.35 35.78 62.59
C ALA H 163 -9.65 37.01 62.00
N VAL H 164 -8.40 36.83 61.59
CA VAL H 164 -7.61 37.93 61.03
C VAL H 164 -6.82 37.51 59.80
N PRO H 165 -6.61 38.46 58.88
CA PRO H 165 -5.87 38.19 57.64
C PRO H 165 -4.44 37.69 57.85
N GLU H 166 -3.81 38.08 58.95
CA GLU H 166 -2.44 37.65 59.23
C GLU H 166 -2.39 36.17 59.55
N GLY H 167 -3.55 35.60 59.87
CA GLY H 167 -3.60 34.18 60.21
C GLY H 167 -4.02 33.91 61.64
N SER H 168 -4.74 32.80 61.84
CA SER H 168 -5.21 32.42 63.15
C SER H 168 -5.80 31.02 63.02
N GLU H 169 -6.34 30.51 64.11
CA GLU H 169 -6.97 29.19 64.07
C GLU H 169 -8.28 29.42 63.33
N ASN H 170 -8.88 28.34 62.83
CA ASN H 170 -10.14 28.46 62.12
C ASN H 170 -11.13 27.43 62.65
N ASP H 171 -12.38 27.85 62.82
CA ASP H 171 -13.42 26.96 63.31
C ASP H 171 -14.80 27.56 63.24
N MET H 172 -15.78 26.83 63.76
CA MET H 172 -17.17 27.24 63.75
C MET H 172 -17.45 28.62 64.34
N ARG H 173 -16.69 29.02 65.35
CA ARG H 173 -16.89 30.33 65.97
C ARG H 173 -16.88 31.43 64.92
N PHE H 174 -15.89 31.38 64.05
CA PHE H 174 -15.74 32.40 63.03
C PHE H 174 -16.73 32.25 61.87
N VAL H 175 -17.24 31.04 61.67
CA VAL H 175 -18.22 30.81 60.62
C VAL H 175 -19.47 31.58 61.07
N TYR H 176 -19.77 31.52 62.36
CA TYR H 176 -20.91 32.23 62.91
C TYR H 176 -20.72 33.74 62.78
N CYS H 177 -19.51 34.22 63.07
CA CYS H 177 -19.23 35.64 62.95
C CYS H 177 -19.45 36.10 61.51
N ALA H 178 -18.94 35.33 60.56
CA ALA H 178 -19.09 35.67 59.17
C ALA H 178 -20.57 35.74 58.84
N SER H 179 -21.32 34.75 59.29
CA SER H 179 -22.75 34.71 59.03
C SER H 179 -23.46 35.95 59.58
N CYS H 180 -23.14 36.32 60.82
CA CYS H 180 -23.76 37.50 61.42
C CYS H 180 -23.43 38.76 60.65
N ILE H 181 -22.19 38.86 60.19
CA ILE H 181 -21.77 40.04 59.44
C ILE H 181 -22.55 40.13 58.13
N CYS H 182 -22.56 39.05 57.36
CA CYS H 182 -23.29 39.03 56.10
C CYS H 182 -24.74 39.38 56.32
N TYR H 183 -25.32 38.83 57.39
CA TYR H 183 -26.72 39.07 57.68
C TYR H 183 -27.00 40.54 58.01
N MET H 184 -26.18 41.12 58.88
CA MET H 184 -26.38 42.52 59.26
C MET H 184 -26.15 43.48 58.09
N LEU H 185 -25.16 43.18 57.26
CA LEU H 185 -24.90 44.03 56.12
C LEU H 185 -25.84 43.62 55.01
N ASN H 186 -26.70 42.65 55.31
CA ASN H 186 -27.68 42.16 54.37
C ASN H 186 -27.06 41.93 52.98
N ASN H 187 -25.90 41.29 52.97
CA ASN H 187 -25.20 41.01 51.74
C ASN H 187 -24.33 39.78 51.96
N TRP H 188 -24.65 38.68 51.30
CA TRP H 188 -23.87 37.47 51.49
C TRP H 188 -22.70 37.28 50.55
N SER H 189 -22.27 38.36 49.91
CA SER H 189 -21.13 38.28 49.00
C SER H 189 -19.88 38.14 49.85
N GLY H 190 -20.05 38.33 51.16
CA GLY H 190 -18.92 38.24 52.06
C GLY H 190 -18.42 36.83 52.29
N MET H 191 -19.13 35.84 51.76
CA MET H 191 -18.71 34.45 51.93
C MET H 191 -19.21 33.55 50.82
N ASP H 192 -18.57 32.39 50.69
CA ASP H 192 -18.96 31.39 49.73
C ASP H 192 -19.85 30.48 50.56
N MET H 193 -21.15 30.81 50.58
CA MET H 193 -22.12 30.08 51.38
C MET H 193 -22.13 28.58 51.19
N LYS H 194 -21.90 28.13 49.96
CA LYS H 194 -21.90 26.70 49.68
C LYS H 194 -20.81 26.00 50.49
N LYS H 195 -19.61 26.58 50.50
CA LYS H 195 -18.50 25.99 51.24
C LYS H 195 -18.70 26.08 52.75
N ALA H 196 -19.29 27.17 53.20
CA ALA H 196 -19.54 27.34 54.63
C ALA H 196 -20.49 26.25 55.10
N ILE H 197 -21.55 26.04 54.33
CA ILE H 197 -22.56 25.03 54.64
C ILE H 197 -21.90 23.67 54.68
N SER H 198 -20.99 23.44 53.74
CA SER H 198 -20.29 22.18 53.70
C SER H 198 -19.51 21.97 55.00
N TYR H 199 -18.85 23.04 55.46
CA TYR H 199 -18.08 22.97 56.69
C TYR H 199 -18.99 22.63 57.87
N ILE H 200 -20.13 23.32 57.94
CA ILE H 200 -21.08 23.09 59.01
C ILE H 200 -21.57 21.64 59.00
N ARG H 201 -21.87 21.10 57.83
CA ARG H 201 -22.32 19.71 57.78
C ARG H 201 -21.25 18.76 58.28
N ARG H 202 -20.04 18.90 57.75
CA ARG H 202 -18.93 18.06 58.13
C ARG H 202 -18.57 18.08 59.60
N SER H 203 -19.04 19.09 60.32
CA SER H 203 -18.71 19.19 61.73
C SER H 203 -19.64 18.34 62.59
N MET H 204 -20.70 17.78 61.99
CA MET H 204 -21.62 16.97 62.76
C MET H 204 -20.93 15.70 63.21
N SER H 205 -21.03 15.40 64.51
CA SER H 205 -20.41 14.23 65.10
C SER H 205 -21.30 12.99 65.03
N TYR H 206 -20.72 11.85 65.40
CA TYR H 206 -21.44 10.59 65.41
C TYR H 206 -22.56 10.66 66.47
N ASP H 207 -22.37 11.53 67.47
CA ASP H 207 -23.39 11.67 68.51
C ASP H 207 -24.42 12.74 68.11
N ASN H 208 -24.28 13.24 66.89
CA ASN H 208 -25.21 14.22 66.31
C ASN H 208 -25.14 15.69 66.72
N GLY H 209 -24.17 16.03 67.55
CA GLY H 209 -24.00 17.43 67.92
C GLY H 209 -23.05 18.01 66.87
N LEU H 210 -22.82 19.32 66.92
CA LEU H 210 -21.91 19.94 65.97
C LEU H 210 -20.63 20.27 66.71
N ALA H 211 -19.49 19.95 66.10
CA ALA H 211 -18.20 20.24 66.73
C ALA H 211 -17.59 21.48 66.11
N GLN H 212 -16.45 21.91 66.63
CA GLN H 212 -15.78 23.10 66.10
C GLN H 212 -15.32 22.86 64.67
N GLY H 213 -15.11 21.59 64.36
CA GLY H 213 -14.69 21.18 63.03
C GLY H 213 -14.85 19.68 62.92
N ALA H 214 -14.75 19.15 61.70
CA ALA H 214 -14.90 17.72 61.46
C ALA H 214 -14.04 16.84 62.37
N GLY H 215 -14.64 15.80 62.92
CA GLY H 215 -13.91 14.88 63.77
C GLY H 215 -13.77 15.28 65.23
N LEU H 216 -13.87 16.57 65.51
CA LEU H 216 -13.76 17.05 66.88
C LEU H 216 -15.02 16.70 67.69
N GLU H 217 -14.92 16.83 69.00
CA GLU H 217 -16.02 16.53 69.90
C GLU H 217 -17.14 17.56 69.74
N SER H 218 -18.38 17.09 69.53
CA SER H 218 -19.51 18.00 69.39
C SER H 218 -19.57 18.84 70.67
N HIS H 219 -19.99 20.09 70.52
CA HIS H 219 -20.01 21.03 71.62
C HIS H 219 -21.17 22.03 71.53
N GLY H 220 -21.71 22.40 72.67
CA GLY H 220 -22.82 23.34 72.70
C GLY H 220 -22.52 24.66 72.01
N GLY H 221 -21.29 25.14 72.17
CA GLY H 221 -20.90 26.39 71.55
C GLY H 221 -20.88 26.31 70.04
N SER H 222 -20.24 25.27 69.51
CA SER H 222 -20.16 25.10 68.07
C SER H 222 -21.52 24.71 67.47
N THR H 223 -22.33 23.98 68.24
CA THR H 223 -23.65 23.60 67.73
C THR H 223 -24.48 24.85 67.55
N PHE H 224 -24.38 25.78 68.50
CA PHE H 224 -25.11 27.04 68.38
C PHE H 224 -24.60 27.77 67.14
N CYS H 225 -23.28 27.91 67.04
CA CYS H 225 -22.70 28.61 65.92
C CYS H 225 -23.14 28.05 64.59
N GLY H 226 -23.14 26.72 64.48
CA GLY H 226 -23.54 26.08 63.24
C GLY H 226 -25.01 26.27 62.92
N ILE H 227 -25.87 25.90 63.87
CA ILE H 227 -27.31 26.02 63.65
C ILE H 227 -27.72 27.47 63.42
N ALA H 228 -27.20 28.38 64.23
CA ALA H 228 -27.52 29.80 64.10
C ALA H 228 -27.07 30.32 62.76
N SER H 229 -25.90 29.89 62.31
CA SER H 229 -25.41 30.34 61.01
C SER H 229 -26.37 29.90 59.91
N LEU H 230 -26.79 28.65 59.95
CA LEU H 230 -27.71 28.14 58.95
C LEU H 230 -29.03 28.90 59.00
N CYS H 231 -29.53 29.18 60.20
CA CYS H 231 -30.77 29.93 60.33
C CYS H 231 -30.63 31.33 59.74
N LEU H 232 -29.48 31.96 59.98
CA LEU H 232 -29.21 33.28 59.45
C LEU H 232 -29.20 33.24 57.92
N MET H 233 -28.73 32.13 57.35
CA MET H 233 -28.69 31.98 55.89
C MET H 233 -30.06 31.51 55.40
N GLY H 234 -30.93 31.16 56.35
CA GLY H 234 -32.25 30.65 56.01
C GLY H 234 -32.15 29.34 55.25
N LYS H 235 -31.29 28.42 55.73
CA LYS H 235 -31.11 27.15 55.06
C LYS H 235 -31.07 25.96 56.00
N LEU H 236 -31.57 26.12 57.21
CA LEU H 236 -31.57 25.04 58.19
C LEU H 236 -32.23 23.79 57.59
N GLU H 237 -33.48 23.97 57.18
CA GLU H 237 -34.30 22.90 56.59
C GLU H 237 -33.67 22.29 55.34
N GLU H 238 -33.03 23.13 54.55
CA GLU H 238 -32.40 22.71 53.31
C GLU H 238 -31.10 21.92 53.54
N VAL H 239 -30.38 22.24 54.60
CA VAL H 239 -29.11 21.58 54.89
C VAL H 239 -29.22 20.26 55.64
N PHE H 240 -30.09 20.23 56.64
CA PHE H 240 -30.29 19.02 57.43
C PHE H 240 -31.66 18.40 57.19
N SER H 241 -31.69 17.07 57.06
CA SER H 241 -32.93 16.35 56.85
C SER H 241 -33.72 16.36 58.14
N GLU H 242 -34.98 15.96 58.07
CA GLU H 242 -35.79 15.92 59.27
C GLU H 242 -35.18 14.93 60.26
N LYS H 243 -34.69 13.81 59.74
CA LYS H 243 -34.09 12.78 60.59
C LYS H 243 -32.87 13.38 61.28
N GLU H 244 -32.09 14.14 60.52
CA GLU H 244 -30.90 14.78 61.05
C GLU H 244 -31.24 15.82 62.11
N LEU H 245 -32.22 16.67 61.81
CA LEU H 245 -32.64 17.69 62.75
C LEU H 245 -33.15 17.05 64.05
N ASN H 246 -33.81 15.89 63.93
CA ASN H 246 -34.31 15.21 65.11
C ASN H 246 -33.17 14.75 65.98
N ARG H 247 -32.11 14.27 65.34
CA ARG H 247 -30.94 13.79 66.07
C ARG H 247 -30.23 14.96 66.77
N ILE H 248 -30.13 16.07 66.05
CA ILE H 248 -29.49 17.27 66.60
C ILE H 248 -30.30 17.77 67.79
N LYS H 249 -31.63 17.81 67.63
CA LYS H 249 -32.51 18.24 68.71
C LYS H 249 -32.28 17.37 69.94
N ARG H 250 -32.21 16.05 69.73
CA ARG H 250 -32.00 15.12 70.82
C ARG H 250 -30.71 15.44 71.56
N TRP H 251 -29.64 15.66 70.80
CA TRP H 251 -28.36 15.95 71.40
C TRP H 251 -28.43 17.22 72.24
N CYS H 252 -29.07 18.26 71.67
CA CYS H 252 -29.20 19.53 72.36
C CYS H 252 -30.02 19.43 73.64
N ILE H 253 -31.22 18.87 73.55
CA ILE H 253 -32.05 18.80 74.74
C ILE H 253 -31.45 17.92 75.84
N MET H 254 -30.51 17.05 75.48
CA MET H 254 -29.90 16.19 76.47
C MET H 254 -28.87 16.97 77.26
N ARG H 255 -28.62 18.21 76.85
CA ARG H 255 -27.65 19.05 77.55
C ARG H 255 -28.19 19.63 78.85
N GLN H 256 -29.51 19.62 79.04
CA GLN H 256 -30.04 20.17 80.28
C GLN H 256 -29.95 19.21 81.45
N GLN H 257 -29.28 19.66 82.50
CA GLN H 257 -29.09 18.87 83.71
C GLN H 257 -30.02 19.50 84.74
N ASN H 258 -30.00 20.83 84.76
CA ASN H 258 -30.81 21.70 85.59
C ASN H 258 -30.57 22.96 84.79
N GLY H 259 -29.31 23.37 84.76
CA GLY H 259 -28.91 24.47 83.93
C GLY H 259 -28.42 23.68 82.71
N TYR H 260 -27.54 24.26 81.90
CA TYR H 260 -27.05 23.52 80.74
C TYR H 260 -25.53 23.39 80.72
N HIS H 261 -25.04 22.26 80.21
CA HIS H 261 -23.59 22.08 80.09
C HIS H 261 -23.29 22.11 78.58
N GLY H 262 -22.02 22.32 78.22
CA GLY H 262 -21.67 22.38 76.82
C GLY H 262 -21.35 21.05 76.14
N ARG H 263 -21.12 20.01 76.94
CA ARG H 263 -20.78 18.68 76.43
C ARG H 263 -21.23 17.62 77.41
N PRO H 264 -21.55 16.42 76.90
CA PRO H 264 -21.97 15.33 77.78
C PRO H 264 -20.95 15.14 78.90
N ASN H 265 -21.46 14.85 80.10
CA ASN H 265 -20.62 14.62 81.27
C ASN H 265 -19.74 15.78 81.73
N LYS H 266 -20.13 17.00 81.40
CA LYS H 266 -19.42 18.20 81.82
C LYS H 266 -20.35 18.99 82.74
N PRO H 267 -19.79 19.72 83.71
CA PRO H 267 -20.64 20.50 84.61
C PRO H 267 -21.39 21.63 83.90
N VAL H 268 -22.59 21.96 84.39
CA VAL H 268 -23.36 23.04 83.77
C VAL H 268 -22.65 24.37 83.93
N ASP H 269 -22.95 25.28 83.02
CA ASP H 269 -22.35 26.60 82.98
C ASP H 269 -23.43 27.57 82.48
N THR H 270 -23.66 28.63 83.24
CA THR H 270 -24.67 29.61 82.89
C THR H 270 -24.75 30.00 81.41
N CYS H 271 -23.61 30.31 80.80
CA CYS H 271 -23.65 30.73 79.41
C CYS H 271 -24.29 29.73 78.45
N TYR H 272 -24.33 28.46 78.84
CA TYR H 272 -24.94 27.46 77.98
C TYR H 272 -26.46 27.54 77.98
N SER H 273 -26.99 28.28 78.94
CA SER H 273 -28.43 28.48 78.99
C SER H 273 -28.78 29.27 77.72
N PHE H 274 -27.80 29.98 77.17
CA PHE H 274 -28.04 30.68 75.94
C PHE H 274 -27.57 29.88 74.75
N TRP H 275 -26.29 29.48 74.76
CA TRP H 275 -25.71 28.71 73.65
C TRP H 275 -26.63 27.55 73.23
N VAL H 276 -26.95 26.68 74.19
CA VAL H 276 -27.80 25.53 73.92
C VAL H 276 -29.27 25.95 73.88
N GLY H 277 -29.69 26.78 74.83
CA GLY H 277 -31.07 27.23 74.88
C GLY H 277 -31.50 27.89 73.60
N ALA H 278 -30.64 28.75 73.06
CA ALA H 278 -30.94 29.45 71.82
C ALA H 278 -31.04 28.47 70.65
N THR H 279 -30.19 27.44 70.68
CA THR H 279 -30.20 26.45 69.60
C THR H 279 -31.54 25.72 69.66
N LEU H 280 -31.94 25.35 70.87
CA LEU H 280 -33.21 24.67 71.06
C LEU H 280 -34.35 25.54 70.59
N LYS H 281 -34.25 26.85 70.84
CA LYS H 281 -35.29 27.78 70.41
C LYS H 281 -35.32 27.81 68.89
N LEU H 282 -34.15 27.84 68.26
CA LEU H 282 -34.09 27.86 66.80
C LEU H 282 -34.66 26.57 66.23
N LEU H 283 -34.51 25.49 66.98
CA LEU H 283 -35.01 24.18 66.55
C LEU H 283 -36.45 23.98 67.01
N LYS H 284 -37.06 25.07 67.50
CA LYS H 284 -38.45 25.08 67.96
C LYS H 284 -38.85 24.05 69.00
N ILE H 285 -37.93 23.69 69.90
CA ILE H 285 -38.28 22.73 70.94
C ILE H 285 -37.81 23.17 72.31
N PHE H 286 -37.40 24.44 72.43
CA PHE H 286 -36.97 24.95 73.72
C PHE H 286 -38.15 24.91 74.66
N GLN H 287 -39.34 25.05 74.08
CA GLN H 287 -40.59 25.03 74.82
C GLN H 287 -40.79 23.71 75.58
N TYR H 288 -40.10 22.66 75.16
CA TYR H 288 -40.24 21.37 75.82
C TYR H 288 -39.21 21.12 76.92
N THR H 289 -38.38 22.12 77.21
CA THR H 289 -37.39 21.98 78.25
C THR H 289 -38.03 22.34 79.59
N ASN H 290 -37.31 22.10 80.68
CA ASN H 290 -37.82 22.43 82.00
C ASN H 290 -37.35 23.85 82.33
N PHE H 291 -38.28 24.81 82.33
CA PHE H 291 -37.94 26.20 82.60
C PHE H 291 -37.48 26.48 84.03
N GLU H 292 -38.23 25.99 85.01
CA GLU H 292 -37.90 26.26 86.39
C GLU H 292 -36.48 25.88 86.84
N LYS H 293 -36.06 24.64 86.55
CA LYS H 293 -34.72 24.22 86.93
C LYS H 293 -33.65 25.07 86.27
N ASN H 294 -33.90 25.47 85.03
CA ASN H 294 -32.96 26.28 84.28
C ASN H 294 -32.88 27.67 84.92
N ARG H 295 -34.05 28.29 85.09
CA ARG H 295 -34.13 29.61 85.72
C ARG H 295 -33.49 29.58 87.10
N ASN H 296 -33.81 28.54 87.86
CA ASN H 296 -33.27 28.41 89.19
C ASN H 296 -31.74 28.38 89.14
N TYR H 297 -31.18 27.58 88.22
CA TYR H 297 -29.73 27.51 88.11
C TYR H 297 -29.13 28.86 87.74
N ILE H 298 -29.67 29.48 86.70
CA ILE H 298 -29.14 30.77 86.27
C ILE H 298 -29.09 31.74 87.43
N LEU H 299 -30.21 31.87 88.14
CA LEU H 299 -30.27 32.80 89.27
C LEU H 299 -29.29 32.42 90.38
N SER H 300 -29.01 31.13 90.55
CA SER H 300 -28.08 30.71 91.59
C SER H 300 -26.66 31.20 91.33
N THR H 301 -26.42 31.72 90.12
CA THR H 301 -25.10 32.22 89.77
C THR H 301 -25.12 33.74 89.72
N GLN H 302 -26.24 34.30 90.15
CA GLN H 302 -26.42 35.76 90.17
C GLN H 302 -25.65 36.34 91.35
N ASP H 303 -24.89 37.40 91.10
CA ASP H 303 -24.17 38.03 92.21
C ASP H 303 -25.06 39.12 92.74
N ARG H 304 -25.70 38.85 93.87
CA ARG H 304 -26.62 39.80 94.50
C ARG H 304 -25.98 41.08 95.02
N LEU H 305 -24.66 41.04 95.18
CA LEU H 305 -23.93 42.20 95.68
C LEU H 305 -23.49 43.14 94.56
N VAL H 306 -22.65 42.65 93.65
CA VAL H 306 -22.14 43.48 92.55
C VAL H 306 -22.97 43.43 91.27
N GLY H 307 -23.83 42.41 91.14
CA GLY H 307 -24.63 42.28 89.95
C GLY H 307 -23.97 41.34 88.95
N GLY H 308 -24.64 41.08 87.83
CA GLY H 308 -24.09 40.19 86.84
C GLY H 308 -24.22 38.73 87.24
N PHE H 309 -23.76 37.83 86.38
CA PHE H 309 -23.82 36.39 86.65
C PHE H 309 -22.47 35.75 86.44
N ALA H 310 -22.28 34.58 87.04
CA ALA H 310 -21.02 33.84 86.91
C ALA H 310 -21.35 32.54 86.20
N LYS H 311 -20.33 31.75 85.86
CA LYS H 311 -20.60 30.50 85.18
C LYS H 311 -21.19 29.51 86.18
N TRP H 312 -20.69 29.58 87.41
CA TRP H 312 -21.17 28.71 88.48
C TRP H 312 -21.59 29.51 89.71
N PRO H 313 -22.38 28.89 90.59
CA PRO H 313 -22.82 29.60 91.79
C PRO H 313 -21.62 29.87 92.72
N ASP H 314 -21.69 30.96 93.48
CA ASP H 314 -20.63 31.32 94.40
C ASP H 314 -19.31 31.46 93.64
N SER H 315 -19.40 32.06 92.46
CA SER H 315 -18.25 32.28 91.61
C SER H 315 -18.30 33.75 91.21
N HIS H 316 -17.17 34.33 90.81
CA HIS H 316 -17.17 35.74 90.42
C HIS H 316 -17.81 35.99 89.07
N PRO H 317 -18.66 37.01 88.97
CA PRO H 317 -19.35 37.34 87.72
C PRO H 317 -18.46 38.06 86.72
N ASP H 318 -18.87 38.06 85.45
CA ASP H 318 -18.14 38.74 84.41
C ASP H 318 -19.14 39.17 83.34
N ALA H 319 -18.72 40.05 82.45
CA ALA H 319 -19.59 40.56 81.40
C ALA H 319 -20.23 39.46 80.55
N LEU H 320 -19.43 38.48 80.13
CA LEU H 320 -19.94 37.41 79.29
C LEU H 320 -21.07 36.61 79.95
N HIS H 321 -20.86 36.14 81.17
CA HIS H 321 -21.90 35.37 81.81
C HIS H 321 -23.08 36.22 82.25
N ALA H 322 -22.81 37.49 82.54
CA ALA H 322 -23.87 38.40 82.92
C ALA H 322 -24.79 38.51 81.72
N TYR H 323 -24.20 38.75 80.55
CA TYR H 323 -24.97 38.88 79.33
C TYR H 323 -25.69 37.60 78.93
N PHE H 324 -24.96 36.50 78.86
CA PHE H 324 -25.59 35.23 78.45
C PHE H 324 -26.57 34.69 79.48
N GLY H 325 -26.35 35.00 80.75
CA GLY H 325 -27.28 34.56 81.76
C GLY H 325 -28.60 35.27 81.54
N ILE H 326 -28.51 36.56 81.21
CA ILE H 326 -29.68 37.37 80.97
C ILE H 326 -30.38 36.89 79.72
N CYS H 327 -29.62 36.64 78.65
CA CYS H 327 -30.24 36.14 77.43
C CYS H 327 -30.88 34.78 77.70
N GLY H 328 -30.26 34.01 78.60
CA GLY H 328 -30.80 32.71 78.95
C GLY H 328 -32.18 32.89 79.55
N LEU H 329 -32.28 33.83 80.48
CA LEU H 329 -33.55 34.16 81.14
C LEU H 329 -34.54 34.66 80.09
N SER H 330 -34.04 35.45 79.14
CA SER H 330 -34.86 35.98 78.07
C SER H 330 -35.57 34.90 77.26
N LEU H 331 -34.90 33.79 76.97
CA LEU H 331 -35.53 32.72 76.19
C LEU H 331 -36.79 32.20 76.89
N MET H 332 -36.81 32.30 78.22
CA MET H 332 -37.95 31.85 79.02
C MET H 332 -38.92 32.98 79.34
N GLU H 333 -38.59 34.18 78.86
CA GLU H 333 -39.41 35.36 79.07
C GLU H 333 -39.51 35.74 80.54
N GLU H 334 -38.40 36.19 81.10
CA GLU H 334 -38.35 36.64 82.49
C GLU H 334 -38.88 38.06 82.43
N SER H 335 -39.69 38.45 83.41
CA SER H 335 -40.23 39.79 83.38
C SER H 335 -39.13 40.83 83.51
N GLY H 336 -39.22 41.86 82.66
CA GLY H 336 -38.23 42.92 82.69
C GLY H 336 -37.09 42.74 81.71
N ILE H 337 -37.12 41.62 80.98
CA ILE H 337 -36.08 41.29 80.03
C ILE H 337 -36.67 41.16 78.64
N CYS H 338 -36.11 41.88 77.68
CA CYS H 338 -36.60 41.83 76.31
C CYS H 338 -36.36 40.48 75.65
N LYS H 339 -37.18 40.22 74.65
CA LYS H 339 -37.12 38.99 73.87
C LYS H 339 -35.84 39.05 73.04
N VAL H 340 -34.98 38.05 73.18
CA VAL H 340 -33.73 38.04 72.42
C VAL H 340 -33.91 37.29 71.10
N HIS H 341 -33.28 37.81 70.04
CA HIS H 341 -33.33 37.15 68.74
C HIS H 341 -32.28 36.04 68.87
N PRO H 342 -32.73 34.78 68.98
CA PRO H 342 -31.88 33.60 69.14
C PRO H 342 -30.76 33.33 68.14
N ALA H 343 -30.82 33.87 66.94
CA ALA H 343 -29.76 33.59 65.98
C ALA H 343 -28.82 34.75 65.69
N LEU H 344 -29.25 35.96 66.00
CA LEU H 344 -28.43 37.14 65.75
C LEU H 344 -27.79 37.58 67.06
N ASN H 345 -28.36 37.12 68.15
CA ASN H 345 -27.85 37.43 69.47
C ASN H 345 -27.97 38.93 69.79
N VAL H 346 -29.16 39.47 69.55
CA VAL H 346 -29.45 40.88 69.82
C VAL H 346 -30.91 40.93 70.24
N SER H 347 -31.32 41.97 70.93
CA SER H 347 -32.72 42.06 71.34
C SER H 347 -33.56 42.10 70.07
N THR H 348 -34.82 41.65 70.16
CA THR H 348 -35.68 41.67 68.98
C THR H 348 -35.92 43.11 68.55
N ARG H 349 -36.04 44.02 69.51
CA ARG H 349 -36.22 45.42 69.18
C ARG H 349 -35.13 45.84 68.20
N THR H 350 -33.92 45.37 68.44
CA THR H 350 -32.79 45.69 67.59
C THR H 350 -32.90 45.00 66.23
N SER H 351 -33.30 43.74 66.21
CA SER H 351 -33.44 43.03 64.95
C SER H 351 -34.49 43.75 64.12
N GLU H 352 -35.45 44.34 64.82
CA GLU H 352 -36.55 45.10 64.21
C GLU H 352 -35.95 46.24 63.41
N ARG H 353 -35.15 47.05 64.10
CA ARG H 353 -34.49 48.19 63.49
C ARG H 353 -33.64 47.74 62.31
N LEU H 354 -32.95 46.61 62.47
CA LEU H 354 -32.13 46.11 61.38
C LEU H 354 -33.02 45.83 60.18
N ARG H 355 -34.23 45.35 60.45
CA ARG H 355 -35.20 45.05 59.38
C ARG H 355 -35.57 46.34 58.67
N ASP H 356 -35.97 47.34 59.43
CA ASP H 356 -36.35 48.64 58.86
C ASP H 356 -35.15 49.17 58.11
N LEU H 357 -34.00 49.15 58.79
CA LEU H 357 -32.74 49.61 58.24
C LEU H 357 -32.48 48.97 56.88
N HIS H 358 -32.69 47.66 56.77
CA HIS H 358 -32.47 46.95 55.52
C HIS H 358 -33.44 47.43 54.44
N GLN H 359 -34.72 47.52 54.78
CA GLN H 359 -35.73 47.96 53.83
C GLN H 359 -35.40 49.35 53.28
N SER H 360 -35.00 50.26 54.16
CA SER H 360 -34.66 51.62 53.75
C SER H 360 -33.47 51.66 52.80
N TRP H 361 -32.66 50.60 52.81
CA TRP H 361 -31.50 50.56 51.93
C TRP H 361 -31.96 50.29 50.50
N LYS H 362 -33.14 49.70 50.35
CA LYS H 362 -33.67 49.41 49.03
C LYS H 362 -34.38 50.66 48.52
N THR H 363 -33.65 51.53 47.82
CA THR H 363 -34.20 52.76 47.27
C THR H 363 -33.52 53.14 45.96
N PHE I 55 3.50 16.43 -34.94
CA PHE I 55 3.16 14.98 -34.85
C PHE I 55 2.68 14.53 -33.47
N LEU I 56 3.61 14.01 -32.67
CA LEU I 56 3.30 13.50 -31.34
C LEU I 56 3.07 14.59 -30.29
N SER I 57 1.81 14.83 -29.95
CA SER I 57 1.47 15.86 -28.98
C SER I 57 2.06 15.64 -27.58
N LEU I 58 2.32 16.74 -26.88
CA LEU I 58 2.90 16.68 -25.54
C LEU I 58 1.99 16.03 -24.49
N ASP I 59 0.69 16.10 -24.71
CA ASP I 59 -0.24 15.49 -23.76
C ASP I 59 -0.80 14.16 -24.30
N SER I 60 -0.25 13.69 -25.42
CA SER I 60 -0.71 12.44 -26.03
C SER I 60 -0.43 11.28 -25.08
N PRO I 61 -1.31 10.26 -25.07
CA PRO I 61 -1.08 9.13 -24.17
C PRO I 61 0.18 8.37 -24.56
N THR I 62 0.51 8.40 -25.86
CA THR I 62 1.70 7.71 -26.33
C THR I 62 2.92 8.60 -26.44
N TYR I 63 2.86 9.79 -25.84
CA TYR I 63 4.01 10.68 -25.89
C TYR I 63 5.21 9.98 -25.28
N VAL I 64 6.39 10.26 -25.80
CA VAL I 64 7.62 9.64 -25.31
C VAL I 64 8.73 10.66 -25.14
N LEU I 65 9.32 10.71 -23.95
CA LEU I 65 10.40 11.65 -23.70
C LEU I 65 11.43 11.57 -24.82
N TYR I 66 12.04 12.70 -25.14
CA TYR I 66 13.05 12.72 -26.19
C TYR I 66 14.22 11.82 -25.81
N ARG I 67 14.48 11.71 -24.51
CA ARG I 67 15.57 10.88 -24.05
C ARG I 67 15.35 9.39 -24.36
N ASP I 68 14.09 9.01 -24.60
CA ASP I 68 13.77 7.61 -24.91
C ASP I 68 13.38 7.39 -26.36
N ARG I 69 13.69 8.36 -27.22
CA ARG I 69 13.36 8.23 -28.63
C ARG I 69 14.57 7.77 -29.40
N ALA I 70 14.39 6.75 -30.23
CA ALA I 70 15.47 6.22 -31.03
C ALA I 70 16.07 7.28 -31.95
N GLU I 71 15.22 8.09 -32.60
CA GLU I 71 15.71 9.12 -33.52
C GLU I 71 16.64 10.13 -32.86
N TRP I 72 16.59 10.22 -31.53
CA TRP I 72 17.43 11.17 -30.84
C TRP I 72 18.53 10.53 -30.02
N ALA I 73 18.72 9.24 -30.24
CA ALA I 73 19.73 8.46 -29.50
C ALA I 73 21.16 8.97 -29.65
N ASP I 74 21.48 9.55 -30.81
CA ASP I 74 22.82 10.05 -31.08
C ASP I 74 23.12 11.41 -30.46
N ILE I 75 22.13 12.08 -29.90
CA ILE I 75 22.33 13.40 -29.31
C ILE I 75 22.43 13.38 -27.79
N ASP I 76 23.42 14.08 -27.26
CA ASP I 76 23.58 14.17 -25.80
C ASP I 76 22.87 15.42 -25.32
N PRO I 77 21.79 15.26 -24.56
CA PRO I 77 21.07 16.44 -24.07
C PRO I 77 21.97 17.39 -23.30
N VAL I 78 21.73 18.69 -23.45
CA VAL I 78 22.51 19.71 -22.75
C VAL I 78 21.64 20.31 -21.66
N PRO I 79 22.09 20.18 -20.40
CA PRO I 79 21.33 20.72 -19.28
C PRO I 79 21.64 22.18 -19.01
N GLN I 80 20.71 22.85 -18.36
CA GLN I 80 20.86 24.26 -18.00
C GLN I 80 21.41 24.29 -16.59
N ASN I 81 22.37 25.16 -16.32
CA ASN I 81 22.90 25.23 -14.97
C ASN I 81 23.12 26.66 -14.49
N ASP I 82 22.41 27.01 -13.43
CA ASP I 82 22.51 28.34 -12.84
C ASP I 82 23.57 28.42 -11.77
N GLY I 83 24.52 27.49 -11.82
CA GLY I 83 25.60 27.48 -10.85
C GLY I 83 25.25 27.03 -9.44
N PRO I 84 26.08 27.39 -8.45
CA PRO I 84 25.91 27.04 -7.05
C PRO I 84 24.66 27.60 -6.37
N SER I 85 24.38 28.88 -6.60
CA SER I 85 23.23 29.51 -5.97
C SER I 85 22.29 30.14 -6.98
N PRO I 86 21.38 29.35 -7.55
CA PRO I 86 20.43 29.85 -8.54
C PRO I 86 19.48 30.93 -8.00
N VAL I 87 19.25 31.96 -8.81
CA VAL I 87 18.38 33.06 -8.46
C VAL I 87 17.15 33.00 -9.37
N VAL I 88 15.99 33.37 -8.83
CA VAL I 88 14.73 33.36 -9.58
C VAL I 88 14.63 32.12 -10.47
N GLN I 89 14.97 30.98 -9.88
CA GLN I 89 14.96 29.69 -10.55
C GLN I 89 13.55 29.13 -10.71
N ILE I 90 13.19 28.81 -11.95
CA ILE I 90 11.87 28.27 -12.25
C ILE I 90 11.95 26.74 -12.21
N ILE I 91 11.03 26.10 -11.48
CA ILE I 91 11.04 24.64 -11.40
C ILE I 91 10.34 24.05 -12.61
N TYR I 92 10.99 23.09 -13.25
CA TYR I 92 10.46 22.46 -14.45
C TYR I 92 10.10 20.99 -14.33
N SER I 93 9.01 20.60 -14.98
CA SER I 93 8.56 19.21 -14.98
C SER I 93 9.54 18.37 -15.77
N GLU I 94 9.40 17.05 -15.66
CA GLU I 94 10.26 16.12 -16.37
C GLU I 94 10.17 16.40 -17.87
N LYS I 95 8.94 16.47 -18.37
CA LYS I 95 8.72 16.72 -19.79
C LYS I 95 9.35 18.01 -20.26
N PHE I 96 9.04 19.11 -19.57
CA PHE I 96 9.56 20.43 -19.91
C PHE I 96 11.08 20.41 -20.04
N ARG I 97 11.74 19.98 -18.98
CA ARG I 97 13.19 19.92 -18.95
C ARG I 97 13.74 19.02 -20.04
N ASP I 98 12.99 17.96 -20.37
CA ASP I 98 13.42 17.03 -21.40
C ASP I 98 13.43 17.71 -22.76
N VAL I 99 12.33 18.34 -23.13
CA VAL I 99 12.26 19.02 -24.42
C VAL I 99 13.38 20.06 -24.55
N TYR I 100 13.55 20.89 -23.53
CA TYR I 100 14.57 21.93 -23.59
C TYR I 100 16.00 21.45 -23.47
N ASP I 101 16.21 20.30 -22.84
CA ASP I 101 17.58 19.76 -22.74
C ASP I 101 18.02 19.36 -24.14
N TYR I 102 17.08 18.87 -24.94
CA TYR I 102 17.41 18.49 -26.30
C TYR I 102 17.43 19.72 -27.20
N PHE I 103 16.62 20.72 -26.88
CA PHE I 103 16.63 21.94 -27.68
C PHE I 103 18.03 22.54 -27.57
N ARG I 104 18.54 22.62 -26.34
CA ARG I 104 19.87 23.19 -26.09
C ARG I 104 20.92 22.44 -26.90
N ALA I 105 20.77 21.13 -26.95
CA ALA I 105 21.71 20.28 -27.69
C ALA I 105 21.69 20.62 -29.18
N VAL I 106 20.52 20.54 -29.78
CA VAL I 106 20.37 20.86 -31.19
C VAL I 106 20.82 22.29 -31.50
N LEU I 107 20.41 23.22 -30.64
CA LEU I 107 20.74 24.64 -30.80
C LEU I 107 22.25 24.83 -30.73
N GLN I 108 22.88 24.21 -29.76
CA GLN I 108 24.32 24.31 -29.58
C GLN I 108 25.13 23.80 -30.76
N ARG I 109 24.56 22.87 -31.51
CA ARG I 109 25.26 22.31 -32.66
C ARG I 109 24.73 22.89 -33.97
N ASP I 110 23.88 23.89 -33.85
CA ASP I 110 23.30 24.52 -35.03
C ASP I 110 22.86 23.47 -36.05
N GLU I 111 22.24 22.40 -35.57
CA GLU I 111 21.77 21.34 -36.43
C GLU I 111 20.53 21.74 -37.22
N ARG I 112 20.68 21.95 -38.53
CA ARG I 112 19.55 22.34 -39.37
C ARG I 112 18.78 21.11 -39.86
N SER I 113 18.32 20.28 -38.93
CA SER I 113 17.59 19.06 -39.29
C SER I 113 16.08 19.19 -39.25
N GLU I 114 15.41 18.17 -39.75
CA GLU I 114 13.95 18.14 -39.76
C GLU I 114 13.46 17.78 -38.37
N ARG I 115 14.27 17.04 -37.62
CA ARG I 115 13.88 16.65 -36.29
C ARG I 115 13.98 17.86 -35.36
N ALA I 116 14.93 18.75 -35.66
CA ALA I 116 15.11 19.96 -34.86
C ALA I 116 13.87 20.82 -35.09
N PHE I 117 13.48 20.95 -36.35
CA PHE I 117 12.31 21.75 -36.69
C PHE I 117 11.09 21.27 -35.89
N LYS I 118 10.90 19.96 -35.82
CA LYS I 118 9.78 19.40 -35.08
C LYS I 118 9.95 19.66 -33.59
N LEU I 119 11.19 19.65 -33.14
CA LEU I 119 11.45 19.90 -31.73
C LEU I 119 11.04 21.32 -31.34
N THR I 120 11.25 22.29 -32.24
CA THR I 120 10.89 23.67 -31.93
C THR I 120 9.40 23.78 -31.65
N ARG I 121 8.59 23.01 -32.37
CA ARG I 121 7.15 23.05 -32.16
C ARG I 121 6.81 22.76 -30.69
N ASP I 122 7.52 21.80 -30.11
CA ASP I 122 7.30 21.41 -28.72
C ASP I 122 7.83 22.46 -27.76
N ALA I 123 8.99 23.02 -28.08
CA ALA I 123 9.60 24.04 -27.25
C ALA I 123 8.66 25.25 -27.23
N ILE I 124 8.08 25.57 -28.38
CA ILE I 124 7.16 26.69 -28.48
C ILE I 124 5.86 26.42 -27.72
N GLU I 125 5.42 25.17 -27.69
CA GLU I 125 4.20 24.89 -26.96
C GLU I 125 4.47 25.04 -25.47
N LEU I 126 5.70 24.74 -25.06
CA LEU I 126 6.06 24.85 -23.66
C LEU I 126 6.32 26.31 -23.26
N ASN I 127 6.79 27.12 -24.20
CA ASN I 127 7.08 28.51 -23.90
C ASN I 127 7.22 29.35 -25.16
N ALA I 128 6.13 29.92 -25.62
CA ALA I 128 6.13 30.73 -26.83
C ALA I 128 6.86 32.07 -26.64
N ALA I 129 7.31 32.34 -25.43
CA ALA I 129 8.00 33.59 -25.14
C ALA I 129 9.50 33.48 -25.30
N ASN I 130 9.98 32.27 -25.61
CA ASN I 130 11.40 32.05 -25.82
C ASN I 130 11.78 32.55 -27.22
N TYR I 131 12.26 33.78 -27.29
CA TYR I 131 12.62 34.38 -28.57
C TYR I 131 13.70 33.62 -29.34
N THR I 132 14.61 32.97 -28.64
CA THR I 132 15.65 32.21 -29.30
C THR I 132 15.05 31.04 -30.08
N VAL I 133 14.09 30.36 -29.48
CA VAL I 133 13.43 29.24 -30.14
C VAL I 133 12.81 29.70 -31.47
N TRP I 134 12.11 30.83 -31.46
CA TRP I 134 11.49 31.35 -32.69
C TRP I 134 12.54 31.72 -33.74
N HIS I 135 13.67 32.28 -33.29
CA HIS I 135 14.72 32.65 -34.23
C HIS I 135 15.25 31.40 -34.93
N PHE I 136 15.60 30.41 -34.12
CA PHE I 136 16.12 29.16 -34.64
C PHE I 136 15.10 28.53 -35.56
N ARG I 137 13.83 28.58 -35.18
CA ARG I 137 12.80 28.02 -36.03
C ARG I 137 12.80 28.72 -37.39
N ARG I 138 13.06 30.03 -37.40
CA ARG I 138 13.09 30.78 -38.65
C ARG I 138 14.31 30.36 -39.46
N VAL I 139 15.43 30.11 -38.77
CA VAL I 139 16.65 29.66 -39.43
C VAL I 139 16.32 28.35 -40.16
N LEU I 140 15.64 27.46 -39.45
CA LEU I 140 15.25 26.17 -40.01
C LEU I 140 14.24 26.33 -41.16
N LEU I 141 13.29 27.23 -41.02
CA LEU I 141 12.30 27.44 -42.07
C LEU I 141 13.01 27.71 -43.38
N ARG I 142 14.10 28.49 -43.31
CA ARG I 142 14.88 28.82 -44.49
C ARG I 142 15.71 27.62 -44.92
N SER I 143 16.58 27.14 -44.04
CA SER I 143 17.44 25.99 -44.34
C SER I 143 16.69 24.83 -44.97
N LEU I 144 15.57 24.44 -44.37
CA LEU I 144 14.79 23.32 -44.88
C LEU I 144 13.77 23.75 -45.93
N GLN I 145 13.83 25.01 -46.35
CA GLN I 145 12.90 25.53 -47.34
C GLN I 145 11.47 25.04 -47.10
N LYS I 146 10.95 25.28 -45.90
CA LYS I 146 9.60 24.86 -45.53
C LYS I 146 8.53 25.70 -46.20
N ASP I 147 7.34 25.14 -46.32
CA ASP I 147 6.22 25.84 -46.92
C ASP I 147 5.79 26.97 -45.99
N LEU I 148 6.13 28.20 -46.35
CA LEU I 148 5.78 29.35 -45.53
C LEU I 148 4.27 29.56 -45.39
N GLN I 149 3.49 29.12 -46.36
CA GLN I 149 2.05 29.29 -46.26
C GLN I 149 1.55 28.41 -45.13
N GLU I 150 2.25 27.32 -44.88
CA GLU I 150 1.87 26.41 -43.81
C GLU I 150 2.21 27.07 -42.47
N GLU I 151 3.38 27.70 -42.42
CA GLU I 151 3.83 28.37 -41.21
C GLU I 151 2.85 29.51 -40.86
N MET I 152 2.25 30.12 -41.87
CA MET I 152 1.30 31.19 -41.62
C MET I 152 0.10 30.64 -40.86
N ASN I 153 -0.31 29.43 -41.18
CA ASN I 153 -1.45 28.83 -40.48
C ASN I 153 -1.04 28.55 -39.05
N TYR I 154 0.19 28.07 -38.90
CA TYR I 154 0.72 27.77 -37.58
C TYR I 154 0.71 29.01 -36.68
N ILE I 155 1.39 30.07 -37.12
CA ILE I 155 1.47 31.29 -36.34
C ILE I 155 0.09 31.90 -36.15
N ILE I 156 -0.80 31.71 -37.11
CA ILE I 156 -2.13 32.27 -36.96
C ILE I 156 -2.82 31.64 -35.75
N ALA I 157 -2.64 30.34 -35.56
CA ALA I 157 -3.26 29.63 -34.43
C ALA I 157 -2.61 30.05 -33.13
N ILE I 158 -1.28 30.09 -33.13
CA ILE I 158 -0.49 30.47 -31.96
C ILE I 158 -0.89 31.84 -31.44
N ILE I 159 -0.95 32.83 -32.32
CA ILE I 159 -1.31 34.18 -31.91
C ILE I 159 -2.70 34.26 -31.32
N GLU I 160 -3.63 33.46 -31.81
CA GLU I 160 -4.99 33.49 -31.29
C GLU I 160 -5.01 33.04 -29.84
N GLU I 161 -4.12 32.11 -29.50
CA GLU I 161 -4.03 31.59 -28.14
C GLU I 161 -3.23 32.53 -27.24
N GLN I 162 -2.26 33.22 -27.83
CA GLN I 162 -1.41 34.13 -27.07
C GLN I 162 -1.25 35.46 -27.80
N PRO I 163 -2.35 36.22 -27.91
CA PRO I 163 -2.37 37.52 -28.59
C PRO I 163 -1.57 38.64 -27.96
N LYS I 164 -1.06 38.46 -26.75
CA LYS I 164 -0.30 39.51 -26.11
C LYS I 164 1.18 39.16 -26.01
N ASN I 165 1.61 38.20 -26.81
CA ASN I 165 2.99 37.75 -26.82
C ASN I 165 3.77 38.52 -27.91
N TYR I 166 4.90 39.12 -27.54
CA TYR I 166 5.71 39.89 -28.49
C TYR I 166 6.34 39.06 -29.59
N GLN I 167 6.92 37.92 -29.21
CA GLN I 167 7.58 37.03 -30.16
C GLN I 167 6.71 36.52 -31.29
N VAL I 168 5.47 36.16 -30.98
CA VAL I 168 4.60 35.63 -32.02
C VAL I 168 4.24 36.68 -33.06
N TRP I 169 4.04 37.93 -32.64
CA TRP I 169 3.71 38.98 -33.59
C TRP I 169 4.94 39.28 -34.44
N HIS I 170 6.11 39.23 -33.82
CA HIS I 170 7.32 39.50 -34.57
C HIS I 170 7.50 38.41 -35.65
N HIS I 171 7.30 37.16 -35.25
CA HIS I 171 7.44 36.05 -36.18
C HIS I 171 6.50 36.25 -37.37
N ARG I 172 5.23 36.54 -37.11
CA ARG I 172 4.28 36.74 -38.20
C ARG I 172 4.72 37.85 -39.13
N ARG I 173 5.24 38.93 -38.57
CA ARG I 173 5.66 40.02 -39.42
C ARG I 173 6.81 39.59 -40.35
N VAL I 174 7.74 38.81 -39.81
CA VAL I 174 8.84 38.35 -40.63
C VAL I 174 8.33 37.48 -41.77
N LEU I 175 7.37 36.60 -41.47
CA LEU I 175 6.80 35.74 -42.49
C LEU I 175 6.16 36.55 -43.60
N VAL I 176 5.34 37.51 -43.22
CA VAL I 176 4.67 38.34 -44.20
C VAL I 176 5.69 39.07 -45.07
N GLU I 177 6.81 39.49 -44.47
CA GLU I 177 7.86 40.18 -45.23
C GLU I 177 8.44 39.20 -46.24
N TRP I 178 8.71 37.97 -45.80
CA TRP I 178 9.26 36.95 -46.68
C TRP I 178 8.33 36.66 -47.85
N LEU I 179 7.07 36.43 -47.55
CA LEU I 179 6.09 36.14 -48.59
C LEU I 179 5.70 37.35 -49.43
N LYS I 180 5.91 38.55 -48.91
CA LYS I 180 5.51 39.76 -49.62
C LYS I 180 4.02 39.62 -49.90
N ASP I 181 3.32 38.90 -49.02
CA ASP I 181 1.89 38.65 -49.17
C ASP I 181 1.09 39.15 -47.95
N PRO I 182 0.40 40.28 -48.10
CA PRO I 182 -0.39 40.80 -46.97
C PRO I 182 -1.87 40.46 -47.06
N SER I 183 -2.24 39.66 -48.07
CA SER I 183 -3.63 39.29 -48.31
C SER I 183 -4.45 38.79 -47.10
N GLN I 184 -3.82 38.11 -46.14
CA GLN I 184 -4.53 37.59 -44.98
C GLN I 184 -4.58 38.55 -43.78
N GLU I 185 -3.58 39.44 -43.69
CA GLU I 185 -3.43 40.35 -42.58
C GLU I 185 -4.60 41.17 -42.04
N LEU I 186 -5.21 42.03 -42.84
CA LEU I 186 -6.31 42.84 -42.34
C LEU I 186 -7.45 42.06 -41.71
N GLU I 187 -7.77 40.90 -42.28
CA GLU I 187 -8.86 40.08 -41.78
C GLU I 187 -8.42 39.42 -40.48
N PHE I 188 -7.21 38.88 -40.49
CA PHE I 188 -6.67 38.22 -39.31
C PHE I 188 -6.67 39.17 -38.11
N ILE I 189 -6.12 40.36 -38.33
CA ILE I 189 -6.05 41.37 -37.28
C ILE I 189 -7.44 41.74 -36.79
N ALA I 190 -8.39 41.85 -37.72
CA ALA I 190 -9.75 42.20 -37.35
C ALA I 190 -10.32 41.14 -36.40
N ASP I 191 -9.94 39.88 -36.60
CA ASP I 191 -10.40 38.81 -35.73
C ASP I 191 -9.81 38.95 -34.35
N ILE I 192 -8.49 39.15 -34.29
CA ILE I 192 -7.81 39.33 -33.02
C ILE I 192 -8.40 40.54 -32.30
N LEU I 193 -8.65 41.62 -33.04
CA LEU I 193 -9.22 42.82 -32.45
C LEU I 193 -10.60 42.55 -31.90
N ASN I 194 -11.18 41.41 -32.28
CA ASN I 194 -12.51 41.06 -31.77
C ASN I 194 -12.44 40.51 -30.36
N GLN I 195 -11.30 39.92 -29.98
CA GLN I 195 -11.18 39.44 -28.61
C GLN I 195 -10.66 40.59 -27.72
N ASP I 196 -10.10 41.62 -28.35
CA ASP I 196 -9.62 42.77 -27.61
C ASP I 196 -9.38 43.90 -28.58
N ALA I 197 -10.36 44.79 -28.68
CA ALA I 197 -10.28 45.90 -29.60
C ALA I 197 -9.17 46.90 -29.33
N LYS I 198 -8.46 46.71 -28.22
CA LYS I 198 -7.40 47.63 -27.87
C LYS I 198 -6.01 47.01 -27.81
N ASN I 199 -5.92 45.76 -28.25
CA ASN I 199 -4.67 45.02 -28.25
C ASN I 199 -3.59 45.84 -28.98
N TYR I 200 -2.62 46.36 -28.25
CA TYR I 200 -1.59 47.18 -28.86
C TYR I 200 -0.81 46.46 -29.96
N HIS I 201 -0.54 45.18 -29.76
CA HIS I 201 0.21 44.38 -30.73
C HIS I 201 -0.55 44.32 -32.05
N ALA I 202 -1.86 44.11 -31.96
CA ALA I 202 -2.69 44.00 -33.14
C ALA I 202 -2.69 45.30 -33.95
N TRP I 203 -2.87 46.42 -33.27
CA TRP I 203 -2.88 47.70 -33.96
C TRP I 203 -1.53 48.01 -34.56
N GLN I 204 -0.48 47.66 -33.85
CA GLN I 204 0.87 47.92 -34.34
C GLN I 204 1.10 47.13 -35.62
N HIS I 205 0.70 45.86 -35.61
CA HIS I 205 0.87 45.01 -36.78
C HIS I 205 0.01 45.54 -37.91
N ARG I 206 -1.20 45.97 -37.60
CA ARG I 206 -2.11 46.50 -38.62
C ARG I 206 -1.52 47.73 -39.30
N GLN I 207 -0.94 48.64 -38.51
CA GLN I 207 -0.35 49.83 -39.10
C GLN I 207 0.85 49.46 -39.97
N TRP I 208 1.65 48.49 -39.52
CA TRP I 208 2.79 48.08 -40.31
C TRP I 208 2.34 47.56 -41.67
N VAL I 209 1.42 46.61 -41.65
CA VAL I 209 0.92 46.04 -42.90
C VAL I 209 0.41 47.13 -43.83
N ILE I 210 -0.54 47.93 -43.37
CA ILE I 210 -1.11 48.98 -44.19
C ILE I 210 -0.07 49.90 -44.80
N GLN I 211 0.93 50.28 -44.00
CA GLN I 211 1.97 51.18 -44.48
C GLN I 211 2.89 50.49 -45.48
N GLU I 212 3.38 49.32 -45.11
CA GLU I 212 4.31 48.55 -45.93
C GLU I 212 3.75 48.11 -47.28
N PHE I 213 2.46 47.80 -47.35
CA PHE I 213 1.86 47.34 -48.60
C PHE I 213 0.83 48.32 -49.14
N ARG I 214 0.87 49.55 -48.63
CA ARG I 214 -0.06 50.59 -49.05
C ARG I 214 -1.51 50.11 -49.18
N LEU I 215 -2.08 49.64 -48.08
CA LEU I 215 -3.45 49.15 -48.08
C LEU I 215 -4.38 50.14 -47.38
N TRP I 216 -4.40 51.37 -47.86
CA TRP I 216 -5.21 52.40 -47.23
C TRP I 216 -6.67 52.43 -47.65
N ASP I 217 -6.94 52.00 -48.86
CA ASP I 217 -8.27 52.02 -49.43
C ASP I 217 -9.50 51.76 -48.56
N ASN I 218 -9.41 50.85 -47.61
CA ASN I 218 -10.60 50.55 -46.81
C ASN I 218 -10.49 50.77 -45.33
N GLU I 219 -9.34 51.27 -44.88
CA GLU I 219 -9.15 51.46 -43.45
C GLU I 219 -10.05 52.52 -42.84
N LEU I 220 -10.22 53.66 -43.50
CA LEU I 220 -11.08 54.70 -42.96
C LEU I 220 -12.51 54.18 -42.73
N GLN I 221 -12.92 53.24 -43.56
CA GLN I 221 -14.25 52.67 -43.43
C GLN I 221 -14.26 51.74 -42.23
N TYR I 222 -13.20 50.96 -42.09
CA TYR I 222 -13.05 50.03 -40.98
C TYR I 222 -13.12 50.81 -39.66
N VAL I 223 -12.46 51.96 -39.67
CA VAL I 223 -12.42 52.85 -38.52
C VAL I 223 -13.83 53.33 -38.18
N ASP I 224 -14.57 53.79 -39.19
CA ASP I 224 -15.94 54.25 -38.98
C ASP I 224 -16.78 53.17 -38.34
N GLN I 225 -16.58 51.93 -38.79
CA GLN I 225 -17.34 50.81 -38.26
C GLN I 225 -17.03 50.55 -36.79
N LEU I 226 -15.75 50.51 -36.46
CA LEU I 226 -15.34 50.26 -35.08
C LEU I 226 -15.73 51.38 -34.14
N LEU I 227 -15.72 52.63 -34.63
CA LEU I 227 -16.10 53.73 -33.77
C LEU I 227 -17.57 53.64 -33.41
N LYS I 228 -18.36 52.98 -34.26
CA LYS I 228 -19.77 52.82 -33.99
C LYS I 228 -19.93 51.75 -32.92
N GLU I 229 -19.07 50.74 -32.96
CA GLU I 229 -19.11 49.66 -31.97
C GLU I 229 -18.74 50.16 -30.57
N ASP I 230 -17.81 51.11 -30.52
CA ASP I 230 -17.36 51.68 -29.25
C ASP I 230 -16.63 52.98 -29.51
N VAL I 231 -17.36 54.08 -29.48
CA VAL I 231 -16.81 55.41 -29.73
C VAL I 231 -15.74 55.82 -28.70
N ARG I 232 -15.59 55.02 -27.64
CA ARG I 232 -14.59 55.36 -26.62
C ARG I 232 -13.25 54.66 -26.84
N ASN I 233 -13.15 53.83 -27.88
CA ASN I 233 -11.92 53.12 -28.16
C ASN I 233 -10.83 54.05 -28.69
N ASN I 234 -9.94 54.47 -27.80
CA ASN I 234 -8.87 55.39 -28.15
C ASN I 234 -8.00 54.88 -29.29
N SER I 235 -7.87 53.55 -29.40
CA SER I 235 -7.04 52.94 -30.44
C SER I 235 -7.60 53.24 -31.84
N VAL I 236 -8.93 53.22 -31.94
CA VAL I 236 -9.59 53.47 -33.21
C VAL I 236 -9.46 54.94 -33.60
N TRP I 237 -9.56 55.85 -32.64
CA TRP I 237 -9.41 57.26 -32.97
C TRP I 237 -8.00 57.49 -33.49
N ASN I 238 -7.03 56.80 -32.90
CA ASN I 238 -5.67 56.95 -33.35
C ASN I 238 -5.56 56.42 -34.78
N GLN I 239 -6.19 55.29 -35.04
CA GLN I 239 -6.15 54.69 -36.37
C GLN I 239 -6.74 55.65 -37.39
N ARG I 240 -7.80 56.34 -37.00
CA ARG I 240 -8.44 57.29 -37.90
C ARG I 240 -7.44 58.35 -38.32
N HIS I 241 -6.74 58.94 -37.34
CA HIS I 241 -5.76 59.96 -37.65
C HIS I 241 -4.63 59.39 -38.49
N PHE I 242 -4.30 58.12 -38.26
CA PHE I 242 -3.25 57.42 -38.98
C PHE I 242 -3.61 57.38 -40.46
N VAL I 243 -4.81 56.87 -40.77
CA VAL I 243 -5.26 56.76 -42.15
C VAL I 243 -5.30 58.11 -42.85
N ILE I 244 -6.04 59.05 -42.30
CA ILE I 244 -6.16 60.35 -42.89
C ILE I 244 -4.86 61.08 -43.09
N SER I 245 -4.03 61.18 -42.05
CA SER I 245 -2.77 61.90 -42.21
C SER I 245 -1.83 61.23 -43.22
N ASN I 246 -2.07 59.96 -43.51
CA ASN I 246 -1.23 59.24 -44.45
C ASN I 246 -1.82 59.17 -45.84
N THR I 247 -3.02 59.72 -46.00
CA THR I 247 -3.64 59.73 -47.31
C THR I 247 -3.87 61.16 -47.77
N THR I 248 -5.05 61.71 -47.49
CA THR I 248 -5.39 63.07 -47.88
C THR I 248 -4.70 64.15 -47.07
N GLY I 249 -4.37 63.86 -45.81
CA GLY I 249 -3.76 64.87 -44.98
C GLY I 249 -4.89 65.74 -44.45
N TYR I 250 -4.59 66.68 -43.57
CA TYR I 250 -5.65 67.52 -43.03
C TYR I 250 -5.61 68.93 -43.59
N SER I 251 -4.59 69.22 -44.40
CA SER I 251 -4.43 70.54 -44.99
C SER I 251 -5.58 70.88 -45.94
N ASP I 252 -6.27 69.85 -46.43
CA ASP I 252 -7.39 70.10 -47.32
C ASP I 252 -8.57 70.53 -46.47
N ARG I 253 -8.87 71.82 -46.51
CA ARG I 253 -9.98 72.38 -45.74
C ARG I 253 -11.27 71.59 -45.81
N ALA I 254 -11.50 70.92 -46.93
CA ALA I 254 -12.71 70.12 -47.07
C ALA I 254 -12.64 68.94 -46.10
N VAL I 255 -11.46 68.33 -46.02
CA VAL I 255 -11.25 67.19 -45.14
C VAL I 255 -11.28 67.63 -43.67
N LEU I 256 -10.57 68.72 -43.36
CA LEU I 256 -10.53 69.23 -41.99
C LEU I 256 -11.93 69.48 -41.50
N GLU I 257 -12.75 70.12 -42.33
CA GLU I 257 -14.11 70.40 -41.95
C GLU I 257 -14.90 69.11 -41.75
N ARG I 258 -14.75 68.16 -42.65
CA ARG I 258 -15.48 66.89 -42.52
C ARG I 258 -15.12 66.23 -41.19
N GLU I 259 -13.82 66.24 -40.87
CA GLU I 259 -13.34 65.62 -39.65
C GLU I 259 -13.82 66.35 -38.40
N VAL I 260 -13.68 67.66 -38.38
CA VAL I 260 -14.12 68.43 -37.23
C VAL I 260 -15.62 68.22 -37.03
N GLN I 261 -16.34 68.15 -38.14
CA GLN I 261 -17.77 67.96 -38.07
C GLN I 261 -18.09 66.57 -37.54
N TYR I 262 -17.37 65.57 -38.04
CA TYR I 262 -17.55 64.17 -37.65
C TYR I 262 -17.34 63.99 -36.15
N THR I 263 -16.28 64.61 -35.65
CA THR I 263 -15.93 64.53 -34.25
C THR I 263 -16.99 65.20 -33.38
N LEU I 264 -17.40 66.40 -33.74
CA LEU I 264 -18.43 67.09 -32.97
C LEU I 264 -19.70 66.23 -32.88
N GLU I 265 -19.97 65.49 -33.95
CA GLU I 265 -21.14 64.62 -33.95
C GLU I 265 -20.95 63.51 -32.91
N MET I 266 -19.76 62.91 -32.88
CA MET I 266 -19.45 61.84 -31.93
C MET I 266 -19.46 62.38 -30.51
N ILE I 267 -18.99 63.61 -30.35
CA ILE I 267 -18.99 64.24 -29.04
C ILE I 267 -20.43 64.45 -28.55
N LYS I 268 -21.31 64.86 -29.46
CA LYS I 268 -22.71 65.07 -29.11
C LYS I 268 -23.36 63.77 -28.65
N LEU I 269 -22.92 62.64 -29.19
CA LEU I 269 -23.48 61.35 -28.81
C LEU I 269 -22.97 60.87 -27.46
N VAL I 270 -21.70 61.18 -27.15
CA VAL I 270 -21.09 60.78 -25.90
C VAL I 270 -20.13 61.90 -25.53
N PRO I 271 -20.65 62.97 -24.92
CA PRO I 271 -19.90 64.16 -24.50
C PRO I 271 -18.69 63.90 -23.63
N HIS I 272 -18.76 62.87 -22.80
CA HIS I 272 -17.65 62.55 -21.91
C HIS I 272 -16.78 61.47 -22.54
N ASN I 273 -15.92 61.88 -23.47
CA ASN I 273 -15.04 60.95 -24.17
C ASN I 273 -13.73 61.66 -24.52
N GLU I 274 -12.73 61.47 -23.67
CA GLU I 274 -11.44 62.11 -23.89
C GLU I 274 -10.89 61.90 -25.30
N SER I 275 -11.05 60.68 -25.83
CA SER I 275 -10.55 60.33 -27.15
C SER I 275 -11.06 61.28 -28.24
N ALA I 276 -12.36 61.49 -28.29
CA ALA I 276 -12.95 62.37 -29.29
C ALA I 276 -12.39 63.78 -29.12
N TRP I 277 -12.36 64.26 -27.89
CA TRP I 277 -11.84 65.60 -27.66
C TRP I 277 -10.37 65.73 -28.04
N ASN I 278 -9.59 64.69 -27.75
CA ASN I 278 -8.17 64.73 -28.08
C ASN I 278 -7.97 64.78 -29.59
N TYR I 279 -8.83 64.06 -30.33
CA TYR I 279 -8.74 64.04 -31.79
C TYR I 279 -9.06 65.45 -32.30
N LEU I 280 -10.16 66.01 -31.80
CA LEU I 280 -10.57 67.34 -32.20
C LEU I 280 -9.46 68.36 -31.96
N LYS I 281 -8.91 68.38 -30.75
CA LYS I 281 -7.83 69.31 -30.46
C LYS I 281 -6.59 68.96 -31.27
N GLY I 282 -6.36 67.66 -31.46
CA GLY I 282 -5.19 67.20 -32.18
C GLY I 282 -5.10 67.74 -33.59
N ILE I 283 -6.19 67.65 -34.33
CA ILE I 283 -6.18 68.11 -35.71
C ILE I 283 -6.26 69.63 -35.89
N LEU I 284 -6.38 70.36 -34.79
CA LEU I 284 -6.46 71.82 -34.89
C LEU I 284 -5.40 72.57 -34.11
N GLN I 285 -4.87 71.98 -33.05
CA GLN I 285 -3.89 72.68 -32.23
C GLN I 285 -2.70 73.28 -32.96
N ASP I 286 -2.22 72.62 -34.01
CA ASP I 286 -1.07 73.15 -34.71
C ASP I 286 -1.41 74.25 -35.71
N ARG I 287 -2.64 74.26 -36.18
CA ARG I 287 -3.06 75.29 -37.11
C ARG I 287 -3.40 76.53 -36.29
N GLY I 288 -3.72 76.31 -35.02
CA GLY I 288 -4.07 77.42 -34.14
C GLY I 288 -5.54 77.39 -33.74
N LEU I 289 -5.82 76.97 -32.51
CA LEU I 289 -7.21 76.90 -32.03
C LEU I 289 -7.98 78.20 -32.12
N SER I 290 -7.29 79.33 -31.90
CA SER I 290 -7.93 80.63 -31.96
C SER I 290 -8.31 81.09 -33.37
N ARG I 291 -7.78 80.43 -34.40
CA ARG I 291 -8.11 80.80 -35.77
C ARG I 291 -9.47 80.25 -36.21
N TYR I 292 -10.22 79.66 -35.29
CA TYR I 292 -11.53 79.09 -35.63
C TYR I 292 -12.66 79.64 -34.76
N PRO I 293 -13.03 80.91 -34.98
CA PRO I 293 -14.09 81.65 -34.26
C PRO I 293 -15.41 80.93 -34.07
N ASN I 294 -15.90 80.24 -35.10
CA ASN I 294 -17.17 79.52 -34.97
C ASN I 294 -17.09 78.31 -34.05
N LEU I 295 -15.87 77.79 -33.85
CA LEU I 295 -15.71 76.65 -32.97
C LEU I 295 -15.92 77.13 -31.54
N LEU I 296 -15.25 78.22 -31.19
CA LEU I 296 -15.38 78.78 -29.84
C LEU I 296 -16.84 79.00 -29.48
N ASN I 297 -17.63 79.51 -30.41
CA ASN I 297 -19.05 79.75 -30.15
C ASN I 297 -19.80 78.44 -30.10
N GLN I 298 -19.61 77.60 -31.10
CA GLN I 298 -20.32 76.32 -31.14
C GLN I 298 -20.06 75.52 -29.85
N LEU I 299 -18.89 75.72 -29.24
CA LEU I 299 -18.58 75.01 -28.00
C LEU I 299 -19.26 75.66 -26.81
N LEU I 300 -19.20 76.99 -26.74
CA LEU I 300 -19.83 77.74 -25.66
C LEU I 300 -21.33 77.46 -25.63
N ASP I 301 -21.91 77.09 -26.76
CA ASP I 301 -23.33 76.79 -26.82
C ASP I 301 -23.62 75.37 -26.33
N LEU I 302 -22.62 74.50 -26.37
CA LEU I 302 -22.77 73.12 -25.91
C LEU I 302 -22.64 73.07 -24.40
N GLN I 303 -21.82 73.98 -23.86
CA GLN I 303 -21.55 74.07 -22.42
C GLN I 303 -22.79 73.83 -21.55
N PRO I 304 -23.92 74.47 -21.88
CA PRO I 304 -25.13 74.28 -21.09
C PRO I 304 -25.46 72.81 -20.86
N SER I 305 -25.74 72.08 -21.94
CA SER I 305 -26.09 70.67 -21.87
C SER I 305 -24.91 69.69 -21.89
N HIS I 306 -24.27 69.55 -23.06
CA HIS I 306 -23.14 68.63 -23.23
C HIS I 306 -21.83 69.05 -22.57
N SER I 307 -21.86 69.49 -21.32
CA SER I 307 -20.63 69.90 -20.65
C SER I 307 -19.83 68.68 -20.12
N SER I 308 -18.52 68.88 -19.99
CA SER I 308 -17.60 67.85 -19.49
C SER I 308 -16.29 68.57 -19.26
N PRO I 309 -15.44 68.03 -18.39
CA PRO I 309 -14.15 68.69 -18.14
C PRO I 309 -13.30 68.85 -19.41
N TYR I 310 -13.56 68.00 -20.39
CA TYR I 310 -12.84 68.02 -21.65
C TYR I 310 -13.18 69.29 -22.42
N LEU I 311 -14.47 69.61 -22.44
CA LEU I 311 -14.96 70.81 -23.14
C LEU I 311 -14.40 72.08 -22.49
N ILE I 312 -14.51 72.16 -21.17
CA ILE I 312 -14.02 73.34 -20.45
C ILE I 312 -12.53 73.54 -20.75
N ALA I 313 -11.77 72.45 -20.67
CA ALA I 313 -10.33 72.49 -20.93
C ALA I 313 -10.09 72.96 -22.36
N PHE I 314 -10.93 72.51 -23.29
CA PHE I 314 -10.77 72.92 -24.68
C PHE I 314 -10.90 74.45 -24.76
N LEU I 315 -11.92 74.99 -24.07
CA LEU I 315 -12.14 76.43 -24.03
C LEU I 315 -10.91 77.12 -23.45
N VAL I 316 -10.39 76.59 -22.35
CA VAL I 316 -9.21 77.19 -21.74
C VAL I 316 -8.05 77.22 -22.74
N ASP I 317 -7.91 76.15 -23.50
CA ASP I 317 -6.85 76.07 -24.49
C ASP I 317 -7.06 77.05 -25.62
N ILE I 318 -8.31 77.24 -26.03
CA ILE I 318 -8.63 78.21 -27.08
C ILE I 318 -8.20 79.59 -26.59
N TYR I 319 -8.69 79.97 -25.40
CA TYR I 319 -8.35 81.26 -24.82
C TYR I 319 -6.85 81.45 -24.73
N GLU I 320 -6.13 80.40 -24.33
CA GLU I 320 -4.69 80.55 -24.22
C GLU I 320 -4.07 80.79 -25.58
N ASP I 321 -4.65 80.21 -26.63
CA ASP I 321 -4.10 80.39 -27.97
C ASP I 321 -4.29 81.86 -28.35
N MET I 322 -5.40 82.43 -27.93
CA MET I 322 -5.69 83.83 -28.21
C MET I 322 -4.62 84.67 -27.53
N LEU I 323 -4.50 84.55 -26.22
CA LEU I 323 -3.49 85.30 -25.48
C LEU I 323 -2.13 85.17 -26.16
N GLU I 324 -1.88 84.00 -26.73
CA GLU I 324 -0.62 83.70 -27.39
C GLU I 324 -0.44 84.52 -28.68
N ASN I 325 -1.56 84.88 -29.29
CA ASN I 325 -1.53 85.66 -30.52
C ASN I 325 -2.00 87.10 -30.31
N GLN I 326 -1.46 87.73 -29.27
CA GLN I 326 -1.80 89.11 -28.94
C GLN I 326 -3.18 89.48 -29.45
N CYS I 327 -4.22 88.89 -28.87
CA CYS I 327 -5.59 89.16 -29.28
C CYS I 327 -6.10 90.46 -28.67
N ASP I 328 -7.31 90.84 -29.04
CA ASP I 328 -7.93 92.05 -28.50
C ASP I 328 -8.64 91.72 -27.19
N ASN I 329 -8.43 92.57 -26.18
CA ASN I 329 -9.00 92.38 -24.84
C ASN I 329 -8.17 91.35 -24.09
N LYS I 330 -6.85 91.46 -24.24
CA LYS I 330 -5.94 90.53 -23.59
C LYS I 330 -6.33 90.27 -22.15
N GLU I 331 -6.57 91.33 -21.39
CA GLU I 331 -6.94 91.20 -19.99
C GLU I 331 -8.32 90.56 -19.78
N ASP I 332 -9.23 90.79 -20.71
CA ASP I 332 -10.57 90.22 -20.63
C ASP I 332 -10.54 88.72 -20.87
N ILE I 333 -9.79 88.30 -21.90
CA ILE I 333 -9.66 86.88 -22.25
C ILE I 333 -9.04 86.10 -21.10
N LEU I 334 -7.88 86.56 -20.64
CA LEU I 334 -7.17 85.93 -19.54
C LEU I 334 -8.12 85.58 -18.40
N ASN I 335 -9.03 86.48 -18.08
CA ASN I 335 -9.97 86.25 -17.01
C ASN I 335 -10.98 85.17 -17.38
N LYS I 336 -11.38 85.13 -18.65
CA LYS I 336 -12.32 84.11 -19.10
C LYS I 336 -11.70 82.73 -18.88
N ALA I 337 -10.38 82.68 -19.08
CA ALA I 337 -9.62 81.45 -18.92
C ALA I 337 -9.51 81.11 -17.45
N LEU I 338 -8.91 82.01 -16.68
CA LEU I 338 -8.74 81.81 -15.25
C LEU I 338 -10.04 81.44 -14.55
N GLU I 339 -11.16 81.94 -15.07
CA GLU I 339 -12.44 81.62 -14.48
C GLU I 339 -12.80 80.16 -14.74
N LEU I 340 -12.45 79.67 -15.93
CA LEU I 340 -12.72 78.27 -16.28
C LEU I 340 -11.75 77.37 -15.51
N CYS I 341 -10.50 77.78 -15.39
CA CYS I 341 -9.50 77.01 -14.65
C CYS I 341 -10.07 76.71 -13.28
N GLU I 342 -10.60 77.76 -12.65
CA GLU I 342 -11.17 77.62 -11.32
C GLU I 342 -12.39 76.71 -11.35
N ILE I 343 -13.21 76.81 -12.39
CA ILE I 343 -14.39 75.95 -12.46
C ILE I 343 -13.94 74.49 -12.52
N LEU I 344 -12.82 74.24 -13.19
CA LEU I 344 -12.27 72.88 -13.30
C LEU I 344 -11.76 72.42 -11.93
N ALA I 345 -10.89 73.23 -11.33
CA ALA I 345 -10.31 72.91 -10.03
C ALA I 345 -11.34 72.77 -8.91
N LYS I 346 -12.37 73.60 -8.94
CA LYS I 346 -13.39 73.55 -7.89
C LYS I 346 -14.53 72.57 -8.10
N GLU I 347 -14.93 72.28 -9.34
CA GLU I 347 -16.04 71.34 -9.49
C GLU I 347 -16.10 70.46 -10.73
N LYS I 348 -15.38 70.81 -11.79
CA LYS I 348 -15.44 70.00 -13.01
C LYS I 348 -14.38 68.90 -13.17
N ASP I 349 -13.18 69.18 -12.68
CA ASP I 349 -12.08 68.24 -12.79
C ASP I 349 -11.30 68.31 -11.48
N THR I 350 -12.02 68.10 -10.38
CA THR I 350 -11.44 68.18 -9.04
C THR I 350 -10.18 67.36 -8.82
N ILE I 351 -10.11 66.16 -9.37
CA ILE I 351 -8.94 65.31 -9.18
C ILE I 351 -7.67 66.01 -9.64
N ARG I 352 -7.82 66.96 -10.56
CA ARG I 352 -6.68 67.72 -11.08
C ARG I 352 -6.68 69.16 -10.57
N LYS I 353 -7.40 69.41 -9.47
CA LYS I 353 -7.51 70.73 -8.88
C LYS I 353 -6.19 71.49 -8.80
N GLU I 354 -5.16 70.90 -8.19
CA GLU I 354 -3.88 71.56 -8.07
C GLU I 354 -3.26 71.82 -9.43
N TYR I 355 -3.45 70.90 -10.37
CA TYR I 355 -2.90 71.07 -11.71
C TYR I 355 -3.49 72.32 -12.37
N TRP I 356 -4.82 72.37 -12.40
CA TRP I 356 -5.54 73.49 -12.99
C TRP I 356 -5.18 74.83 -12.35
N ARG I 357 -5.06 74.86 -11.03
CA ARG I 357 -4.69 76.09 -10.36
C ARG I 357 -3.29 76.46 -10.82
N TYR I 358 -2.43 75.45 -10.97
CA TYR I 358 -1.08 75.67 -11.44
C TYR I 358 -1.15 76.26 -12.85
N ILE I 359 -2.10 75.79 -13.65
CA ILE I 359 -2.25 76.28 -15.01
C ILE I 359 -2.70 77.74 -14.96
N GLY I 360 -3.71 78.00 -14.13
CA GLY I 360 -4.22 79.35 -13.98
C GLY I 360 -3.08 80.30 -13.61
N ARG I 361 -2.32 79.95 -12.59
CA ARG I 361 -1.21 80.76 -12.15
C ARG I 361 -0.22 81.00 -13.28
N SER I 362 -0.06 80.01 -14.15
CA SER I 362 0.86 80.12 -15.27
C SER I 362 0.38 81.15 -16.28
N LEU I 363 -0.91 81.13 -16.58
CA LEU I 363 -1.51 82.07 -17.51
C LEU I 363 -1.41 83.48 -16.94
N GLN I 364 -1.56 83.57 -15.62
CA GLN I 364 -1.49 84.83 -14.90
C GLN I 364 -0.16 85.52 -15.12
N SER I 365 0.92 84.90 -14.65
CA SER I 365 2.25 85.47 -14.78
C SER I 365 2.77 85.52 -16.21
N LYS I 366 1.98 85.02 -17.16
CA LYS I 366 2.39 85.02 -18.55
C LYS I 366 1.67 86.12 -19.33
N HIS I 367 0.51 86.54 -18.87
CA HIS I 367 -0.24 87.58 -19.57
C HIS I 367 -0.85 88.65 -18.64
N SER I 368 -0.03 89.58 -18.16
CA SER I 368 -0.52 90.64 -17.28
C SER I 368 0.37 91.88 -17.29
N LEU J 18 -6.20 52.21 3.44
CA LEU J 18 -5.49 51.10 4.12
C LEU J 18 -4.02 51.41 4.41
N ASP J 19 -3.30 50.44 4.94
CA ASP J 19 -1.90 50.62 5.27
C ASP J 19 -0.96 49.78 4.43
N PHE J 20 0.29 50.19 4.41
CA PHE J 20 1.32 49.52 3.64
C PHE J 20 2.00 48.38 4.41
N LEU J 21 1.71 47.14 4.01
CA LEU J 21 2.27 45.96 4.68
C LEU J 21 3.71 45.69 4.26
N ARG J 22 4.60 46.62 4.60
CA ARG J 22 6.01 46.53 4.25
C ARG J 22 6.71 45.19 4.42
N ASP J 23 6.64 44.60 5.60
CA ASP J 23 7.32 43.33 5.84
C ASP J 23 6.81 42.21 4.93
N ARG J 24 5.50 42.21 4.71
CA ARG J 24 4.87 41.22 3.85
C ARG J 24 5.47 41.31 2.43
N HIS J 25 5.70 42.54 1.94
CA HIS J 25 6.28 42.72 0.61
C HIS J 25 7.74 42.31 0.61
N VAL J 26 8.40 42.39 1.76
CA VAL J 26 9.79 41.99 1.82
C VAL J 26 9.82 40.49 1.66
N ARG J 27 8.88 39.82 2.32
CA ARG J 27 8.78 38.37 2.25
C ARG J 27 8.46 37.95 0.81
N PHE J 28 7.61 38.73 0.16
CA PHE J 28 7.20 38.47 -1.21
C PHE J 28 8.41 38.50 -2.15
N PHE J 29 9.16 39.59 -2.12
CA PHE J 29 10.32 39.71 -3.00
C PHE J 29 11.32 38.60 -2.72
N GLN J 30 11.47 38.26 -1.46
CA GLN J 30 12.40 37.21 -1.05
C GLN J 30 12.02 35.90 -1.72
N ARG J 31 10.71 35.62 -1.74
CA ARG J 31 10.19 34.42 -2.36
C ARG J 31 10.55 34.41 -3.85
N CYS J 32 10.38 35.56 -4.50
CA CYS J 32 10.68 35.68 -5.92
C CYS J 32 12.12 35.30 -6.26
N LEU J 33 13.06 35.70 -5.41
CA LEU J 33 14.47 35.38 -5.67
C LEU J 33 14.78 33.89 -5.52
N GLN J 34 13.94 33.19 -4.76
CA GLN J 34 14.16 31.77 -4.51
C GLN J 34 13.69 30.86 -5.63
N VAL J 35 12.43 30.47 -5.57
CA VAL J 35 11.89 29.58 -6.58
C VAL J 35 10.54 30.03 -7.10
N LEU J 36 10.31 29.76 -8.38
CA LEU J 36 9.05 30.11 -9.03
C LEU J 36 8.42 28.83 -9.55
N PRO J 37 7.08 28.74 -9.49
CA PRO J 37 6.35 27.55 -9.97
C PRO J 37 6.49 27.43 -11.48
N GLU J 38 6.33 26.22 -12.01
CA GLU J 38 6.46 26.02 -13.45
C GLU J 38 5.56 26.94 -14.29
N ARG J 39 4.56 27.52 -13.64
CA ARG J 39 3.62 28.42 -14.31
C ARG J 39 4.33 29.69 -14.81
N TYR J 40 5.55 29.93 -14.36
CA TYR J 40 6.27 31.14 -14.76
C TYR J 40 7.29 30.86 -15.84
N SER J 41 7.18 29.69 -16.45
CA SER J 41 8.10 29.28 -17.49
C SER J 41 8.31 30.30 -18.59
N SER J 42 7.29 31.10 -18.88
CA SER J 42 7.39 32.09 -19.94
C SER J 42 8.30 33.25 -19.55
N LEU J 43 8.80 33.22 -18.33
CA LEU J 43 9.67 34.27 -17.83
C LEU J 43 11.11 33.79 -17.85
N GLU J 44 11.32 32.54 -18.24
CA GLU J 44 12.64 31.97 -18.28
C GLU J 44 13.67 32.89 -18.92
N THR J 45 13.47 33.25 -20.18
CA THR J 45 14.42 34.10 -20.85
C THR J 45 14.44 35.53 -20.34
N SER J 46 13.62 35.82 -19.33
CA SER J 46 13.56 37.17 -18.77
C SER J 46 13.79 37.18 -17.27
N ARG J 47 14.31 36.08 -16.75
CA ARG J 47 14.53 35.96 -15.31
C ARG J 47 15.33 37.08 -14.69
N LEU J 48 16.28 37.62 -15.44
CA LEU J 48 17.10 38.70 -14.90
C LEU J 48 16.25 39.93 -14.57
N THR J 49 15.18 40.17 -15.34
CA THR J 49 14.34 41.32 -15.06
C THR J 49 13.48 41.04 -13.83
N ILE J 50 13.18 39.76 -13.59
CA ILE J 50 12.38 39.40 -12.41
C ILE J 50 13.28 39.62 -11.20
N ALA J 51 14.55 39.25 -11.35
CA ALA J 51 15.54 39.43 -10.30
C ALA J 51 15.60 40.90 -9.98
N PHE J 52 15.61 41.71 -11.03
CA PHE J 52 15.65 43.16 -10.89
C PHE J 52 14.47 43.67 -10.09
N PHE J 53 13.26 43.21 -10.42
CA PHE J 53 12.08 43.66 -9.70
C PHE J 53 12.20 43.34 -8.22
N ALA J 54 12.68 42.13 -7.92
CA ALA J 54 12.83 41.69 -6.56
C ALA J 54 13.95 42.42 -5.81
N LEU J 55 15.13 42.48 -6.43
CA LEU J 55 16.27 43.15 -5.83
C LEU J 55 16.05 44.65 -5.67
N SER J 56 15.63 45.31 -6.75
CA SER J 56 15.38 46.74 -6.69
C SER J 56 14.23 47.00 -5.75
N GLY J 57 13.30 46.05 -5.71
CA GLY J 57 12.14 46.17 -4.83
C GLY J 57 12.60 46.13 -3.39
N LEU J 58 13.46 45.15 -3.08
CA LEU J 58 13.98 45.03 -1.73
C LEU J 58 14.75 46.29 -1.39
N ASP J 59 15.59 46.73 -2.32
CA ASP J 59 16.38 47.94 -2.15
C ASP J 59 15.48 49.11 -1.82
N MET J 60 14.38 49.22 -2.55
CA MET J 60 13.43 50.31 -2.35
C MET J 60 12.81 50.24 -0.94
N LEU J 61 12.79 49.05 -0.36
CA LEU J 61 12.22 48.85 0.98
C LEU J 61 13.34 48.83 2.01
N ASP J 62 14.56 48.98 1.52
CA ASP J 62 15.74 48.96 2.36
C ASP J 62 15.80 47.63 3.11
N SER J 63 15.85 46.54 2.36
CA SER J 63 15.91 45.20 2.93
C SER J 63 16.82 44.30 2.13
N LEU J 64 17.80 44.87 1.46
CA LEU J 64 18.74 44.09 0.66
C LEU J 64 19.51 43.09 1.50
N ASP J 65 19.67 43.39 2.79
CA ASP J 65 20.41 42.51 3.68
C ASP J 65 19.85 41.10 3.77
N VAL J 66 18.57 40.92 3.45
CA VAL J 66 17.95 39.59 3.53
C VAL J 66 18.37 38.63 2.43
N VAL J 67 19.36 39.01 1.63
CA VAL J 67 19.85 38.16 0.55
C VAL J 67 21.38 38.17 0.51
N ASN J 68 21.94 37.14 -0.10
CA ASN J 68 23.38 37.02 -0.22
C ASN J 68 23.87 37.79 -1.46
N LYS J 69 24.19 39.07 -1.29
CA LYS J 69 24.64 39.90 -2.38
C LYS J 69 25.73 39.26 -3.23
N ASP J 70 26.73 38.66 -2.59
CA ASP J 70 27.84 38.04 -3.30
C ASP J 70 27.40 36.90 -4.21
N ASP J 71 26.49 36.06 -3.72
CA ASP J 71 26.01 34.93 -4.52
C ASP J 71 25.26 35.43 -5.75
N ILE J 72 24.36 36.39 -5.55
CA ILE J 72 23.58 36.95 -6.63
C ILE J 72 24.45 37.65 -7.67
N ILE J 73 25.48 38.36 -7.21
CA ILE J 73 26.37 39.05 -8.13
C ILE J 73 27.08 38.06 -9.04
N GLU J 74 27.43 36.89 -8.52
CA GLU J 74 28.12 35.89 -9.34
C GLU J 74 27.15 35.33 -10.36
N TRP J 75 25.90 35.16 -9.94
CA TRP J 75 24.88 34.64 -10.84
C TRP J 75 24.71 35.63 -11.99
N ILE J 76 24.59 36.90 -11.66
CA ILE J 76 24.42 37.93 -12.68
C ILE J 76 25.57 37.89 -13.66
N TYR J 77 26.80 37.88 -13.15
CA TYR J 77 27.96 37.85 -14.03
C TYR J 77 28.02 36.58 -14.88
N SER J 78 27.33 35.53 -14.46
CA SER J 78 27.34 34.29 -15.23
C SER J 78 26.43 34.47 -16.44
N LEU J 79 25.70 35.58 -16.47
CA LEU J 79 24.80 35.87 -17.57
C LEU J 79 25.41 36.81 -18.61
N GLN J 80 26.61 37.30 -18.35
CA GLN J 80 27.25 38.20 -19.30
C GLN J 80 27.84 37.45 -20.49
N VAL J 81 27.48 37.89 -21.68
CA VAL J 81 28.01 37.30 -22.91
C VAL J 81 29.30 38.07 -23.18
N LEU J 82 30.43 37.45 -22.85
CA LEU J 82 31.73 38.08 -23.04
C LEU J 82 32.29 37.80 -24.43
N PRO J 83 33.16 38.69 -24.91
CA PRO J 83 33.72 38.46 -26.25
C PRO J 83 34.66 37.27 -26.21
N THR J 84 34.65 36.47 -27.27
CA THR J 84 35.49 35.29 -27.34
C THR J 84 36.94 35.67 -27.61
N GLU J 85 37.82 34.66 -27.62
CA GLU J 85 39.24 34.87 -27.87
C GLU J 85 39.47 35.75 -29.10
N ASP J 86 38.90 35.34 -30.23
CA ASP J 86 39.04 36.09 -31.47
C ASP J 86 38.23 37.38 -31.52
N ARG J 87 37.42 37.63 -30.49
CA ARG J 87 36.60 38.83 -30.42
C ARG J 87 35.75 39.03 -31.69
N SER J 88 35.25 37.93 -32.23
CA SER J 88 34.44 37.96 -33.44
C SER J 88 32.95 38.06 -33.12
N ASN J 89 32.61 38.12 -31.84
CA ASN J 89 31.22 38.19 -31.41
C ASN J 89 30.92 39.49 -30.65
N LEU J 90 31.70 40.53 -30.90
CA LEU J 90 31.48 41.80 -30.19
C LEU J 90 30.06 42.33 -30.35
N ASP J 91 29.54 42.25 -31.56
CA ASP J 91 28.20 42.73 -31.83
C ASP J 91 27.12 41.98 -31.07
N ARG J 92 27.50 40.92 -30.38
CA ARG J 92 26.52 40.12 -29.64
C ARG J 92 26.72 40.13 -28.13
N CYS J 93 27.61 40.98 -27.64
CA CYS J 93 27.86 41.03 -26.22
C CYS J 93 26.83 41.81 -25.43
N GLY J 94 26.76 41.52 -24.13
CA GLY J 94 25.80 42.15 -23.25
C GLY J 94 25.42 41.09 -22.23
N PHE J 95 24.15 41.04 -21.83
CA PHE J 95 23.72 40.03 -20.86
C PHE J 95 22.57 39.16 -21.35
N ARG J 96 22.50 37.93 -20.81
CA ARG J 96 21.44 36.99 -21.15
C ARG J 96 20.38 37.13 -20.06
N GLY J 97 19.15 36.76 -20.38
CA GLY J 97 18.08 36.86 -19.40
C GLY J 97 18.18 35.75 -18.37
N SER J 98 18.82 34.66 -18.75
CA SER J 98 19.01 33.51 -17.89
C SER J 98 19.99 32.55 -18.54
N SER J 99 20.11 31.36 -17.96
CA SER J 99 21.03 30.35 -18.47
C SER J 99 20.33 29.35 -19.38
N TYR J 100 19.16 29.73 -19.90
CA TYR J 100 18.39 28.84 -20.75
C TYR J 100 19.12 28.19 -21.93
N LEU J 101 20.23 28.77 -22.39
CA LEU J 101 20.93 28.17 -23.53
C LEU J 101 21.79 26.98 -23.14
N GLY J 102 22.04 26.83 -21.85
CA GLY J 102 22.84 25.70 -21.41
C GLY J 102 24.33 25.94 -21.42
N ILE J 103 24.75 27.20 -21.42
CA ILE J 103 26.18 27.49 -21.40
C ILE J 103 26.67 27.26 -19.98
N PRO J 104 27.81 26.58 -19.83
CA PRO J 104 28.40 26.27 -18.53
C PRO J 104 28.61 27.50 -17.66
N PHE J 105 28.15 27.41 -16.41
CA PHE J 105 28.26 28.50 -15.45
C PHE J 105 29.65 29.11 -15.42
N ASN J 106 29.73 30.40 -15.72
CA ASN J 106 31.01 31.09 -15.74
C ASN J 106 30.79 32.56 -15.35
N PRO J 107 30.98 32.88 -14.07
CA PRO J 107 30.80 34.24 -13.53
C PRO J 107 31.80 35.25 -14.09
N SER J 108 31.76 35.45 -15.40
CA SER J 108 32.66 36.39 -16.07
C SER J 108 34.10 36.20 -15.63
N LYS J 109 34.52 34.94 -15.54
CA LYS J 109 35.88 34.61 -15.14
C LYS J 109 36.69 34.31 -16.40
N ASN J 110 36.45 33.15 -17.00
CA ASN J 110 37.13 32.76 -18.23
C ASN J 110 36.59 33.56 -19.41
N PRO J 111 37.23 33.45 -20.59
CA PRO J 111 36.76 34.19 -21.76
C PRO J 111 35.48 33.56 -22.32
N GLY J 112 34.89 34.21 -23.32
CA GLY J 112 33.67 33.69 -23.89
C GLY J 112 33.77 32.36 -24.63
N THR J 113 32.82 31.47 -24.36
CA THR J 113 32.76 30.16 -25.01
C THR J 113 31.80 30.28 -26.19
N ALA J 114 32.35 30.26 -27.41
CA ALA J 114 31.56 30.40 -28.62
C ALA J 114 30.30 29.54 -28.65
N HIS J 115 29.23 30.10 -29.19
CA HIS J 115 27.95 29.42 -29.30
C HIS J 115 27.17 30.11 -30.40
N PRO J 116 26.67 29.35 -31.37
CA PRO J 116 25.91 29.86 -32.52
C PRO J 116 24.76 30.84 -32.22
N TYR J 117 24.10 30.66 -31.08
CA TYR J 117 22.96 31.51 -30.76
C TYR J 117 23.01 32.25 -29.45
N ASP J 118 24.19 32.32 -28.84
CA ASP J 118 24.33 33.02 -27.57
C ASP J 118 24.61 34.51 -27.80
N SER J 119 23.65 35.35 -27.40
CA SER J 119 23.80 36.80 -27.55
C SER J 119 23.11 37.48 -26.40
N GLY J 120 23.39 38.76 -26.23
CA GLY J 120 22.76 39.50 -25.15
C GLY J 120 21.38 39.99 -25.56
N HIS J 121 20.63 40.50 -24.59
CA HIS J 121 19.31 41.03 -24.84
C HIS J 121 19.32 42.39 -24.17
N ILE J 122 19.05 43.43 -24.96
CA ILE J 122 19.09 44.78 -24.45
C ILE J 122 18.40 45.03 -23.10
N ALA J 123 17.25 44.39 -22.86
CA ALA J 123 16.55 44.58 -21.60
C ALA J 123 17.26 43.86 -20.46
N MET J 124 18.06 42.86 -20.81
CA MET J 124 18.80 42.10 -19.81
C MET J 124 20.10 42.80 -19.48
N THR J 125 20.71 43.42 -20.50
CA THR J 125 21.94 44.15 -20.27
C THR J 125 21.57 45.31 -19.34
N TYR J 126 20.40 45.90 -19.59
CA TYR J 126 19.92 47.00 -18.77
C TYR J 126 19.66 46.54 -17.34
N THR J 127 18.74 45.60 -17.15
CA THR J 127 18.43 45.13 -15.79
C THR J 127 19.64 44.47 -15.12
N GLY J 128 20.51 43.86 -15.93
CA GLY J 128 21.70 43.22 -15.39
C GLY J 128 22.61 44.25 -14.71
N LEU J 129 23.04 45.25 -15.48
CA LEU J 129 23.89 46.32 -14.96
C LEU J 129 23.20 46.98 -13.78
N SER J 130 21.91 47.23 -13.95
CA SER J 130 21.13 47.85 -12.90
C SER J 130 21.21 47.02 -11.61
N CYS J 131 21.05 45.71 -11.73
CA CYS J 131 21.12 44.83 -10.56
C CYS J 131 22.49 44.88 -9.90
N LEU J 132 23.54 44.80 -10.72
CA LEU J 132 24.90 44.84 -10.23
C LEU J 132 25.13 46.09 -9.36
N ILE J 133 24.72 47.24 -9.87
CA ILE J 133 24.87 48.50 -9.14
C ILE J 133 24.12 48.45 -7.81
N ILE J 134 22.88 47.94 -7.86
CA ILE J 134 22.04 47.84 -6.67
C ILE J 134 22.70 46.96 -5.62
N LEU J 135 23.35 45.89 -6.06
CA LEU J 135 24.01 44.97 -5.14
C LEU J 135 25.37 45.46 -4.66
N GLY J 136 25.77 46.65 -5.11
CA GLY J 136 27.04 47.22 -4.68
C GLY J 136 28.25 46.90 -5.52
N ASP J 137 28.11 46.06 -6.54
CA ASP J 137 29.23 45.72 -7.39
C ASP J 137 29.71 47.00 -8.07
N ASP J 138 30.98 47.01 -8.50
CA ASP J 138 31.58 48.17 -9.14
C ASP J 138 31.68 48.06 -10.66
N LEU J 139 31.09 47.01 -11.23
CA LEU J 139 31.09 46.80 -12.67
C LEU J 139 32.45 46.56 -13.29
N SER J 140 33.46 46.31 -12.47
CA SER J 140 34.80 46.08 -12.99
C SER J 140 34.87 44.86 -13.90
N ARG J 141 34.01 43.87 -13.65
CA ARG J 141 33.99 42.65 -14.42
C ARG J 141 33.11 42.74 -15.66
N VAL J 142 32.57 43.93 -15.90
CA VAL J 142 31.72 44.17 -17.07
C VAL J 142 32.62 44.65 -18.21
N ASP J 143 32.53 43.98 -19.36
CA ASP J 143 33.32 44.38 -20.51
C ASP J 143 32.58 45.56 -21.14
N LYS J 144 32.69 46.71 -20.51
CA LYS J 144 32.00 47.91 -20.97
C LYS J 144 32.06 48.12 -22.48
N GLU J 145 33.24 48.01 -23.07
CA GLU J 145 33.35 48.22 -24.50
C GLU J 145 32.57 47.21 -25.33
N ALA J 146 32.57 45.96 -24.89
CA ALA J 146 31.85 44.92 -25.60
C ALA J 146 30.35 45.22 -25.52
N CYS J 147 29.87 45.57 -24.34
CA CYS J 147 28.48 45.89 -24.16
C CYS J 147 28.08 47.05 -25.07
N LEU J 148 28.88 48.11 -25.06
CA LEU J 148 28.59 49.27 -25.91
C LEU J 148 28.59 48.89 -27.39
N ALA J 149 29.49 47.99 -27.76
CA ALA J 149 29.58 47.55 -29.15
C ALA J 149 28.30 46.80 -29.51
N GLY J 150 27.84 45.96 -28.58
CA GLY J 150 26.62 45.22 -28.81
C GLY J 150 25.43 46.15 -28.90
N LEU J 151 25.42 47.18 -28.07
CA LEU J 151 24.33 48.15 -28.07
C LEU J 151 24.25 48.83 -29.42
N ARG J 152 25.36 49.40 -29.88
CA ARG J 152 25.41 50.08 -31.18
C ARG J 152 24.82 49.21 -32.28
N ALA J 153 25.15 47.93 -32.26
CA ALA J 153 24.68 46.99 -33.26
C ALA J 153 23.16 46.85 -33.30
N LEU J 154 22.51 47.13 -32.18
CA LEU J 154 21.05 47.01 -32.08
C LEU J 154 20.25 48.18 -32.64
N GLN J 155 20.87 49.34 -32.77
CA GLN J 155 20.14 50.51 -33.26
C GLN J 155 19.85 50.45 -34.75
N LEU J 156 18.65 50.89 -35.13
CA LEU J 156 18.20 50.89 -36.51
C LEU J 156 18.37 52.26 -37.15
N GLU J 157 18.17 52.31 -38.47
CA GLU J 157 18.31 53.56 -39.21
C GLU J 157 17.42 54.65 -38.62
N ASP J 158 16.21 54.28 -38.18
CA ASP J 158 15.27 55.26 -37.63
C ASP J 158 15.57 55.72 -36.21
N GLY J 159 16.65 55.20 -35.62
CA GLY J 159 16.99 55.62 -34.27
C GLY J 159 16.56 54.70 -33.15
N SER J 160 15.56 53.87 -33.38
CA SER J 160 15.10 52.94 -32.34
C SER J 160 16.03 51.75 -32.22
N PHE J 161 15.71 50.84 -31.32
CA PHE J 161 16.53 49.66 -31.09
C PHE J 161 15.78 48.32 -31.13
N CYS J 162 16.55 47.26 -31.32
CA CYS J 162 16.03 45.90 -31.30
C CYS J 162 16.57 45.37 -29.96
N ALA J 163 16.05 44.24 -29.51
CA ALA J 163 16.49 43.67 -28.25
C ALA J 163 17.70 42.74 -28.41
N VAL J 164 17.74 42.04 -29.54
CA VAL J 164 18.82 41.10 -29.81
C VAL J 164 19.35 41.21 -31.24
N PRO J 165 20.65 40.93 -31.41
CA PRO J 165 21.28 41.01 -32.73
C PRO J 165 20.66 40.09 -33.80
N GLU J 166 20.06 38.99 -33.38
CA GLU J 166 19.44 38.07 -34.34
C GLU J 166 18.18 38.69 -34.94
N GLY J 167 17.68 39.74 -34.30
CA GLY J 167 16.48 40.40 -34.79
C GLY J 167 15.30 40.29 -33.84
N SER J 168 14.48 41.33 -33.83
CA SER J 168 13.30 41.36 -32.98
C SER J 168 12.50 42.59 -33.39
N GLU J 169 11.41 42.84 -32.68
CA GLU J 169 10.60 44.01 -32.95
C GLU J 169 11.42 45.18 -32.43
N ASN J 170 11.11 46.39 -32.87
CA ASN J 170 11.83 47.56 -32.38
C ASN J 170 10.85 48.64 -31.97
N ASP J 171 11.11 49.28 -30.84
CA ASP J 171 10.25 50.35 -30.36
C ASP J 171 10.85 51.12 -29.19
N MET J 172 10.06 52.04 -28.64
CA MET J 172 10.49 52.87 -27.53
C MET J 172 11.02 52.13 -26.32
N ARG J 173 10.49 50.94 -26.04
CA ARG J 173 10.94 50.16 -24.90
C ARG J 173 12.46 49.98 -24.92
N PHE J 174 12.97 49.61 -26.09
CA PHE J 174 14.39 49.37 -26.23
C PHE J 174 15.22 50.63 -26.32
N VAL J 175 14.59 51.74 -26.72
CA VAL J 175 15.30 53.01 -26.78
C VAL J 175 15.62 53.38 -25.33
N TYR J 176 14.67 53.12 -24.45
CA TYR J 176 14.85 53.40 -23.02
C TYR J 176 15.96 52.52 -22.45
N CYS J 177 15.96 51.25 -22.83
CA CYS J 177 16.97 50.32 -22.35
C CYS J 177 18.34 50.81 -22.76
N ALA J 178 18.47 51.19 -24.03
CA ALA J 178 19.73 51.69 -24.55
C ALA J 178 20.17 52.90 -23.73
N SER J 179 19.26 53.83 -23.52
CA SER J 179 19.55 55.03 -22.75
C SER J 179 20.05 54.69 -21.36
N CYS J 180 19.38 53.77 -20.67
CA CYS J 180 19.80 53.37 -19.33
C CYS J 180 21.19 52.75 -19.32
N ILE J 181 21.48 51.95 -20.35
CA ILE J 181 22.78 51.31 -20.45
C ILE J 181 23.87 52.35 -20.62
N CYS J 182 23.68 53.24 -21.60
CA CYS J 182 24.65 54.30 -21.84
C CYS J 182 24.86 55.13 -20.58
N TYR J 183 23.76 55.45 -19.92
CA TYR J 183 23.83 56.25 -18.71
C TYR J 183 24.62 55.57 -17.60
N MET J 184 24.32 54.31 -17.34
CA MET J 184 25.01 53.58 -16.29
C MET J 184 26.49 53.35 -16.60
N LEU J 185 26.81 53.06 -17.86
CA LEU J 185 28.19 52.88 -18.25
C LEU J 185 28.81 54.25 -18.48
N ASN J 186 28.01 55.29 -18.23
CA ASN J 186 28.44 56.66 -18.40
C ASN J 186 29.24 56.87 -19.67
N ASN J 187 28.72 56.33 -20.77
CA ASN J 187 29.36 56.42 -22.07
C ASN J 187 28.27 56.32 -23.14
N TRP J 188 28.02 57.40 -23.85
CA TRP J 188 26.98 57.37 -24.86
C TRP J 188 27.44 56.96 -26.25
N SER J 189 28.60 56.32 -26.34
CA SER J 189 29.09 55.88 -27.63
C SER J 189 28.26 54.66 -28.04
N GLY J 190 27.45 54.18 -27.09
CA GLY J 190 26.62 53.03 -27.33
C GLY J 190 25.45 53.29 -28.28
N MET J 191 25.21 54.55 -28.60
CA MET J 191 24.11 54.89 -29.49
C MET J 191 24.35 56.18 -30.25
N ASP J 192 23.60 56.35 -31.33
CA ASP J 192 23.66 57.56 -32.14
C ASP J 192 22.52 58.37 -31.55
N MET J 193 22.84 59.16 -30.54
CA MET J 193 21.86 59.96 -29.84
C MET J 193 20.99 60.84 -30.73
N LYS J 194 21.57 61.39 -31.79
CA LYS J 194 20.81 62.25 -32.69
C LYS J 194 19.64 61.48 -33.29
N LYS J 195 19.92 60.26 -33.77
CA LYS J 195 18.89 59.43 -34.37
C LYS J 195 17.85 58.97 -33.35
N ALA J 196 18.31 58.65 -32.14
CA ALA J 196 17.42 58.21 -31.08
C ALA J 196 16.43 59.33 -30.74
N ILE J 197 16.95 60.53 -30.59
CA ILE J 197 16.12 61.69 -30.28
C ILE J 197 15.10 61.91 -31.39
N SER J 198 15.53 61.69 -32.62
CA SER J 198 14.63 61.84 -33.75
C SER J 198 13.49 60.85 -33.60
N TYR J 199 13.82 59.62 -33.24
CA TYR J 199 12.81 58.60 -33.07
C TYR J 199 11.82 58.99 -31.97
N ILE J 200 12.34 59.48 -30.86
CA ILE J 200 11.48 59.90 -29.76
C ILE J 200 10.53 61.02 -30.19
N ARG J 201 11.03 62.00 -30.92
CA ARG J 201 10.18 63.09 -31.38
C ARG J 201 9.07 62.56 -32.28
N ARG J 202 9.45 61.79 -33.29
CA ARG J 202 8.49 61.25 -34.23
C ARG J 202 7.40 60.38 -33.63
N SER J 203 7.62 59.94 -32.40
CA SER J 203 6.62 59.09 -31.76
C SER J 203 5.51 59.91 -31.11
N MET J 204 5.68 61.22 -31.05
CA MET J 204 4.65 62.04 -30.44
C MET J 204 3.38 62.02 -31.27
N SER J 205 2.26 61.74 -30.61
CA SER J 205 0.96 61.66 -31.27
C SER J 205 0.26 63.00 -31.37
N TYR J 206 -0.84 63.02 -32.12
CA TYR J 206 -1.63 64.23 -32.30
C TYR J 206 -2.25 64.59 -30.95
N ASP J 207 -2.40 63.61 -30.05
CA ASP J 207 -2.96 63.88 -28.73
C ASP J 207 -1.85 64.26 -27.74
N ASN J 208 -0.63 64.38 -28.26
CA ASN J 208 0.53 64.81 -27.49
C ASN J 208 1.24 63.83 -26.57
N GLY J 209 0.77 62.59 -26.53
CA GLY J 209 1.44 61.58 -25.74
C GLY J 209 2.52 60.98 -26.65
N LEU J 210 3.33 60.07 -26.11
CA LEU J 210 4.36 59.43 -26.93
C LEU J 210 3.93 57.99 -27.17
N ALA J 211 4.03 57.54 -28.42
CA ALA J 211 3.65 56.17 -28.75
C ALA J 211 4.90 55.29 -28.84
N GLN J 212 4.71 54.00 -29.10
CA GLN J 212 5.84 53.09 -29.21
C GLN J 212 6.67 53.44 -30.45
N GLY J 213 6.00 54.07 -31.40
CA GLY J 213 6.63 54.49 -32.64
C GLY J 213 5.70 55.45 -33.37
N ALA J 214 6.23 56.14 -34.36
CA ALA J 214 5.45 57.10 -35.12
C ALA J 214 4.13 56.54 -35.61
N GLY J 215 3.07 57.34 -35.47
CA GLY J 215 1.77 56.94 -35.93
C GLY J 215 0.96 56.05 -35.00
N LEU J 216 1.64 55.32 -34.13
CA LEU J 216 0.95 54.45 -33.19
C LEU J 216 0.24 55.26 -32.09
N GLU J 217 -0.63 54.59 -31.34
CA GLU J 217 -1.37 55.21 -30.27
C GLU J 217 -0.45 55.59 -29.11
N SER J 218 -0.51 56.85 -28.66
CA SER J 218 0.34 57.28 -27.55
C SER J 218 0.01 56.39 -26.36
N HIS J 219 1.00 56.12 -25.54
CA HIS J 219 0.82 55.20 -24.43
C HIS J 219 1.68 55.59 -23.22
N GLY J 220 1.15 55.35 -22.03
CA GLY J 220 1.89 55.70 -20.82
C GLY J 220 3.26 55.04 -20.73
N GLY J 221 3.34 53.80 -21.19
CA GLY J 221 4.61 53.08 -21.14
C GLY J 221 5.65 53.71 -22.06
N SER J 222 5.27 53.98 -23.31
CA SER J 222 6.20 54.57 -24.25
C SER J 222 6.49 56.03 -23.90
N THR J 223 5.52 56.73 -23.31
CA THR J 223 5.73 58.11 -22.94
C THR J 223 6.81 58.16 -21.86
N PHE J 224 6.73 57.23 -20.92
CA PHE J 224 7.74 57.16 -19.88
C PHE J 224 9.09 56.88 -20.52
N CYS J 225 9.15 55.83 -21.34
CA CYS J 225 10.40 55.47 -21.98
C CYS J 225 11.02 56.63 -22.75
N GLY J 226 10.18 57.37 -23.48
CA GLY J 226 10.66 58.50 -24.25
C GLY J 226 11.17 59.64 -23.40
N ILE J 227 10.32 60.13 -22.50
CA ILE J 227 10.68 61.23 -21.64
C ILE J 227 11.89 60.85 -20.76
N ALA J 228 11.85 59.68 -20.15
CA ALA J 228 12.94 59.22 -19.30
C ALA J 228 14.23 59.16 -20.09
N SER J 229 14.17 58.66 -21.32
CA SER J 229 15.36 58.56 -22.15
C SER J 229 15.95 59.94 -22.36
N LEU J 230 15.10 60.91 -22.70
CA LEU J 230 15.58 62.26 -22.93
C LEU J 230 16.20 62.84 -21.66
N CYS J 231 15.56 62.60 -20.52
CA CYS J 231 16.09 63.09 -19.25
C CYS J 231 17.47 62.46 -18.97
N LEU J 232 17.60 61.17 -19.27
CA LEU J 232 18.87 60.49 -19.05
C LEU J 232 19.96 61.09 -19.94
N MET J 233 19.58 61.55 -21.13
CA MET J 233 20.53 62.17 -22.06
C MET J 233 20.69 63.64 -21.68
N GLY J 234 19.83 64.10 -20.79
CA GLY J 234 19.85 65.49 -20.37
C GLY J 234 19.51 66.40 -21.52
N LYS J 235 18.45 66.07 -22.26
CA LYS J 235 18.08 66.89 -23.41
C LYS J 235 16.58 67.12 -23.53
N LEU J 236 15.86 66.91 -22.44
CA LEU J 236 14.41 67.11 -22.46
C LEU J 236 14.07 68.49 -22.99
N GLU J 237 14.60 69.50 -22.31
CA GLU J 237 14.38 70.91 -22.65
C GLU J 237 14.81 71.23 -24.08
N GLU J 238 15.90 70.62 -24.51
CA GLU J 238 16.44 70.86 -25.84
C GLU J 238 15.62 70.22 -26.96
N VAL J 239 15.01 69.07 -26.68
CA VAL J 239 14.23 68.36 -27.68
C VAL J 239 12.80 68.84 -27.85
N PHE J 240 12.13 69.13 -26.74
CA PHE J 240 10.75 69.60 -26.79
C PHE J 240 10.63 71.06 -26.35
N SER J 241 9.83 71.82 -27.08
CA SER J 241 9.61 73.22 -26.76
C SER J 241 8.76 73.30 -25.50
N GLU J 242 8.65 74.50 -24.94
CA GLU J 242 7.84 74.67 -23.75
C GLU J 242 6.39 74.33 -24.09
N LYS J 243 5.94 74.77 -25.26
CA LYS J 243 4.57 74.52 -25.69
C LYS J 243 4.37 73.02 -25.79
N GLU J 244 5.37 72.33 -26.33
CA GLU J 244 5.29 70.88 -26.50
C GLU J 244 5.27 70.19 -25.14
N LEU J 245 6.17 70.58 -24.24
CA LEU J 245 6.21 69.98 -22.92
C LEU J 245 4.88 70.19 -22.20
N ASN J 246 4.26 71.34 -22.42
CA ASN J 246 2.99 71.63 -21.76
C ASN J 246 1.92 70.67 -22.25
N ARG J 247 1.96 70.37 -23.55
CA ARG J 247 0.98 69.47 -24.14
C ARG J 247 1.22 68.04 -23.63
N ILE J 248 2.48 67.67 -23.50
CA ILE J 248 2.83 66.35 -23.01
C ILE J 248 2.38 66.23 -21.56
N LYS J 249 2.63 67.27 -20.78
CA LYS J 249 2.23 67.29 -19.36
C LYS J 249 0.73 67.09 -19.26
N ARG J 250 -0.01 67.81 -20.10
CA ARG J 250 -1.45 67.72 -20.10
C ARG J 250 -1.90 66.28 -20.35
N TRP J 251 -1.30 65.64 -21.36
CA TRP J 251 -1.66 64.26 -21.71
C TRP J 251 -1.39 63.32 -20.54
N CYS J 252 -0.22 63.49 -19.92
CA CYS J 252 0.15 62.65 -18.81
C CYS J 252 -0.77 62.81 -17.61
N ILE J 253 -0.97 64.05 -17.16
CA ILE J 253 -1.80 64.25 -15.99
C ILE J 253 -3.27 63.86 -16.21
N MET J 254 -3.69 63.74 -17.46
CA MET J 254 -5.06 63.34 -17.73
C MET J 254 -5.21 61.83 -17.53
N ARG J 255 -4.08 61.14 -17.32
CA ARG J 255 -4.11 59.70 -17.12
C ARG J 255 -4.62 59.28 -15.75
N GLN J 256 -4.62 60.21 -14.79
CA GLN J 256 -5.09 59.86 -13.46
C GLN J 256 -6.61 59.82 -13.35
N GLN J 257 -7.13 58.66 -12.98
CA GLN J 257 -8.57 58.48 -12.80
C GLN J 257 -8.81 58.42 -11.29
N ASN J 258 -7.90 57.73 -10.62
CA ASN J 258 -7.82 57.55 -9.17
C ASN J 258 -6.41 57.02 -9.14
N GLY J 259 -6.23 55.87 -9.77
CA GLY J 259 -4.92 55.31 -9.94
C GLY J 259 -4.63 55.81 -11.35
N TYR J 260 -3.72 55.19 -12.09
CA TYR J 260 -3.44 55.65 -13.44
C TYR J 260 -3.65 54.57 -14.50
N HIS J 261 -4.13 54.99 -15.68
CA HIS J 261 -4.29 54.04 -16.77
C HIS J 261 -3.19 54.39 -17.79
N GLY J 262 -2.93 53.50 -18.75
CA GLY J 262 -1.88 53.74 -19.72
C GLY J 262 -2.32 54.45 -20.99
N ARG J 263 -3.63 54.50 -21.22
CA ARG J 263 -4.19 55.13 -22.41
C ARG J 263 -5.59 55.65 -22.13
N PRO J 264 -6.00 56.72 -22.81
CA PRO J 264 -7.34 57.26 -22.59
C PRO J 264 -8.39 56.15 -22.73
N ASN J 265 -9.40 56.20 -21.87
CA ASN J 265 -10.49 55.23 -21.87
C ASN J 265 -10.13 53.78 -21.58
N LYS J 266 -9.00 53.57 -20.89
CA LYS J 266 -8.58 52.23 -20.51
C LYS J 266 -8.61 52.17 -18.99
N PRO J 267 -8.87 50.98 -18.42
CA PRO J 267 -8.91 50.85 -16.96
C PRO J 267 -7.56 51.10 -16.31
N VAL J 268 -7.58 51.64 -15.08
CA VAL J 268 -6.32 51.91 -14.37
C VAL J 268 -5.60 50.60 -14.06
N ASP J 269 -4.30 50.71 -13.91
CA ASP J 269 -3.42 49.58 -13.66
C ASP J 269 -2.30 50.08 -12.74
N THR J 270 -2.13 49.41 -11.61
CA THR J 270 -1.11 49.80 -10.66
C THR J 270 0.24 50.21 -11.24
N CYS J 271 0.78 49.43 -12.17
CA CYS J 271 2.10 49.78 -12.71
C CYS J 271 2.17 51.17 -13.35
N TYR J 272 1.04 51.72 -13.76
CA TYR J 272 1.04 53.05 -14.36
C TYR J 272 1.24 54.15 -13.33
N SER J 273 1.10 53.81 -12.06
CA SER J 273 1.34 54.78 -11.01
C SER J 273 2.82 55.11 -11.10
N PHE J 274 3.60 54.19 -11.68
CA PHE J 274 5.01 54.50 -11.86
C PHE J 274 5.28 55.02 -13.26
N TRP J 275 4.88 54.27 -14.28
CA TRP J 275 5.11 54.68 -15.66
C TRP J 275 4.71 56.15 -15.89
N VAL J 276 3.46 56.47 -15.59
CA VAL J 276 2.96 57.82 -15.77
C VAL J 276 3.42 58.74 -14.64
N GLY J 277 3.33 58.25 -13.41
CA GLY J 277 3.74 59.03 -12.26
C GLY J 277 5.17 59.50 -12.36
N ALA J 278 6.06 58.60 -12.78
CA ALA J 278 7.47 58.94 -12.93
C ALA J 278 7.65 59.98 -14.03
N THR J 279 6.83 59.89 -15.07
CA THR J 279 6.93 60.84 -16.18
C THR J 279 6.55 62.21 -15.64
N LEU J 280 5.44 62.25 -14.89
CA LEU J 280 4.95 63.49 -14.31
C LEU J 280 6.02 64.08 -13.38
N LYS J 281 6.70 63.21 -12.64
CA LYS J 281 7.77 63.66 -11.75
C LYS J 281 8.89 64.29 -12.58
N LEU J 282 9.27 63.62 -13.66
CA LEU J 282 10.33 64.14 -14.52
C LEU J 282 9.91 65.46 -15.14
N LEU J 283 8.61 65.63 -15.37
CA LEU J 283 8.10 66.86 -15.94
C LEU J 283 7.78 67.88 -14.84
N LYS J 284 8.21 67.56 -13.63
CA LYS J 284 8.02 68.42 -12.47
C LYS J 284 6.59 68.86 -12.15
N ILE J 285 5.61 68.01 -12.42
CA ILE J 285 4.23 68.38 -12.10
C ILE J 285 3.49 67.25 -11.40
N PHE J 286 4.21 66.23 -10.95
CA PHE J 286 3.58 65.11 -10.25
C PHE J 286 2.96 65.69 -8.97
N GLN J 287 3.61 66.73 -8.47
CA GLN J 287 3.19 67.42 -7.25
C GLN J 287 1.75 67.93 -7.35
N TYR J 288 1.28 68.14 -8.57
CA TYR J 288 -0.06 68.68 -8.75
C TYR J 288 -1.13 67.60 -8.93
N THR J 289 -0.73 66.35 -8.77
CA THR J 289 -1.67 65.25 -8.91
C THR J 289 -2.34 65.01 -7.55
N ASN J 290 -3.37 64.17 -7.54
CA ASN J 290 -4.08 63.85 -6.29
C ASN J 290 -3.39 62.62 -5.69
N PHE J 291 -2.65 62.82 -4.59
CA PHE J 291 -1.93 61.71 -3.95
C PHE J 291 -2.82 60.65 -3.32
N GLU J 292 -3.79 61.10 -2.53
CA GLU J 292 -4.66 60.18 -1.83
C GLU J 292 -5.36 59.14 -2.70
N LYS J 293 -6.02 59.59 -3.76
CA LYS J 293 -6.74 58.67 -4.65
C LYS J 293 -5.76 57.65 -5.27
N ASN J 294 -4.56 58.12 -5.60
CA ASN J 294 -3.54 57.27 -6.20
C ASN J 294 -3.10 56.23 -5.17
N ARG J 295 -2.69 56.70 -4.00
CA ARG J 295 -2.25 55.83 -2.93
C ARG J 295 -3.34 54.82 -2.57
N ASN J 296 -4.58 55.29 -2.47
CA ASN J 296 -5.69 54.41 -2.15
C ASN J 296 -5.81 53.31 -3.19
N TYR J 297 -5.72 53.69 -4.47
CA TYR J 297 -5.85 52.68 -5.51
C TYR J 297 -4.72 51.66 -5.41
N ILE J 298 -3.48 52.14 -5.36
CA ILE J 298 -2.35 51.24 -5.26
C ILE J 298 -2.54 50.23 -4.14
N LEU J 299 -2.88 50.72 -2.95
CA LEU J 299 -3.08 49.84 -1.81
C LEU J 299 -4.23 48.87 -2.00
N SER J 300 -5.24 49.27 -2.76
CA SER J 300 -6.38 48.38 -2.99
C SER J 300 -5.95 47.15 -3.80
N THR J 301 -4.76 47.19 -4.38
CA THR J 301 -4.28 46.07 -5.18
C THR J 301 -3.20 45.31 -4.42
N GLN J 302 -3.03 45.67 -3.15
CA GLN J 302 -2.05 45.03 -2.29
C GLN J 302 -2.58 43.67 -1.83
N ASP J 303 -1.76 42.63 -1.91
CA ASP J 303 -2.19 41.31 -1.46
C ASP J 303 -1.76 41.19 0.00
N ARG J 304 -2.72 41.39 0.90
CA ARG J 304 -2.45 41.34 2.32
C ARG J 304 -2.02 39.98 2.85
N LEU J 305 -2.26 38.93 2.06
CA LEU J 305 -1.90 37.59 2.46
C LEU J 305 -0.51 37.17 2.00
N VAL J 306 -0.26 37.20 0.69
CA VAL J 306 1.04 36.79 0.16
C VAL J 306 2.01 37.95 -0.06
N GLY J 307 1.50 39.17 -0.03
CA GLY J 307 2.36 40.32 -0.26
C GLY J 307 2.38 40.71 -1.73
N GLY J 308 3.10 41.78 -2.05
CA GLY J 308 3.16 42.24 -3.43
C GLY J 308 1.88 42.96 -3.83
N PHE J 309 1.85 43.43 -5.08
CA PHE J 309 0.69 44.13 -5.62
C PHE J 309 0.27 43.51 -6.96
N ALA J 310 -0.98 43.74 -7.34
CA ALA J 310 -1.51 43.24 -8.60
C ALA J 310 -1.84 44.44 -9.47
N LYS J 311 -2.22 44.20 -10.72
CA LYS J 311 -2.55 45.35 -11.56
C LYS J 311 -3.89 45.91 -11.11
N TRP J 312 -4.78 45.03 -10.69
CA TRP J 312 -6.10 45.45 -10.24
C TRP J 312 -6.40 44.86 -8.88
N PRO J 313 -7.39 45.43 -8.18
CA PRO J 313 -7.74 44.91 -6.86
C PRO J 313 -8.33 43.51 -6.97
N ASP J 314 -8.13 42.69 -5.95
CA ASP J 314 -8.65 41.33 -5.93
C ASP J 314 -8.15 40.56 -7.14
N SER J 315 -6.88 40.77 -7.45
CA SER J 315 -6.25 40.11 -8.58
C SER J 315 -4.94 39.55 -8.02
N HIS J 316 -4.36 38.54 -8.65
CA HIS J 316 -3.12 37.95 -8.14
C HIS J 316 -1.91 38.85 -8.37
N PRO J 317 -1.05 38.97 -7.36
CA PRO J 317 0.14 39.81 -7.46
C PRO J 317 1.27 39.14 -8.22
N ASP J 318 2.22 39.95 -8.66
CA ASP J 318 3.38 39.45 -9.40
C ASP J 318 4.54 40.41 -9.13
N ALA J 319 5.75 39.97 -9.46
CA ALA J 319 6.94 40.77 -9.22
C ALA J 319 6.87 42.17 -9.84
N LEU J 320 6.45 42.25 -11.10
CA LEU J 320 6.36 43.53 -11.80
C LEU J 320 5.45 44.54 -11.09
N HIS J 321 4.22 44.16 -10.80
CA HIS J 321 3.32 45.09 -10.14
C HIS J 321 3.70 45.35 -8.68
N ALA J 322 4.33 44.36 -8.05
CA ALA J 322 4.77 44.54 -6.68
C ALA J 322 5.81 45.64 -6.71
N TYR J 323 6.76 45.54 -7.63
CA TYR J 323 7.82 46.53 -7.74
C TYR J 323 7.31 47.91 -8.16
N PHE J 324 6.54 47.97 -9.23
CA PHE J 324 6.05 49.26 -9.70
C PHE J 324 5.03 49.88 -8.77
N GLY J 325 4.29 49.05 -8.03
CA GLY J 325 3.34 49.60 -7.08
C GLY J 325 4.12 50.30 -5.98
N ILE J 326 5.23 49.68 -5.58
CA ILE J 326 6.05 50.24 -4.53
C ILE J 326 6.72 51.53 -5.02
N CYS J 327 7.24 51.51 -6.25
CA CYS J 327 7.85 52.72 -6.80
C CYS J 327 6.79 53.81 -6.94
N GLY J 328 5.55 53.40 -7.22
CA GLY J 328 4.47 54.36 -7.36
C GLY J 328 4.29 55.06 -6.02
N LEU J 329 4.27 54.26 -4.95
CA LEU J 329 4.12 54.79 -3.60
C LEU J 329 5.31 55.69 -3.27
N SER J 330 6.50 55.27 -3.70
CA SER J 330 7.72 56.02 -3.47
C SER J 330 7.64 57.44 -4.00
N LEU J 331 6.95 57.61 -5.12
CA LEU J 331 6.82 58.94 -5.73
C LEU J 331 6.07 59.94 -4.85
N MET J 332 5.14 59.44 -4.04
CA MET J 332 4.38 60.32 -3.16
C MET J 332 5.01 60.27 -1.77
N GLU J 333 6.23 59.76 -1.70
CA GLU J 333 6.94 59.64 -0.42
C GLU J 333 6.10 58.90 0.63
N GLU J 334 6.19 57.58 0.60
CA GLU J 334 5.46 56.73 1.53
C GLU J 334 6.44 56.36 2.62
N SER J 335 6.00 56.39 3.87
CA SER J 335 6.89 56.04 4.96
C SER J 335 7.48 54.65 4.78
N GLY J 336 8.80 54.54 4.94
CA GLY J 336 9.45 53.25 4.81
C GLY J 336 9.85 52.83 3.41
N ILE J 337 9.61 53.70 2.43
CA ILE J 337 9.97 53.40 1.05
C ILE J 337 10.94 54.45 0.55
N CYS J 338 12.13 54.03 0.14
CA CYS J 338 13.15 54.95 -0.37
C CYS J 338 12.64 55.74 -1.55
N LYS J 339 13.25 56.90 -1.77
CA LYS J 339 12.90 57.77 -2.88
C LYS J 339 13.46 57.12 -4.14
N VAL J 340 12.67 57.09 -5.20
CA VAL J 340 13.13 56.47 -6.44
C VAL J 340 13.52 57.48 -7.50
N HIS J 341 14.53 57.12 -8.29
CA HIS J 341 15.00 57.96 -9.38
C HIS J 341 14.03 57.72 -10.55
N PRO J 342 13.17 58.70 -10.84
CA PRO J 342 12.17 58.64 -11.92
C PRO J 342 12.61 58.16 -13.28
N ALA J 343 13.83 58.52 -13.68
CA ALA J 343 14.30 58.12 -15.00
C ALA J 343 15.11 56.83 -15.05
N LEU J 344 15.95 56.61 -14.06
CA LEU J 344 16.79 55.41 -14.05
C LEU J 344 16.08 54.20 -13.44
N ASN J 345 14.99 54.45 -12.74
CA ASN J 345 14.21 53.39 -12.11
C ASN J 345 15.06 52.54 -11.16
N VAL J 346 15.57 53.19 -10.13
CA VAL J 346 16.36 52.56 -9.09
C VAL J 346 16.22 53.50 -7.90
N SER J 347 16.59 53.04 -6.71
CA SER J 347 16.50 53.87 -5.52
C SER J 347 17.52 55.01 -5.65
N THR J 348 17.17 56.19 -5.15
CA THR J 348 18.08 57.33 -5.21
C THR J 348 19.39 56.90 -4.57
N ARG J 349 19.27 56.06 -3.55
CA ARG J 349 20.44 55.52 -2.86
C ARG J 349 21.38 54.88 -3.88
N THR J 350 20.81 54.09 -4.77
CA THR J 350 21.57 53.40 -5.81
C THR J 350 22.05 54.36 -6.90
N SER J 351 21.24 55.36 -7.23
CA SER J 351 21.62 56.31 -8.27
C SER J 351 22.84 57.09 -7.80
N GLU J 352 22.88 57.39 -6.50
CA GLU J 352 24.01 58.11 -5.91
C GLU J 352 25.21 57.18 -5.86
N ARG J 353 24.98 55.95 -5.44
CA ARG J 353 26.06 54.97 -5.40
C ARG J 353 26.66 54.92 -6.80
N LEU J 354 25.82 55.20 -7.81
CA LEU J 354 26.26 55.19 -9.20
C LEU J 354 27.12 56.42 -9.52
N ARG J 355 26.67 57.59 -9.05
CA ARG J 355 27.41 58.83 -9.27
C ARG J 355 28.86 58.60 -8.81
N ASP J 356 29.02 58.00 -7.64
CA ASP J 356 30.34 57.71 -7.08
C ASP J 356 31.09 56.76 -8.00
N LEU J 357 30.43 55.68 -8.38
CA LEU J 357 31.05 54.71 -9.26
C LEU J 357 31.55 55.41 -10.52
N HIS J 358 30.85 56.45 -10.94
CA HIS J 358 31.24 57.21 -12.13
C HIS J 358 32.41 58.13 -11.82
N GLN J 359 32.54 58.49 -10.54
CA GLN J 359 33.63 59.35 -10.09
C GLN J 359 34.95 58.62 -10.16
N SER J 360 35.05 57.54 -9.39
CA SER J 360 36.26 56.73 -9.36
C SER J 360 36.61 56.23 -10.75
N TRP J 361 35.76 56.56 -11.71
CA TRP J 361 36.00 56.17 -13.09
C TRP J 361 36.73 57.29 -13.80
N LYS J 362 36.39 58.53 -13.43
CA LYS J 362 37.00 59.73 -14.01
C LYS J 362 38.44 59.89 -13.53
N THR J 363 39.19 58.79 -13.50
CA THR J 363 40.59 58.79 -13.07
C THR J 363 41.40 57.82 -13.92
N PHE K 55 14.27 -72.64 45.44
CA PHE K 55 15.41 -73.56 45.82
C PHE K 55 16.20 -74.16 44.64
N LEU K 56 15.75 -75.33 44.18
CA LEU K 56 16.39 -76.07 43.09
C LEU K 56 16.16 -75.50 41.70
N SER K 57 17.13 -74.75 41.20
CA SER K 57 17.03 -74.10 39.91
C SER K 57 16.77 -75.05 38.75
N LEU K 58 15.95 -74.62 37.81
CA LEU K 58 15.62 -75.42 36.64
C LEU K 58 16.87 -75.77 35.83
N ASP K 59 17.87 -74.89 35.88
CA ASP K 59 19.11 -75.10 35.13
C ASP K 59 20.24 -75.67 35.98
N SER K 60 19.92 -76.04 37.21
CA SER K 60 20.90 -76.61 38.13
C SER K 60 21.42 -77.97 37.66
N PRO K 61 22.72 -78.24 37.85
CA PRO K 61 23.26 -79.52 37.42
C PRO K 61 22.58 -80.68 38.13
N THR K 62 22.15 -80.45 39.36
CA THR K 62 21.50 -81.50 40.13
C THR K 62 19.98 -81.43 40.06
N TYR K 63 19.44 -80.64 39.13
CA TYR K 63 17.99 -80.52 39.05
C TYR K 63 17.38 -81.91 38.90
N VAL K 64 16.20 -82.11 39.47
CA VAL K 64 15.54 -83.40 39.39
C VAL K 64 14.09 -83.23 39.00
N LEU K 65 13.63 -84.01 38.03
CA LEU K 65 12.26 -83.91 37.60
C LEU K 65 11.36 -84.11 38.79
N TYR K 66 10.18 -83.51 38.76
CA TYR K 66 9.24 -83.64 39.85
C TYR K 66 8.79 -85.08 39.97
N ARG K 67 8.70 -85.77 38.82
CA ARG K 67 8.27 -87.17 38.85
C ARG K 67 9.26 -88.06 39.61
N ASP K 68 10.49 -87.59 39.79
CA ASP K 68 11.51 -88.36 40.50
C ASP K 68 11.81 -87.79 41.89
N ARG K 69 10.96 -86.90 42.38
CA ARG K 69 11.17 -86.31 43.71
C ARG K 69 10.35 -87.06 44.74
N ALA K 70 10.99 -87.39 45.85
CA ALA K 70 10.33 -88.11 46.92
C ALA K 70 9.18 -87.34 47.55
N GLU K 71 9.37 -86.03 47.77
CA GLU K 71 8.32 -85.19 48.38
C GLU K 71 7.07 -85.13 47.54
N TRP K 72 7.18 -85.47 46.25
CA TRP K 72 6.03 -85.42 45.36
C TRP K 72 5.49 -86.80 45.00
N ALA K 73 6.11 -87.84 45.53
CA ALA K 73 5.71 -89.22 45.24
C ALA K 73 4.22 -89.52 45.41
N ASP K 74 3.58 -88.86 46.36
CA ASP K 74 2.17 -89.10 46.63
C ASP K 74 1.19 -88.44 45.68
N ILE K 75 1.69 -87.57 44.80
CA ILE K 75 0.86 -86.86 43.84
C ILE K 75 0.96 -87.45 42.43
N ASP K 76 -0.20 -87.66 41.81
CA ASP K 76 -0.21 -88.17 40.44
C ASP K 76 -0.28 -87.00 39.47
N PRO K 77 0.76 -86.82 38.64
CA PRO K 77 0.77 -85.72 37.67
C PRO K 77 -0.41 -85.76 36.73
N VAL K 78 -0.99 -84.59 36.46
CA VAL K 78 -2.13 -84.46 35.56
C VAL K 78 -1.64 -83.93 34.21
N PRO K 79 -1.80 -84.72 33.15
CA PRO K 79 -1.34 -84.29 31.82
C PRO K 79 -2.38 -83.45 31.12
N GLN K 80 -1.95 -82.73 30.10
CA GLN K 80 -2.85 -81.90 29.33
C GLN K 80 -3.16 -82.66 28.05
N ASN K 81 -4.43 -82.66 27.63
CA ASN K 81 -4.79 -83.34 26.39
C ASN K 81 -5.68 -82.50 25.48
N ASP K 82 -5.19 -82.25 24.27
CA ASP K 82 -5.90 -81.47 23.28
C ASP K 82 -6.75 -82.39 22.40
N GLY K 83 -7.02 -83.60 22.90
CA GLY K 83 -7.82 -84.54 22.15
C GLY K 83 -7.13 -85.14 20.94
N PRO K 84 -7.90 -85.82 20.08
CA PRO K 84 -7.42 -86.47 18.88
C PRO K 84 -6.69 -85.60 17.86
N SER K 85 -7.16 -84.39 17.63
CA SER K 85 -6.53 -83.51 16.65
C SER K 85 -6.17 -82.16 17.26
N PRO K 86 -4.99 -82.06 17.88
CA PRO K 86 -4.58 -80.80 18.50
C PRO K 86 -4.37 -79.66 17.50
N VAL K 87 -4.80 -78.46 17.90
CA VAL K 87 -4.70 -77.26 17.08
C VAL K 87 -3.72 -76.31 17.77
N VAL K 88 -2.91 -75.61 16.97
CA VAL K 88 -1.93 -74.65 17.49
C VAL K 88 -1.23 -75.23 18.71
N GLN K 89 -0.86 -76.50 18.61
CA GLN K 89 -0.18 -77.17 19.70
C GLN K 89 1.25 -76.79 19.86
N ILE K 90 1.58 -76.35 21.06
CA ILE K 90 2.95 -75.95 21.38
C ILE K 90 3.71 -77.17 21.87
N ILE K 91 4.88 -77.42 21.29
CA ILE K 91 5.68 -78.56 21.71
C ILE K 91 6.49 -78.20 22.95
N TYR K 92 6.43 -79.07 23.95
CA TYR K 92 7.10 -78.82 25.22
C TYR K 92 8.23 -79.79 25.56
N SER K 93 9.29 -79.25 26.13
CA SER K 93 10.44 -80.05 26.54
C SER K 93 10.02 -80.94 27.72
N GLU K 94 10.88 -81.90 28.05
CA GLU K 94 10.62 -82.82 29.16
C GLU K 94 10.42 -82.05 30.45
N LYS K 95 11.36 -81.15 30.74
CA LYS K 95 11.29 -80.32 31.94
C LYS K 95 10.00 -79.51 32.00
N PHE K 96 9.72 -78.77 30.93
CA PHE K 96 8.53 -77.92 30.87
C PHE K 96 7.28 -78.72 31.21
N ARG K 97 7.06 -79.79 30.46
CA ARG K 97 5.90 -80.63 30.64
C ARG K 97 5.83 -81.21 32.04
N ASP K 98 7.00 -81.50 32.61
CA ASP K 98 7.07 -82.07 33.96
C ASP K 98 6.56 -81.06 35.00
N VAL K 99 7.09 -79.84 34.98
CA VAL K 99 6.66 -78.82 35.92
C VAL K 99 5.16 -78.60 35.81
N TYR K 100 4.66 -78.42 34.59
CA TYR K 100 3.24 -78.16 34.43
C TYR K 100 2.33 -79.35 34.69
N ASP K 101 2.84 -80.56 34.52
CA ASP K 101 2.01 -81.73 34.78
C ASP K 101 1.73 -81.78 36.27
N TYR K 102 2.71 -81.35 37.07
CA TYR K 102 2.54 -81.33 38.50
C TYR K 102 1.77 -80.10 38.93
N PHE K 103 1.91 -79.01 38.17
CA PHE K 103 1.17 -77.81 38.51
C PHE K 103 -0.31 -78.14 38.37
N ARG K 104 -0.68 -78.82 37.27
CA ARG K 104 -2.07 -79.19 37.04
C ARG K 104 -2.59 -80.04 38.19
N ALA K 105 -1.76 -80.95 38.67
CA ALA K 105 -2.12 -81.83 39.76
C ALA K 105 -2.44 -81.04 41.03
N VAL K 106 -1.48 -80.23 41.46
CA VAL K 106 -1.64 -79.40 42.64
C VAL K 106 -2.82 -78.44 42.48
N LEU K 107 -2.93 -77.83 41.31
CA LEU K 107 -3.99 -76.88 41.02
C LEU K 107 -5.35 -77.57 41.11
N GLN K 108 -5.44 -78.75 40.51
CA GLN K 108 -6.69 -79.51 40.49
C GLN K 108 -7.17 -79.90 41.88
N ARG K 109 -6.25 -80.05 42.80
CA ARG K 109 -6.62 -80.43 44.16
C ARG K 109 -6.61 -79.24 45.10
N ASP K 110 -6.45 -78.05 44.54
CA ASP K 110 -6.43 -76.83 45.33
C ASP K 110 -5.57 -77.01 46.59
N GLU K 111 -4.42 -77.66 46.43
CA GLU K 111 -3.52 -77.91 47.55
C GLU K 111 -2.77 -76.65 47.97
N ARG K 112 -3.12 -76.12 49.13
CA ARG K 112 -2.46 -74.91 49.64
C ARG K 112 -1.19 -75.26 50.41
N SER K 113 -0.26 -75.94 49.77
CA SER K 113 0.98 -76.34 50.42
C SER K 113 2.17 -75.44 50.13
N GLU K 114 3.24 -75.66 50.87
CA GLU K 114 4.47 -74.91 50.68
C GLU K 114 5.19 -75.42 49.43
N ARG K 115 4.99 -76.69 49.13
CA ARG K 115 5.63 -77.27 47.95
C ARG K 115 4.95 -76.73 46.69
N ALA K 116 3.65 -76.47 46.82
CA ALA K 116 2.89 -75.92 45.70
C ALA K 116 3.42 -74.51 45.43
N PHE K 117 3.59 -73.74 46.51
CA PHE K 117 4.09 -72.38 46.39
C PHE K 117 5.43 -72.37 45.65
N LYS K 118 6.32 -73.29 46.02
CA LYS K 118 7.63 -73.36 45.37
C LYS K 118 7.48 -73.79 43.91
N LEU K 119 6.49 -74.64 43.65
CA LEU K 119 6.25 -75.10 42.29
C LEU K 119 5.84 -73.94 41.38
N THR K 120 5.04 -73.00 41.91
CA THR K 120 4.61 -71.87 41.09
C THR K 120 5.81 -71.06 40.62
N ARG K 121 6.85 -71.00 41.43
CA ARG K 121 8.04 -70.24 41.06
C ARG K 121 8.61 -70.80 39.74
N ASP K 122 8.60 -72.12 39.63
CA ASP K 122 9.11 -72.79 38.43
C ASP K 122 8.17 -72.61 37.25
N ALA K 123 6.88 -72.72 37.51
CA ALA K 123 5.86 -72.55 36.47
C ALA K 123 5.99 -71.14 35.89
N ILE K 124 6.21 -70.16 36.76
CA ILE K 124 6.32 -68.79 36.35
C ILE K 124 7.60 -68.56 35.55
N GLU K 125 8.67 -69.28 35.92
CA GLU K 125 9.91 -69.13 35.19
C GLU K 125 9.75 -69.67 33.78
N LEU K 126 8.94 -70.71 33.65
CA LEU K 126 8.67 -71.32 32.35
C LEU K 126 7.68 -70.49 31.53
N ASN K 127 6.74 -69.81 32.19
CA ASN K 127 5.76 -69.02 31.48
C ASN K 127 5.07 -68.00 32.38
N ALA K 128 5.63 -66.80 32.47
CA ALA K 128 5.07 -65.76 33.31
C ALA K 128 3.76 -65.22 32.76
N ALA K 129 3.33 -65.70 31.60
CA ALA K 129 2.09 -65.21 31.01
C ALA K 129 0.89 -66.04 31.41
N ASN K 130 1.15 -67.11 32.15
CA ASN K 130 0.06 -67.98 32.61
C ASN K 130 -0.66 -67.30 33.79
N TYR K 131 -1.73 -66.58 33.49
CA TYR K 131 -2.47 -65.87 34.52
C TYR K 131 -2.98 -66.76 35.64
N THR K 132 -3.32 -68.02 35.34
CA THR K 132 -3.83 -68.94 36.35
C THR K 132 -2.77 -69.22 37.39
N VAL K 133 -1.54 -69.40 36.95
CA VAL K 133 -0.45 -69.66 37.87
C VAL K 133 -0.32 -68.49 38.86
N TRP K 134 -0.36 -67.27 38.37
CA TRP K 134 -0.26 -66.10 39.25
C TRP K 134 -1.41 -66.01 40.25
N HIS K 135 -2.61 -66.35 39.80
CA HIS K 135 -3.76 -66.29 40.68
C HIS K 135 -3.56 -67.29 41.81
N PHE K 136 -3.21 -68.52 41.45
CA PHE K 136 -2.99 -69.57 42.44
C PHE K 136 -1.88 -69.16 43.40
N ARG K 137 -0.82 -68.58 42.84
CA ARG K 137 0.27 -68.13 43.68
C ARG K 137 -0.26 -67.10 44.70
N ARG K 138 -1.19 -66.24 44.29
CA ARG K 138 -1.74 -65.25 45.19
C ARG K 138 -2.59 -65.93 46.26
N VAL K 139 -3.32 -66.98 45.87
CA VAL K 139 -4.13 -67.73 46.80
C VAL K 139 -3.18 -68.27 47.88
N LEU K 140 -2.07 -68.86 47.43
CA LEU K 140 -1.09 -69.42 48.34
C LEU K 140 -0.44 -68.36 49.21
N LEU K 141 -0.13 -67.19 48.64
CA LEU K 141 0.48 -66.12 49.42
C LEU K 141 -0.39 -65.84 50.64
N ARG K 142 -1.70 -65.85 50.44
CA ARG K 142 -2.64 -65.61 51.53
C ARG K 142 -2.70 -66.83 52.46
N SER K 143 -3.07 -67.98 51.93
CA SER K 143 -3.16 -69.21 52.73
C SER K 143 -1.95 -69.45 53.60
N LEU K 144 -0.75 -69.35 53.02
CA LEU K 144 0.46 -69.59 53.77
C LEU K 144 0.98 -68.35 54.47
N GLN K 145 0.21 -67.26 54.41
CA GLN K 145 0.59 -66.01 55.04
C GLN K 145 2.07 -65.71 54.81
N LYS K 146 2.46 -65.65 53.55
CA LYS K 146 3.84 -65.38 53.15
C LYS K 146 4.21 -63.91 53.34
N ASP K 147 5.50 -63.65 53.50
CA ASP K 147 5.98 -62.28 53.67
C ASP K 147 5.80 -61.53 52.34
N LEU K 148 4.82 -60.65 52.28
CA LEU K 148 4.54 -59.89 51.08
C LEU K 148 5.69 -58.98 50.68
N GLN K 149 6.47 -58.53 51.63
CA GLN K 149 7.58 -57.65 51.30
C GLN K 149 8.59 -58.45 50.48
N GLU K 150 8.63 -59.74 50.72
CA GLU K 150 9.53 -60.63 49.99
C GLU K 150 9.00 -60.79 48.56
N GLU K 151 7.69 -60.95 48.46
CA GLU K 151 7.04 -61.10 47.16
C GLU K 151 7.24 -59.85 46.31
N MET K 152 7.33 -58.68 46.96
CA MET K 152 7.56 -57.45 46.23
C MET K 152 8.92 -57.49 45.55
N ASN K 153 9.90 -58.08 46.22
CA ASN K 153 11.24 -58.15 45.62
C ASN K 153 11.15 -59.08 44.44
N TYR K 154 10.43 -60.19 44.63
CA TYR K 154 10.26 -61.18 43.59
C TYR K 154 9.65 -60.57 42.32
N ILE K 155 8.47 -59.97 42.47
CA ILE K 155 7.80 -59.37 41.34
C ILE K 155 8.64 -58.24 40.75
N ILE K 156 9.39 -57.53 41.59
CA ILE K 156 10.21 -56.45 41.08
C ILE K 156 11.23 -56.97 40.07
N ALA K 157 11.81 -58.13 40.39
CA ALA K 157 12.81 -58.73 39.50
C ALA K 157 12.15 -59.28 38.24
N ILE K 158 11.00 -59.93 38.41
CA ILE K 158 10.27 -60.48 37.29
C ILE K 158 9.88 -59.41 36.27
N ILE K 159 9.29 -58.32 36.74
CA ILE K 159 8.87 -57.26 35.84
C ILE K 159 10.02 -56.65 35.07
N GLU K 160 11.20 -56.57 35.68
CA GLU K 160 12.35 -56.01 35.00
C GLU K 160 12.77 -56.86 33.81
N GLU K 161 12.56 -58.17 33.93
CA GLU K 161 12.89 -59.09 32.85
C GLU K 161 11.79 -59.13 31.80
N GLN K 162 10.56 -58.92 32.23
CA GLN K 162 9.41 -58.96 31.34
C GLN K 162 8.49 -57.79 31.58
N PRO K 163 8.96 -56.58 31.27
CA PRO K 163 8.22 -55.33 31.45
C PRO K 163 6.98 -55.12 30.60
N LYS K 164 6.75 -55.98 29.62
CA LYS K 164 5.59 -55.83 28.76
C LYS K 164 4.57 -56.93 28.97
N ASN K 165 4.68 -57.62 30.10
CA ASN K 165 3.77 -58.72 30.45
C ASN K 165 2.61 -58.18 31.32
N TYR K 166 1.38 -58.45 30.91
CA TYR K 166 0.21 -57.98 31.64
C TYR K 166 0.05 -58.56 33.04
N GLN K 167 0.26 -59.88 33.14
CA GLN K 167 0.10 -60.59 34.40
C GLN K 167 1.02 -60.10 35.52
N VAL K 168 2.26 -59.79 35.19
CA VAL K 168 3.19 -59.33 36.21
C VAL K 168 2.82 -57.96 36.79
N TRP K 169 2.30 -57.07 35.94
CA TRP K 169 1.92 -55.75 36.43
C TRP K 169 0.66 -55.87 37.28
N HIS K 170 -0.23 -56.78 36.89
CA HIS K 170 -1.43 -56.96 37.66
C HIS K 170 -1.07 -57.50 39.03
N HIS K 171 -0.15 -58.47 39.07
CA HIS K 171 0.29 -59.07 40.33
C HIS K 171 0.84 -58.00 41.27
N ARG K 172 1.72 -57.14 40.75
CA ARG K 172 2.31 -56.10 41.56
C ARG K 172 1.24 -55.16 42.11
N ARG K 173 0.26 -54.82 41.28
CA ARG K 173 -0.79 -53.93 41.73
C ARG K 173 -1.60 -54.53 42.88
N VAL K 174 -1.85 -55.83 42.80
CA VAL K 174 -2.60 -56.50 43.86
C VAL K 174 -1.77 -56.45 45.15
N LEU K 175 -0.47 -56.71 45.04
CA LEU K 175 0.40 -56.69 46.20
C LEU K 175 0.39 -55.33 46.86
N VAL K 176 0.55 -54.28 46.07
CA VAL K 176 0.56 -52.94 46.60
C VAL K 176 -0.78 -52.63 47.29
N GLU K 177 -1.89 -53.11 46.74
CA GLU K 177 -3.19 -52.90 47.37
C GLU K 177 -3.21 -53.60 48.73
N TRP K 178 -2.71 -54.83 48.77
CA TRP K 178 -2.64 -55.61 50.00
C TRP K 178 -1.82 -54.90 51.07
N LEU K 179 -0.64 -54.45 50.69
CA LEU K 179 0.24 -53.79 51.63
C LEU K 179 -0.18 -52.36 51.96
N LYS K 180 -0.98 -51.76 51.07
CA LYS K 180 -1.38 -50.36 51.23
C LYS K 180 -0.08 -49.56 51.38
N ASP K 181 0.97 -50.03 50.72
CA ASP K 181 2.28 -49.39 50.76
C ASP K 181 2.78 -49.00 49.36
N PRO K 182 2.73 -47.71 49.02
CA PRO K 182 3.19 -47.31 47.70
C PRO K 182 4.61 -46.75 47.69
N SER K 183 5.26 -46.80 48.85
CA SER K 183 6.60 -46.24 49.01
C SER K 183 7.65 -46.60 47.97
N GLN K 184 7.57 -47.79 47.40
CA GLN K 184 8.54 -48.23 46.40
C GLN K 184 8.15 -47.90 44.95
N GLU K 185 6.85 -47.78 44.71
CA GLU K 185 6.31 -47.56 43.38
C GLU K 185 6.88 -46.50 42.45
N LEU K 186 6.84 -45.23 42.82
CA LEU K 186 7.35 -44.21 41.92
C LEU K 186 8.78 -44.44 41.45
N GLU K 187 9.63 -44.90 42.33
CA GLU K 187 11.02 -45.14 41.97
C GLU K 187 11.17 -46.36 41.07
N PHE K 188 10.45 -47.40 41.39
CA PHE K 188 10.47 -48.62 40.60
C PHE K 188 10.03 -48.32 39.17
N ILE K 189 8.90 -47.63 39.05
CA ILE K 189 8.37 -47.29 37.75
C ILE K 189 9.37 -46.42 36.98
N ALA K 190 9.99 -45.48 37.68
CA ALA K 190 10.97 -44.61 37.03
C ALA K 190 12.08 -45.46 36.42
N ASP K 191 12.47 -46.53 37.09
CA ASP K 191 13.52 -47.42 36.58
C ASP K 191 13.06 -48.11 35.33
N ILE K 192 11.86 -48.70 35.39
CA ILE K 192 11.31 -49.40 34.23
C ILE K 192 11.19 -48.40 33.08
N LEU K 193 10.74 -47.19 33.37
CA LEU K 193 10.60 -46.18 32.34
C LEU K 193 11.95 -45.81 31.73
N ASN K 194 13.02 -46.26 32.36
CA ASN K 194 14.34 -45.96 31.83
C ASN K 194 14.69 -46.93 30.73
N GLN K 195 14.09 -48.12 30.73
CA GLN K 195 14.37 -49.10 29.70
C GLN K 195 13.44 -48.80 28.52
N ASP K 196 12.34 -48.11 28.81
CA ASP K 196 11.36 -47.75 27.79
C ASP K 196 10.44 -46.66 28.33
N ALA K 197 10.77 -45.42 28.00
CA ALA K 197 10.00 -44.27 28.45
C ALA K 197 8.55 -44.24 27.99
N LYS K 198 8.15 -45.17 27.15
CA LYS K 198 6.77 -45.16 26.66
C LYS K 198 5.98 -46.41 27.01
N ASN K 199 6.58 -47.28 27.83
CA ASN K 199 5.95 -48.52 28.25
C ASN K 199 4.55 -48.20 28.80
N TYR K 200 3.52 -48.60 28.07
CA TYR K 200 2.16 -48.32 28.52
C TYR K 200 1.84 -48.90 29.89
N HIS K 201 2.33 -50.11 30.17
CA HIS K 201 2.08 -50.77 31.46
C HIS K 201 2.62 -49.93 32.60
N ALA K 202 3.83 -49.40 32.42
CA ALA K 202 4.47 -48.59 33.44
C ALA K 202 3.70 -47.32 33.74
N TRP K 203 3.26 -46.62 32.69
CA TRP K 203 2.52 -45.40 32.90
C TRP K 203 1.16 -45.68 33.52
N GLN K 204 0.56 -46.80 33.12
CA GLN K 204 -0.74 -47.15 33.66
C GLN K 204 -0.59 -47.42 35.17
N HIS K 205 0.45 -48.17 35.53
CA HIS K 205 0.69 -48.48 36.92
C HIS K 205 0.98 -47.21 37.71
N ARG K 206 1.77 -46.32 37.10
CA ARG K 206 2.15 -45.07 37.75
C ARG K 206 0.93 -44.21 38.05
N GLN K 207 0.00 -44.13 37.10
CA GLN K 207 -1.19 -43.33 37.32
C GLN K 207 -2.04 -43.93 38.41
N TRP K 208 -2.14 -45.26 38.44
CA TRP K 208 -2.95 -45.91 39.47
C TRP K 208 -2.40 -45.58 40.85
N VAL K 209 -1.10 -45.77 41.02
CA VAL K 209 -0.47 -45.51 42.30
C VAL K 209 -0.71 -44.08 42.73
N ILE K 210 -0.37 -43.14 41.86
CA ILE K 210 -0.54 -41.74 42.19
C ILE K 210 -1.97 -41.40 42.59
N GLN K 211 -2.94 -41.93 41.86
CA GLN K 211 -4.33 -41.66 42.15
C GLN K 211 -4.78 -42.33 43.45
N GLU K 212 -4.50 -43.62 43.57
CA GLU K 212 -4.88 -44.41 44.72
C GLU K 212 -4.29 -43.94 46.05
N PHE K 213 -3.06 -43.45 46.04
CA PHE K 213 -2.43 -43.01 47.27
C PHE K 213 -2.18 -41.51 47.31
N ARG K 214 -2.84 -40.79 46.40
CA ARG K 214 -2.72 -39.35 46.33
C ARG K 214 -1.27 -38.85 46.41
N LEU K 215 -0.43 -39.31 45.49
CA LEU K 215 0.99 -38.92 45.47
C LEU K 215 1.25 -37.93 44.33
N TRP K 216 0.55 -36.80 44.34
CA TRP K 216 0.72 -35.81 43.29
C TRP K 216 1.87 -34.83 43.48
N ASP K 217 2.22 -34.57 44.73
CA ASP K 217 3.27 -33.61 45.07
C ASP K 217 4.50 -33.46 44.19
N ASN K 218 5.03 -34.55 43.67
CA ASN K 218 6.24 -34.42 42.86
C ASN K 218 6.15 -34.85 41.40
N GLU K 219 4.96 -35.25 40.97
CA GLU K 219 4.81 -35.71 39.61
C GLU K 219 5.02 -34.63 38.55
N LEU K 220 4.49 -33.44 38.77
CA LEU K 220 4.66 -32.38 37.78
C LEU K 220 6.15 -32.10 37.54
N GLN K 221 6.95 -32.28 38.58
CA GLN K 221 8.37 -32.05 38.46
C GLN K 221 9.02 -33.19 37.68
N TYR K 222 8.56 -34.41 37.94
CA TYR K 222 9.06 -35.59 37.26
C TYR K 222 8.78 -35.43 35.77
N VAL K 223 7.59 -34.92 35.47
CA VAL K 223 7.16 -34.66 34.11
C VAL K 223 8.09 -33.66 33.46
N ASP K 224 8.36 -32.55 34.14
CA ASP K 224 9.26 -31.54 33.59
C ASP K 224 10.62 -32.12 33.26
N GLN K 225 11.10 -33.00 34.11
CA GLN K 225 12.39 -33.64 33.91
C GLN K 225 12.39 -34.54 32.66
N LEU K 226 11.39 -35.40 32.55
CA LEU K 226 11.31 -36.30 31.41
C LEU K 226 11.08 -35.57 30.08
N LEU K 227 10.35 -34.46 30.11
CA LEU K 227 10.12 -33.71 28.89
C LEU K 227 11.43 -33.10 28.39
N LYS K 228 12.36 -32.86 29.30
CA LYS K 228 13.65 -32.32 28.91
C LYS K 228 14.44 -33.43 28.25
N GLU K 229 14.30 -34.65 28.76
CA GLU K 229 15.02 -35.79 28.20
C GLU K 229 14.56 -36.10 26.78
N ASP K 230 13.27 -35.92 26.53
CA ASP K 230 12.70 -36.15 25.22
C ASP K 230 11.34 -35.48 25.11
N VAL K 231 11.34 -34.27 24.58
CA VAL K 231 10.12 -33.49 24.44
C VAL K 231 9.11 -34.11 23.49
N ARG K 232 9.49 -35.18 22.82
CA ARG K 232 8.57 -35.84 21.90
C ARG K 232 7.84 -37.03 22.52
N ASN K 233 8.15 -37.35 23.78
CA ASN K 233 7.49 -38.47 24.43
C ASN K 233 6.03 -38.15 24.76
N ASN K 234 5.12 -38.64 23.92
CA ASN K 234 3.70 -38.39 24.08
C ASN K 234 3.17 -38.85 25.44
N SER K 235 3.78 -39.88 26.01
CA SER K 235 3.35 -40.42 27.30
C SER K 235 3.53 -39.39 28.42
N VAL K 236 4.63 -38.64 28.34
CA VAL K 236 4.93 -37.63 29.33
C VAL K 236 3.98 -36.44 29.23
N TRP K 237 3.66 -36.03 28.01
CA TRP K 237 2.71 -34.93 27.87
C TRP K 237 1.36 -35.37 28.46
N ASN K 238 1.00 -36.63 28.26
CA ASN K 238 -0.26 -37.10 28.82
C ASN K 238 -0.16 -37.04 30.34
N GLN K 239 0.97 -37.46 30.88
CA GLN K 239 1.15 -37.45 32.33
C GLN K 239 1.01 -36.04 32.88
N ARG K 240 1.54 -35.07 32.14
CA ARG K 240 1.45 -33.70 32.56
C ARG K 240 -0.01 -33.28 32.72
N HIS K 241 -0.82 -33.57 31.71
CA HIS K 241 -2.23 -33.21 31.76
C HIS K 241 -2.91 -33.97 32.89
N PHE K 242 -2.44 -35.19 33.15
CA PHE K 242 -2.99 -36.04 34.19
C PHE K 242 -2.80 -35.35 35.55
N VAL K 243 -1.56 -34.96 35.84
CA VAL K 243 -1.23 -34.30 37.10
C VAL K 243 -2.01 -33.00 37.31
N ILE K 244 -1.90 -32.10 36.34
CA ILE K 244 -2.57 -30.82 36.45
C ILE K 244 -4.08 -30.92 36.57
N SER K 245 -4.72 -31.66 35.67
CA SER K 245 -6.17 -31.76 35.72
C SER K 245 -6.66 -32.42 37.00
N ASN K 246 -5.78 -33.13 37.70
CA ASN K 246 -6.16 -33.80 38.92
C ASN K 246 -5.75 -33.04 40.16
N THR K 247 -5.10 -31.91 39.98
CA THR K 247 -4.69 -31.10 41.12
C THR K 247 -5.34 -29.72 41.01
N THR K 248 -4.63 -28.76 40.42
CA THR K 248 -5.16 -27.41 40.26
C THR K 248 -6.27 -27.26 39.23
N GLY K 249 -6.24 -28.10 38.20
CA GLY K 249 -7.24 -27.97 37.15
C GLY K 249 -6.73 -26.89 36.22
N TYR K 250 -7.42 -26.65 35.10
CA TYR K 250 -6.96 -25.62 34.19
C TYR K 250 -7.81 -24.37 34.23
N SER K 251 -8.89 -24.40 35.01
CA SER K 251 -9.79 -23.27 35.12
C SER K 251 -9.12 -22.06 35.76
N ASP K 252 -8.03 -22.29 36.48
CA ASP K 252 -7.31 -21.19 37.08
C ASP K 252 -6.49 -20.50 35.98
N ARG K 253 -6.95 -19.32 35.55
CA ARG K 253 -6.29 -18.57 34.50
C ARG K 253 -4.77 -18.45 34.66
N ALA K 254 -4.31 -18.45 35.89
CA ALA K 254 -2.87 -18.36 36.12
C ALA K 254 -2.22 -19.65 35.63
N VAL K 255 -2.87 -20.77 35.92
CA VAL K 255 -2.33 -22.06 35.50
C VAL K 255 -2.43 -22.23 34.00
N LEU K 256 -3.59 -21.90 33.44
CA LEU K 256 -3.79 -22.01 32.01
C LEU K 256 -2.69 -21.25 31.26
N GLU K 257 -2.43 -20.02 31.72
CA GLU K 257 -1.42 -19.20 31.09
C GLU K 257 -0.03 -19.82 31.23
N ARG K 258 0.27 -20.34 32.42
CA ARG K 258 1.58 -20.94 32.64
C ARG K 258 1.75 -22.12 31.68
N GLU K 259 0.71 -22.92 31.54
CA GLU K 259 0.74 -24.09 30.68
C GLU K 259 0.82 -23.73 29.21
N VAL K 260 -0.01 -22.80 28.77
CA VAL K 260 0.03 -22.39 27.38
C VAL K 260 1.41 -21.82 27.05
N GLN K 261 1.97 -21.07 27.99
CA GLN K 261 3.27 -20.48 27.79
C GLN K 261 4.35 -21.54 27.74
N TYR K 262 4.26 -22.51 28.65
CA TYR K 262 5.21 -23.61 28.74
C TYR K 262 5.25 -24.38 27.43
N THR K 263 4.08 -24.67 26.90
CA THR K 263 3.96 -25.42 25.67
C THR K 263 4.53 -24.66 24.49
N LEU K 264 4.16 -23.38 24.35
CA LEU K 264 4.70 -22.58 23.26
C LEU K 264 6.22 -22.58 23.31
N GLU K 265 6.78 -22.62 24.52
CA GLU K 265 8.23 -22.65 24.64
C GLU K 265 8.78 -23.97 24.09
N MET K 266 8.12 -25.07 24.42
CA MET K 266 8.56 -26.39 23.95
C MET K 266 8.40 -26.46 22.44
N ILE K 267 7.33 -25.86 21.94
CA ILE K 267 7.09 -25.85 20.50
C ILE K 267 8.20 -25.07 19.79
N LYS K 268 8.63 -23.95 20.36
CA LYS K 268 9.70 -23.15 19.78
C LYS K 268 10.99 -23.98 19.71
N LEU K 269 11.21 -24.87 20.68
CA LEU K 269 12.42 -25.69 20.70
C LEU K 269 12.38 -26.79 19.66
N VAL K 270 11.20 -27.38 19.47
CA VAL K 270 11.00 -28.46 18.50
C VAL K 270 9.62 -28.25 17.91
N PRO K 271 9.51 -27.35 16.92
CA PRO K 271 8.24 -27.03 16.24
C PRO K 271 7.46 -28.20 15.66
N HIS K 272 8.17 -29.23 15.22
CA HIS K 272 7.50 -30.39 14.65
C HIS K 272 7.32 -31.47 15.71
N ASN K 273 6.32 -31.29 16.56
CA ASN K 273 6.03 -32.23 17.64
C ASN K 273 4.53 -32.26 17.91
N GLU K 274 3.88 -33.26 17.32
CA GLU K 274 2.44 -33.39 17.48
C GLU K 274 1.99 -33.36 18.94
N SER K 275 2.76 -34.01 19.82
CA SER K 275 2.42 -34.08 21.24
C SER K 275 2.23 -32.70 21.86
N ALA K 276 3.21 -31.82 21.67
CA ALA K 276 3.12 -30.48 22.21
C ALA K 276 1.88 -29.76 21.66
N TRP K 277 1.67 -29.86 20.35
CA TRP K 277 0.51 -29.19 19.75
C TRP K 277 -0.80 -29.77 20.25
N ASN K 278 -0.83 -31.08 20.47
CA ASN K 278 -2.05 -31.71 20.94
C ASN K 278 -2.39 -31.24 22.35
N TYR K 279 -1.35 -31.06 23.15
CA TYR K 279 -1.53 -30.60 24.53
C TYR K 279 -2.08 -29.17 24.48
N LEU K 280 -1.42 -28.33 23.69
CA LEU K 280 -1.86 -26.95 23.57
C LEU K 280 -3.32 -26.86 23.15
N LYS K 281 -3.69 -27.59 22.10
CA LYS K 281 -5.07 -27.56 21.65
C LYS K 281 -5.98 -28.21 22.67
N GLY K 282 -5.48 -29.26 23.30
CA GLY K 282 -6.27 -29.98 24.27
C GLY K 282 -6.76 -29.14 25.44
N ILE K 283 -5.86 -28.34 26.00
CA ILE K 283 -6.25 -27.50 27.15
C ILE K 283 -7.03 -26.25 26.79
N LEU K 284 -7.23 -25.99 25.49
CA LEU K 284 -7.98 -24.82 25.09
C LEU K 284 -9.22 -25.10 24.26
N GLN K 285 -9.23 -26.22 23.52
CA GLN K 285 -10.36 -26.53 22.65
C GLN K 285 -11.74 -26.45 23.26
N ASP K 286 -11.88 -26.83 24.51
CA ASP K 286 -13.18 -26.80 25.15
C ASP K 286 -13.57 -25.45 25.69
N ARG K 287 -12.60 -24.58 25.92
CA ARG K 287 -12.91 -23.24 26.38
C ARG K 287 -13.22 -22.40 25.15
N GLY K 288 -12.76 -22.85 23.99
CA GLY K 288 -13.02 -22.14 22.75
C GLY K 288 -11.75 -21.49 22.18
N LEU K 289 -11.16 -22.11 21.17
CA LEU K 289 -9.94 -21.58 20.58
C LEU K 289 -10.05 -20.12 20.12
N SER K 290 -11.22 -19.72 19.64
CA SER K 290 -11.39 -18.35 19.16
C SER K 290 -11.45 -17.30 20.27
N ARG K 291 -11.58 -17.73 21.53
CA ARG K 291 -11.65 -16.78 22.65
C ARG K 291 -10.29 -16.27 23.12
N TYR K 292 -9.22 -16.67 22.44
CA TYR K 292 -7.87 -16.24 22.82
C TYR K 292 -7.16 -15.51 21.68
N PRO K 293 -7.60 -14.28 21.39
CA PRO K 293 -7.11 -13.39 20.35
C PRO K 293 -5.60 -13.30 20.20
N ASN K 294 -4.89 -13.21 21.31
CA ASN K 294 -3.45 -13.12 21.25
C ASN K 294 -2.79 -14.40 20.77
N LEU K 295 -3.44 -15.53 21.03
CA LEU K 295 -2.89 -16.82 20.62
C LEU K 295 -2.85 -16.88 19.11
N LEU K 296 -3.95 -16.46 18.48
CA LEU K 296 -4.04 -16.45 17.02
C LEU K 296 -2.89 -15.66 16.42
N ASN K 297 -2.66 -14.46 16.94
CA ASN K 297 -1.59 -13.64 16.43
C ASN K 297 -0.21 -14.20 16.73
N GLN K 298 0.00 -14.69 17.95
CA GLN K 298 1.30 -15.24 18.28
C GLN K 298 1.64 -16.39 17.34
N LEU K 299 0.62 -17.19 16.98
CA LEU K 299 0.82 -18.32 16.09
C LEU K 299 1.13 -17.83 14.68
N LEU K 300 0.36 -16.86 14.19
CA LEU K 300 0.60 -16.31 12.86
C LEU K 300 2.02 -15.78 12.72
N ASP K 301 2.62 -15.38 13.84
CA ASP K 301 3.98 -14.85 13.84
C ASP K 301 5.01 -15.98 13.80
N LEU K 302 4.64 -17.15 14.33
CA LEU K 302 5.53 -18.30 14.33
C LEU K 302 5.56 -18.93 12.95
N GLN K 303 4.45 -18.80 12.22
CA GLN K 303 4.31 -19.38 10.91
C GLN K 303 5.54 -19.21 10.01
N PRO K 304 6.04 -17.97 9.88
CA PRO K 304 7.21 -17.76 9.03
C PRO K 304 8.39 -18.70 9.34
N SER K 305 8.84 -18.72 10.59
CA SER K 305 9.97 -19.59 10.97
C SER K 305 9.59 -20.98 11.50
N HIS K 306 8.91 -21.04 12.64
CA HIS K 306 8.51 -22.30 13.25
C HIS K 306 7.26 -22.94 12.65
N SER K 307 7.17 -23.03 11.33
CA SER K 307 5.99 -23.62 10.72
C SER K 307 6.03 -25.14 10.75
N SER K 308 4.85 -25.74 10.62
CA SER K 308 4.68 -27.18 10.60
C SER K 308 3.21 -27.41 10.30
N PRO K 309 2.86 -28.64 9.89
CA PRO K 309 1.46 -28.93 9.58
C PRO K 309 0.60 -28.81 10.84
N TYR K 310 1.22 -29.04 11.99
CA TYR K 310 0.53 -28.97 13.28
C TYR K 310 0.10 -27.53 13.55
N LEU K 311 0.97 -26.57 13.24
CA LEU K 311 0.65 -25.17 13.43
C LEU K 311 -0.49 -24.74 12.49
N ILE K 312 -0.38 -25.09 11.21
CA ILE K 312 -1.40 -24.74 10.23
C ILE K 312 -2.76 -25.31 10.65
N ALA K 313 -2.75 -26.56 11.13
CA ALA K 313 -4.00 -27.21 11.56
C ALA K 313 -4.60 -26.47 12.75
N PHE K 314 -3.75 -25.96 13.62
CA PHE K 314 -4.24 -25.23 14.78
C PHE K 314 -4.98 -23.98 14.29
N LEU K 315 -4.37 -23.29 13.33
CA LEU K 315 -4.99 -22.09 12.76
C LEU K 315 -6.35 -22.42 12.18
N VAL K 316 -6.41 -23.48 11.38
CA VAL K 316 -7.68 -23.90 10.79
C VAL K 316 -8.72 -24.10 11.88
N ASP K 317 -8.32 -24.77 12.96
CA ASP K 317 -9.22 -25.05 14.08
C ASP K 317 -9.68 -23.77 14.78
N ILE K 318 -8.77 -22.80 14.92
CA ILE K 318 -9.10 -21.52 15.52
C ILE K 318 -10.17 -20.88 14.63
N TYR K 319 -9.86 -20.72 13.35
CA TYR K 319 -10.80 -20.13 12.41
C TYR K 319 -12.14 -20.87 12.45
N GLU K 320 -12.10 -22.19 12.56
CA GLU K 320 -13.34 -22.91 12.60
C GLU K 320 -14.11 -22.57 13.87
N ASP K 321 -13.41 -22.37 14.99
CA ASP K 321 -14.11 -22.04 16.21
C ASP K 321 -14.77 -20.66 16.06
N MET K 322 -14.13 -19.76 15.32
CA MET K 322 -14.69 -18.43 15.09
C MET K 322 -15.98 -18.58 14.30
N LEU K 323 -15.94 -19.31 13.19
CA LEU K 323 -17.12 -19.52 12.37
C LEU K 323 -18.23 -20.12 13.24
N GLU K 324 -17.84 -20.99 14.16
CA GLU K 324 -18.76 -21.68 15.05
C GLU K 324 -19.48 -20.70 15.97
N ASN K 325 -18.80 -19.61 16.30
CA ASN K 325 -19.35 -18.59 17.18
C ASN K 325 -19.73 -17.34 16.40
N GLN K 326 -20.48 -17.52 15.32
CA GLN K 326 -20.93 -16.43 14.46
C GLN K 326 -20.05 -15.17 14.59
N CYS K 327 -18.79 -15.30 14.18
CA CYS K 327 -17.85 -14.19 14.26
C CYS K 327 -18.13 -13.12 13.20
N ASP K 328 -17.31 -12.07 13.23
CA ASP K 328 -17.42 -10.97 12.28
C ASP K 328 -16.62 -11.29 11.02
N ASN K 329 -17.22 -11.08 9.86
CA ASN K 329 -16.59 -11.35 8.56
C ASN K 329 -16.58 -12.85 8.31
N LYS K 330 -17.72 -13.48 8.58
CA LYS K 330 -17.85 -14.91 8.41
C LYS K 330 -17.22 -15.40 7.11
N GLU K 331 -17.57 -14.77 6.00
CA GLU K 331 -17.03 -15.19 4.71
C GLU K 331 -15.53 -15.03 4.59
N ASP K 332 -14.98 -14.00 5.23
CA ASP K 332 -13.55 -13.75 5.18
C ASP K 332 -12.75 -14.77 5.98
N ILE K 333 -13.26 -15.14 7.14
CA ILE K 333 -12.62 -16.12 8.02
C ILE K 333 -12.60 -17.47 7.35
N LEU K 334 -13.75 -17.84 6.78
CA LEU K 334 -13.89 -19.11 6.08
C LEU K 334 -12.85 -19.23 4.98
N ASN K 335 -12.65 -18.15 4.23
CA ASN K 335 -11.67 -18.18 3.16
C ASN K 335 -10.28 -18.39 3.72
N LYS K 336 -10.00 -17.82 4.90
CA LYS K 336 -8.68 -17.99 5.51
C LYS K 336 -8.51 -19.47 5.88
N ALA K 337 -9.61 -20.09 6.31
CA ALA K 337 -9.57 -21.50 6.67
C ALA K 337 -9.30 -22.33 5.43
N LEU K 338 -10.14 -22.16 4.42
CA LEU K 338 -10.01 -22.90 3.18
C LEU K 338 -8.62 -22.73 2.58
N GLU K 339 -8.09 -21.52 2.64
CA GLU K 339 -6.77 -21.25 2.11
C GLU K 339 -5.76 -22.20 2.77
N LEU K 340 -5.88 -22.35 4.09
CA LEU K 340 -4.99 -23.21 4.88
C LEU K 340 -5.20 -24.68 4.57
N CYS K 341 -6.46 -25.08 4.45
CA CYS K 341 -6.75 -26.46 4.13
C CYS K 341 -6.04 -26.85 2.83
N GLU K 342 -6.15 -25.98 1.84
CA GLU K 342 -5.53 -26.21 0.55
C GLU K 342 -4.00 -26.23 0.67
N ILE K 343 -3.44 -25.40 1.54
CA ILE K 343 -1.99 -25.39 1.73
C ILE K 343 -1.55 -26.74 2.32
N LEU K 344 -2.33 -27.22 3.29
CA LEU K 344 -2.04 -28.50 3.95
C LEU K 344 -2.11 -29.63 2.92
N ALA K 345 -3.21 -29.67 2.19
CA ALA K 345 -3.44 -30.70 1.20
C ALA K 345 -2.43 -30.71 0.05
N LYS K 346 -2.07 -29.52 -0.40
CA LYS K 346 -1.16 -29.37 -1.51
C LYS K 346 0.33 -29.36 -1.16
N GLU K 347 0.69 -28.91 0.04
CA GLU K 347 2.11 -28.83 0.40
C GLU K 347 2.59 -29.24 1.78
N LYS K 348 1.85 -28.83 2.81
CA LYS K 348 2.28 -29.06 4.18
C LYS K 348 2.01 -30.38 4.87
N ASP K 349 0.95 -31.07 4.47
CA ASP K 349 0.59 -32.34 5.08
C ASP K 349 0.00 -33.19 3.96
N THR K 350 0.75 -33.34 2.88
CA THR K 350 0.30 -34.09 1.70
C THR K 350 -0.25 -35.50 1.91
N ILE K 351 0.30 -36.24 2.87
CA ILE K 351 -0.18 -37.59 3.11
C ILE K 351 -1.66 -37.56 3.50
N ARG K 352 -2.12 -36.46 4.08
CA ARG K 352 -3.54 -36.32 4.47
C ARG K 352 -4.33 -35.40 3.51
N LYS K 353 -3.77 -35.25 2.31
CA LYS K 353 -4.33 -34.46 1.23
C LYS K 353 -5.83 -34.61 1.10
N GLU K 354 -6.29 -35.83 0.87
CA GLU K 354 -7.71 -36.06 0.72
C GLU K 354 -8.48 -35.66 1.98
N TYR K 355 -7.87 -35.86 3.15
CA TYR K 355 -8.55 -35.52 4.40
C TYR K 355 -8.75 -34.01 4.49
N TRP K 356 -7.68 -33.26 4.27
CA TRP K 356 -7.77 -31.82 4.36
C TRP K 356 -8.74 -31.23 3.34
N ARG K 357 -8.83 -31.85 2.16
CA ARG K 357 -9.75 -31.37 1.13
C ARG K 357 -11.17 -31.65 1.62
N TYR K 358 -11.31 -32.77 2.31
CA TYR K 358 -12.60 -33.17 2.88
C TYR K 358 -13.02 -32.17 3.99
N ILE K 359 -12.05 -31.73 4.80
CA ILE K 359 -12.34 -30.76 5.86
C ILE K 359 -12.75 -29.44 5.22
N GLY K 360 -12.00 -29.04 4.20
CA GLY K 360 -12.30 -27.82 3.49
C GLY K 360 -13.73 -27.84 2.97
N ARG K 361 -14.07 -28.89 2.23
CA ARG K 361 -15.42 -29.04 1.68
C ARG K 361 -16.46 -29.01 2.80
N SER K 362 -16.09 -29.51 3.98
CA SER K 362 -17.00 -29.53 5.11
C SER K 362 -17.25 -28.12 5.65
N LEU K 363 -16.19 -27.31 5.73
CA LEU K 363 -16.34 -25.95 6.23
C LEU K 363 -17.18 -25.14 5.26
N GLN K 364 -17.01 -25.39 3.96
CA GLN K 364 -17.77 -24.67 2.95
C GLN K 364 -19.26 -24.92 3.09
N SER K 365 -19.67 -26.19 3.02
CA SER K 365 -21.08 -26.49 3.12
C SER K 365 -21.66 -26.16 4.49
N LYS K 366 -20.80 -25.78 5.43
CA LYS K 366 -21.27 -25.47 6.77
C LYS K 366 -21.40 -23.97 7.01
N HIS K 367 -20.61 -23.15 6.31
CA HIS K 367 -20.67 -21.71 6.51
C HIS K 367 -20.64 -20.90 5.21
N SER K 368 -21.78 -20.79 4.53
CA SER K 368 -21.84 -20.02 3.29
C SER K 368 -23.26 -19.52 2.96
N LEU L 18 5.87 -53.69 -3.42
CA LEU L 18 5.98 -55.04 -4.04
C LEU L 18 4.63 -55.75 -4.20
N ASP L 19 4.69 -57.07 -4.28
CA ASP L 19 3.49 -57.88 -4.46
C ASP L 19 3.09 -58.68 -3.22
N PHE L 20 1.83 -59.08 -3.20
CA PHE L 20 1.28 -59.82 -2.10
C PHE L 20 1.47 -61.33 -2.30
N LEU L 21 2.30 -61.95 -1.48
CA LEU L 21 2.56 -63.38 -1.60
C LEU L 21 1.50 -64.28 -0.98
N ARG L 22 0.28 -64.14 -1.46
CA ARG L 22 -0.85 -64.92 -0.98
C ARG L 22 -0.60 -66.41 -0.70
N ASP L 23 -0.01 -67.12 -1.65
CA ASP L 23 0.22 -68.55 -1.43
C ASP L 23 1.12 -68.82 -0.23
N ARG L 24 2.17 -68.03 -0.08
CA ARG L 24 3.08 -68.20 1.04
C ARG L 24 2.39 -67.91 2.38
N HIS L 25 1.46 -66.97 2.39
CA HIS L 25 0.76 -66.64 3.62
C HIS L 25 -0.20 -67.75 3.98
N VAL L 26 -0.69 -68.45 2.96
CA VAL L 26 -1.60 -69.55 3.23
C VAL L 26 -0.78 -70.62 3.95
N ARG L 27 0.41 -70.92 3.40
CA ARG L 27 1.31 -71.90 4.00
C ARG L 27 1.67 -71.49 5.43
N PHE L 28 1.93 -70.18 5.59
CA PHE L 28 2.28 -69.62 6.88
C PHE L 28 1.20 -69.94 7.91
N PHE L 29 -0.04 -69.54 7.63
CA PHE L 29 -1.13 -69.80 8.56
C PHE L 29 -1.33 -71.28 8.82
N GLN L 30 -1.21 -72.08 7.76
CA GLN L 30 -1.35 -73.53 7.87
C GLN L 30 -0.35 -74.06 8.88
N ARG L 31 0.85 -73.49 8.84
CA ARG L 31 1.92 -73.89 9.74
C ARG L 31 1.55 -73.55 11.20
N CYS L 32 0.99 -72.36 11.41
CA CYS L 32 0.58 -71.92 12.75
C CYS L 32 -0.42 -72.88 13.40
N LEU L 33 -1.37 -73.41 12.63
CA LEU L 33 -2.37 -74.31 13.19
C LEU L 33 -1.80 -75.68 13.57
N GLN L 34 -0.61 -75.98 13.06
CA GLN L 34 -0.02 -77.29 13.34
C GLN L 34 0.78 -77.34 14.61
N VAL L 35 2.07 -77.02 14.52
CA VAL L 35 2.90 -77.07 15.72
C VAL L 35 3.78 -75.84 15.85
N LEU L 36 3.94 -75.39 17.08
CA LEU L 36 4.78 -74.24 17.34
C LEU L 36 5.95 -74.72 18.18
N PRO L 37 7.13 -74.08 18.02
CA PRO L 37 8.32 -74.47 18.79
C PRO L 37 8.08 -74.08 20.25
N GLU L 38 8.87 -74.63 21.17
CA GLU L 38 8.70 -74.32 22.57
C GLU L 38 8.88 -72.84 22.94
N ARG L 39 9.47 -72.06 22.04
CA ARG L 39 9.67 -70.66 22.33
C ARG L 39 8.36 -69.86 22.28
N TYR L 40 7.25 -70.51 21.97
CA TYR L 40 5.95 -69.86 21.91
C TYR L 40 5.14 -70.24 23.13
N SER L 41 5.83 -70.87 24.08
CA SER L 41 5.22 -71.33 25.32
C SER L 41 4.39 -70.28 26.04
N SER L 42 4.74 -69.01 25.89
CA SER L 42 4.01 -67.94 26.56
C SER L 42 2.66 -67.70 25.89
N LEU L 43 2.38 -68.44 24.85
CA LEU L 43 1.12 -68.32 24.13
C LEU L 43 0.18 -69.43 24.51
N GLU L 44 0.66 -70.35 25.33
CA GLU L 44 -0.13 -71.48 25.76
C GLU L 44 -1.56 -71.10 26.14
N THR L 45 -1.70 -70.22 27.13
CA THR L 45 -3.03 -69.83 27.58
C THR L 45 -3.80 -68.94 26.59
N SER L 46 -3.18 -68.62 25.46
CA SER L 46 -3.82 -67.79 24.45
C SER L 46 -3.88 -68.46 23.09
N ARG L 47 -3.72 -69.78 23.09
CA ARG L 47 -3.71 -70.50 21.84
C ARG L 47 -4.94 -70.32 20.98
N LEU L 48 -6.11 -70.18 21.61
CA LEU L 48 -7.32 -69.99 20.85
C LEU L 48 -7.28 -68.69 20.03
N THR L 49 -6.60 -67.65 20.52
CA THR L 49 -6.53 -66.41 19.76
C THR L 49 -5.56 -66.61 18.60
N ILE L 50 -4.56 -67.47 18.78
CA ILE L 50 -3.61 -67.74 17.70
C ILE L 50 -4.35 -68.52 16.62
N ALA L 51 -5.23 -69.43 17.05
CA ALA L 51 -6.03 -70.22 16.13
C ALA L 51 -6.87 -69.26 15.32
N PHE L 52 -7.41 -68.26 16.02
CA PHE L 52 -8.23 -67.24 15.41
C PHE L 52 -7.44 -66.47 14.34
N PHE L 53 -6.22 -66.06 14.67
CA PHE L 53 -5.42 -65.33 13.71
C PHE L 53 -5.18 -66.18 12.46
N ALA L 54 -4.88 -67.45 12.67
CA ALA L 54 -4.62 -68.32 11.54
C ALA L 54 -5.88 -68.69 10.76
N LEU L 55 -6.95 -69.05 11.47
CA LEU L 55 -8.20 -69.44 10.81
C LEU L 55 -8.89 -68.27 10.12
N SER L 56 -8.96 -67.14 10.81
CA SER L 56 -9.59 -65.95 10.23
C SER L 56 -8.69 -65.45 9.10
N GLY L 57 -7.39 -65.67 9.28
CA GLY L 57 -6.43 -65.27 8.27
C GLY L 57 -6.64 -66.11 7.03
N LEU L 58 -6.81 -67.42 7.21
CA LEU L 58 -7.03 -68.32 6.09
C LEU L 58 -8.34 -67.97 5.43
N ASP L 59 -9.35 -67.68 6.25
CA ASP L 59 -10.66 -67.29 5.77
C ASP L 59 -10.57 -66.04 4.89
N MET L 60 -9.83 -65.06 5.38
CA MET L 60 -9.64 -63.80 4.68
C MET L 60 -8.96 -64.04 3.32
N LEU L 61 -8.17 -65.10 3.23
CA LEU L 61 -7.48 -65.43 1.98
C LEU L 61 -8.27 -66.50 1.24
N ASP L 62 -9.46 -66.78 1.74
CA ASP L 62 -10.32 -67.79 1.14
C ASP L 62 -9.57 -69.11 0.91
N SER L 63 -9.03 -69.67 1.99
CA SER L 63 -8.30 -70.94 1.92
C SER L 63 -8.58 -71.83 3.11
N LEU L 64 -9.76 -71.70 3.70
CA LEU L 64 -10.10 -72.55 4.83
C LEU L 64 -10.09 -74.03 4.45
N ASP L 65 -10.21 -74.29 3.15
CA ASP L 65 -10.24 -75.66 2.65
C ASP L 65 -8.99 -76.46 3.00
N VAL L 66 -7.88 -75.79 3.26
CA VAL L 66 -6.64 -76.50 3.58
C VAL L 66 -6.57 -77.08 5.00
N VAL L 67 -7.67 -76.95 5.76
CA VAL L 67 -7.73 -77.47 7.13
C VAL L 67 -8.97 -78.31 7.31
N ASN L 68 -8.98 -79.13 8.36
CA ASN L 68 -10.12 -79.97 8.64
C ASN L 68 -11.04 -79.21 9.57
N LYS L 69 -12.04 -78.54 9.00
CA LYS L 69 -12.96 -77.74 9.80
C LYS L 69 -13.58 -78.51 10.97
N ASP L 70 -14.16 -79.67 10.68
CA ASP L 70 -14.79 -80.48 11.70
C ASP L 70 -13.88 -80.78 12.87
N ASP L 71 -12.62 -81.07 12.60
CA ASP L 71 -11.66 -81.36 13.65
C ASP L 71 -11.43 -80.15 14.54
N ILE L 72 -11.21 -79.00 13.91
CA ILE L 72 -10.96 -77.77 14.62
C ILE L 72 -12.18 -77.35 15.44
N ILE L 73 -13.37 -77.59 14.91
CA ILE L 73 -14.59 -77.22 15.63
C ILE L 73 -14.69 -78.02 16.93
N GLU L 74 -14.30 -79.28 16.89
CA GLU L 74 -14.35 -80.13 18.07
C GLU L 74 -13.35 -79.65 19.10
N TRP L 75 -12.18 -79.24 18.62
CA TRP L 75 -11.13 -78.73 19.50
C TRP L 75 -11.62 -77.47 20.21
N ILE L 76 -12.23 -76.57 19.44
CA ILE L 76 -12.74 -75.35 20.02
C ILE L 76 -13.77 -75.67 21.10
N TYR L 77 -14.72 -76.54 20.79
CA TYR L 77 -15.75 -76.88 21.77
C TYR L 77 -15.17 -77.57 23.01
N SER L 78 -13.98 -78.13 22.89
CA SER L 78 -13.36 -78.78 24.03
C SER L 78 -12.82 -77.72 24.97
N LEU L 79 -12.85 -76.47 24.52
CA LEU L 79 -12.36 -75.35 25.32
C LEU L 79 -13.49 -74.63 26.04
N GLN L 80 -14.73 -75.02 25.80
CA GLN L 80 -15.85 -74.35 26.46
C GLN L 80 -16.04 -74.81 27.89
N VAL L 81 -16.07 -73.85 28.80
CA VAL L 81 -16.30 -74.14 30.21
C VAL L 81 -17.81 -74.17 30.36
N LEU L 82 -18.36 -75.38 30.42
CA LEU L 82 -19.80 -75.57 30.56
C LEU L 82 -20.23 -75.59 32.00
N PRO L 83 -21.48 -75.21 32.26
CA PRO L 83 -21.94 -75.23 33.65
C PRO L 83 -22.04 -76.67 34.17
N THR L 84 -21.68 -76.88 35.43
CA THR L 84 -21.72 -78.21 36.03
C THR L 84 -23.16 -78.62 36.32
N GLU L 85 -23.33 -79.86 36.77
CA GLU L 85 -24.65 -80.41 37.10
C GLU L 85 -25.43 -79.43 37.98
N ASP L 86 -24.85 -79.03 39.10
CA ASP L 86 -25.49 -78.10 40.03
C ASP L 86 -25.54 -76.66 39.53
N ARG L 87 -24.91 -76.38 38.39
CA ARG L 87 -24.89 -75.05 37.81
C ARG L 87 -24.40 -73.99 38.80
N SER L 88 -23.43 -74.37 39.63
CA SER L 88 -22.89 -73.47 40.62
C SER L 88 -21.68 -72.70 40.09
N ASN L 89 -21.33 -72.92 38.83
CA ASN L 89 -20.19 -72.25 38.23
C ASN L 89 -20.60 -71.39 37.04
N LEU L 90 -21.85 -70.93 37.02
CA LEU L 90 -22.30 -70.10 35.90
C LEU L 90 -21.44 -68.87 35.67
N ASP L 91 -21.08 -68.19 36.75
CA ASP L 91 -20.26 -67.00 36.68
C ASP L 91 -18.87 -67.23 36.10
N ARG L 92 -18.52 -68.49 35.88
CA ARG L 92 -17.20 -68.82 35.34
C ARG L 92 -17.24 -69.45 33.95
N CYS L 93 -18.41 -69.47 33.32
CA CYS L 93 -18.52 -70.07 32.01
C CYS L 93 -18.04 -69.19 30.86
N GLY L 94 -17.71 -69.84 29.75
CA GLY L 94 -17.20 -69.16 28.58
C GLY L 94 -16.19 -70.11 27.96
N PHE L 95 -15.09 -69.59 27.42
CA PHE L 95 -14.07 -70.46 26.82
C PHE L 95 -12.68 -70.29 27.41
N ARG L 96 -11.89 -71.38 27.35
CA ARG L 96 -10.52 -71.38 27.85
C ARG L 96 -9.65 -71.09 26.65
N GLY L 97 -8.44 -70.59 26.90
CA GLY L 97 -7.52 -70.29 25.81
C GLY L 97 -6.90 -71.54 25.26
N SER L 98 -6.88 -72.60 26.08
CA SER L 98 -6.30 -73.87 25.69
C SER L 98 -6.62 -74.90 26.75
N SER L 99 -6.02 -76.07 26.62
CA SER L 99 -6.25 -77.15 27.56
C SER L 99 -5.19 -77.20 28.65
N TYR L 100 -4.49 -76.10 28.87
CA TYR L 100 -3.43 -76.07 29.86
C TYR L 100 -3.79 -76.53 31.27
N LEU L 101 -5.06 -76.52 31.64
CA LEU L 101 -5.42 -76.96 32.99
C LEU L 101 -5.44 -78.48 33.16
N GLY L 102 -5.45 -79.21 32.06
CA GLY L 102 -5.44 -80.64 32.17
C GLY L 102 -6.81 -81.28 32.27
N ILE L 103 -7.85 -80.54 31.90
CA ILE L 103 -9.19 -81.09 31.94
C ILE L 103 -9.34 -82.05 30.77
N PRO L 104 -9.89 -83.25 31.01
CA PRO L 104 -10.08 -84.26 29.97
C PRO L 104 -10.85 -83.76 28.76
N PHE L 105 -10.31 -84.03 27.57
CA PHE L 105 -10.93 -83.61 26.31
C PHE L 105 -12.41 -83.92 26.26
N ASN L 106 -13.22 -82.87 26.12
CA ASN L 106 -14.66 -83.04 26.06
C ASN L 106 -15.27 -81.95 25.18
N PRO L 107 -15.47 -82.25 23.89
CA PRO L 107 -16.04 -81.33 22.91
C PRO L 107 -17.48 -80.90 23.20
N SER L 108 -17.68 -80.28 24.36
CA SER L 108 -18.99 -79.81 24.79
C SER L 108 -20.05 -80.91 24.63
N LYS L 109 -19.68 -82.13 25.02
CA LYS L 109 -20.59 -83.26 24.93
C LYS L 109 -21.21 -83.48 26.31
N ASN L 110 -20.41 -84.00 27.25
CA ASN L 110 -20.88 -84.25 28.61
C ASN L 110 -20.98 -82.93 29.35
N PRO L 111 -21.55 -82.95 30.57
CA PRO L 111 -21.67 -81.71 31.36
C PRO L 111 -20.32 -81.29 31.94
N GLY L 112 -20.28 -80.13 32.56
CA GLY L 112 -19.04 -79.64 33.11
C GLY L 112 -18.45 -80.44 34.26
N THR L 113 -17.14 -80.69 34.19
CA THR L 113 -16.44 -81.41 35.25
C THR L 113 -15.81 -80.36 36.16
N ALA L 114 -16.35 -80.25 37.37
CA ALA L 114 -15.88 -79.28 38.36
C ALA L 114 -14.36 -79.24 38.52
N HIS L 115 -13.83 -78.03 38.68
CA HIS L 115 -12.42 -77.82 38.86
C HIS L 115 -12.29 -76.47 39.56
N PRO L 116 -11.53 -76.43 40.66
CA PRO L 116 -11.31 -75.21 41.44
C PRO L 116 -10.89 -73.96 40.66
N TYR L 117 -10.11 -74.14 39.60
CA TYR L 117 -9.62 -72.99 38.86
C TYR L 117 -9.95 -72.91 37.38
N ASP L 118 -10.90 -73.73 36.94
CA ASP L 118 -11.28 -73.73 35.53
C ASP L 118 -12.36 -72.69 35.27
N SER L 119 -12.02 -71.66 34.52
CA SER L 119 -12.94 -70.58 34.18
C SER L 119 -12.64 -70.08 32.78
N GLY L 120 -13.57 -69.33 32.22
CA GLY L 120 -13.39 -68.80 30.88
C GLY L 120 -12.54 -67.54 30.91
N HIS L 121 -12.10 -67.11 29.73
CA HIS L 121 -11.32 -65.89 29.60
C HIS L 121 -12.03 -65.09 28.52
N ILE L 122 -12.45 -63.89 28.86
CA ILE L 122 -13.20 -63.05 27.93
C ILE L 122 -12.64 -62.96 26.50
N ALA L 123 -11.33 -62.89 26.35
CA ALA L 123 -10.74 -62.81 25.01
C ALA L 123 -10.82 -64.16 24.30
N MET L 124 -10.96 -65.23 25.08
CA MET L 124 -11.05 -66.56 24.51
C MET L 124 -12.50 -66.86 24.11
N THR L 125 -13.43 -66.38 24.93
CA THR L 125 -14.83 -66.58 24.63
C THR L 125 -15.08 -65.83 23.33
N TYR L 126 -14.49 -64.65 23.21
CA TYR L 126 -14.63 -63.85 22.01
C TYR L 126 -14.04 -64.57 20.80
N THR L 127 -12.73 -64.83 20.81
CA THR L 127 -12.11 -65.50 19.67
C THR L 127 -12.66 -66.90 19.43
N GLY L 128 -13.12 -67.55 20.51
CA GLY L 128 -13.69 -68.88 20.37
C GLY L 128 -14.96 -68.84 19.52
N LEU L 129 -15.93 -68.03 19.95
CA LEU L 129 -17.19 -67.89 19.21
C LEU L 129 -16.88 -67.43 17.80
N SER L 130 -15.97 -66.48 17.70
CA SER L 130 -15.57 -65.95 16.41
C SER L 130 -15.08 -67.08 15.50
N CYS L 131 -14.20 -67.93 16.02
CA CYS L 131 -13.67 -69.06 15.25
C CYS L 131 -14.78 -70.00 14.81
N LEU L 132 -15.67 -70.35 15.73
CA LEU L 132 -16.77 -71.24 15.43
C LEU L 132 -17.58 -70.71 14.24
N ILE L 133 -17.92 -69.43 14.26
CA ILE L 133 -18.68 -68.85 13.17
C ILE L 133 -17.91 -68.96 11.86
N ILE L 134 -16.63 -68.64 11.92
CA ILE L 134 -15.76 -68.68 10.73
C ILE L 134 -15.70 -70.08 10.13
N LEU L 135 -15.71 -71.09 10.99
CA LEU L 135 -15.65 -72.47 10.53
C LEU L 135 -17.00 -73.01 10.08
N GLY L 136 -18.05 -72.19 10.15
CA GLY L 136 -19.36 -72.63 9.72
C GLY L 136 -20.25 -73.24 10.79
N ASP L 137 -19.75 -73.42 12.00
CA ASP L 137 -20.56 -73.98 13.06
C ASP L 137 -21.75 -73.03 13.31
N ASP L 138 -22.83 -73.57 13.88
CA ASP L 138 -24.03 -72.79 14.16
C ASP L 138 -24.19 -72.38 15.63
N LEU L 139 -23.16 -72.65 16.42
CA LEU L 139 -23.17 -72.29 17.84
C LEU L 139 -24.23 -72.99 18.67
N SER L 140 -24.84 -74.04 18.13
CA SER L 140 -25.87 -74.78 18.86
C SER L 140 -25.31 -75.41 20.13
N ARG L 141 -24.03 -75.77 20.11
CA ARG L 141 -23.40 -76.39 21.28
C ARG L 141 -22.84 -75.39 22.27
N VAL L 142 -23.10 -74.11 22.02
CA VAL L 142 -22.64 -73.05 22.91
C VAL L 142 -23.74 -72.79 23.93
N ASP L 143 -23.41 -72.85 25.22
CA ASP L 143 -24.40 -72.57 26.24
C ASP L 143 -24.49 -71.05 26.32
N LYS L 144 -25.20 -70.45 25.37
CA LYS L 144 -25.34 -69.02 25.31
C LYS L 144 -25.64 -68.34 26.64
N GLU L 145 -26.61 -68.86 27.39
CA GLU L 145 -26.93 -68.24 28.67
C GLU L 145 -25.79 -68.29 29.67
N ALA L 146 -25.05 -69.40 29.68
CA ALA L 146 -23.93 -69.54 30.61
C ALA L 146 -22.85 -68.52 30.24
N CYS L 147 -22.55 -68.39 28.95
CA CYS L 147 -21.56 -67.44 28.50
C CYS L 147 -21.95 -66.03 28.92
N LEU L 148 -23.20 -65.66 28.65
CA LEU L 148 -23.69 -64.33 29.01
C LEU L 148 -23.61 -64.11 30.52
N ALA L 149 -23.88 -65.15 31.29
CA ALA L 149 -23.82 -65.05 32.75
C ALA L 149 -22.37 -64.79 33.14
N GLY L 150 -21.46 -65.50 32.48
CA GLY L 150 -20.05 -65.34 32.78
C GLY L 150 -19.59 -63.94 32.41
N LEU L 151 -20.09 -63.43 31.29
CA LEU L 151 -19.72 -62.11 30.84
C LEU L 151 -20.15 -61.07 31.87
N ARG L 152 -21.44 -61.07 32.23
CA ARG L 152 -21.96 -60.13 33.22
C ARG L 152 -21.09 -60.07 34.47
N ALA L 153 -20.66 -61.25 34.93
CA ALA L 153 -19.83 -61.35 36.11
C ALA L 153 -18.49 -60.61 36.00
N LEU L 154 -18.01 -60.43 34.77
CA LEU L 154 -16.75 -59.75 34.53
C LEU L 154 -16.79 -58.22 34.54
N GLN L 155 -17.96 -57.64 34.37
CA GLN L 155 -18.05 -56.19 34.34
C GLN L 155 -17.90 -55.52 35.70
N LEU L 156 -17.18 -54.41 35.75
CA LEU L 156 -16.96 -53.69 36.99
C LEU L 156 -17.92 -52.52 37.13
N GLU L 157 -17.89 -51.89 38.30
CA GLU L 157 -18.74 -50.76 38.60
C GLU L 157 -18.56 -49.64 37.57
N ASP L 158 -17.34 -49.43 37.12
CA ASP L 158 -17.06 -48.36 36.17
C ASP L 158 -17.45 -48.68 34.72
N GLY L 159 -18.00 -49.86 34.49
CA GLY L 159 -18.41 -50.23 33.15
C GLY L 159 -17.43 -51.08 32.35
N SER L 160 -16.15 -51.08 32.74
CA SER L 160 -15.16 -51.89 32.01
C SER L 160 -15.25 -53.35 32.42
N PHE L 161 -14.39 -54.19 31.85
CA PHE L 161 -14.40 -55.61 32.15
C PHE L 161 -13.05 -56.20 32.54
N CYS L 162 -13.10 -57.35 33.19
CA CYS L 162 -11.92 -58.11 33.56
C CYS L 162 -11.93 -59.26 32.56
N ALA L 163 -10.83 -59.99 32.47
CA ALA L 163 -10.80 -61.09 31.53
C ALA L 163 -11.29 -62.39 32.16
N VAL L 164 -11.04 -62.55 33.45
CA VAL L 164 -11.42 -63.77 34.17
C VAL L 164 -12.05 -63.48 35.52
N PRO L 165 -12.99 -64.34 35.95
CA PRO L 165 -13.67 -64.17 37.23
C PRO L 165 -12.74 -64.14 38.44
N GLU L 166 -11.59 -64.79 38.35
CA GLU L 166 -10.65 -64.82 39.47
C GLU L 166 -10.02 -63.46 39.66
N GLY L 167 -10.11 -62.61 38.64
CA GLY L 167 -9.55 -61.28 38.72
C GLY L 167 -8.43 -61.06 37.73
N SER L 168 -8.31 -59.82 37.25
CA SER L 168 -7.28 -59.44 36.30
C SER L 168 -7.35 -57.94 36.15
N GLU L 169 -6.52 -57.40 35.27
CA GLU L 169 -6.53 -55.97 35.02
C GLU L 169 -7.81 -55.72 34.23
N ASN L 170 -8.25 -54.48 34.17
CA ASN L 170 -9.46 -54.16 33.43
C ASN L 170 -9.22 -52.95 32.56
N ASP L 171 -9.69 -53.00 31.32
CA ASP L 171 -9.53 -51.89 30.40
C ASP L 171 -10.35 -52.06 29.12
N MET L 172 -10.16 -51.12 28.20
CA MET L 172 -10.89 -51.12 26.94
C MET L 172 -10.80 -52.41 26.13
N ARG L 173 -9.68 -53.11 26.22
CA ARG L 173 -9.52 -54.36 25.46
C ARG L 173 -10.68 -55.31 25.74
N PHE L 174 -10.99 -55.46 27.02
CA PHE L 174 -12.04 -56.38 27.42
C PHE L 174 -13.44 -55.84 27.19
N VAL L 175 -13.57 -54.51 27.10
CA VAL L 175 -14.86 -53.91 26.82
C VAL L 175 -15.20 -54.32 25.39
N TYR L 176 -14.20 -54.31 24.52
CA TYR L 176 -14.39 -54.71 23.13
C TYR L 176 -14.75 -56.18 23.04
N CYS L 177 -14.08 -57.02 23.81
CA CYS L 177 -14.36 -58.45 23.82
C CYS L 177 -15.81 -58.68 24.23
N ALA L 178 -16.24 -58.00 25.29
CA ALA L 178 -17.60 -58.13 25.78
C ALA L 178 -18.56 -57.75 24.66
N SER L 179 -18.28 -56.62 24.01
CA SER L 179 -19.13 -56.15 22.92
C SER L 179 -19.23 -57.17 21.80
N CYS L 180 -18.11 -57.75 21.39
CA CYS L 180 -18.12 -58.75 20.34
C CYS L 180 -18.92 -59.97 20.73
N ILE L 181 -18.79 -60.39 21.98
CA ILE L 181 -19.52 -61.55 22.46
C ILE L 181 -21.02 -61.29 22.42
N CYS L 182 -21.43 -60.15 22.98
CA CYS L 182 -22.85 -59.81 22.99
C CYS L 182 -23.38 -59.72 21.56
N TYR L 183 -22.59 -59.14 20.69
CA TYR L 183 -23.00 -59.00 19.30
C TYR L 183 -23.17 -60.35 18.61
N MET L 184 -22.19 -61.23 18.76
CA MET L 184 -22.26 -62.54 18.13
C MET L 184 -23.38 -63.40 18.68
N LEU L 185 -23.62 -63.34 19.99
CA LEU L 185 -24.68 -64.12 20.59
C LEU L 185 -25.98 -63.34 20.41
N ASN L 186 -25.88 -62.20 19.74
CA ASN L 186 -27.03 -61.35 19.46
C ASN L 186 -27.91 -61.17 20.69
N ASN L 187 -27.26 -60.88 21.81
CA ASN L 187 -27.95 -60.71 23.08
C ASN L 187 -27.09 -59.82 23.98
N TRP L 188 -27.54 -58.61 24.25
CA TRP L 188 -26.77 -57.69 25.07
C TRP L 188 -27.04 -57.78 26.56
N SER L 189 -27.65 -58.86 27.01
CA SER L 189 -27.92 -59.01 28.43
C SER L 189 -26.60 -59.35 29.10
N GLY L 190 -25.59 -59.59 28.28
CA GLY L 190 -24.27 -59.91 28.80
C GLY L 190 -23.54 -58.75 29.43
N MET L 191 -24.07 -57.54 29.30
CA MET L 191 -23.43 -56.37 29.87
C MET L 191 -24.42 -55.26 30.19
N ASP L 192 -23.99 -54.33 31.03
CA ASP L 192 -24.78 -53.17 31.37
C ASP L 192 -24.24 -52.13 30.39
N MET L 193 -24.87 -52.06 29.22
CA MET L 193 -24.45 -51.16 28.16
C MET L 193 -24.30 -49.70 28.56
N LYS L 194 -25.17 -49.22 29.43
CA LYS L 194 -25.09 -47.84 29.86
C LYS L 194 -23.76 -47.57 30.55
N LYS L 195 -23.36 -48.47 31.44
CA LYS L 195 -22.09 -48.32 32.15
C LYS L 195 -20.88 -48.48 31.25
N ALA L 196 -20.96 -49.37 30.27
CA ALA L 196 -19.88 -49.61 29.33
C ALA L 196 -19.66 -48.33 28.52
N ILE L 197 -20.75 -47.76 28.04
CA ILE L 197 -20.70 -46.54 27.24
C ILE L 197 -20.07 -45.43 28.07
N SER L 198 -20.42 -45.38 29.34
CA SER L 198 -19.87 -44.38 30.23
C SER L 198 -18.35 -44.56 30.29
N TYR L 199 -17.90 -45.80 30.42
CA TYR L 199 -16.47 -46.06 30.48
C TYR L 199 -15.78 -45.60 29.19
N ILE L 200 -16.37 -45.94 28.04
CA ILE L 200 -15.81 -45.55 26.77
C ILE L 200 -15.70 -44.03 26.67
N ARG L 201 -16.73 -43.30 27.07
CA ARG L 201 -16.65 -41.84 27.01
C ARG L 201 -15.53 -41.31 27.88
N ARG L 202 -15.49 -41.73 29.14
CA ARG L 202 -14.49 -41.29 30.08
C ARG L 202 -13.05 -41.57 29.67
N SER L 203 -12.88 -42.46 28.70
CA SER L 203 -11.53 -42.79 28.27
C SER L 203 -11.00 -41.80 27.24
N MET L 204 -11.86 -40.91 26.76
CA MET L 204 -11.42 -39.94 25.77
C MET L 204 -10.43 -38.95 26.40
N SER L 205 -9.30 -38.78 25.74
CA SER L 205 -8.24 -37.90 26.21
C SER L 205 -8.41 -36.46 25.75
N TYR L 206 -7.59 -35.58 26.29
CA TYR L 206 -7.62 -34.18 25.93
C TYR L 206 -7.19 -34.05 24.46
N ASP L 207 -6.43 -35.03 23.96
CA ASP L 207 -6.00 -34.98 22.57
C ASP L 207 -7.05 -35.64 21.64
N ASN L 208 -8.17 -36.04 22.26
CA ASN L 208 -9.31 -36.63 21.56
C ASN L 208 -9.26 -38.08 21.12
N GLY L 209 -8.18 -38.78 21.45
CA GLY L 209 -8.12 -40.19 21.13
C GLY L 209 -8.75 -40.92 22.31
N LEU L 210 -8.88 -42.23 22.23
CA LEU L 210 -9.43 -42.99 23.34
C LEU L 210 -8.30 -43.77 24.00
N ALA L 211 -8.25 -43.73 25.33
CA ALA L 211 -7.19 -44.43 26.06
C ALA L 211 -7.74 -45.74 26.62
N GLN L 212 -6.88 -46.54 27.25
CA GLN L 212 -7.32 -47.80 27.82
C GLN L 212 -8.31 -47.56 28.97
N GLY L 213 -8.21 -46.38 29.56
CA GLY L 213 -9.08 -45.98 30.67
C GLY L 213 -8.89 -44.50 30.90
N ALA L 214 -9.80 -43.89 31.65
CA ALA L 214 -9.75 -42.46 31.93
C ALA L 214 -8.38 -41.98 32.38
N GLY L 215 -7.96 -40.84 31.85
CA GLY L 215 -6.68 -40.26 32.24
C GLY L 215 -5.44 -40.84 31.57
N LEU L 216 -5.53 -42.07 31.08
CA LEU L 216 -4.39 -42.69 30.41
C LEU L 216 -4.16 -42.07 29.02
N GLU L 217 -3.01 -42.37 28.45
CA GLU L 217 -2.63 -41.86 27.14
C GLU L 217 -3.48 -42.51 26.05
N SER L 218 -4.10 -41.68 25.20
CA SER L 218 -4.94 -42.20 24.12
C SER L 218 -4.06 -43.11 23.27
N HIS L 219 -4.67 -44.15 22.73
CA HIS L 219 -3.92 -45.15 21.99
C HIS L 219 -4.74 -45.76 20.85
N GLY L 220 -4.07 -46.08 19.75
CA GLY L 220 -4.76 -46.64 18.61
C GLY L 220 -5.51 -47.92 18.92
N GLY L 221 -4.94 -48.75 19.78
CA GLY L 221 -5.57 -49.99 20.14
C GLY L 221 -6.87 -49.76 20.91
N SER L 222 -6.80 -48.91 21.93
CA SER L 222 -7.99 -48.64 22.73
C SER L 222 -9.02 -47.80 21.97
N THR L 223 -8.56 -46.96 21.05
CA THR L 223 -9.48 -46.16 20.26
C THR L 223 -10.28 -47.11 19.39
N PHE L 224 -9.62 -48.11 18.81
CA PHE L 224 -10.32 -49.07 17.99
C PHE L 224 -11.33 -49.80 18.87
N CYS L 225 -10.88 -50.31 20.00
CA CYS L 225 -11.77 -51.03 20.89
C CYS L 225 -12.99 -50.22 21.29
N GLY L 226 -12.77 -48.95 21.60
CA GLY L 226 -13.87 -48.08 22.01
C GLY L 226 -14.85 -47.80 20.89
N ILE L 227 -14.32 -47.30 19.78
CA ILE L 227 -15.16 -46.99 18.63
C ILE L 227 -15.88 -48.23 18.10
N ALA L 228 -15.13 -49.33 17.94
CA ALA L 228 -15.73 -50.56 17.43
C ALA L 228 -16.83 -51.05 18.37
N SER L 229 -16.59 -50.95 19.67
CA SER L 229 -17.60 -51.38 20.63
C SER L 229 -18.89 -50.59 20.44
N LEU L 230 -18.77 -49.28 20.32
CA LEU L 230 -19.94 -48.43 20.13
C LEU L 230 -20.65 -48.78 18.83
N CYS L 231 -19.89 -49.03 17.77
CA CYS L 231 -20.49 -49.39 16.49
C CYS L 231 -21.23 -50.72 16.62
N LEU L 232 -20.66 -51.66 17.34
CA LEU L 232 -21.30 -52.95 17.54
C LEU L 232 -22.61 -52.76 18.31
N MET L 233 -22.65 -51.78 19.20
CA MET L 233 -23.86 -51.51 19.98
C MET L 233 -24.78 -50.61 19.15
N GLY L 234 -24.24 -50.10 18.05
CA GLY L 234 -25.01 -49.22 17.19
C GLY L 234 -25.34 -47.92 17.91
N LYS L 235 -24.35 -47.36 18.60
CA LYS L 235 -24.59 -46.11 19.33
C LYS L 235 -23.50 -45.08 19.16
N LEU L 236 -22.69 -45.22 18.12
CA LEU L 236 -21.60 -44.28 17.88
C LEU L 236 -22.14 -42.86 17.86
N GLU L 237 -23.07 -42.62 16.95
CA GLU L 237 -23.71 -41.31 16.76
C GLU L 237 -24.38 -40.80 18.03
N GLU L 238 -24.98 -41.71 18.78
CA GLU L 238 -25.67 -41.35 20.00
C GLU L 238 -24.74 -40.98 21.15
N VAL L 239 -23.57 -41.61 21.21
CA VAL L 239 -22.62 -41.36 22.29
C VAL L 239 -21.71 -40.16 22.08
N PHE L 240 -21.21 -39.96 20.86
CA PHE L 240 -20.33 -38.84 20.59
C PHE L 240 -21.01 -37.82 19.68
N SER L 241 -20.83 -36.54 19.99
CA SER L 241 -21.41 -35.48 19.18
C SER L 241 -20.66 -35.39 17.86
N GLU L 242 -21.18 -34.61 16.93
CA GLU L 242 -20.51 -34.45 15.66
C GLU L 242 -19.15 -33.81 15.89
N LYS L 243 -19.12 -32.83 16.79
CA LYS L 243 -17.87 -32.14 17.11
C LYS L 243 -16.88 -33.12 17.67
N GLU L 244 -17.36 -33.97 18.58
CA GLU L 244 -16.53 -34.99 19.19
C GLU L 244 -16.01 -35.99 18.15
N LEU L 245 -16.89 -36.48 17.28
CA LEU L 245 -16.47 -37.41 16.26
C LEU L 245 -15.44 -36.77 15.33
N ASN L 246 -15.58 -35.46 15.09
CA ASN L 246 -14.62 -34.78 14.23
C ASN L 246 -13.25 -34.78 14.85
N ARG L 247 -13.22 -34.57 16.17
CA ARG L 247 -11.97 -34.53 16.89
C ARG L 247 -11.32 -35.92 16.94
N ILE L 248 -12.15 -36.95 17.12
CA ILE L 248 -11.64 -38.31 17.16
C ILE L 248 -11.08 -38.67 15.79
N LYS L 249 -11.79 -38.29 14.73
CA LYS L 249 -11.33 -38.57 13.37
C LYS L 249 -9.98 -37.93 13.14
N ARG L 250 -9.85 -36.69 13.58
CA ARG L 250 -8.61 -35.95 13.42
C ARG L 250 -7.46 -36.72 14.09
N TRP L 251 -7.70 -37.16 15.33
CA TRP L 251 -6.68 -37.88 16.06
C TRP L 251 -6.27 -39.14 15.33
N CYS L 252 -7.27 -39.86 14.83
CA CYS L 252 -7.00 -41.12 14.14
C CYS L 252 -6.24 -40.92 12.84
N ILE L 253 -6.71 -40.00 12.00
CA ILE L 253 -6.03 -39.82 10.72
C ILE L 253 -4.64 -39.24 10.87
N MET L 254 -4.33 -38.65 12.01
CA MET L 254 -2.98 -38.12 12.23
C MET L 254 -2.02 -39.28 12.55
N ARG L 255 -2.56 -40.48 12.74
CA ARG L 255 -1.72 -41.64 13.03
C ARG L 255 -0.96 -42.14 11.81
N GLN L 256 -1.37 -41.76 10.61
CA GLN L 256 -0.67 -42.24 9.43
C GLN L 256 0.61 -41.47 9.15
N GLN L 257 1.72 -42.20 9.11
CA GLN L 257 3.03 -41.63 8.84
C GLN L 257 3.38 -42.07 7.42
N ASN L 258 3.09 -43.34 7.15
CA ASN L 258 3.27 -44.02 5.86
C ASN L 258 2.39 -45.21 6.18
N GLY L 259 2.82 -45.95 7.20
CA GLY L 259 2.02 -47.04 7.71
C GLY L 259 1.38 -46.32 8.89
N TYR L 260 0.92 -47.03 9.91
CA TYR L 260 0.32 -46.34 11.06
C TYR L 260 0.99 -46.68 12.37
N HIS L 261 1.05 -45.70 13.28
CA HIS L 261 1.62 -45.94 14.61
C HIS L 261 0.44 -45.93 15.59
N GLY L 262 0.65 -46.41 16.82
CA GLY L 262 -0.44 -46.44 17.77
C GLY L 262 -0.60 -45.22 18.65
N ARG L 263 0.43 -44.38 18.68
CA ARG L 263 0.44 -43.17 19.49
C ARG L 263 1.34 -42.11 18.87
N PRO L 264 1.01 -40.83 19.08
CA PRO L 264 1.83 -39.76 18.52
C PRO L 264 3.30 -40.00 18.87
N ASN L 265 4.18 -39.70 17.92
CA ASN L 265 5.63 -39.84 18.10
C ASN L 265 6.16 -41.23 18.37
N LYS L 266 5.41 -42.25 17.97
CA LYS L 266 5.84 -43.64 18.14
C LYS L 266 6.04 -44.21 16.73
N PRO L 267 6.96 -45.17 16.58
CA PRO L 267 7.20 -45.76 15.26
C PRO L 267 5.99 -46.54 14.73
N VAL L 268 5.81 -46.55 13.42
CA VAL L 268 4.69 -47.29 12.83
C VAL L 268 4.86 -48.78 13.09
N ASP L 269 3.73 -49.48 13.07
CA ASP L 269 3.67 -50.90 13.32
C ASP L 269 2.54 -51.45 12.44
N THR L 270 2.87 -52.46 11.64
CA THR L 270 1.89 -53.06 10.74
C THR L 270 0.48 -53.28 11.35
N CYS L 271 0.40 -53.84 12.55
CA CYS L 271 -0.93 -54.10 13.09
C CYS L 271 -1.81 -52.86 13.21
N TYR L 272 -1.21 -51.68 13.29
CA TYR L 272 -2.01 -50.47 13.39
C TYR L 272 -2.70 -50.11 12.08
N SER L 273 -2.27 -50.74 10.99
CA SER L 273 -2.92 -50.52 9.71
C SER L 273 -4.34 -51.04 9.90
N PHE L 274 -4.52 -51.96 10.83
CA PHE L 274 -5.86 -52.44 11.07
C PHE L 274 -6.51 -51.70 12.23
N TRP L 275 -5.85 -51.68 13.39
CA TRP L 275 -6.40 -51.01 14.56
C TRP L 275 -6.90 -49.60 14.22
N VAL L 276 -6.01 -48.78 13.67
CA VAL L 276 -6.37 -47.41 13.32
C VAL L 276 -7.16 -47.36 12.01
N GLY L 277 -6.68 -48.10 11.02
CA GLY L 277 -7.37 -48.15 9.72
C GLY L 277 -8.83 -48.53 9.86
N ALA L 278 -9.10 -49.56 10.65
CA ALA L 278 -10.48 -50.02 10.87
C ALA L 278 -11.31 -48.95 11.59
N THR L 279 -10.68 -48.18 12.47
CA THR L 279 -11.39 -47.14 13.20
C THR L 279 -11.77 -46.06 12.20
N LEU L 280 -10.81 -45.72 11.33
CA LEU L 280 -11.06 -44.73 10.32
C LEU L 280 -12.20 -45.19 9.40
N LYS L 281 -12.21 -46.48 9.08
CA LYS L 281 -13.26 -47.03 8.21
C LYS L 281 -14.60 -46.89 8.94
N LEU L 282 -14.62 -47.22 10.22
CA LEU L 282 -15.86 -47.10 10.99
C LEU L 282 -16.32 -45.66 11.05
N LEU L 283 -15.37 -44.72 11.03
CA LEU L 283 -15.69 -43.30 11.08
C LEU L 283 -15.89 -42.75 9.66
N LYS L 284 -15.94 -43.65 8.69
CA LYS L 284 -16.16 -43.30 7.29
C LYS L 284 -15.19 -42.31 6.66
N ILE L 285 -13.94 -42.32 7.08
CA ILE L 285 -12.98 -41.41 6.48
C ILE L 285 -11.69 -42.11 6.11
N PHE L 286 -11.67 -43.45 6.16
CA PHE L 286 -10.47 -44.18 5.78
C PHE L 286 -10.17 -43.88 4.31
N GLN L 287 -11.24 -43.60 3.57
CA GLN L 287 -11.18 -43.28 2.15
C GLN L 287 -10.29 -42.05 1.89
N TYR L 288 -10.11 -41.22 2.91
CA TYR L 288 -9.31 -40.01 2.74
C TYR L 288 -7.84 -40.17 3.13
N THR L 289 -7.44 -41.40 3.45
CA THR L 289 -6.07 -41.67 3.83
C THR L 289 -5.26 -41.95 2.56
N ASN L 290 -3.94 -42.05 2.69
CA ASN L 290 -3.10 -42.34 1.55
C ASN L 290 -2.90 -43.87 1.49
N PHE L 291 -3.55 -44.51 0.50
CA PHE L 291 -3.45 -45.97 0.36
C PHE L 291 -2.07 -46.50 0.00
N GLU L 292 -1.46 -45.91 -1.01
CA GLU L 292 -0.17 -46.39 -1.47
C GLU L 292 0.91 -46.48 -0.40
N LYS L 293 1.12 -45.41 0.36
CA LYS L 293 2.14 -45.44 1.39
C LYS L 293 1.84 -46.48 2.46
N ASN L 294 0.56 -46.65 2.78
CA ASN L 294 0.15 -47.63 3.77
C ASN L 294 0.45 -49.02 3.21
N ARG L 295 -0.05 -49.28 2.01
CA ARG L 295 0.16 -50.58 1.36
C ARG L 295 1.66 -50.87 1.24
N ASN L 296 2.43 -49.88 0.81
CA ASN L 296 3.86 -50.09 0.66
C ASN L 296 4.48 -50.48 2.00
N TYR L 297 4.10 -49.80 3.07
CA TYR L 297 4.67 -50.13 4.37
C TYR L 297 4.31 -51.55 4.78
N ILE L 298 3.03 -51.88 4.70
CA ILE L 298 2.58 -53.20 5.08
C ILE L 298 3.41 -54.26 4.35
N LEU L 299 3.51 -54.13 3.04
CA LEU L 299 4.27 -55.10 2.26
C LEU L 299 5.75 -55.12 2.61
N SER L 300 6.29 -54.00 3.06
CA SER L 300 7.70 -53.97 3.43
C SER L 300 7.97 -54.83 4.66
N THR L 301 6.92 -55.24 5.36
CA THR L 301 7.08 -56.08 6.54
C THR L 301 6.71 -57.52 6.23
N GLN L 302 6.44 -57.79 4.97
CA GLN L 302 6.06 -59.12 4.52
C GLN L 302 7.32 -60.01 4.47
N ASP L 303 7.22 -61.22 5.01
CA ASP L 303 8.36 -62.14 4.98
C ASP L 303 8.20 -62.98 3.72
N ARG L 304 8.99 -62.64 2.70
CA ARG L 304 8.93 -63.32 1.42
C ARG L 304 9.40 -64.77 1.45
N LEU L 305 10.07 -65.15 2.54
CA LEU L 305 10.57 -66.51 2.66
C LEU L 305 9.59 -67.43 3.41
N VAL L 306 9.25 -67.07 4.65
CA VAL L 306 8.35 -67.90 5.44
C VAL L 306 6.88 -67.47 5.39
N GLY L 307 6.62 -66.28 4.86
CA GLY L 307 5.26 -65.82 4.79
C GLY L 307 4.89 -65.03 6.04
N GLY L 308 3.67 -64.50 6.07
CA GLY L 308 3.24 -63.71 7.21
C GLY L 308 3.85 -62.31 7.15
N PHE L 309 3.52 -61.49 8.15
CA PHE L 309 4.03 -60.13 8.25
C PHE L 309 4.57 -59.88 9.66
N ALA L 310 5.46 -58.90 9.77
CA ALA L 310 6.06 -58.54 11.04
C ALA L 310 5.59 -57.14 11.39
N LYS L 311 5.91 -56.66 12.58
CA LYS L 311 5.48 -55.32 12.94
C LYS L 311 6.30 -54.32 12.15
N TRP L 312 7.58 -54.63 11.95
CA TRP L 312 8.49 -53.76 11.21
C TRP L 312 9.19 -54.52 10.11
N PRO L 313 9.73 -53.81 9.12
CA PRO L 313 10.43 -54.50 8.03
C PRO L 313 11.70 -55.18 8.54
N ASP L 314 12.08 -56.28 7.89
CA ASP L 314 13.28 -57.02 8.28
C ASP L 314 13.18 -57.46 9.72
N SER L 315 11.98 -57.87 10.10
CA SER L 315 11.71 -58.32 11.46
C SER L 315 11.00 -59.67 11.31
N HIS L 316 11.03 -60.51 12.33
CA HIS L 316 10.39 -61.82 12.22
C HIS L 316 8.88 -61.72 12.29
N PRO L 317 8.19 -62.47 11.41
CA PRO L 317 6.73 -62.47 11.35
C PRO L 317 6.09 -63.30 12.45
N ASP L 318 4.81 -63.04 12.70
CA ASP L 318 4.06 -63.79 13.69
C ASP L 318 2.60 -63.81 13.26
N ALA L 319 1.80 -64.69 13.87
CA ALA L 319 0.40 -64.82 13.54
C ALA L 319 -0.37 -63.51 13.64
N LEU L 320 -0.18 -62.77 14.73
CA LEU L 320 -0.88 -61.51 14.93
C LEU L 320 -0.63 -60.49 13.81
N HIS L 321 0.63 -60.23 13.49
CA HIS L 321 0.90 -59.26 12.45
C HIS L 321 0.56 -59.77 11.07
N ALA L 322 0.66 -61.09 10.88
CA ALA L 322 0.32 -61.68 9.61
C ALA L 322 -1.17 -61.39 9.39
N TYR L 323 -1.98 -61.68 10.41
CA TYR L 323 -3.41 -61.46 10.31
C TYR L 323 -3.80 -60.00 10.16
N PHE L 324 -3.28 -59.15 11.05
CA PHE L 324 -3.64 -57.74 10.99
C PHE L 324 -3.06 -57.05 9.77
N GLY L 325 -1.93 -57.53 9.26
CA GLY L 325 -1.36 -56.92 8.08
C GLY L 325 -2.29 -57.21 6.90
N ILE L 326 -2.80 -58.44 6.87
CA ILE L 326 -3.71 -58.85 5.83
C ILE L 326 -5.02 -58.06 5.96
N CYS L 327 -5.53 -57.91 7.17
CA CYS L 327 -6.76 -57.14 7.34
C CYS L 327 -6.52 -55.68 6.96
N GLY L 328 -5.30 -55.22 7.18
CA GLY L 328 -4.97 -53.85 6.84
C GLY L 328 -5.09 -53.70 5.34
N LEU L 329 -4.53 -54.66 4.62
CA LEU L 329 -4.58 -54.66 3.16
C LEU L 329 -6.04 -54.78 2.70
N SER L 330 -6.82 -55.57 3.41
CA SER L 330 -8.23 -55.75 3.09
C SER L 330 -9.00 -54.43 3.11
N LEU L 331 -8.69 -53.58 4.08
CA LEU L 331 -9.35 -52.28 4.22
C LEU L 331 -9.21 -51.40 2.97
N MET L 332 -8.15 -51.64 2.19
CA MET L 332 -7.92 -50.88 0.97
C MET L 332 -8.32 -51.71 -0.24
N GLU L 333 -8.98 -52.83 0.02
CA GLU L 333 -9.44 -53.75 -1.02
C GLU L 333 -8.33 -54.34 -1.86
N GLU L 334 -7.39 -55.01 -1.21
CA GLU L 334 -6.29 -55.66 -1.90
C GLU L 334 -6.90 -56.79 -2.70
N SER L 335 -6.41 -56.95 -3.91
CA SER L 335 -6.91 -58.01 -4.77
C SER L 335 -6.48 -59.36 -4.21
N GLY L 336 -7.43 -60.27 -4.05
CA GLY L 336 -7.11 -61.59 -3.54
C GLY L 336 -7.41 -61.77 -2.08
N ILE L 337 -7.83 -60.69 -1.41
CA ILE L 337 -8.16 -60.71 0.00
C ILE L 337 -9.61 -60.28 0.20
N CYS L 338 -10.36 -61.04 1.00
CA CYS L 338 -11.76 -60.73 1.25
C CYS L 338 -11.92 -59.44 2.01
N LYS L 339 -13.10 -58.84 1.86
CA LYS L 339 -13.42 -57.61 2.53
C LYS L 339 -13.63 -57.95 3.99
N VAL L 340 -13.07 -57.13 4.88
CA VAL L 340 -13.20 -57.38 6.29
C VAL L 340 -14.27 -56.52 6.95
N HIS L 341 -14.87 -57.06 8.01
CA HIS L 341 -15.88 -56.34 8.76
C HIS L 341 -15.05 -55.64 9.85
N PRO L 342 -14.83 -54.32 9.70
CA PRO L 342 -14.05 -53.53 10.66
C PRO L 342 -14.36 -53.61 12.15
N ALA L 343 -15.62 -53.57 12.53
CA ALA L 343 -15.96 -53.61 13.94
C ALA L 343 -15.88 -54.99 14.57
N LEU L 344 -16.28 -56.01 13.82
CA LEU L 344 -16.29 -57.38 14.35
C LEU L 344 -14.99 -58.14 14.13
N ASN L 345 -14.17 -57.62 13.22
CA ASN L 345 -12.87 -58.20 12.93
C ASN L 345 -12.90 -59.64 12.40
N VAL L 346 -13.75 -59.88 11.40
CA VAL L 346 -13.88 -61.16 10.71
C VAL L 346 -14.16 -60.78 9.27
N SER L 347 -14.07 -61.72 8.35
CA SER L 347 -14.35 -61.42 6.95
C SER L 347 -15.84 -61.12 6.86
N THR L 348 -16.24 -60.33 5.86
CA THR L 348 -17.66 -60.02 5.69
C THR L 348 -18.42 -61.32 5.38
N ARG L 349 -17.75 -62.26 4.71
CA ARG L 349 -18.37 -63.55 4.43
C ARG L 349 -18.86 -64.11 5.76
N THR L 350 -17.97 -64.09 6.76
CA THR L 350 -18.31 -64.59 8.09
C THR L 350 -19.33 -63.67 8.78
N SER L 351 -19.20 -62.36 8.61
CA SER L 351 -20.12 -61.44 9.26
C SER L 351 -21.52 -61.70 8.76
N GLU L 352 -21.62 -62.13 7.50
CA GLU L 352 -22.92 -62.44 6.90
C GLU L 352 -23.43 -63.81 7.30
N ARG L 353 -22.54 -64.78 7.41
CA ARG L 353 -22.95 -66.11 7.83
C ARG L 353 -23.55 -65.93 9.23
N LEU L 354 -23.01 -64.99 10.01
CA LEU L 354 -23.50 -64.73 11.36
C LEU L 354 -24.86 -64.04 11.30
N ARG L 355 -25.05 -63.20 10.28
CA ARG L 355 -26.31 -62.49 10.10
C ARG L 355 -27.38 -63.55 9.90
N ASP L 356 -27.05 -64.57 9.11
CA ASP L 356 -27.98 -65.66 8.84
C ASP L 356 -28.28 -66.43 10.11
N LEU L 357 -27.25 -66.80 10.85
CA LEU L 357 -27.46 -67.53 12.10
C LEU L 357 -28.42 -66.78 13.00
N HIS L 358 -28.27 -65.46 13.04
CA HIS L 358 -29.12 -64.64 13.89
C HIS L 358 -30.58 -64.69 13.45
N GLN L 359 -30.83 -64.40 12.17
CA GLN L 359 -32.19 -64.41 11.65
C GLN L 359 -32.75 -65.79 11.91
N SER L 360 -31.88 -66.79 11.83
CA SER L 360 -32.24 -68.17 12.08
C SER L 360 -32.84 -68.32 13.48
N TRP L 361 -32.08 -67.95 14.51
CA TRP L 361 -32.56 -68.08 15.88
C TRP L 361 -33.84 -67.28 16.11
N LYS L 362 -34.07 -66.25 15.29
CA LYS L 362 -35.27 -65.43 15.41
C LYS L 362 -36.47 -66.19 14.83
N THR L 363 -36.97 -67.16 15.60
CA THR L 363 -38.11 -67.98 15.19
C THR L 363 -38.92 -68.40 16.43
CA PHE M 7 6.95 15.01 20.43
C PHE M 7 6.98 15.85 21.73
N CYS M 8 5.89 16.58 21.97
CA CYS M 8 5.76 17.43 23.14
C CYS M 8 4.39 17.25 23.79
N ALA M 9 4.34 16.57 24.92
CA ALA M 9 3.08 16.37 25.61
C ALA M 9 2.86 17.61 26.47
N ILE M 10 1.94 18.47 26.08
CA ILE M 10 1.69 19.67 26.85
C ILE M 10 0.48 19.52 27.75
N LEU M 11 -0.10 18.32 27.77
CA LEU M 11 -1.24 18.02 28.63
C LEU M 11 -1.11 16.63 29.28
N PHE N 7 -20.22 -30.16 -26.62
CA PHE N 7 -19.46 -31.04 -27.51
C PHE N 7 -18.22 -30.34 -28.10
N CYS N 8 -17.11 -31.07 -28.20
CA CYS N 8 -15.86 -30.51 -28.74
C CYS N 8 -15.22 -31.35 -29.84
N ALA N 9 -15.55 -31.03 -31.09
CA ALA N 9 -14.96 -31.75 -32.21
C ALA N 9 -13.56 -31.17 -32.42
N ILE N 10 -12.54 -31.97 -32.08
CA ILE N 10 -11.17 -31.50 -32.23
C ILE N 10 -10.51 -32.01 -33.50
N LEU N 11 -11.26 -32.77 -34.29
CA LEU N 11 -10.77 -33.28 -35.56
C LEU N 11 -11.83 -33.15 -36.65
N PHE O 7 24.11 -10.98 -78.10
CA PHE O 7 24.30 -11.00 -76.64
C PHE O 7 23.27 -11.92 -75.94
N CYS O 8 23.74 -12.75 -75.02
CA CYS O 8 22.87 -13.67 -74.28
C CYS O 8 22.99 -13.46 -72.78
N ALA O 9 21.96 -12.89 -72.16
CA ALA O 9 21.98 -12.69 -70.71
C ALA O 9 21.38 -13.95 -70.08
N ILE O 10 22.22 -14.76 -69.45
CA ILE O 10 21.70 -15.99 -68.84
C ILE O 10 21.52 -15.85 -67.34
N LEU O 11 21.65 -14.62 -66.83
CA LEU O 11 21.48 -14.33 -65.42
C LEU O 11 20.84 -12.94 -65.25
N PHE P 7 -14.75 31.21 84.56
CA PHE P 7 -14.39 32.07 83.43
C PHE P 7 -14.40 31.29 82.09
N CYS P 8 -14.70 31.99 81.00
CA CYS P 8 -14.76 31.36 79.67
C CYS P 8 -14.12 32.21 78.58
N ALA P 9 -12.94 31.82 78.13
CA ALA P 9 -12.29 32.57 77.07
C ALA P 9 -12.83 32.00 75.78
N ILE P 10 -13.65 32.78 75.08
CA ILE P 10 -14.21 32.32 73.82
C ILE P 10 -13.44 32.90 72.64
N LEU P 11 -12.38 33.64 72.95
CA LEU P 11 -11.54 34.23 71.92
C LEU P 11 -10.06 34.16 72.30
N PHE Q 7 0.05 39.35 -16.19
CA PHE Q 7 -0.95 40.38 -16.49
C PHE Q 7 -0.40 41.53 -17.34
N CYS Q 8 0.91 41.72 -17.31
CA CYS Q 8 1.56 42.75 -18.11
C CYS Q 8 2.89 42.25 -18.63
N ALA Q 9 2.86 41.53 -19.75
CA ALA Q 9 4.10 41.04 -20.34
C ALA Q 9 4.71 42.21 -21.09
N ILE Q 10 5.77 42.78 -20.56
CA ILE Q 10 6.39 43.91 -21.21
C ILE Q 10 7.56 43.53 -22.08
N LEU Q 11 7.81 42.22 -22.19
CA LEU Q 11 8.88 41.68 -23.03
C LEU Q 11 8.41 40.45 -23.79
N PHE R 7 6.12 -59.84 19.49
CA PHE R 7 6.49 -58.43 19.37
C PHE R 7 5.38 -57.50 19.83
N CYS R 8 4.15 -58.02 19.91
CA CYS R 8 3.02 -57.23 20.37
C CYS R 8 2.12 -58.11 21.25
N ALA R 9 2.52 -58.31 22.49
CA ALA R 9 1.71 -59.11 23.41
C ALA R 9 0.51 -58.26 23.80
N ILE R 10 -0.65 -58.60 23.25
CA ILE R 10 -1.87 -57.85 23.52
C ILE R 10 -2.69 -58.47 24.63
N LEU R 11 -2.21 -59.60 25.14
CA LEU R 11 -2.86 -60.32 26.24
C LEU R 11 -1.87 -60.70 27.34
ZN ZN S . 7.88 21.20 20.82
CL CL T . 7.90 43.27 17.53
C20 MGM U . -3.64 23.55 23.49
C19 MGM U . -2.72 25.79 22.81
C18 MGM U . -3.00 24.83 23.94
C17 MGM U . -2.69 25.06 25.22
C16 MGM U . -2.05 26.29 25.77
C14 MGM U . -1.09 23.84 28.01
C13 MGM U . -0.62 25.20 27.50
C15 MGM U . -1.78 26.17 27.25
C12 MGM U . 0.69 25.52 27.25
C11 MGM U . 1.88 24.58 27.45
C9 MGM U . 3.23 25.23 27.13
C8 MGM U . 4.44 24.32 27.26
C10 MGM U . 5.25 24.26 25.99
C7 MGM U . 4.74 23.60 28.39
C6 MGM U . 5.94 22.67 28.52
C5 MGM U . 5.56 21.19 28.28
N3 MGM U . 6.59 20.19 28.60
C4 MGM U . 7.06 19.46 27.41
C2 MGM U . 7.09 19.96 29.98
C1 MGM U . 8.13 18.97 30.53
O1 MGM U . 8.74 18.15 29.54
PA MGM U . 10.19 18.53 28.97
O1A MGM U . 11.23 18.64 30.05
O3A MGM U . 9.98 19.90 28.14
O2A MGM U . 10.55 17.44 27.93
PB MGM U . 10.94 20.80 27.28
O1B MGM U . 12.33 20.27 27.19
O2B MGM U . 10.89 22.19 27.92
O3B MGM U . 10.24 20.87 25.90
ZN ZN V . -14.33 -29.35 -24.35
CL CL W . 3.25 -26.93 -11.08
C20 MGM X . -6.63 -37.05 -30.17
C19 MGM X . -5.48 -36.23 -28.09
C18 MGM X . -5.73 -36.02 -29.56
C17 MGM X . -5.25 -35.01 -30.27
C16 MGM X . -4.35 -33.91 -29.79
C14 MGM X . -6.15 -32.38 -32.25
C13 MGM X . -5.31 -32.02 -31.05
C15 MGM X . -4.08 -32.91 -30.87
C12 MGM X . -5.61 -30.99 -30.19
C11 MGM X . -6.82 -30.11 -30.31
C9 MGM X . -6.90 -29.04 -29.22
C8 MGM X . -8.13 -28.14 -29.31
C10 MGM X . -8.96 -28.18 -28.04
C7 MGM X . -8.45 -27.38 -30.39
C6 MGM X . -9.68 -26.47 -30.48
C5 MGM X . -10.91 -27.20 -31.06
N3 MGM X . -12.04 -26.33 -31.41
C4 MGM X . -13.29 -26.76 -30.75
C2 MGM X . -11.91 -25.16 -32.33
C1 MGM X . -12.97 -24.17 -32.81
O1 MGM X . -14.25 -24.44 -32.28
PA MGM X . -14.81 -23.52 -31.09
O1A MGM X . -14.86 -22.06 -31.48
O3A MGM X . -13.84 -23.83 -29.85
O2A MGM X . -16.22 -24.08 -30.70
PB MGM X . -13.81 -23.34 -28.36
O1B MGM X . -14.93 -22.42 -28.02
O2B MGM X . -12.43 -22.68 -28.18
O3B MGM X . -13.85 -24.67 -27.58
ZN ZN Y . 24.09 -17.31 -77.31
CL CL Z . 28.12 -39.26 -79.03
O1 MES AA . 47.76 -32.14 -72.77
C2 MES AA . 46.60 -31.26 -72.82
C3 MES AA . 45.57 -31.83 -72.07
N4 MES AA . 45.23 -33.13 -72.59
C5 MES AA . 46.34 -34.01 -72.47
C6 MES AA . 47.44 -33.52 -73.20
C7 MES AA . 44.17 -33.72 -71.85
C8 MES AA . 42.95 -33.03 -71.84
S MES AA . 41.63 -33.60 -71.91
O1S MES AA . 41.09 -33.96 -73.59
O2S MES AA . 41.54 -35.17 -71.01
O3S MES AA . 40.36 -32.56 -71.17
C20 MGM BA . 27.32 -19.38 -65.39
C19 MGM BA . 27.80 -21.46 -66.70
C18 MGM BA . 26.79 -20.68 -65.90
C17 MGM BA . 25.54 -21.06 -65.68
C16 MGM BA . 24.89 -22.32 -66.14
C14 MGM BA . 22.38 -20.03 -66.09
C13 MGM BA . 22.62 -21.40 -66.67
C15 MGM BA . 23.43 -22.33 -65.75
C12 MGM BA . 22.16 -21.79 -67.90
C11 MGM BA . 21.38 -20.90 -68.84
C9 MGM BA . 20.96 -21.60 -70.13
C8 MGM BA . 20.20 -20.73 -71.09
C10 MGM BA . 20.91 -20.59 -72.41
C7 MGM BA . 19.01 -20.12 -70.80
C6 MGM BA . 18.22 -19.22 -71.75
C5 MGM BA . 18.62 -17.73 -71.61
N3 MGM BA . 17.77 -16.73 -72.31
C4 MGM BA . 18.56 -15.88 -73.21
C2 MGM BA . 16.30 -16.64 -72.09
C1 MGM BA . 15.25 -15.68 -72.70
O1 MGM BA . 15.77 -14.78 -73.68
PA MGM BA . 15.59 -15.13 -75.23
O1A MGM BA . 14.13 -15.32 -75.60
O3A MGM BA . 16.51 -16.43 -75.48
O2A MGM BA . 16.26 -13.98 -76.05
PB MGM BA . 16.86 -17.29 -76.73
O1B MGM BA . 16.24 -16.81 -78.00
O2B MGM BA . 16.41 -18.70 -76.38
O3B MGM BA . 18.40 -17.23 -76.77
ZN ZN CA . -19.40 29.98 80.40
CL CL DA . -39.32 26.59 71.27
C20 MGM EA . -18.45 37.95 70.73
C19 MGM EA . -20.64 36.75 71.12
C18 MGM EA . -19.29 36.74 70.44
C17 MGM EA . -18.85 35.76 69.65
C16 MGM EA . -19.61 34.52 69.30
C14 MGM EA . -16.58 33.09 69.59
C13 MGM EA . -18.03 32.68 69.42
C15 MGM EA . -18.80 33.58 68.47
C12 MGM EA . -18.60 31.63 70.09
C11 MGM EA . -17.90 30.74 71.07
C9 MGM EA . -18.81 29.64 71.64
C8 MGM EA . -18.14 28.77 72.66
C10 MGM EA . -18.93 28.65 73.93
C7 MGM EA . -16.94 28.15 72.46
C6 MGM EA . -16.24 27.28 73.49
C5 MGM EA . -15.18 28.05 74.29
N3 MGM EA . -14.28 27.24 75.10
C4 MGM EA . -14.29 27.62 76.52
C2 MGM EA . -13.44 26.14 74.51
C1 MGM EA . -12.44 25.20 75.20
O1 MGM EA . -12.30 25.45 76.59
PA MGM EA . -13.03 24.48 77.64
O1A MGM EA . -12.61 23.05 77.47
O3A MGM EA . -14.61 24.71 77.42
O2A MGM EA . -12.70 25.04 79.06
PB MGM EA . -15.87 24.12 78.16
O1B MGM EA . -15.51 23.21 79.28
O2B MGM EA . -16.71 23.42 77.08
O3B MGM EA . -16.62 25.39 78.63
ZN ZN FA . 0.44 46.65 -15.25
CL CL GA . 6.61 66.99 -9.24
C20 MGM HA . 12.51 45.42 -17.47
C19 MGM HA . 12.18 47.68 -16.39
C18 MGM HA . 12.23 46.88 -17.67
C17 MGM HA . 12.06 47.39 -18.89
C16 MGM HA . 11.79 48.82 -19.26
C14 MGM HA . 10.16 46.95 -21.56
C13 MGM HA . 10.16 48.40 -21.08
C15 MGM HA . 11.55 48.95 -20.75
C12 MGM HA . 9.01 49.15 -20.94
C11 MGM HA . 7.61 48.63 -21.23
C9 MGM HA . 6.53 49.68 -21.00
C8 MGM HA . 5.12 49.18 -21.24
C10 MGM HA . 4.27 49.24 -19.99
C7 MGM HA . 4.65 48.72 -22.43
C6 MGM HA . 3.24 48.21 -22.68
C5 MGM HA . 3.11 46.69 -22.39
N3 MGM HA . 1.96 46.03 -23.01
C4 MGM HA . 1.25 45.13 -22.08
C2 MGM HA . 1.60 46.27 -24.44
C1 MGM HA . 0.47 45.68 -25.26
O1 MGM HA . -0.48 44.94 -24.49
PA MGM HA . -1.80 45.69 -23.97
O1A MGM HA . -2.61 46.29 -25.08
O3A MGM HA . -1.26 46.74 -22.88
O2A MGM HA . -2.58 44.62 -23.16
PB MGM HA . -1.94 47.78 -21.93
O1B MGM HA . -3.42 47.84 -22.00
O2B MGM HA . -1.28 49.12 -22.27
O3B MGM HA . -1.45 47.32 -20.54
ZN ZN IA . 2.03 -54.68 16.30
CL CL JA . -14.08 -44.75 4.71
C20 MGM KA . -7.51 -61.53 20.54
C19 MGM KA . -8.26 -60.02 18.66
C18 MGM KA . -8.07 -60.19 20.15
C17 MGM KA . -8.32 -59.26 21.06
C16 MGM KA . -8.87 -57.89 20.81
C14 MGM KA . -6.73 -57.48 23.34
C13 MGM KA . -7.50 -56.59 22.37
C15 MGM KA . -8.91 -57.08 22.07
C12 MGM KA . -6.96 -55.46 21.81
C11 MGM KA . -5.54 -54.98 22.09
C9 MGM KA . -5.20 -53.70 21.35
C8 MGM KA . -3.78 -53.22 21.59
C10 MGM KA . -2.96 -53.24 20.31
C7 MGM KA . -3.28 -52.81 22.81
C6 MGM KA . -1.86 -52.33 23.07
C5 MGM KA . -0.86 -53.51 23.24
N3 MGM KA . 0.39 -53.22 23.94
C4 MGM KA . 1.52 -53.97 23.37
C2 MGM KA . 0.48 -52.28 25.11
C1 MGM KA . 1.69 -51.87 25.96
O1 MGM KA . 2.97 -52.14 25.35
PA MGM KA . 3.65 -51.04 24.40
O1A MGM KA . 3.80 -49.73 25.10
O3A MGM KA . 2.74 -51.00 23.09
O2A MGM KA . 4.99 -51.65 23.94
PB MGM KA . 2.78 -50.21 21.72
O1B MGM KA . 3.92 -49.26 21.60
O2B MGM KA . 1.44 -49.50 21.63
O3B MGM KA . 2.83 -51.32 20.69
#